data_8DR7
#
_entry.id   8DR7
#
_cell.length_a   1.00
_cell.length_b   1.00
_cell.length_c   1.00
_cell.angle_alpha   90.00
_cell.angle_beta   90.00
_cell.angle_gamma   90.00
#
_symmetry.space_group_name_H-M   'P 1'
#
loop_
_entity.id
_entity.type
_entity.pdbx_description
1 polymer 'Replication factor C subunit 1'
2 polymer 'Replication factor C subunit 4'
3 polymer 'Replication factor C subunit 3'
4 polymer 'Replication factor C subunit 2'
5 polymer 'Replication factor C subunit 5'
6 polymer 'Proliferating cell nuclear antigen'
7 polymer 'DNA (26-MER)'
8 polymer "DNA (5'-D(P*GP*GP*CP*CP*CP*CP*CP*CP*CP*GP*GP*C)-3')"
9 polymer "DNA (5'-D(P*AP*GP*GP*GP*GP*GP*GP*GP*GP*GP*G)-3')"
10 non-polymer 'PHOSPHOTHIOPHOSPHORIC ACID-ADENYLATE ESTER'
11 non-polymer 'MAGNESIUM ION'
12 non-polymer "GUANOSINE-5'-DIPHOSPHATE"
#
loop_
_entity_poly.entity_id
_entity_poly.type
_entity_poly.pdbx_seq_one_letter_code
_entity_poly.pdbx_strand_id
1 'polypeptide(L)'
;MVNISDFFGKNKKSVRSSTSRPTRQVGSSKPEVIDLDTESDQESTNKTPKKMPVSNVIDVSETPEGEKKLPLPAKRKASS
PTVKPASSKKTKPSSKSSDSASNITAQDVLDKIPSLDLSNVHVKENAKFDFKSANSNADPDEIVSEIGSFPEGKPNCLLG
LTIVFTGVLPTLERGASEALAKRYGARVTKSISSKTSVVVLGDEAGPKKLEKIKQLKIKAIDEEGFKQLIAGMPAEGGDG
EAAEKARRKLEEQHNIATKEAELLVKKEEERSKKLAATRVSGGHLERDNVVREEDKLWTVKYAPTNLQQVCGNKGSVMKL
KNWLANWENSKKNSFKHAGKDGSGVFRAAMLYGPPGIGKTTAAHLVAQELGYDILEQNASDVRSKTLLNAGVKNALDNMS
VVGYFKHNEEAQNLNGKHFVIIMDEVDGMSGGDRGGVGQLAQFCRKTSTPLILICNERNLPKMRPFDRVCLDIQFRRPDA
NSIKSRLMTIAIREKFKLDPNVIDRLIQTTRGDIRQVINLLSTISTTTKTINHENINEISKAWEKNIALKPFDIAHKMLD
GQIYSDIGSRNFTLNDKIALYFDDFDFTPLMIQENYLSTRPSVLKPGQSHLEAVAEAANCISLGDIVEKKIRSSEQLWSL
LPLHAVLSSVYPASKVAGHMAGRINFTAWLGQNSKSAKYYRLLQEIHYHTRLGTSTDKIGLRLDYLPTFRKRLLDPFLKQ
GADAISSVIEVMDDYYLTKEDWDSIMEFFVGPDVTTAIIKKIPATVKSGFTRKYNSMTHPVAIYRTGSTIGGGGVGTSTS
TPDFEDVVDADDNPVPADDEETQDSSTDLKKDKLIKQKAKPTKRKTATSKPGGSKKRKTKAGLNENLYFQGGGDYKDDDD
KDYKDDDDKDYKDDDDKGGKDHLIHNVHKEEHAHAHNK
;
A
2 'polypeptide(L)'
;MSKTLSLQLPWVEKYRPQVLSDIVGNKETIDRLQQIAKDGNMPHMIISGMPGIGKTTSVHCLAHELLGRSYADGVLELNA
SDDRGIDVVRNQIKHFAQKKLHLPPGKHKIVILDEADSMTAGAQQALRRTMELYSNSTRFAFACNQSNKIIEPLQSRCAI
LRYSKLSDEDVLKRLLQIIKLEDVKYTNDGLEAIIFTAEGDMRQAINNLQSTVAGHGLVNADNVFKIVDSPHPLIVKKML
LASNLEDSIQILRTDLWKKGYSSIDIVTTSFRVTKNLAQVKESVRLEMIKEIGLTHMRILEGVGTYLQLASMLAKIHKLN
NKA
;
B
3 'polypeptide(L)'
;MSTSTEKRSKENLPWVEKYRPETLDEVYGQNEVITTVRKFVDEGKLPHLLFYGPPGTGKTSTIVALAREIYGKNYSNMVL
ELNASDDRGIDVVRNQIKDFASTRQIFSKGFKLIILDEADAMTNAAQNALRRVIERYTKNTRFCVLANYAHKLTPALLSR
CTRFRFQPLPQEAIERRIANVLVHEKLKLSPNAEKALIELSNGDMRRVLNVLQSCKATLDNPDEDEISDDVIYECCGAPR
PSDLKAVLKSILEDDWGTAHYTLNKVRSAKGLALIDLIEGIVKILEDYELQNEETRVHLLTKLADIEYSISKGGNDQIQG
SAVIGAIKASFENETVKANV
;
C
4 'polypeptide(L)'
;MFEGFGPNKKRKISKLAAEQSLAQQPWVEKYRPKNLDEVTAQDHAVTVLKKTLKSANLPHMLFYGPPGTGKTSTILALTK
ELYGPDLMKSRILELNASDERGISIVREKVKNFARLTVSKPSKHDLENYPCPPYKIIILDEADSMTADAQSALRRTMETY
SGVTRFCLICNYVTRIIDPLASRCSKFRFKALDASNAIDRLRFISEQENVKCDDGVLERILDISAGDLRRGITLLQSASK
GAQYLGDGKNITSTQVEELAGVVPHDILIEIVEKVKSGDFDEIKKYVNTFMKSGWSAASVVNQLHEYYITNDNFDTNFKN
QISWLLFTTDSRLNNGTNEHIQLLNLLVKISQL
;
D
5 'polypeptide(L)'
;MSLWVDKYRPKSLNALSHNEELTNFLKSLSDQPRDLPHLLLYGPNGTGKKTRCMALLESIFGPGVYRLKIDVRQFVTASN
RKLELNVVSSPYHLEITPSDMGNNDRIVIQELLKEVAQMEQVDFQDSKDGLAHRYKCVIINEANSLTKDAQAALRRTMEK
YSKNIRLIMVCDSMSPIIAPIKSRCLLIRCPAPSDSEISTILSDVVTNERIQLETKDILKRIAQASNGNLRVSLLMLESM
ALNNELALKSSSPIIKPDWIIVIHKLTRKIVKERSVNSLIECRAVLYDLLAHCIPANIILKELTFSLLDVETLNTTNKSS
IIEYSSVFDERLSLGNKAIFHLEGFIAKVMCCLD
;
E
6 'polypeptide(L)'
;MGSSHHHHHHSSGLVPRASMLEAKFEEASLFKRIIDGFKDCVQLVNFQCKEDGIIAQAVDDSRVLLVSLEIGVEAFQEYR
CDHPVTLGMDLTSLSKILRCGNNTDTLTLIADNTPDSIILLFEDTKKDRIAEYSLKLMDIDADFLKIEELQYDSTLSLPS
SEFSKIVRDLSQLSDSINIMITKETIKFVADGDIGSGSVIIKPFVDMEHPETSIKLEMDQPVDLTFGAKYLLDIIKGSSL
SDRVGIRLSSEAPALFQFDLKSGFLQFFLAPKFNDEE
;
F,G,H
7 'polydeoxyribonucleotide'
;(DC)(DC)(DC)(DC)(DC)(DC)(DC)(DC)(DC)(DC)(DT)(DT)(DT)(DT)(DT)(DT)(DC)(DG)(DG)(DG)
(DG)(DG)(DG)(DG)(DC)(DC)
;
I
8 'polydeoxyribonucleotide' (DG)(DG)(DC)(DC)(DC)(DC)(DC)(DC)(DC)(DG)(DG)(DC) J
9 'polydeoxyribonucleotide' (DA)(DG)(DG)(DG)(DG)(DG)(DG)(DG)(DG)(DG)(DG) K
#
loop_
_chem_comp.id
_chem_comp.type
_chem_comp.name
_chem_comp.formula
AGS non-polymer 'PHOSPHOTHIOPHOSPHORIC ACID-ADENYLATE ESTER' 'C10 H16 N5 O12 P3 S'
DA DNA linking 2'-DEOXYADENOSINE-5'-MONOPHOSPHATE 'C10 H14 N5 O6 P'
DC DNA linking 2'-DEOXYCYTIDINE-5'-MONOPHOSPHATE 'C9 H14 N3 O7 P'
DG DNA linking 2'-DEOXYGUANOSINE-5'-MONOPHOSPHATE 'C10 H14 N5 O7 P'
DT DNA linking THYMIDINE-5'-MONOPHOSPHATE 'C10 H15 N2 O8 P'
GDP RNA linking GUANOSINE-5'-DIPHOSPHATE 'C10 H15 N5 O11 P2'
MG non-polymer 'MAGNESIUM ION' 'Mg 2'
#
# COMPACT_ATOMS: atom_id res chain seq x y z
N VAL A 290 -29.92 28.11 37.84
CA VAL A 290 -29.99 26.65 37.92
C VAL A 290 -28.60 26.08 38.13
N VAL A 291 -27.61 26.66 37.47
CA VAL A 291 -26.23 26.22 37.57
C VAL A 291 -25.54 27.01 38.69
N ARG A 292 -24.94 26.30 39.63
CA ARG A 292 -24.27 26.97 40.74
C ARG A 292 -23.06 27.74 40.23
N GLU A 293 -22.80 28.89 40.85
CA GLU A 293 -21.73 29.78 40.40
C GLU A 293 -20.34 29.26 40.75
N GLU A 294 -20.22 28.30 41.67
CA GLU A 294 -18.94 27.73 42.04
C GLU A 294 -18.69 26.37 41.40
N ASP A 295 -19.48 26.00 40.39
CA ASP A 295 -19.37 24.71 39.74
C ASP A 295 -19.10 24.85 38.24
N LYS A 296 -18.46 25.95 37.85
CA LYS A 296 -18.13 26.22 36.46
C LYS A 296 -16.63 26.36 36.29
N LEU A 297 -16.14 26.03 35.11
CA LEU A 297 -14.71 26.18 34.83
C LEU A 297 -14.31 27.64 34.93
N TRP A 298 -13.09 27.89 35.43
CA TRP A 298 -12.63 29.26 35.59
C TRP A 298 -12.59 30.00 34.26
N THR A 299 -12.40 29.28 33.15
CA THR A 299 -12.40 29.92 31.85
C THR A 299 -13.75 30.50 31.49
N VAL A 300 -14.84 29.80 31.83
CA VAL A 300 -16.17 30.32 31.55
C VAL A 300 -16.63 31.30 32.62
N LYS A 301 -16.25 31.06 33.87
CA LYS A 301 -16.66 31.95 34.96
C LYS A 301 -16.10 33.35 34.77
N TYR A 302 -14.84 33.45 34.37
CA TYR A 302 -14.15 34.73 34.21
C TYR A 302 -13.97 35.09 32.74
N ALA A 303 -14.85 34.61 31.88
CA ALA A 303 -14.78 34.98 30.47
C ALA A 303 -15.13 36.46 30.30
N PRO A 304 -14.50 37.16 29.35
CA PRO A 304 -14.84 38.57 29.15
C PRO A 304 -16.32 38.76 28.82
N THR A 305 -16.91 39.83 29.35
CA THR A 305 -18.30 40.16 29.07
C THR A 305 -18.45 41.13 27.93
N ASN A 306 -17.49 42.02 27.73
CA ASN A 306 -17.49 42.95 26.60
C ASN A 306 -16.08 43.05 26.06
N LEU A 307 -15.94 43.69 24.90
CA LEU A 307 -14.64 43.81 24.26
C LEU A 307 -13.63 44.54 25.11
N GLN A 308 -14.09 45.39 26.04
CA GLN A 308 -13.17 46.14 26.89
C GLN A 308 -12.38 45.25 27.83
N GLN A 309 -12.90 44.07 28.15
CA GLN A 309 -12.22 43.14 29.05
C GLN A 309 -11.30 42.17 28.33
N VAL A 310 -11.20 42.27 27.00
CA VAL A 310 -10.29 41.41 26.23
C VAL A 310 -8.87 41.93 26.41
N CYS A 311 -7.97 41.05 26.82
CA CYS A 311 -6.59 41.41 27.12
C CYS A 311 -5.71 41.16 25.91
N GLY A 312 -4.97 42.18 25.50
CA GLY A 312 -4.02 42.05 24.42
C GLY A 312 -4.67 42.17 23.05
N ASN A 313 -3.82 42.37 22.04
CA ASN A 313 -4.27 42.49 20.66
C ASN A 313 -5.35 43.56 20.50
N LYS A 314 -5.11 44.72 21.12
CA LYS A 314 -6.09 45.81 21.04
C LYS A 314 -6.29 46.26 19.61
N GLY A 315 -5.21 46.40 18.86
CA GLY A 315 -5.34 46.89 17.49
C GLY A 315 -6.20 46.00 16.62
N SER A 316 -6.03 44.69 16.77
CA SER A 316 -6.87 43.75 16.03
C SER A 316 -8.33 43.90 16.42
N VAL A 317 -8.60 44.09 17.72
CA VAL A 317 -9.98 44.26 18.16
C VAL A 317 -10.58 45.52 17.55
N MET A 318 -9.82 46.62 17.56
CA MET A 318 -10.31 47.87 16.98
C MET A 318 -10.56 47.70 15.49
N LYS A 319 -9.64 47.04 14.79
CA LYS A 319 -9.81 46.83 13.36
C LYS A 319 -11.07 46.01 13.07
N LEU A 320 -11.28 44.94 13.83
CA LEU A 320 -12.46 44.10 13.62
C LEU A 320 -13.74 44.87 13.93
N LYS A 321 -13.74 45.66 15.01
CA LYS A 321 -14.91 46.45 15.35
C LYS A 321 -15.21 47.47 14.25
N ASN A 322 -14.19 48.14 13.73
CA ASN A 322 -14.40 49.10 12.65
C ASN A 322 -14.92 48.40 11.40
N TRP A 323 -14.38 47.23 11.07
CA TRP A 323 -14.85 46.50 9.90
C TRP A 323 -16.32 46.10 10.05
N LEU A 324 -16.70 45.63 11.23
CA LEU A 324 -18.08 45.21 11.45
C LEU A 324 -19.04 46.39 11.62
N ALA A 325 -18.53 47.58 11.93
CA ALA A 325 -19.35 48.76 12.11
C ALA A 325 -19.56 49.54 10.82
N ASN A 326 -18.87 49.18 9.73
CA ASN A 326 -19.00 49.88 8.46
C ASN A 326 -19.31 48.92 7.31
N TRP A 327 -19.76 47.71 7.61
CA TRP A 327 -20.07 46.75 6.56
C TRP A 327 -21.23 47.23 5.70
N GLU A 328 -22.24 47.86 6.32
CA GLU A 328 -23.39 48.33 5.56
C GLU A 328 -22.99 49.39 4.54
N ASN A 329 -22.11 50.31 4.94
CA ASN A 329 -21.66 51.34 4.01
C ASN A 329 -20.93 50.74 2.83
N SER A 330 -20.07 49.75 3.08
CA SER A 330 -19.38 49.07 1.99
C SER A 330 -20.37 48.36 1.08
N LYS A 331 -21.37 47.71 1.66
CA LYS A 331 -22.39 47.04 0.85
C LYS A 331 -23.12 48.03 -0.04
N LYS A 332 -23.49 49.19 0.51
CA LYS A 332 -24.12 50.21 -0.31
C LYS A 332 -23.18 50.70 -1.41
N ASN A 333 -21.88 50.67 -1.17
CA ASN A 333 -20.87 51.02 -2.16
C ASN A 333 -20.43 49.82 -2.99
N SER A 334 -21.05 48.66 -2.79
CA SER A 334 -20.71 47.45 -3.54
C SER A 334 -19.27 46.99 -3.27
N PHE A 335 -18.73 47.35 -2.11
CA PHE A 335 -17.38 46.94 -1.72
C PHE A 335 -16.36 47.34 -2.79
N LYS A 336 -16.51 48.55 -3.31
CA LYS A 336 -15.63 49.08 -4.36
C LYS A 336 -14.74 50.20 -3.86
N HIS A 337 -15.29 51.17 -3.13
CA HIS A 337 -14.54 52.32 -2.64
C HIS A 337 -13.87 51.93 -1.33
N ALA A 338 -12.60 51.52 -1.42
CA ALA A 338 -11.85 51.16 -0.22
C ALA A 338 -11.58 52.39 0.63
N GLY A 339 -11.65 52.21 1.95
CA GLY A 339 -11.40 53.29 2.88
C GLY A 339 -9.93 53.47 3.18
N LYS A 340 -9.64 54.39 4.08
CA LYS A 340 -8.26 54.66 4.47
C LYS A 340 -7.64 53.44 5.15
N ASP A 341 -8.40 52.75 6.00
CA ASP A 341 -7.89 51.56 6.68
C ASP A 341 -7.79 50.35 5.75
N GLY A 342 -8.37 50.42 4.55
CA GLY A 342 -8.33 49.30 3.63
C GLY A 342 -9.33 48.21 3.92
N SER A 343 -10.25 48.42 4.86
CA SER A 343 -11.25 47.42 5.22
C SER A 343 -12.56 47.60 4.47
N GLY A 344 -12.64 48.57 3.57
CA GLY A 344 -13.86 48.82 2.83
C GLY A 344 -14.04 48.01 1.58
N VAL A 345 -13.12 47.09 1.28
CA VAL A 345 -13.21 46.26 0.08
C VAL A 345 -13.40 44.79 0.39
N PHE A 346 -13.15 44.34 1.62
CA PHE A 346 -13.29 42.94 1.98
C PHE A 346 -14.63 42.70 2.66
N ARG A 347 -15.40 41.75 2.14
CA ARG A 347 -16.68 41.37 2.72
C ARG A 347 -16.55 40.19 3.68
N ALA A 348 -15.34 39.71 3.93
CA ALA A 348 -15.10 38.62 4.86
C ALA A 348 -13.83 38.92 5.64
N ALA A 349 -13.74 38.35 6.84
CA ALA A 349 -12.60 38.53 7.73
C ALA A 349 -12.00 37.17 8.09
N MET A 350 -10.67 37.10 8.10
CA MET A 350 -9.93 35.89 8.43
C MET A 350 -9.08 36.19 9.66
N LEU A 351 -9.50 35.68 10.82
CA LEU A 351 -8.79 35.88 12.08
C LEU A 351 -7.89 34.68 12.33
N TYR A 352 -6.63 34.94 12.65
CA TYR A 352 -5.70 33.86 12.91
C TYR A 352 -4.72 34.26 14.01
N GLY A 353 -4.21 33.24 14.71
CA GLY A 353 -3.28 33.42 15.79
C GLY A 353 -3.04 32.12 16.54
N PRO A 354 -2.14 32.15 17.52
CA PRO A 354 -1.86 30.93 18.30
C PRO A 354 -3.05 30.52 19.15
N PRO A 355 -3.13 29.25 19.53
CA PRO A 355 -4.29 28.80 20.32
C PRO A 355 -4.38 29.49 21.67
N GLY A 356 -5.60 29.63 22.16
CA GLY A 356 -5.84 30.17 23.50
C GLY A 356 -5.47 31.64 23.66
N ILE A 357 -5.84 32.48 22.71
CA ILE A 357 -5.54 33.91 22.78
C ILE A 357 -6.84 34.70 22.88
N GLY A 358 -7.93 34.16 22.35
CA GLY A 358 -9.23 34.78 22.48
C GLY A 358 -9.84 35.24 21.17
N LYS A 359 -9.53 34.55 20.08
CA LYS A 359 -10.12 34.91 18.79
C LYS A 359 -11.62 34.67 18.78
N THR A 360 -12.05 33.49 19.20
CA THR A 360 -13.47 33.17 19.20
C THR A 360 -14.24 34.09 20.14
N THR A 361 -13.69 34.34 21.33
CA THR A 361 -14.37 35.21 22.28
C THR A 361 -14.51 36.62 21.71
N ALA A 362 -13.44 37.14 21.11
CA ALA A 362 -13.51 38.49 20.54
C ALA A 362 -14.52 38.55 19.41
N ALA A 363 -14.54 37.55 18.53
CA ALA A 363 -15.50 37.54 17.44
C ALA A 363 -16.93 37.50 17.96
N HIS A 364 -17.19 36.64 18.94
CA HIS A 364 -18.54 36.55 19.50
C HIS A 364 -18.95 37.85 20.15
N LEU A 365 -18.04 38.48 20.91
CA LEU A 365 -18.38 39.72 21.60
C LEU A 365 -18.61 40.85 20.61
N VAL A 366 -17.81 40.94 19.54
CA VAL A 366 -18.04 42.00 18.57
C VAL A 366 -19.33 41.77 17.81
N ALA A 367 -19.66 40.50 17.51
CA ALA A 367 -20.95 40.23 16.89
C ALA A 367 -22.11 40.61 17.80
N GLN A 368 -21.99 40.31 19.09
CA GLN A 368 -23.07 40.63 20.02
C GLN A 368 -23.24 42.13 20.21
N GLU A 369 -22.14 42.86 20.37
CA GLU A 369 -22.23 44.29 20.65
C GLU A 369 -22.81 45.06 19.47
N LEU A 370 -22.58 44.59 18.25
CA LEU A 370 -23.12 45.26 17.07
C LEU A 370 -24.58 44.89 16.79
N GLY A 371 -25.16 43.99 17.58
CA GLY A 371 -26.55 43.63 17.41
C GLY A 371 -26.83 42.57 16.36
N TYR A 372 -25.80 42.00 15.75
CA TYR A 372 -26.00 40.98 14.73
C TYR A 372 -26.40 39.65 15.38
N ASP A 373 -26.96 38.77 14.56
CA ASP A 373 -27.37 37.44 14.99
C ASP A 373 -26.29 36.44 14.58
N ILE A 374 -25.75 35.73 15.57
CA ILE A 374 -24.60 34.86 15.34
C ILE A 374 -25.08 33.50 14.84
N LEU A 375 -24.49 33.04 13.74
CA LEU A 375 -24.69 31.69 13.22
C LEU A 375 -23.32 31.05 13.12
N GLU A 376 -23.04 30.09 14.00
CA GLU A 376 -21.72 29.52 14.16
C GLU A 376 -21.65 28.15 13.50
N GLN A 377 -20.62 27.95 12.68
CA GLN A 377 -20.29 26.65 12.10
C GLN A 377 -18.92 26.24 12.61
N ASN A 378 -18.81 25.01 13.12
CA ASN A 378 -17.62 24.55 13.82
C ASN A 378 -17.17 23.21 13.24
N ALA A 379 -16.06 22.70 13.78
CA ALA A 379 -15.48 21.45 13.31
C ALA A 379 -16.30 20.23 13.70
N SER A 380 -17.15 20.34 14.73
CA SER A 380 -18.02 19.25 15.13
C SER A 380 -19.25 19.11 14.23
N ASP A 381 -19.38 19.96 13.21
CA ASP A 381 -20.46 19.87 12.24
C ASP A 381 -19.85 19.61 10.88
N VAL A 382 -20.42 18.65 10.15
CA VAL A 382 -19.91 18.30 8.83
C VAL A 382 -20.05 19.52 7.92
N ARG A 383 -18.94 19.93 7.30
CA ARG A 383 -18.90 21.11 6.45
C ARG A 383 -18.33 20.76 5.08
N SER A 384 -18.79 19.66 4.51
CA SER A 384 -18.39 19.27 3.17
C SER A 384 -19.09 20.14 2.13
N LYS A 385 -18.60 20.07 0.89
CA LYS A 385 -19.17 20.89 -0.17
C LYS A 385 -20.64 20.52 -0.40
N THR A 386 -20.95 19.23 -0.42
CA THR A 386 -22.34 18.81 -0.66
C THR A 386 -23.25 19.30 0.45
N LEU A 387 -22.83 19.19 1.70
CA LEU A 387 -23.65 19.65 2.82
C LEU A 387 -23.70 21.16 2.91
N LEU A 388 -22.60 21.84 2.57
CA LEU A 388 -22.59 23.30 2.57
C LEU A 388 -23.49 23.87 1.48
N ASN A 389 -23.61 23.17 0.35
CA ASN A 389 -24.45 23.66 -0.74
C ASN A 389 -25.93 23.67 -0.37
N ALA A 390 -26.34 22.85 0.60
CA ALA A 390 -27.71 22.82 1.07
C ALA A 390 -27.87 23.47 2.44
N GLY A 391 -26.82 24.11 2.95
CA GLY A 391 -26.85 24.67 4.29
C GLY A 391 -26.79 26.19 4.33
N VAL A 392 -25.60 26.73 4.61
CA VAL A 392 -25.47 28.15 4.90
C VAL A 392 -25.79 29.03 3.71
N LYS A 393 -25.86 28.48 2.50
CA LYS A 393 -26.15 29.31 1.33
C LYS A 393 -27.46 30.06 1.49
N ASN A 394 -28.47 29.40 2.05
CA ASN A 394 -29.76 30.06 2.24
C ASN A 394 -29.64 31.23 3.21
N ALA A 395 -28.89 31.05 4.30
CA ALA A 395 -28.77 32.07 5.33
C ALA A 395 -27.84 33.22 4.93
N LEU A 396 -27.01 33.04 3.90
CA LEU A 396 -26.09 34.10 3.50
C LEU A 396 -26.82 35.32 2.97
N ASP A 397 -28.01 35.13 2.38
CA ASP A 397 -28.78 36.20 1.77
C ASP A 397 -30.23 36.13 2.22
N ASN A 398 -30.44 35.97 3.52
CA ASN A 398 -31.79 35.86 4.07
C ASN A 398 -31.78 36.36 5.51
N MET A 399 -32.86 37.01 5.91
CA MET A 399 -32.98 37.56 7.25
C MET A 399 -33.30 36.47 8.26
N SER A 400 -32.99 36.76 9.52
CA SER A 400 -33.20 35.81 10.61
C SER A 400 -34.61 35.96 11.19
N VAL A 401 -35.25 34.81 11.42
CA VAL A 401 -36.57 34.83 12.06
C VAL A 401 -36.44 35.01 13.56
N VAL A 402 -35.40 34.42 14.17
CA VAL A 402 -35.21 34.55 15.61
C VAL A 402 -34.98 36.02 15.97
N GLY A 403 -34.15 36.71 15.20
CA GLY A 403 -33.92 38.12 15.45
C GLY A 403 -35.18 38.94 15.32
N TYR A 404 -35.99 38.66 14.31
CA TYR A 404 -37.25 39.38 14.13
C TYR A 404 -38.20 39.16 15.30
N PHE A 405 -38.30 37.91 15.77
CA PHE A 405 -39.23 37.58 16.84
C PHE A 405 -38.67 37.88 18.23
N LYS A 406 -37.40 38.24 18.34
CA LYS A 406 -36.80 38.63 19.61
C LYS A 406 -36.63 40.14 19.75
N HIS A 407 -36.36 40.84 18.65
CA HIS A 407 -36.16 42.29 18.66
C HIS A 407 -37.34 43.04 18.06
N ASN A 408 -38.51 42.40 17.97
CA ASN A 408 -39.67 43.07 17.41
C ASN A 408 -40.06 44.29 18.25
N GLU A 409 -40.01 44.16 19.56
CA GLU A 409 -40.37 45.25 20.46
C GLU A 409 -39.26 46.27 20.63
N GLU A 410 -38.07 46.00 20.12
CA GLU A 410 -36.95 46.92 20.23
C GLU A 410 -36.99 47.96 19.12
N ALA A 411 -36.24 49.04 19.31
CA ALA A 411 -36.17 50.14 18.36
C ALA A 411 -34.72 50.43 18.03
N GLN A 412 -34.50 50.89 16.79
CA GLN A 412 -33.18 51.25 16.28
C GLN A 412 -32.25 50.05 16.17
N ASN A 413 -32.77 48.83 16.29
CA ASN A 413 -31.95 47.62 16.17
C ASN A 413 -32.03 47.09 14.75
N LEU A 414 -31.44 47.86 13.83
CA LEU A 414 -31.45 47.49 12.42
C LEU A 414 -30.62 46.25 12.14
N ASN A 415 -29.66 45.92 13.01
CA ASN A 415 -28.80 44.76 12.82
C ASN A 415 -29.33 43.51 13.49
N GLY A 416 -30.47 43.59 14.20
CA GLY A 416 -31.00 42.42 14.89
C GLY A 416 -31.50 41.35 13.94
N LYS A 417 -31.92 41.74 12.74
CA LYS A 417 -32.48 40.83 11.76
C LYS A 417 -31.46 40.40 10.70
N HIS A 418 -30.20 40.77 10.86
CA HIS A 418 -29.16 40.47 9.88
C HIS A 418 -28.23 39.40 10.42
N PHE A 419 -28.01 38.36 9.62
CA PHE A 419 -27.12 37.27 10.02
C PHE A 419 -25.66 37.70 9.92
N VAL A 420 -24.84 37.14 10.81
CA VAL A 420 -23.39 37.19 10.69
C VAL A 420 -22.87 35.77 10.85
N ILE A 421 -22.10 35.31 9.86
CA ILE A 421 -21.61 33.94 9.83
C ILE A 421 -20.24 33.90 10.48
N ILE A 422 -20.04 32.94 11.38
CA ILE A 422 -18.77 32.70 12.04
C ILE A 422 -18.34 31.28 11.75
N MET A 423 -17.24 31.12 11.02
CA MET A 423 -16.68 29.81 10.68
C MET A 423 -15.47 29.58 11.57
N ASP A 424 -15.66 28.85 12.66
CA ASP A 424 -14.60 28.62 13.63
C ASP A 424 -13.87 27.32 13.31
N GLU A 425 -12.56 27.32 13.57
CA GLU A 425 -11.72 26.14 13.36
C GLU A 425 -11.78 25.68 11.90
N VAL A 426 -11.45 26.60 11.00
CA VAL A 426 -11.40 26.25 9.58
C VAL A 426 -10.30 25.24 9.33
N ASP A 427 -9.15 25.38 10.02
CA ASP A 427 -8.06 24.43 9.86
C ASP A 427 -8.44 23.03 10.36
N GLY A 428 -9.48 22.92 11.19
CA GLY A 428 -9.88 21.63 11.70
C GLY A 428 -10.57 20.75 10.69
N MET A 429 -10.95 21.28 9.53
CA MET A 429 -11.55 20.47 8.50
C MET A 429 -10.56 19.41 8.02
N SER A 430 -11.04 18.17 7.91
CA SER A 430 -10.21 17.05 7.51
C SER A 430 -10.85 16.31 6.34
N GLY A 431 -10.33 15.13 6.02
CA GLY A 431 -10.90 14.33 4.95
C GLY A 431 -12.40 14.09 5.10
N GLY A 432 -12.93 14.21 6.32
CA GLY A 432 -14.36 14.09 6.52
C GLY A 432 -15.15 15.23 5.91
N ASP A 433 -14.51 16.37 5.66
CA ASP A 433 -15.12 17.51 4.99
C ASP A 433 -14.47 17.63 3.62
N ARG A 434 -15.26 17.39 2.56
CA ARG A 434 -14.76 17.35 1.20
C ARG A 434 -15.08 18.66 0.51
N GLY A 435 -14.05 19.31 -0.03
CA GLY A 435 -14.23 20.54 -0.78
C GLY A 435 -14.81 21.68 0.04
N GLY A 436 -14.44 21.77 1.32
CA GLY A 436 -14.90 22.87 2.14
C GLY A 436 -14.12 24.15 1.93
N VAL A 437 -12.81 24.04 1.68
CA VAL A 437 -11.99 25.23 1.49
C VAL A 437 -12.44 26.01 0.26
N GLY A 438 -12.68 25.31 -0.85
CA GLY A 438 -13.13 25.99 -2.05
C GLY A 438 -14.50 26.62 -1.88
N GLN A 439 -15.42 25.92 -1.21
CA GLN A 439 -16.74 26.48 -0.97
C GLN A 439 -16.65 27.74 -0.11
N LEU A 440 -15.80 27.72 0.91
CA LEU A 440 -15.62 28.91 1.74
C LEU A 440 -14.99 30.04 0.94
N ALA A 441 -14.01 29.72 0.09
CA ALA A 441 -13.37 30.76 -0.71
C ALA A 441 -14.37 31.42 -1.64
N GLN A 442 -15.24 30.63 -2.27
CA GLN A 442 -16.32 31.22 -3.07
C GLN A 442 -17.30 31.99 -2.21
N PHE A 443 -17.53 31.53 -0.98
CA PHE A 443 -18.45 32.23 -0.08
C PHE A 443 -17.94 33.62 0.24
N CYS A 444 -16.62 33.75 0.48
CA CYS A 444 -16.04 35.01 0.90
C CYS A 444 -16.17 36.11 -0.15
N ARG A 445 -16.52 35.76 -1.39
CA ARG A 445 -16.62 36.73 -2.47
C ARG A 445 -18.05 36.92 -2.99
N LYS A 446 -18.94 35.96 -2.79
CA LYS A 446 -20.36 36.07 -3.15
C LYS A 446 -21.24 36.00 -1.90
N THR A 447 -20.83 36.69 -0.83
CA THR A 447 -21.57 36.68 0.43
C THR A 447 -22.30 38.01 0.61
N SER A 448 -23.58 37.91 0.93
CA SER A 448 -24.42 39.08 1.18
C SER A 448 -24.52 39.42 2.66
N THR A 449 -23.83 38.69 3.52
CA THR A 449 -23.85 38.92 4.97
C THR A 449 -22.42 38.88 5.49
N PRO A 450 -22.15 39.57 6.60
CA PRO A 450 -20.79 39.54 7.15
C PRO A 450 -20.35 38.12 7.49
N LEU A 451 -19.08 37.83 7.21
CA LEU A 451 -18.49 36.52 7.44
C LEU A 451 -17.15 36.69 8.14
N ILE A 452 -16.93 35.90 9.18
CA ILE A 452 -15.69 35.95 9.96
C ILE A 452 -15.17 34.52 10.09
N LEU A 453 -13.93 34.30 9.65
CA LEU A 453 -13.29 33.00 9.70
C LEU A 453 -12.22 33.01 10.79
N ILE A 454 -12.19 31.96 11.59
CA ILE A 454 -11.24 31.82 12.69
C ILE A 454 -10.41 30.56 12.45
N CYS A 455 -9.10 30.69 12.58
CA CYS A 455 -8.19 29.56 12.35
C CYS A 455 -6.96 29.74 13.23
N ASN A 456 -6.23 28.64 13.42
CA ASN A 456 -5.02 28.65 14.23
C ASN A 456 -3.74 28.73 13.41
N GLU A 457 -3.71 28.09 12.23
CA GLU A 457 -2.55 28.09 11.36
C GLU A 457 -2.92 28.73 10.03
N ARG A 458 -2.16 29.74 9.61
CA ARG A 458 -2.40 30.45 8.36
C ARG A 458 -1.37 30.16 7.28
N ASN A 459 -0.14 29.83 7.66
CA ASN A 459 0.90 29.54 6.68
C ASN A 459 0.69 28.19 5.99
N LEU A 460 -0.24 27.37 6.45
CA LEU A 460 -0.46 26.08 5.84
C LEU A 460 -0.96 26.27 4.40
N PRO A 461 -0.61 25.34 3.50
CA PRO A 461 -1.05 25.50 2.10
C PRO A 461 -2.55 25.47 1.92
N LYS A 462 -3.29 24.82 2.82
CA LYS A 462 -4.74 24.75 2.68
C LYS A 462 -5.37 26.14 2.73
N MET A 463 -4.70 27.12 3.32
CA MET A 463 -5.21 28.48 3.39
C MET A 463 -4.88 29.31 2.15
N ARG A 464 -4.20 28.72 1.17
CA ARG A 464 -3.84 29.47 -0.03
C ARG A 464 -5.05 30.11 -0.71
N PRO A 465 -6.19 29.45 -0.87
CA PRO A 465 -7.34 30.10 -1.52
C PRO A 465 -7.79 31.37 -0.82
N PHE A 466 -7.55 31.49 0.49
CA PHE A 466 -7.93 32.67 1.26
C PHE A 466 -6.88 33.76 1.22
N ASP A 467 -6.00 33.76 0.20
CA ASP A 467 -4.88 34.69 0.18
C ASP A 467 -5.34 36.13 0.10
N ARG A 468 -6.23 36.44 -0.85
CA ARG A 468 -6.63 37.82 -1.12
C ARG A 468 -8.14 37.92 -1.28
N VAL A 469 -8.89 37.29 -0.37
CA VAL A 469 -10.34 37.37 -0.37
C VAL A 469 -10.92 37.69 0.99
N CYS A 470 -10.08 37.88 2.01
CA CYS A 470 -10.55 38.25 3.35
C CYS A 470 -9.57 39.25 3.96
N LEU A 471 -10.09 40.04 4.90
CA LEU A 471 -9.27 40.95 5.68
C LEU A 471 -8.54 40.13 6.74
N ASP A 472 -7.20 40.10 6.66
CA ASP A 472 -6.40 39.28 7.55
C ASP A 472 -6.18 40.00 8.87
N ILE A 473 -6.62 39.39 9.97
CA ILE A 473 -6.46 39.94 11.31
C ILE A 473 -5.64 38.95 12.12
N GLN A 474 -4.47 39.38 12.58
CA GLN A 474 -3.52 38.52 13.27
C GLN A 474 -3.51 38.88 14.75
N PHE A 475 -3.66 37.87 15.60
CA PHE A 475 -3.63 38.07 17.04
C PHE A 475 -2.32 37.54 17.61
N ARG A 476 -1.67 38.35 18.44
CA ARG A 476 -0.39 38.01 19.04
C ARG A 476 -0.60 37.44 20.43
N ARG A 477 0.48 36.89 20.99
CA ARG A 477 0.43 36.37 22.35
C ARG A 477 0.41 37.53 23.33
N PRO A 478 -0.58 37.60 24.22
CA PRO A 478 -0.66 38.74 25.15
C PRO A 478 0.59 38.83 26.02
N ASP A 479 1.00 40.06 26.31
CA ASP A 479 2.15 40.29 27.16
C ASP A 479 1.81 40.00 28.62
N ALA A 480 2.85 39.86 29.44
CA ALA A 480 2.66 39.57 30.86
C ALA A 480 2.00 40.71 31.62
N ASN A 481 2.02 41.93 31.07
CA ASN A 481 1.43 43.07 31.75
C ASN A 481 -0.02 43.32 31.36
N SER A 482 -0.49 42.77 30.24
CA SER A 482 -1.86 42.96 29.82
C SER A 482 -2.84 42.05 30.55
N ILE A 483 -2.35 41.03 31.25
CA ILE A 483 -3.19 40.10 31.99
C ILE A 483 -2.87 40.08 33.47
N LYS A 484 -1.96 40.94 33.94
CA LYS A 484 -1.60 40.96 35.36
C LYS A 484 -2.80 41.30 36.22
N SER A 485 -3.53 42.35 35.87
CA SER A 485 -4.67 42.78 36.69
C SER A 485 -5.75 41.71 36.74
N ARG A 486 -6.06 41.10 35.59
CA ARG A 486 -7.08 40.06 35.57
C ARG A 486 -6.69 38.88 36.44
N LEU A 487 -5.42 38.46 36.38
CA LEU A 487 -4.98 37.32 37.15
C LEU A 487 -4.96 37.62 38.64
N MET A 488 -4.54 38.84 39.02
CA MET A 488 -4.60 39.22 40.42
C MET A 488 -6.05 39.26 40.92
N THR A 489 -6.96 39.77 40.09
CA THR A 489 -8.37 39.78 40.48
C THR A 489 -8.89 38.36 40.66
N ILE A 490 -8.53 37.46 39.76
CA ILE A 490 -8.97 36.06 39.88
C ILE A 490 -8.42 35.44 41.15
N ALA A 491 -7.14 35.71 41.46
CA ALA A 491 -6.55 35.17 42.67
C ALA A 491 -7.25 35.70 43.92
N ILE A 492 -7.57 37.00 43.92
CA ILE A 492 -8.27 37.58 45.07
C ILE A 492 -9.66 36.94 45.21
N ARG A 493 -10.37 36.77 44.11
CA ARG A 493 -11.71 36.20 44.16
C ARG A 493 -11.70 34.76 44.65
N GLU A 494 -10.70 33.97 44.23
CA GLU A 494 -10.61 32.57 44.60
C GLU A 494 -9.89 32.35 45.92
N LYS A 495 -9.43 33.41 46.58
CA LYS A 495 -8.84 33.32 47.91
C LYS A 495 -7.60 32.42 47.92
N PHE A 496 -6.69 32.66 46.96
CA PHE A 496 -5.38 32.03 46.99
C PHE A 496 -4.33 33.09 46.65
N LYS A 497 -3.21 33.04 47.36
CA LYS A 497 -2.16 34.03 47.19
C LYS A 497 -1.37 33.77 45.92
N LEU A 498 -1.19 34.81 45.12
CA LEU A 498 -0.45 34.74 43.86
C LEU A 498 0.59 35.85 43.85
N ASP A 499 1.86 35.49 44.01
CA ASP A 499 2.92 36.48 44.07
C ASP A 499 3.12 37.13 42.70
N PRO A 500 2.99 38.45 42.57
CA PRO A 500 3.16 39.07 41.26
C PRO A 500 4.52 38.82 40.62
N ASN A 501 5.59 38.78 41.41
CA ASN A 501 6.93 38.72 40.84
C ASN A 501 7.17 37.46 40.03
N VAL A 502 6.36 36.41 40.22
CA VAL A 502 6.53 35.16 39.49
C VAL A 502 5.51 35.02 38.37
N ILE A 503 4.75 36.07 38.09
CA ILE A 503 3.66 35.95 37.11
C ILE A 503 4.22 35.70 35.71
N ASP A 504 5.25 36.46 35.31
CA ASP A 504 5.74 36.37 33.94
C ASP A 504 6.11 34.94 33.59
N ARG A 505 6.81 34.23 34.47
CA ARG A 505 7.23 32.87 34.18
C ARG A 505 6.02 32.02 33.79
N LEU A 506 4.89 32.21 34.47
CA LEU A 506 3.69 31.45 34.13
C LEU A 506 3.35 31.62 32.65
N ILE A 507 3.32 32.85 32.16
CA ILE A 507 3.10 33.04 30.72
C ILE A 507 4.23 32.41 29.94
N GLN A 508 5.48 32.60 30.38
CA GLN A 508 6.59 31.91 29.72
C GLN A 508 6.37 30.40 29.73
N THR A 509 5.70 29.88 30.76
CA THR A 509 5.37 28.46 30.78
C THR A 509 4.22 28.15 29.82
N THR A 510 3.21 29.03 29.76
CA THR A 510 2.05 28.79 28.91
C THR A 510 2.21 29.39 27.51
N ARG A 511 3.15 30.31 27.34
CA ARG A 511 3.53 30.84 26.03
C ARG A 511 2.33 31.49 25.34
N GLY A 512 1.75 32.47 26.02
CA GLY A 512 0.67 33.26 25.48
C GLY A 512 -0.71 32.65 25.59
N ASP A 513 -0.85 31.53 26.30
CA ASP A 513 -2.14 30.84 26.42
C ASP A 513 -2.79 31.26 27.72
N ILE A 514 -3.78 32.17 27.63
CA ILE A 514 -4.49 32.60 28.83
C ILE A 514 -5.37 31.46 29.37
N ARG A 515 -5.97 30.68 28.47
CA ARG A 515 -6.78 29.55 28.91
C ARG A 515 -5.93 28.54 29.68
N GLN A 516 -4.73 28.24 29.16
CA GLN A 516 -3.89 27.26 29.82
C GLN A 516 -3.43 27.75 31.20
N VAL A 517 -3.07 29.03 31.31
CA VAL A 517 -2.63 29.54 32.61
C VAL A 517 -3.81 29.60 33.59
N ILE A 518 -5.02 29.92 33.09
CA ILE A 518 -6.18 29.90 33.97
C ILE A 518 -6.44 28.49 34.48
N ASN A 519 -6.36 27.49 33.59
CA ASN A 519 -6.53 26.12 34.03
C ASN A 519 -5.44 25.71 35.01
N LEU A 520 -4.21 26.16 34.78
CA LEU A 520 -3.12 25.88 35.70
C LEU A 520 -3.41 26.45 37.09
N LEU A 521 -3.87 27.71 37.13
CA LEU A 521 -4.22 28.31 38.41
C LEU A 521 -5.34 27.53 39.09
N SER A 522 -6.37 27.15 38.33
CA SER A 522 -7.49 26.42 38.91
C SER A 522 -7.02 25.09 39.50
N THR A 523 -6.14 24.38 38.78
CA THR A 523 -5.68 23.08 39.26
C THR A 523 -4.78 23.23 40.47
N ILE A 524 -3.84 24.20 40.44
CA ILE A 524 -2.88 24.33 41.52
C ILE A 524 -3.56 24.84 42.79
N SER A 525 -4.55 25.73 42.65
CA SER A 525 -5.24 26.29 43.81
C SER A 525 -6.09 25.25 44.54
N THR A 526 -6.31 24.07 43.94
CA THR A 526 -7.14 23.07 44.58
C THR A 526 -6.55 22.64 45.92
N THR A 527 -5.23 22.43 45.97
CA THR A 527 -4.56 21.98 47.18
C THR A 527 -3.46 22.91 47.66
N THR A 528 -2.91 23.77 46.80
CA THR A 528 -1.87 24.72 47.16
C THR A 528 -2.44 26.13 47.10
N LYS A 529 -2.54 26.79 48.24
CA LYS A 529 -3.16 28.10 48.33
C LYS A 529 -2.16 29.24 48.19
N THR A 530 -0.87 28.95 48.05
CA THR A 530 0.16 29.97 47.91
C THR A 530 0.98 29.70 46.66
N ILE A 531 1.16 30.72 45.83
CA ILE A 531 1.96 30.64 44.62
C ILE A 531 3.09 31.65 44.77
N ASN A 532 4.25 31.18 45.23
CA ASN A 532 5.39 32.06 45.44
C ASN A 532 6.62 31.49 44.72
N HIS A 533 7.78 32.11 44.93
CA HIS A 533 9.01 31.66 44.30
C HIS A 533 9.49 30.31 44.84
N GLU A 534 8.92 29.82 45.94
CA GLU A 534 9.38 28.56 46.51
C GLU A 534 8.93 27.37 45.68
N ASN A 535 7.80 27.48 44.98
CA ASN A 535 7.26 26.36 44.22
C ASN A 535 6.99 26.72 42.77
N ILE A 536 7.40 27.90 42.31
CA ILE A 536 7.14 28.30 40.93
C ILE A 536 7.92 27.41 39.97
N ASN A 537 9.14 27.03 40.34
CA ASN A 537 9.97 26.21 39.45
C ASN A 537 9.32 24.86 39.20
N GLU A 538 8.78 24.22 40.24
CA GLU A 538 8.19 22.89 40.08
C GLU A 538 7.00 22.93 39.14
N ILE A 539 6.09 23.88 39.36
CA ILE A 539 4.90 23.97 38.51
C ILE A 539 5.28 24.37 37.09
N SER A 540 6.27 25.24 36.94
CA SER A 540 6.71 25.63 35.60
C SER A 540 7.27 24.43 34.84
N LYS A 541 8.09 23.62 35.52
CA LYS A 541 8.65 22.43 34.87
C LYS A 541 7.55 21.41 34.56
N ALA A 542 6.59 21.25 35.46
CA ALA A 542 5.56 20.22 35.28
C ALA A 542 4.54 20.62 34.22
N TRP A 543 4.32 21.92 34.01
CA TRP A 543 3.30 22.40 33.09
C TRP A 543 3.89 23.02 31.82
N GLU A 544 5.11 22.63 31.45
CA GLU A 544 5.73 23.16 30.25
C GLU A 544 5.01 22.61 29.02
N LYS A 545 4.67 23.49 28.08
CA LYS A 545 3.97 23.09 26.87
C LYS A 545 5.00 22.75 25.79
N ASN A 546 4.78 21.62 25.11
CA ASN A 546 5.65 21.15 24.05
C ASN A 546 4.95 21.31 22.71
N ILE A 547 5.54 22.13 21.84
CA ILE A 547 5.00 22.39 20.50
C ILE A 547 6.11 22.11 19.48
N ALA A 548 5.77 21.37 18.45
CA ALA A 548 6.74 21.05 17.41
C ALA A 548 7.20 22.32 16.71
N LEU A 549 8.51 22.45 16.52
CA LEU A 549 9.09 23.61 15.87
C LEU A 549 8.89 23.53 14.36
N LYS A 550 8.83 24.69 13.72
CA LYS A 550 8.72 24.75 12.28
C LYS A 550 10.07 24.48 11.62
N PRO A 551 10.08 24.13 10.34
CA PRO A 551 11.36 23.78 9.69
C PRO A 551 12.42 24.87 9.82
N PHE A 552 12.03 26.14 9.70
CA PHE A 552 12.99 27.21 9.87
C PHE A 552 13.52 27.25 11.29
N ASP A 553 12.64 27.12 12.28
CA ASP A 553 13.08 27.08 13.67
C ASP A 553 13.95 25.86 13.94
N ILE A 554 13.60 24.71 13.36
CA ILE A 554 14.40 23.50 13.52
C ILE A 554 15.80 23.73 12.98
N ALA A 555 15.91 24.31 11.77
CA ALA A 555 17.21 24.58 11.18
C ALA A 555 18.00 25.57 12.03
N HIS A 556 17.34 26.61 12.53
CA HIS A 556 18.04 27.60 13.34
C HIS A 556 18.58 26.98 14.63
N LYS A 557 17.78 26.15 15.29
CA LYS A 557 18.20 25.56 16.55
C LYS A 557 19.28 24.51 16.34
N MET A 558 19.15 23.70 15.28
CA MET A 558 20.09 22.61 15.06
C MET A 558 21.46 23.13 14.64
N LEU A 559 21.49 24.29 13.97
CA LEU A 559 22.74 24.89 13.52
C LEU A 559 23.31 25.88 14.54
N ASP A 560 23.01 25.69 15.82
CA ASP A 560 23.53 26.54 16.89
C ASP A 560 24.62 25.79 17.64
N GLY A 561 25.77 26.45 17.82
CA GLY A 561 26.90 25.81 18.47
C GLY A 561 26.79 25.67 19.97
N GLN A 562 25.84 26.36 20.60
CA GLN A 562 25.70 26.26 22.05
C GLN A 562 25.30 24.86 22.49
N ILE A 563 24.35 24.24 21.78
CA ILE A 563 23.84 22.94 22.19
C ILE A 563 24.88 21.84 22.00
N TYR A 564 25.85 22.04 21.10
CA TYR A 564 26.88 21.04 20.83
C TYR A 564 28.10 21.19 21.72
N SER A 565 28.11 22.16 22.64
CA SER A 565 29.21 22.33 23.56
C SER A 565 29.10 21.34 24.72
N ASP A 566 30.15 21.28 25.53
CA ASP A 566 30.14 20.37 26.68
C ASP A 566 29.01 20.71 27.64
N ILE A 567 28.76 22.00 27.87
CA ILE A 567 27.71 22.39 28.80
C ILE A 567 26.35 22.29 28.14
N GLY A 568 26.24 22.71 26.88
CA GLY A 568 24.97 22.64 26.19
C GLY A 568 24.49 21.23 25.97
N SER A 569 25.42 20.31 25.68
CA SER A 569 25.05 18.92 25.42
C SER A 569 24.34 18.30 26.61
N ARG A 570 24.70 18.70 27.83
CA ARG A 570 24.04 18.17 29.02
C ARG A 570 22.62 18.68 29.17
N ASN A 571 22.30 19.82 28.55
CA ASN A 571 20.93 20.35 28.57
C ASN A 571 20.13 19.84 27.39
N PHE A 572 20.62 20.08 26.17
CA PHE A 572 20.01 19.56 24.94
C PHE A 572 20.81 18.32 24.55
N THR A 573 20.27 17.14 24.85
CA THR A 573 20.97 15.89 24.64
C THR A 573 20.77 15.40 23.21
N LEU A 574 21.40 14.26 22.90
CA LEU A 574 21.25 13.68 21.57
C LEU A 574 19.81 13.26 21.31
N ASN A 575 19.15 12.71 22.33
CA ASN A 575 17.74 12.35 22.18
C ASN A 575 16.90 13.57 21.87
N ASP A 576 17.21 14.71 22.50
CA ASP A 576 16.47 15.94 22.20
C ASP A 576 16.66 16.36 20.76
N LYS A 577 17.89 16.25 20.24
CA LYS A 577 18.13 16.60 18.84
C LYS A 577 17.39 15.66 17.90
N ILE A 578 17.36 14.36 18.23
CA ILE A 578 16.65 13.40 17.40
C ILE A 578 15.16 13.72 17.40
N ALA A 579 14.61 14.07 18.56
CA ALA A 579 13.20 14.46 18.63
C ALA A 579 12.94 15.73 17.83
N LEU A 580 13.87 16.69 17.88
CA LEU A 580 13.73 17.89 17.08
C LEU A 580 13.69 17.56 15.60
N TYR A 581 14.55 16.65 15.15
CA TYR A 581 14.50 16.20 13.77
C TYR A 581 13.16 15.55 13.46
N PHE A 582 12.69 14.68 14.36
CA PHE A 582 11.45 13.95 14.13
C PHE A 582 10.22 14.85 14.16
N ASP A 583 10.33 16.05 14.72
CA ASP A 583 9.21 16.98 14.69
C ASP A 583 8.75 17.21 13.25
N ASP A 584 9.71 17.27 12.31
CA ASP A 584 9.39 17.35 10.88
C ASP A 584 10.52 16.60 10.16
N PHE A 585 10.29 15.31 9.90
CA PHE A 585 11.31 14.47 9.28
C PHE A 585 11.31 14.56 7.76
N ASP A 586 10.32 15.21 7.16
CA ASP A 586 10.25 15.36 5.72
C ASP A 586 10.89 16.64 5.21
N PHE A 587 11.33 17.53 6.12
CA PHE A 587 11.88 18.82 5.70
C PHE A 587 13.23 19.07 6.35
N THR A 588 13.45 18.52 7.55
CA THR A 588 14.68 18.81 8.28
C THR A 588 15.94 18.48 7.49
N PRO A 589 16.08 17.31 6.87
CA PRO A 589 17.31 17.04 6.11
C PRO A 589 17.54 18.03 4.98
N LEU A 590 16.47 18.44 4.29
CA LEU A 590 16.63 19.41 3.21
C LEU A 590 17.09 20.76 3.73
N MET A 591 16.50 21.23 4.84
CA MET A 591 16.91 22.50 5.41
C MET A 591 18.37 22.43 5.88
N ILE A 592 18.77 21.32 6.49
CA ILE A 592 20.14 21.18 6.95
C ILE A 592 21.09 21.21 5.76
N GLN A 593 20.77 20.45 4.70
CA GLN A 593 21.63 20.43 3.52
C GLN A 593 21.70 21.80 2.85
N GLU A 594 20.64 22.59 2.95
CA GLU A 594 20.63 23.90 2.29
C GLU A 594 21.38 24.94 3.11
N ASN A 595 21.28 24.89 4.44
CA ASN A 595 21.75 25.97 5.29
C ASN A 595 23.03 25.64 6.05
N TYR A 596 23.72 24.54 5.72
CA TYR A 596 24.96 24.19 6.39
C TYR A 596 26.19 24.84 5.76
N LEU A 597 26.02 25.58 4.66
CA LEU A 597 27.12 26.29 4.02
C LEU A 597 27.15 27.78 4.36
N SER A 598 26.24 28.26 5.20
CA SER A 598 26.12 29.67 5.53
C SER A 598 26.25 29.90 7.03
N THR A 599 27.23 29.26 7.66
CA THR A 599 27.44 29.37 9.09
C THR A 599 28.89 29.76 9.36
N ARG A 600 29.13 30.25 10.58
CA ARG A 600 30.46 30.55 11.08
C ARG A 600 30.72 29.58 12.23
N PRO A 601 31.29 28.41 11.96
CA PRO A 601 31.37 27.38 13.00
C PRO A 601 32.18 27.86 14.20
N SER A 602 31.73 27.43 15.39
CA SER A 602 32.44 27.69 16.63
C SER A 602 32.92 26.41 17.31
N VAL A 603 32.64 25.24 16.73
CA VAL A 603 33.04 23.96 17.29
C VAL A 603 34.15 23.31 16.46
N LEU A 604 34.86 24.10 15.66
CA LEU A 604 35.94 23.55 14.83
C LEU A 604 37.03 22.95 15.71
N LYS A 605 37.52 21.78 15.31
CA LYS A 605 38.57 21.14 16.06
C LYS A 605 39.88 21.93 15.92
N PRO A 606 40.75 21.87 16.92
CA PRO A 606 42.04 22.59 16.82
C PRO A 606 42.80 22.18 15.56
N GLY A 607 43.02 23.15 14.68
CA GLY A 607 43.69 22.93 13.43
C GLY A 607 42.78 22.62 12.26
N GLN A 608 41.53 22.23 12.51
CA GLN A 608 40.60 21.96 11.43
C GLN A 608 40.11 23.26 10.81
N SER A 609 39.88 23.23 9.50
CA SER A 609 39.38 24.37 8.77
C SER A 609 37.88 24.20 8.47
N HIS A 610 37.27 25.30 8.05
CA HIS A 610 35.84 25.26 7.73
C HIS A 610 35.58 24.33 6.56
N LEU A 611 36.45 24.33 5.56
CA LEU A 611 36.23 23.51 4.37
C LEU A 611 36.26 22.02 4.70
N GLU A 612 37.16 21.60 5.58
CA GLU A 612 37.21 20.19 5.95
C GLU A 612 35.94 19.76 6.66
N ALA A 613 35.43 20.59 7.58
CA ALA A 613 34.18 20.28 8.24
C ALA A 613 33.03 20.24 7.24
N VAL A 614 33.03 21.14 6.27
CA VAL A 614 31.99 21.14 5.24
C VAL A 614 32.05 19.84 4.44
N ALA A 615 33.26 19.41 4.08
CA ALA A 615 33.40 18.16 3.33
C ALA A 615 32.92 16.97 4.13
N GLU A 616 33.25 16.92 5.43
CA GLU A 616 32.78 15.83 6.27
C GLU A 616 31.25 15.84 6.36
N ALA A 617 30.66 17.03 6.52
CA ALA A 617 29.20 17.13 6.57
C ALA A 617 28.58 16.67 5.26
N ALA A 618 29.19 17.02 4.13
CA ALA A 618 28.66 16.59 2.83
C ALA A 618 28.74 15.08 2.69
N ASN A 619 29.84 14.48 3.13
CA ASN A 619 29.95 13.02 3.09
C ASN A 619 28.88 12.36 3.94
N CYS A 620 28.65 12.89 5.15
CA CYS A 620 27.60 12.35 6.01
C CYS A 620 26.23 12.53 5.37
N ILE A 621 26.02 13.66 4.69
CA ILE A 621 24.75 13.89 4.01
C ILE A 621 24.54 12.89 2.89
N SER A 622 25.60 12.57 2.14
CA SER A 622 25.50 11.55 1.11
C SER A 622 25.16 10.20 1.69
N LEU A 623 25.80 9.84 2.81
CA LEU A 623 25.47 8.59 3.48
C LEU A 623 24.01 8.57 3.93
N GLY A 624 23.55 9.69 4.49
CA GLY A 624 22.15 9.78 4.87
C GLY A 624 21.20 9.68 3.70
N ASP A 625 21.59 10.23 2.54
CA ASP A 625 20.78 10.08 1.34
C ASP A 625 20.69 8.63 0.92
N ILE A 626 21.80 7.90 1.00
CA ILE A 626 21.77 6.47 0.69
C ILE A 626 20.82 5.75 1.66
N VAL A 627 20.91 6.10 2.95
CA VAL A 627 20.03 5.48 3.94
C VAL A 627 18.57 5.77 3.63
N GLU A 628 18.27 7.03 3.26
CA GLU A 628 16.90 7.39 2.93
C GLU A 628 16.41 6.62 1.71
N LYS A 629 17.25 6.49 0.68
CA LYS A 629 16.86 5.69 -0.47
C LYS A 629 16.55 4.26 -0.08
N LYS A 630 17.36 3.68 0.81
CA LYS A 630 17.08 2.34 1.28
C LYS A 630 15.80 2.28 2.11
N ILE A 631 15.45 3.38 2.79
CA ILE A 631 14.28 3.38 3.66
C ILE A 631 13.00 3.30 2.83
N ARG A 632 12.91 4.09 1.76
CA ARG A 632 11.71 4.17 0.94
C ARG A 632 11.72 3.19 -0.22
N SER A 633 12.45 2.08 -0.09
CA SER A 633 12.49 1.06 -1.12
C SER A 633 11.27 0.15 -0.98
N SER A 634 11.25 -0.95 -1.74
CA SER A 634 10.12 -1.88 -1.65
C SER A 634 10.04 -2.53 -0.29
N GLU A 635 11.16 -2.63 0.43
CA GLU A 635 11.15 -3.24 1.75
C GLU A 635 10.50 -2.35 2.79
N GLN A 636 10.47 -1.04 2.57
CA GLN A 636 9.85 -0.09 3.50
C GLN A 636 10.48 -0.22 4.89
N LEU A 637 11.80 -0.02 4.93
CA LEU A 637 12.56 -0.13 6.18
C LEU A 637 12.48 1.20 6.92
N TRP A 638 11.33 1.44 7.54
CA TRP A 638 11.14 2.66 8.31
C TRP A 638 11.83 2.61 9.66
N SER A 639 12.22 1.42 10.13
CA SER A 639 12.93 1.32 11.40
C SER A 639 14.28 2.02 11.36
N LEU A 640 14.78 2.33 10.16
CA LEU A 640 16.03 3.06 10.00
C LEU A 640 15.84 4.56 10.11
N LEU A 641 14.62 5.05 10.29
CA LEU A 641 14.40 6.49 10.39
C LEU A 641 15.25 7.14 11.47
N PRO A 642 15.37 6.60 12.68
CA PRO A 642 16.27 7.23 13.67
C PRO A 642 17.69 7.36 13.17
N LEU A 643 18.21 6.34 12.48
CA LEU A 643 19.55 6.45 11.92
C LEU A 643 19.64 7.60 10.93
N HIS A 644 18.63 7.71 10.05
CA HIS A 644 18.60 8.82 9.12
C HIS A 644 18.59 10.16 9.84
N ALA A 645 18.10 10.20 11.08
CA ALA A 645 18.15 11.44 11.84
C ALA A 645 19.58 11.88 12.09
N VAL A 646 20.46 10.93 12.40
CA VAL A 646 21.84 11.28 12.73
C VAL A 646 22.64 11.56 11.46
N LEU A 647 22.50 10.71 10.45
CA LEU A 647 23.33 10.82 9.25
C LEU A 647 22.94 11.99 8.37
N SER A 648 21.73 12.51 8.50
CA SER A 648 21.25 13.59 7.65
C SER A 648 21.22 14.95 8.32
N SER A 649 20.88 15.02 9.60
CA SER A 649 20.66 16.29 10.27
C SER A 649 21.62 16.52 11.43
N VAL A 650 21.73 15.57 12.37
CA VAL A 650 22.46 15.83 13.60
C VAL A 650 23.96 15.88 13.34
N TYR A 651 24.51 14.82 12.77
CA TYR A 651 25.96 14.76 12.56
C TYR A 651 26.48 15.86 11.65
N PRO A 652 25.91 16.09 10.46
CA PRO A 652 26.43 17.19 9.64
C PRO A 652 26.34 18.55 10.31
N ALA A 653 25.30 18.78 11.12
CA ALA A 653 25.19 20.05 11.82
C ALA A 653 26.20 20.15 12.95
N SER A 654 26.58 19.02 13.55
CA SER A 654 27.52 19.04 14.66
C SER A 654 28.93 19.45 14.25
N LYS A 655 29.24 19.46 12.95
CA LYS A 655 30.56 19.84 12.47
C LYS A 655 30.63 21.29 12.02
N VAL A 656 29.50 21.92 11.71
CA VAL A 656 29.46 23.32 11.28
C VAL A 656 28.54 24.14 12.18
N ALA A 657 28.29 23.67 13.39
CA ALA A 657 27.41 24.40 14.30
C ALA A 657 28.03 25.72 14.71
N GLY A 658 27.19 26.76 14.80
CA GLY A 658 27.67 28.08 15.17
C GLY A 658 26.61 29.15 14.98
N HIS A 659 26.98 30.27 14.36
CA HIS A 659 26.07 31.37 14.10
C HIS A 659 25.88 31.54 12.61
N MET A 660 24.63 31.71 12.20
CA MET A 660 24.31 31.88 10.78
C MET A 660 24.98 33.14 10.25
N ALA A 661 25.54 33.05 9.04
CA ALA A 661 26.13 34.20 8.37
C ALA A 661 25.10 35.04 7.62
N GLY A 662 23.84 34.61 7.61
CA GLY A 662 22.82 35.37 6.93
C GLY A 662 21.45 34.79 7.22
N ARG A 663 20.47 35.26 6.47
CA ARG A 663 19.10 34.76 6.64
C ARG A 663 19.03 33.29 6.27
N ILE A 664 18.12 32.58 6.93
CA ILE A 664 17.90 31.16 6.64
C ILE A 664 17.05 31.06 5.39
N ASN A 665 17.51 30.25 4.42
CA ASN A 665 16.83 30.09 3.14
C ASN A 665 16.17 28.72 3.09
N PHE A 666 14.93 28.70 2.62
CA PHE A 666 14.22 27.44 2.42
C PHE A 666 14.88 26.63 1.33
N THR A 667 14.81 25.31 1.46
CA THR A 667 15.46 24.42 0.49
C THR A 667 14.94 24.69 -0.91
N ALA A 668 15.87 24.81 -1.87
CA ALA A 668 15.55 25.05 -3.26
C ALA A 668 15.57 23.78 -4.09
N TRP A 669 15.76 22.62 -3.46
CA TRP A 669 15.86 21.37 -4.22
C TRP A 669 14.51 20.99 -4.84
N LEU A 670 13.40 21.36 -4.21
CA LEU A 670 12.09 20.96 -4.73
C LEU A 670 11.79 21.64 -6.06
N GLY A 671 12.03 22.94 -6.14
CA GLY A 671 11.81 23.64 -7.40
C GLY A 671 12.73 23.13 -8.50
N GLN A 672 13.99 22.87 -8.16
CA GLN A 672 14.91 22.32 -9.15
C GLN A 672 14.45 20.96 -9.63
N ASN A 673 13.96 20.12 -8.72
CA ASN A 673 13.46 18.80 -9.10
C ASN A 673 12.24 18.92 -10.02
N SER A 674 11.32 19.83 -9.70
CA SER A 674 10.16 20.02 -10.56
C SER A 674 10.58 20.50 -11.95
N LYS A 675 11.52 21.44 -12.01
CA LYS A 675 11.99 21.94 -13.29
C LYS A 675 12.67 20.83 -14.08
N SER A 676 13.46 20.00 -13.42
CA SER A 676 14.14 18.89 -14.10
C SER A 676 13.12 17.88 -14.61
N ALA A 677 12.07 17.61 -13.83
CA ALA A 677 11.03 16.69 -14.30
C ALA A 677 10.31 17.24 -15.52
N LYS A 678 9.98 18.53 -15.51
CA LYS A 678 9.35 19.14 -16.68
C LYS A 678 10.26 19.07 -17.89
N TYR A 679 11.54 19.36 -17.69
CA TYR A 679 12.51 19.31 -18.79
C TYR A 679 12.63 17.89 -19.34
N TYR A 680 12.66 16.89 -18.46
CA TYR A 680 12.72 15.51 -18.91
C TYR A 680 11.47 15.12 -19.68
N ARG A 681 10.30 15.59 -19.25
CA ARG A 681 9.08 15.30 -19.99
C ARG A 681 9.13 15.91 -21.39
N LEU A 682 9.55 17.16 -21.50
CA LEU A 682 9.65 17.77 -22.83
C LEU A 682 10.69 17.06 -23.69
N LEU A 683 11.82 16.66 -23.08
CA LEU A 683 12.84 15.93 -23.83
C LEU A 683 12.30 14.60 -24.34
N GLN A 684 11.54 13.89 -23.50
CA GLN A 684 10.95 12.63 -23.93
C GLN A 684 9.96 12.85 -25.08
N GLU A 685 9.14 13.90 -24.98
CA GLU A 685 8.21 14.21 -26.06
C GLU A 685 8.96 14.46 -27.36
N ILE A 686 10.03 15.26 -27.30
CA ILE A 686 10.80 15.56 -28.51
C ILE A 686 11.45 14.30 -29.05
N HIS A 687 12.03 13.48 -28.17
CA HIS A 687 12.72 12.28 -28.62
C HIS A 687 11.77 11.32 -29.32
N TYR A 688 10.59 11.12 -28.75
CA TYR A 688 9.62 10.23 -29.39
C TYR A 688 8.96 10.87 -30.61
N HIS A 689 9.01 12.20 -30.72
CA HIS A 689 8.55 12.84 -31.96
C HIS A 689 9.57 12.67 -33.08
N THR A 690 10.87 12.62 -32.76
CA THR A 690 11.93 12.47 -33.74
C THR A 690 12.51 11.06 -33.75
N ARG A 691 11.86 10.11 -33.08
CA ARG A 691 12.39 8.76 -33.00
C ARG A 691 12.49 8.11 -34.37
N LEU A 692 11.49 8.32 -35.22
CA LEU A 692 11.47 7.67 -36.53
C LEU A 692 12.63 8.12 -37.42
N GLY A 693 13.22 9.28 -37.14
CA GLY A 693 14.29 9.79 -37.97
C GLY A 693 15.68 9.61 -37.37
N THR A 694 15.76 9.67 -36.04
CA THR A 694 17.03 9.60 -35.35
C THR A 694 17.29 8.18 -34.85
N SER A 695 18.57 7.88 -34.64
CA SER A 695 19.02 6.60 -34.06
C SER A 695 19.83 6.94 -32.82
N THR A 696 19.13 7.16 -31.71
CA THR A 696 19.75 7.56 -30.45
C THR A 696 18.66 7.61 -29.39
N ASP A 697 19.08 7.84 -28.15
CA ASP A 697 18.18 7.97 -27.02
C ASP A 697 18.01 9.43 -26.64
N LYS A 698 17.14 9.69 -25.66
CA LYS A 698 16.90 11.06 -25.23
C LYS A 698 18.17 11.70 -24.69
N ILE A 699 18.97 10.95 -23.94
CA ILE A 699 20.23 11.48 -23.43
C ILE A 699 21.14 11.87 -24.60
N GLY A 700 21.27 10.99 -25.58
CA GLY A 700 22.05 11.32 -26.77
C GLY A 700 21.45 12.46 -27.56
N LEU A 701 20.12 12.53 -27.61
CA LEU A 701 19.46 13.65 -28.29
C LEU A 701 19.83 14.98 -27.64
N ARG A 702 19.82 15.03 -26.31
CA ARG A 702 20.13 16.27 -25.61
C ARG A 702 21.61 16.61 -25.73
N LEU A 703 22.49 15.62 -25.55
CA LEU A 703 23.92 15.91 -25.47
C LEU A 703 24.54 16.20 -26.82
N ASP A 704 24.05 15.57 -27.89
CA ASP A 704 24.71 15.67 -29.19
C ASP A 704 23.84 16.28 -30.27
N TYR A 705 22.57 15.89 -30.37
CA TYR A 705 21.74 16.30 -31.50
C TYR A 705 21.29 17.75 -31.40
N LEU A 706 20.99 18.22 -30.19
CA LEU A 706 20.37 19.53 -30.05
C LEU A 706 21.24 20.68 -30.56
N PRO A 707 22.55 20.72 -30.31
CA PRO A 707 23.35 21.79 -30.92
C PRO A 707 23.31 21.78 -32.44
N THR A 708 23.40 20.60 -33.05
CA THR A 708 23.33 20.52 -34.50
C THR A 708 21.97 20.99 -35.00
N PHE A 709 20.90 20.63 -34.29
CA PHE A 709 19.57 21.10 -34.67
C PHE A 709 19.47 22.62 -34.56
N ARG A 710 20.01 23.18 -33.47
CA ARG A 710 20.05 24.64 -33.36
C ARG A 710 20.78 25.25 -34.55
N LYS A 711 21.81 24.57 -35.04
CA LYS A 711 22.54 25.08 -36.20
C LYS A 711 21.66 25.18 -37.45
N ARG A 712 20.51 24.51 -37.45
CA ARG A 712 19.62 24.51 -38.61
C ARG A 712 18.27 25.18 -38.37
N LEU A 713 17.82 25.29 -37.12
CA LEU A 713 16.49 25.82 -36.80
C LEU A 713 16.52 27.20 -36.17
N LEU A 714 17.67 27.67 -35.71
CA LEU A 714 17.81 29.01 -35.13
C LEU A 714 18.85 29.86 -35.84
N ASP A 715 19.98 29.28 -36.24
CA ASP A 715 21.02 30.05 -36.90
C ASP A 715 20.56 30.70 -38.20
N PRO A 716 19.87 30.00 -39.11
CA PRO A 716 19.54 30.64 -40.39
C PRO A 716 18.51 31.75 -40.29
N PHE A 717 17.78 31.85 -39.18
CA PHE A 717 16.92 33.01 -38.95
C PHE A 717 17.72 34.26 -38.65
N LEU A 718 18.94 34.10 -38.12
CA LEU A 718 19.78 35.24 -37.75
C LEU A 718 20.65 35.74 -38.89
N LYS A 719 20.67 35.04 -40.03
CA LYS A 719 21.48 35.44 -41.17
C LYS A 719 20.65 35.82 -42.37
N GLN A 720 19.72 34.97 -42.78
CA GLN A 720 18.88 35.24 -43.95
C GLN A 720 17.58 35.94 -43.58
N GLY A 721 17.35 36.25 -42.31
CA GLY A 721 16.14 36.93 -41.91
C GLY A 721 14.90 36.07 -42.06
N ALA A 722 13.96 36.52 -42.88
CA ALA A 722 12.72 35.80 -43.12
C ALA A 722 12.80 34.84 -44.30
N ASP A 723 13.94 34.71 -44.94
CA ASP A 723 14.11 33.83 -46.09
C ASP A 723 14.46 32.40 -45.69
N ALA A 724 14.68 32.14 -44.41
CA ALA A 724 15.03 30.81 -43.92
C ALA A 724 13.81 30.03 -43.44
N ILE A 725 12.61 30.58 -43.59
CA ILE A 725 11.42 29.89 -43.10
C ILE A 725 11.23 28.56 -43.83
N SER A 726 11.43 28.55 -45.14
CA SER A 726 11.21 27.33 -45.92
C SER A 726 12.14 26.20 -45.46
N SER A 727 13.42 26.51 -45.25
CA SER A 727 14.35 25.48 -44.82
C SER A 727 13.99 24.94 -43.44
N VAL A 728 13.61 25.84 -42.52
CA VAL A 728 13.24 25.39 -41.17
C VAL A 728 12.01 24.51 -41.24
N ILE A 729 11.02 24.88 -42.06
CA ILE A 729 9.82 24.06 -42.20
C ILE A 729 10.17 22.71 -42.80
N GLU A 730 11.09 22.69 -43.78
CA GLU A 730 11.50 21.42 -44.37
C GLU A 730 12.17 20.52 -43.33
N VAL A 731 13.03 21.10 -42.50
CA VAL A 731 13.66 20.32 -41.43
C VAL A 731 12.60 19.77 -40.47
N MET A 732 11.64 20.61 -40.10
CA MET A 732 10.58 20.17 -39.20
C MET A 732 9.80 19.01 -39.80
N ASP A 733 9.46 19.11 -41.08
CA ASP A 733 8.75 18.03 -41.75
C ASP A 733 9.59 16.76 -41.80
N ASP A 734 10.89 16.89 -42.06
CA ASP A 734 11.76 15.72 -42.11
C ASP A 734 11.84 15.04 -40.74
N TYR A 735 11.81 15.82 -39.66
CA TYR A 735 11.93 15.26 -38.32
C TYR A 735 10.63 15.34 -37.51
N TYR A 736 9.51 15.61 -38.17
CA TYR A 736 8.20 15.59 -37.50
C TYR A 736 8.18 16.50 -36.28
N LEU A 737 8.74 17.69 -36.43
CA LEU A 737 8.84 18.65 -35.34
C LEU A 737 7.75 19.71 -35.47
N THR A 738 7.33 20.25 -34.33
CA THR A 738 6.29 21.27 -34.26
C THR A 738 6.85 22.54 -33.63
N LYS A 739 6.04 23.59 -33.65
CA LYS A 739 6.47 24.87 -33.06
C LYS A 739 6.69 24.73 -31.56
N GLU A 740 5.81 24.01 -30.87
CA GLU A 740 6.02 23.76 -29.45
C GLU A 740 7.31 22.98 -29.22
N ASP A 741 7.59 22.01 -30.09
CA ASP A 741 8.87 21.30 -30.01
C ASP A 741 10.04 22.25 -30.25
N TRP A 742 9.87 23.20 -31.16
CA TRP A 742 10.90 24.20 -31.39
C TRP A 742 11.17 25.00 -30.13
N ASP A 743 10.10 25.48 -29.48
CA ASP A 743 10.27 26.24 -28.24
C ASP A 743 10.95 25.40 -27.17
N SER A 744 10.54 24.15 -27.03
CA SER A 744 11.15 23.28 -26.02
C SER A 744 12.62 23.05 -26.31
N ILE A 745 12.98 22.82 -27.57
CA ILE A 745 14.37 22.55 -27.92
C ILE A 745 15.22 23.79 -27.67
N MET A 746 14.75 24.96 -28.09
CA MET A 746 15.53 26.17 -27.91
C MET A 746 15.65 26.57 -26.44
N GLU A 747 14.82 26.02 -25.57
CA GLU A 747 14.84 26.33 -24.15
C GLU A 747 15.78 25.43 -23.36
N PHE A 748 16.31 24.36 -23.98
CA PHE A 748 17.18 23.43 -23.27
C PHE A 748 18.59 23.99 -23.06
N PHE A 749 19.09 24.79 -24.00
CA PHE A 749 20.49 25.18 -23.99
C PHE A 749 20.83 25.99 -22.74
N VAL A 750 22.07 25.82 -22.27
CA VAL A 750 22.58 26.50 -21.09
C VAL A 750 23.95 27.07 -21.42
N GLY A 751 24.59 27.67 -20.41
CA GLY A 751 25.92 28.22 -20.56
C GLY A 751 25.93 29.42 -21.48
N PRO A 752 27.00 29.61 -22.25
CA PRO A 752 27.07 30.76 -23.15
C PRO A 752 26.19 30.64 -24.39
N ASP A 753 25.47 29.53 -24.55
CA ASP A 753 24.59 29.32 -25.69
C ASP A 753 23.12 29.52 -25.34
N VAL A 754 22.82 30.44 -24.42
CA VAL A 754 21.44 30.77 -24.11
C VAL A 754 20.77 31.39 -25.33
N THR A 755 19.50 31.05 -25.55
CA THR A 755 18.76 31.51 -26.73
C THR A 755 17.64 32.48 -26.40
N THR A 756 17.42 32.79 -25.12
CA THR A 756 16.33 33.70 -24.77
C THR A 756 16.56 35.09 -25.38
N ALA A 757 17.74 35.67 -25.16
CA ALA A 757 18.03 36.99 -25.70
C ALA A 757 18.05 36.96 -27.22
N ILE A 758 18.64 35.92 -27.81
CA ILE A 758 18.70 35.83 -29.27
C ILE A 758 17.31 35.72 -29.84
N ILE A 759 16.44 34.89 -29.25
CA ILE A 759 15.07 34.76 -29.74
C ILE A 759 14.33 36.08 -29.59
N LYS A 760 14.50 36.75 -28.46
CA LYS A 760 13.79 38.01 -28.24
C LYS A 760 14.22 39.06 -29.24
N LYS A 761 15.52 39.12 -29.56
CA LYS A 761 16.02 40.10 -30.51
C LYS A 761 15.58 39.82 -31.94
N ILE A 762 15.03 38.63 -32.22
CA ILE A 762 14.57 38.36 -33.58
C ILE A 762 13.45 39.32 -33.93
N PRO A 763 13.42 39.90 -35.14
CA PRO A 763 12.33 40.82 -35.48
C PRO A 763 10.97 40.12 -35.39
N ALA A 764 9.97 40.87 -34.93
CA ALA A 764 8.63 40.31 -34.79
C ALA A 764 8.05 39.91 -36.14
N THR A 765 8.41 40.63 -37.21
CA THR A 765 7.89 40.29 -38.53
C THR A 765 8.33 38.90 -38.95
N VAL A 766 9.59 38.55 -38.69
CA VAL A 766 10.08 37.23 -39.07
C VAL A 766 9.30 36.14 -38.34
N LYS A 767 9.10 36.32 -37.03
CA LYS A 767 8.36 35.33 -36.25
C LYS A 767 6.92 35.21 -36.73
N SER A 768 6.28 36.35 -37.01
CA SER A 768 4.91 36.32 -37.49
C SER A 768 4.82 35.59 -38.83
N GLY A 769 5.75 35.87 -39.74
CA GLY A 769 5.75 35.18 -41.02
C GLY A 769 5.98 33.69 -40.87
N PHE A 770 6.89 33.30 -39.97
CA PHE A 770 7.13 31.88 -39.72
C PHE A 770 5.88 31.21 -39.18
N THR A 771 5.20 31.85 -38.24
CA THR A 771 3.98 31.28 -37.69
C THR A 771 2.90 31.15 -38.77
N ARG A 772 2.75 32.18 -39.59
CA ARG A 772 1.75 32.11 -40.66
C ARG A 772 2.06 31.00 -41.65
N LYS A 773 3.34 30.85 -42.02
CA LYS A 773 3.72 29.78 -42.92
C LYS A 773 3.45 28.41 -42.30
N TYR A 774 3.77 28.25 -41.02
CA TYR A 774 3.54 26.98 -40.34
C TYR A 774 2.06 26.65 -40.30
N ASN A 775 1.22 27.64 -40.02
CA ASN A 775 -0.22 27.43 -39.89
C ASN A 775 -0.94 27.42 -41.24
N SER A 776 -0.24 27.71 -42.34
CA SER A 776 -0.86 27.77 -43.66
C SER A 776 -0.66 26.50 -44.48
N MET A 777 -0.06 25.46 -43.90
CA MET A 777 0.18 24.22 -44.62
C MET A 777 0.00 23.04 -43.67
N THR A 778 -0.20 21.86 -44.27
CA THR A 778 -0.33 20.63 -43.52
C THR A 778 1.03 20.05 -43.22
N HIS A 779 1.14 19.39 -42.06
CA HIS A 779 2.38 18.77 -41.63
C HIS A 779 2.12 17.33 -41.25
N PRO A 780 3.10 16.45 -41.47
CA PRO A 780 2.94 15.05 -41.04
C PRO A 780 3.02 14.92 -39.53
N VAL A 781 2.42 13.86 -39.01
CA VAL A 781 2.37 13.58 -37.58
C VAL A 781 3.03 12.22 -37.34
N ALA A 782 3.94 12.17 -36.36
CA ALA A 782 4.66 10.94 -36.08
C ALA A 782 3.83 10.01 -35.19
N ILE A 783 3.33 10.51 -34.08
CA ILE A 783 2.56 9.73 -33.12
C ILE A 783 1.11 10.20 -33.17
N TYR A 784 0.19 9.24 -33.28
CA TYR A 784 -1.23 9.53 -33.40
C TYR A 784 -1.91 9.28 -32.05
N ARG A 785 -2.75 10.23 -31.63
CA ARG A 785 -3.45 10.15 -30.34
C ARG A 785 -2.45 10.01 -29.19
N THR A 786 -1.59 11.02 -29.06
CA THR A 786 -0.59 11.05 -28.01
C THR A 786 -1.24 11.06 -26.63
N THR B 4 -10.18 -28.16 36.17
CA THR B 4 -8.91 -27.68 35.62
C THR B 4 -9.14 -26.53 34.63
N LEU B 5 -10.38 -26.06 34.54
CA LEU B 5 -10.73 -24.98 33.63
C LEU B 5 -11.26 -23.74 34.37
N SER B 6 -11.09 -23.68 35.69
CA SER B 6 -11.54 -22.55 36.50
C SER B 6 -10.34 -21.64 36.72
N LEU B 7 -10.24 -20.58 35.91
CA LEU B 7 -9.11 -19.67 36.02
C LEU B 7 -9.22 -18.81 37.27
N GLN B 8 -8.08 -18.50 37.87
CA GLN B 8 -7.99 -17.61 39.02
C GLN B 8 -7.63 -16.21 38.55
N LEU B 9 -8.32 -15.22 39.12
CA LEU B 9 -8.11 -13.84 38.69
C LEU B 9 -6.67 -13.42 38.98
N PRO B 10 -5.95 -12.87 38.00
CA PRO B 10 -4.59 -12.42 38.26
C PRO B 10 -4.57 -11.29 39.28
N TRP B 11 -3.46 -11.22 40.03
CA TRP B 11 -3.33 -10.20 41.07
C TRP B 11 -3.35 -8.78 40.51
N VAL B 12 -3.04 -8.61 39.22
CA VAL B 12 -3.12 -7.28 38.62
C VAL B 12 -4.55 -6.76 38.66
N GLU B 13 -5.52 -7.63 38.32
CA GLU B 13 -6.92 -7.25 38.37
C GLU B 13 -7.53 -7.48 39.76
N LYS B 14 -7.10 -8.54 40.47
CA LYS B 14 -7.65 -8.80 41.79
C LYS B 14 -7.35 -7.67 42.75
N TYR B 15 -6.13 -7.13 42.70
CA TYR B 15 -5.70 -6.07 43.60
C TYR B 15 -5.61 -4.72 42.90
N ARG B 16 -6.37 -4.56 41.82
CA ARG B 16 -6.43 -3.27 41.16
C ARG B 16 -7.07 -2.26 42.11
N PRO B 17 -6.42 -1.12 42.41
CA PRO B 17 -7.00 -0.18 43.35
C PRO B 17 -8.38 0.28 42.92
N GLN B 18 -9.28 0.40 43.89
CA GLN B 18 -10.62 0.92 43.67
C GLN B 18 -10.84 2.28 44.30
N VAL B 19 -9.93 2.75 45.14
CA VAL B 19 -9.99 4.07 45.75
C VAL B 19 -8.68 4.79 45.51
N LEU B 20 -8.73 6.12 45.48
CA LEU B 20 -7.54 6.90 45.17
C LEU B 20 -6.47 6.79 46.25
N SER B 21 -6.83 6.32 47.45
CA SER B 21 -5.86 6.18 48.52
C SER B 21 -4.98 4.94 48.39
N ASP B 22 -5.34 4.01 47.51
CA ASP B 22 -4.56 2.80 47.30
C ASP B 22 -3.55 2.94 46.17
N ILE B 23 -3.46 4.11 45.54
CA ILE B 23 -2.53 4.33 44.44
C ILE B 23 -1.23 4.89 45.01
N VAL B 24 -0.11 4.27 44.65
CA VAL B 24 1.20 4.67 45.14
C VAL B 24 1.92 5.47 44.06
N GLY B 25 2.78 6.38 44.50
CA GLY B 25 3.52 7.22 43.57
C GLY B 25 2.73 8.44 43.13
N ASN B 26 3.47 9.44 42.67
CA ASN B 26 2.89 10.71 42.22
C ASN B 26 1.95 11.26 43.29
N LYS B 27 2.52 11.50 44.47
CA LYS B 27 1.71 11.87 45.62
C LYS B 27 0.93 13.15 45.38
N GLU B 28 1.59 14.18 44.85
CA GLU B 28 0.92 15.46 44.69
C GLU B 28 -0.29 15.33 43.77
N THR B 29 -0.14 14.60 42.67
CA THR B 29 -1.25 14.44 41.74
C THR B 29 -2.39 13.64 42.36
N ILE B 30 -2.06 12.60 43.13
CA ILE B 30 -3.10 11.78 43.73
C ILE B 30 -3.89 12.58 44.76
N ASP B 31 -3.21 13.36 45.60
CA ASP B 31 -3.92 14.22 46.54
C ASP B 31 -4.74 15.29 45.82
N ARG B 32 -4.21 15.84 44.73
CA ARG B 32 -5.01 16.80 43.97
C ARG B 32 -6.28 16.15 43.42
N LEU B 33 -6.16 14.94 42.88
CA LEU B 33 -7.33 14.24 42.37
C LEU B 33 -8.33 13.95 43.48
N GLN B 34 -7.83 13.54 44.65
CA GLN B 34 -8.73 13.28 45.78
C GLN B 34 -9.45 14.56 46.19
N GLN B 35 -8.74 15.68 46.24
CA GLN B 35 -9.36 16.94 46.61
C GLN B 35 -10.41 17.37 45.58
N ILE B 36 -10.11 17.19 44.29
CA ILE B 36 -11.09 17.52 43.26
C ILE B 36 -12.34 16.65 43.41
N ALA B 37 -12.13 15.35 43.65
CA ALA B 37 -13.27 14.45 43.81
C ALA B 37 -14.11 14.85 45.01
N LYS B 38 -13.47 15.20 46.13
CA LYS B 38 -14.21 15.61 47.32
C LYS B 38 -14.99 16.90 47.06
N ASP B 39 -14.34 17.89 46.45
CA ASP B 39 -14.95 19.19 46.23
C ASP B 39 -15.68 19.30 44.90
N GLY B 40 -15.58 18.29 44.04
CA GLY B 40 -16.26 18.35 42.76
C GLY B 40 -15.58 19.29 41.79
N ASN B 41 -16.32 19.65 40.74
CA ASN B 41 -15.84 20.55 39.70
C ASN B 41 -14.57 20.01 39.06
N MET B 42 -14.70 18.83 38.45
CA MET B 42 -13.57 18.18 37.80
C MET B 42 -13.33 18.84 36.44
N PRO B 43 -12.16 19.42 36.20
CA PRO B 43 -11.89 20.05 34.90
C PRO B 43 -11.41 19.04 33.87
N HIS B 44 -11.38 19.49 32.62
CA HIS B 44 -10.81 18.69 31.55
C HIS B 44 -9.34 18.43 31.84
N MET B 45 -8.92 17.17 31.71
CA MET B 45 -7.56 16.79 32.07
C MET B 45 -6.98 15.84 31.04
N ILE B 46 -5.66 15.86 30.93
CA ILE B 46 -4.88 14.93 30.11
C ILE B 46 -3.79 14.35 30.99
N ILE B 47 -3.78 13.03 31.16
CA ILE B 47 -2.83 12.33 32.01
C ILE B 47 -1.89 11.54 31.12
N SER B 48 -0.60 11.82 31.26
CA SER B 48 0.44 11.21 30.44
C SER B 48 1.47 10.51 31.32
N GLY B 49 2.09 9.48 30.76
CA GLY B 49 3.10 8.74 31.48
C GLY B 49 3.39 7.42 30.79
N MET B 50 4.41 6.74 31.31
CA MET B 50 4.83 5.47 30.75
C MET B 50 3.85 4.36 31.13
N PRO B 51 3.85 3.25 30.38
CA PRO B 51 2.89 2.18 30.66
C PRO B 51 3.05 1.60 32.06
N GLY B 52 1.93 1.14 32.61
CA GLY B 52 1.94 0.44 33.88
C GLY B 52 2.34 1.27 35.08
N ILE B 53 1.81 2.48 35.20
CA ILE B 53 2.06 3.33 36.36
C ILE B 53 0.79 3.72 37.09
N GLY B 54 -0.39 3.43 36.54
CA GLY B 54 -1.64 3.69 37.23
C GLY B 54 -2.39 4.91 36.75
N LYS B 55 -2.46 5.11 35.44
CA LYS B 55 -3.23 6.21 34.87
C LYS B 55 -4.69 5.80 34.65
N THR B 56 -4.91 4.67 33.99
CA THR B 56 -6.27 4.18 33.79
C THR B 56 -6.94 3.92 35.13
N THR B 57 -6.22 3.29 36.07
CA THR B 57 -6.76 3.07 37.40
C THR B 57 -7.11 4.39 38.08
N SER B 58 -6.23 5.38 37.97
CA SER B 58 -6.48 6.67 38.61
C SER B 58 -7.75 7.31 38.06
N VAL B 59 -7.90 7.35 36.73
CA VAL B 59 -9.06 7.99 36.15
C VAL B 59 -10.33 7.21 36.50
N HIS B 60 -10.27 5.87 36.46
CA HIS B 60 -11.44 5.09 36.80
C HIS B 60 -11.86 5.31 38.26
N CYS B 61 -10.90 5.32 39.17
CA CYS B 61 -11.21 5.57 40.58
C CYS B 61 -11.79 6.96 40.77
N LEU B 62 -11.22 7.96 40.10
CA LEU B 62 -11.75 9.32 40.21
C LEU B 62 -13.20 9.38 39.74
N ALA B 63 -13.48 8.79 38.58
CA ALA B 63 -14.84 8.81 38.05
C ALA B 63 -15.81 8.07 38.97
N HIS B 64 -15.40 6.90 39.47
CA HIS B 64 -16.27 6.13 40.35
C HIS B 64 -16.58 6.91 41.62
N GLU B 65 -15.55 7.47 42.26
CA GLU B 65 -15.78 8.21 43.49
C GLU B 65 -16.65 9.44 43.24
N LEU B 66 -16.42 10.13 42.13
CA LEU B 66 -17.19 11.33 41.84
C LEU B 66 -18.66 11.01 41.59
N LEU B 67 -18.94 9.95 40.82
CA LEU B 67 -20.30 9.71 40.34
C LEU B 67 -21.10 8.73 41.19
N GLY B 68 -20.47 8.04 42.14
CA GLY B 68 -21.25 7.18 43.02
C GLY B 68 -22.01 6.13 42.24
N ARG B 69 -23.33 6.10 42.45
CA ARG B 69 -24.19 5.11 41.79
C ARG B 69 -24.54 5.50 40.36
N SER B 70 -24.27 6.73 39.95
CA SER B 70 -24.57 7.20 38.61
C SER B 70 -23.44 6.91 37.63
N TYR B 71 -22.51 6.01 37.98
CA TYR B 71 -21.39 5.72 37.09
C TYR B 71 -21.86 5.13 35.78
N ALA B 72 -22.84 4.23 35.82
CA ALA B 72 -23.28 3.56 34.60
C ALA B 72 -23.84 4.54 33.59
N ASP B 73 -24.65 5.49 34.04
CA ASP B 73 -25.33 6.43 33.15
C ASP B 73 -24.58 7.75 32.96
N GLY B 74 -23.48 7.95 33.68
CA GLY B 74 -22.78 9.22 33.61
C GLY B 74 -21.37 9.13 33.07
N VAL B 75 -20.92 7.93 32.74
CA VAL B 75 -19.56 7.70 32.25
C VAL B 75 -19.64 7.10 30.85
N LEU B 76 -18.92 7.73 29.91
CA LEU B 76 -18.79 7.22 28.55
C LEU B 76 -17.31 6.92 28.32
N GLU B 77 -16.97 5.64 28.25
CA GLU B 77 -15.59 5.19 28.14
C GLU B 77 -15.34 4.66 26.74
N LEU B 78 -14.34 5.23 26.06
CA LEU B 78 -13.93 4.79 24.73
C LEU B 78 -12.43 4.60 24.71
N ASN B 79 -11.98 3.52 24.07
CA ASN B 79 -10.56 3.20 24.02
C ASN B 79 -10.15 2.78 22.61
N ALA B 80 -8.89 2.38 22.44
CA ALA B 80 -8.40 2.00 21.12
C ALA B 80 -9.08 0.75 20.57
N SER B 81 -9.69 -0.06 21.43
CA SER B 81 -10.38 -1.26 20.97
C SER B 81 -11.78 -0.98 20.46
N ASP B 82 -12.25 0.25 20.54
CA ASP B 82 -13.56 0.66 20.05
C ASP B 82 -13.40 1.65 18.90
N ASP B 83 -14.46 1.76 18.10
CA ASP B 83 -14.45 2.69 16.97
C ASP B 83 -14.48 4.12 17.48
N ARG B 84 -13.43 4.87 17.17
CA ARG B 84 -13.29 6.26 17.59
C ARG B 84 -12.99 7.15 16.39
N GLY B 85 -13.74 6.94 15.31
CA GLY B 85 -13.56 7.74 14.11
C GLY B 85 -14.20 9.12 14.24
N ILE B 86 -14.07 9.89 13.17
CA ILE B 86 -14.63 11.25 13.18
C ILE B 86 -16.14 11.20 13.31
N ASP B 87 -16.79 10.25 12.65
CA ASP B 87 -18.24 10.13 12.77
C ASP B 87 -18.66 9.79 14.20
N VAL B 88 -17.91 8.91 14.86
CA VAL B 88 -18.24 8.56 16.24
C VAL B 88 -18.17 9.80 17.12
N VAL B 89 -17.10 10.57 17.00
CA VAL B 89 -16.95 11.79 17.79
C VAL B 89 -18.08 12.76 17.47
N ARG B 90 -18.44 12.88 16.19
CA ARG B 90 -19.43 13.85 15.78
C ARG B 90 -20.85 13.48 16.20
N ASN B 91 -21.14 12.19 16.39
CA ASN B 91 -22.49 11.76 16.70
C ASN B 91 -22.65 11.25 18.14
N GLN B 92 -21.90 10.22 18.53
CA GLN B 92 -22.13 9.61 19.83
C GLN B 92 -21.67 10.50 20.97
N ILE B 93 -20.48 11.10 20.84
CA ILE B 93 -19.98 11.98 21.88
C ILE B 93 -20.87 13.21 22.01
N LYS B 94 -21.30 13.76 20.89
CA LYS B 94 -22.20 14.91 20.94
C LYS B 94 -23.53 14.55 21.60
N HIS B 95 -24.07 13.37 21.28
CA HIS B 95 -25.31 12.94 21.91
C HIS B 95 -25.14 12.77 23.41
N PHE B 96 -24.01 12.17 23.83
CA PHE B 96 -23.76 12.01 25.26
C PHE B 96 -23.63 13.37 25.95
N ALA B 97 -22.91 14.31 25.32
CA ALA B 97 -22.74 15.63 25.93
C ALA B 97 -24.06 16.36 26.04
N GLN B 98 -24.91 16.27 25.02
CA GLN B 98 -26.21 16.93 25.04
C GLN B 98 -27.25 16.18 25.86
N LYS B 99 -26.93 14.99 26.34
CA LYS B 99 -27.88 14.21 27.13
C LYS B 99 -28.23 14.95 28.41
N LYS B 100 -29.49 14.83 28.82
CA LYS B 100 -29.99 15.41 30.06
C LYS B 100 -29.98 14.33 31.13
N LEU B 101 -29.06 14.46 32.09
CA LEU B 101 -28.95 13.52 33.21
C LEU B 101 -28.92 14.31 34.50
N HIS B 102 -29.87 14.03 35.39
CA HIS B 102 -29.89 14.68 36.69
C HIS B 102 -28.83 14.07 37.59
N LEU B 103 -27.96 14.92 38.13
CA LEU B 103 -26.83 14.51 38.93
C LEU B 103 -26.78 15.37 40.19
N PRO B 104 -26.07 14.92 41.22
CA PRO B 104 -25.88 15.75 42.41
C PRO B 104 -25.30 17.10 42.02
N PRO B 105 -25.46 18.12 42.86
CA PRO B 105 -25.07 19.48 42.44
C PRO B 105 -23.59 19.60 42.09
N GLY B 106 -22.73 18.81 42.72
CA GLY B 106 -21.29 18.96 42.53
C GLY B 106 -20.67 18.01 41.52
N LYS B 107 -21.49 17.33 40.72
CA LYS B 107 -21.01 16.30 39.80
C LYS B 107 -21.31 16.67 38.36
N HIS B 108 -20.61 16.01 37.44
CA HIS B 108 -20.77 16.24 36.01
C HIS B 108 -20.57 14.92 35.28
N LYS B 109 -21.07 14.86 34.06
CA LYS B 109 -20.83 13.69 33.21
C LYS B 109 -19.37 13.62 32.80
N ILE B 110 -18.87 12.40 32.66
CA ILE B 110 -17.46 12.13 32.41
C ILE B 110 -17.32 11.32 31.13
N VAL B 111 -16.39 11.75 30.26
CA VAL B 111 -16.01 11.01 29.07
C VAL B 111 -14.54 10.64 29.22
N ILE B 112 -14.27 9.34 29.21
CA ILE B 112 -12.92 8.82 29.40
C ILE B 112 -12.45 8.26 28.06
N LEU B 113 -11.58 9.00 27.39
CA LEU B 113 -11.00 8.57 26.11
C LEU B 113 -9.61 8.02 26.41
N ASP B 114 -9.56 6.73 26.73
CA ASP B 114 -8.30 6.08 27.04
C ASP B 114 -7.49 5.86 25.76
N GLU B 115 -6.16 5.88 25.91
CA GLU B 115 -5.24 5.69 24.79
C GLU B 115 -5.55 6.69 23.67
N ALA B 116 -5.76 7.94 24.06
CA ALA B 116 -6.12 8.98 23.11
C ALA B 116 -5.00 9.29 22.12
N ASP B 117 -3.77 8.86 22.39
CA ASP B 117 -2.67 9.13 21.47
C ASP B 117 -2.87 8.48 20.11
N SER B 118 -3.71 7.46 20.01
CA SER B 118 -3.97 6.78 18.75
C SER B 118 -5.11 7.40 17.96
N MET B 119 -5.80 8.40 18.52
CA MET B 119 -6.90 9.04 17.81
C MET B 119 -6.37 9.87 16.64
N THR B 120 -7.20 10.00 15.61
CA THR B 120 -6.84 10.77 14.43
C THR B 120 -6.98 12.26 14.72
N ALA B 121 -6.38 13.07 13.84
CA ALA B 121 -6.42 14.52 14.01
C ALA B 121 -7.84 15.07 13.84
N GLY B 122 -8.62 14.49 12.92
CA GLY B 122 -9.96 15.00 12.69
C GLY B 122 -10.85 14.90 13.91
N ALA B 123 -10.80 13.76 14.60
CA ALA B 123 -11.61 13.59 15.81
C ALA B 123 -11.20 14.59 16.88
N GLN B 124 -9.89 14.78 17.07
CA GLN B 124 -9.43 15.75 18.07
C GLN B 124 -9.88 17.16 17.71
N GLN B 125 -9.80 17.52 16.43
CA GLN B 125 -10.26 18.85 16.01
C GLN B 125 -11.75 19.01 16.25
N ALA B 126 -12.54 17.98 15.95
CA ALA B 126 -13.98 18.06 16.14
C ALA B 126 -14.37 18.11 17.62
N LEU B 127 -13.55 17.53 18.50
CA LEU B 127 -13.87 17.51 19.93
C LEU B 127 -13.78 18.88 20.58
N ARG B 128 -13.09 19.84 19.95
CA ARG B 128 -12.78 21.10 20.63
C ARG B 128 -14.04 21.82 21.08
N ARG B 129 -14.89 22.20 20.12
CA ARG B 129 -16.12 22.91 20.49
C ARG B 129 -17.09 22.02 21.26
N THR B 130 -17.01 20.71 21.09
CA THR B 130 -17.85 19.82 21.88
C THR B 130 -17.53 19.96 23.37
N MET B 131 -16.24 19.97 23.72
CA MET B 131 -15.87 20.23 25.10
C MET B 131 -16.18 21.67 25.51
N GLU B 132 -15.92 22.63 24.63
CA GLU B 132 -16.08 24.03 25.01
C GLU B 132 -17.53 24.36 25.33
N LEU B 133 -18.46 23.99 24.44
CA LEU B 133 -19.85 24.41 24.60
C LEU B 133 -20.52 23.69 25.76
N TYR B 134 -20.30 22.39 25.90
CA TYR B 134 -20.99 21.58 26.90
C TYR B 134 -20.12 21.32 28.13
N SER B 135 -19.28 22.28 28.51
CA SER B 135 -18.44 22.12 29.69
C SER B 135 -19.22 22.21 31.00
N ASN B 136 -20.47 22.67 30.96
CA ASN B 136 -21.27 22.79 32.16
C ASN B 136 -21.94 21.48 32.58
N SER B 137 -21.92 20.46 31.73
CA SER B 137 -22.57 19.19 32.04
C SER B 137 -21.61 18.03 31.86
N THR B 138 -20.69 18.12 30.89
CA THR B 138 -19.77 17.04 30.55
C THR B 138 -18.33 17.52 30.67
N ARG B 139 -17.47 16.63 31.17
CA ARG B 139 -16.05 16.90 31.31
C ARG B 139 -15.25 15.77 30.69
N PHE B 140 -14.06 16.08 30.22
CA PHE B 140 -13.24 15.17 29.42
C PHE B 140 -11.95 14.84 30.15
N ALA B 141 -11.64 13.54 30.23
CA ALA B 141 -10.41 13.06 30.83
C ALA B 141 -9.73 12.12 29.85
N PHE B 142 -8.57 12.54 29.33
CA PHE B 142 -7.80 11.74 28.39
C PHE B 142 -6.65 11.06 29.12
N ALA B 143 -6.36 9.82 28.72
CA ALA B 143 -5.21 9.08 29.23
C ALA B 143 -4.37 8.66 28.03
N CYS B 144 -3.10 9.08 28.02
CA CYS B 144 -2.22 8.82 26.89
C CYS B 144 -0.84 8.42 27.40
N ASN B 145 -0.09 7.74 26.53
CA ASN B 145 1.29 7.40 26.82
C ASN B 145 2.27 8.46 26.30
N GLN B 146 2.02 8.98 25.11
CA GLN B 146 2.81 10.05 24.53
C GLN B 146 1.95 11.31 24.45
N SER B 147 2.40 12.38 25.10
CA SER B 147 1.63 13.62 25.12
C SER B 147 1.75 14.41 23.83
N ASN B 148 2.76 14.13 23.00
CA ASN B 148 2.94 14.86 21.75
C ASN B 148 1.94 14.46 20.67
N LYS B 149 1.21 13.36 20.86
CA LYS B 149 0.24 12.92 19.87
C LYS B 149 -1.10 13.64 19.99
N ILE B 150 -1.28 14.47 21.01
CA ILE B 150 -2.51 15.23 21.21
C ILE B 150 -2.29 16.63 20.68
N ILE B 151 -3.25 17.13 19.88
CA ILE B 151 -3.10 18.43 19.26
C ILE B 151 -3.03 19.52 20.33
N GLU B 152 -2.35 20.61 19.98
CA GLU B 152 -2.15 21.70 20.94
C GLU B 152 -3.47 22.27 21.47
N PRO B 153 -4.50 22.51 20.65
CA PRO B 153 -5.75 23.07 21.21
C PRO B 153 -6.34 22.22 22.32
N LEU B 154 -6.30 20.89 22.18
CA LEU B 154 -6.86 20.03 23.22
C LEU B 154 -6.08 20.16 24.52
N GLN B 155 -4.74 20.24 24.43
CA GLN B 155 -3.94 20.45 25.63
C GLN B 155 -4.23 21.81 26.25
N SER B 156 -4.49 22.83 25.42
CA SER B 156 -4.82 24.15 25.95
C SER B 156 -6.11 24.10 26.76
N ARG B 157 -7.11 23.36 26.28
CA ARG B 157 -8.40 23.26 26.97
C ARG B 157 -8.37 22.33 28.17
N CYS B 158 -7.29 21.60 28.38
CA CYS B 158 -7.20 20.59 29.42
C CYS B 158 -6.03 20.88 30.36
N ALA B 159 -6.18 20.48 31.61
CA ALA B 159 -5.06 20.47 32.54
C ALA B 159 -4.09 19.36 32.17
N ILE B 160 -2.86 19.47 32.67
CA ILE B 160 -1.79 18.54 32.36
C ILE B 160 -1.40 17.79 33.62
N LEU B 161 -1.36 16.47 33.55
CA LEU B 161 -0.93 15.62 34.67
C LEU B 161 0.08 14.62 34.11
N ARG B 162 1.37 14.93 34.28
CA ARG B 162 2.45 14.07 33.81
C ARG B 162 2.90 13.18 34.96
N TYR B 163 2.49 11.90 34.90
CA TYR B 163 2.86 10.96 35.94
C TYR B 163 4.36 10.67 35.87
N SER B 164 4.98 10.59 37.04
CA SER B 164 6.41 10.31 37.14
C SER B 164 6.64 8.81 37.26
N LYS B 165 7.91 8.42 37.37
CA LYS B 165 8.24 7.01 37.45
C LYS B 165 8.12 6.55 38.89
N LEU B 166 7.53 5.38 39.09
CA LEU B 166 7.31 4.86 40.43
C LEU B 166 8.65 4.61 41.12
N SER B 167 8.81 5.17 42.31
CA SER B 167 10.05 4.98 43.06
C SER B 167 10.14 3.56 43.61
N ASP B 168 11.35 3.16 43.97
CA ASP B 168 11.56 1.83 44.53
C ASP B 168 10.77 1.64 45.82
N GLU B 169 10.70 2.69 46.65
CA GLU B 169 10.01 2.57 47.93
C GLU B 169 8.52 2.31 47.75
N ASP B 170 7.88 3.00 46.80
CA ASP B 170 6.44 2.81 46.60
C ASP B 170 6.13 1.41 46.10
N VAL B 171 6.88 0.94 45.10
CA VAL B 171 6.68 -0.42 44.60
C VAL B 171 6.93 -1.43 45.70
N LEU B 172 7.97 -1.21 46.50
CA LEU B 172 8.28 -2.13 47.58
C LEU B 172 7.13 -2.18 48.60
N LYS B 173 6.58 -1.01 48.95
CA LYS B 173 5.49 -0.96 49.91
C LYS B 173 4.26 -1.68 49.38
N ARG B 174 3.92 -1.45 48.11
CA ARG B 174 2.79 -2.16 47.52
C ARG B 174 3.03 -3.66 47.53
N LEU B 175 4.28 -4.08 47.28
CA LEU B 175 4.61 -5.50 47.31
C LEU B 175 4.42 -6.08 48.71
N LEU B 176 4.87 -5.36 49.75
CA LEU B 176 4.64 -5.87 51.10
C LEU B 176 3.16 -5.98 51.39
N GLN B 177 2.38 -4.98 50.99
CA GLN B 177 0.94 -5.02 51.27
C GLN B 177 0.30 -6.22 50.60
N ILE B 178 0.61 -6.45 49.31
CA ILE B 178 -0.01 -7.56 48.59
C ILE B 178 0.47 -8.90 49.13
N ILE B 179 1.75 -8.99 49.51
CA ILE B 179 2.26 -10.23 50.08
C ILE B 179 1.57 -10.53 51.40
N LYS B 180 1.40 -9.52 52.25
CA LYS B 180 0.71 -9.72 53.52
C LYS B 180 -0.73 -10.16 53.27
N LEU B 181 -1.40 -9.55 52.30
CA LEU B 181 -2.76 -9.96 51.99
C LEU B 181 -2.81 -11.42 51.51
N GLU B 182 -1.86 -11.82 50.68
CA GLU B 182 -1.82 -13.18 50.14
C GLU B 182 -1.06 -14.15 51.02
N ASP B 183 -0.37 -13.68 52.06
CA ASP B 183 0.42 -14.55 52.94
C ASP B 183 1.46 -15.33 52.13
N VAL B 184 2.38 -14.59 51.53
CA VAL B 184 3.42 -15.14 50.66
C VAL B 184 4.74 -15.13 51.42
N LYS B 185 5.44 -16.25 51.39
CA LYS B 185 6.75 -16.36 52.02
C LYS B 185 7.80 -15.75 51.08
N TYR B 186 8.53 -14.76 51.58
CA TYR B 186 9.45 -14.00 50.75
C TYR B 186 10.74 -13.72 51.50
N THR B 187 11.75 -13.32 50.76
CA THR B 187 13.02 -12.88 51.30
C THR B 187 13.38 -11.51 50.71
N ASN B 188 14.22 -10.77 51.42
CA ASN B 188 14.56 -9.42 50.99
C ASN B 188 15.22 -9.43 49.61
N ASP B 189 16.16 -10.36 49.39
CA ASP B 189 16.87 -10.40 48.12
C ASP B 189 15.93 -10.65 46.97
N GLY B 190 14.94 -11.53 47.16
CA GLY B 190 13.97 -11.78 46.10
C GLY B 190 13.18 -10.55 45.73
N LEU B 191 12.72 -9.81 46.73
CA LEU B 191 11.98 -8.57 46.45
C LEU B 191 12.87 -7.55 45.76
N GLU B 192 14.12 -7.43 46.19
CA GLU B 192 15.04 -6.50 45.52
C GLU B 192 15.22 -6.89 44.06
N ALA B 193 15.39 -8.19 43.79
CA ALA B 193 15.55 -8.63 42.41
C ALA B 193 14.29 -8.34 41.59
N ILE B 194 13.11 -8.57 42.18
CA ILE B 194 11.87 -8.31 41.48
C ILE B 194 11.75 -6.84 41.11
N ILE B 195 12.06 -5.96 42.07
CA ILE B 195 11.97 -4.53 41.80
C ILE B 195 13.01 -4.11 40.76
N PHE B 196 14.22 -4.68 40.85
CA PHE B 196 15.27 -4.34 39.89
C PHE B 196 14.87 -4.74 38.47
N THR B 197 14.26 -5.92 38.32
CA THR B 197 13.81 -6.36 37.00
C THR B 197 12.56 -5.61 36.53
N ALA B 198 11.75 -5.10 37.46
CA ALA B 198 10.53 -4.40 37.07
C ALA B 198 10.85 -3.09 36.35
N GLU B 199 11.92 -2.40 36.77
CA GLU B 199 12.30 -1.12 36.18
C GLU B 199 11.17 -0.10 36.29
N GLY B 200 10.50 -0.09 37.43
CA GLY B 200 9.44 0.87 37.69
C GLY B 200 8.08 0.49 37.16
N ASP B 201 7.95 -0.66 36.47
CA ASP B 201 6.67 -1.11 35.95
C ASP B 201 5.98 -1.96 37.02
N MET B 202 4.92 -1.41 37.62
CA MET B 202 4.22 -2.15 38.67
C MET B 202 3.58 -3.42 38.12
N ARG B 203 3.00 -3.36 36.92
CA ARG B 203 2.33 -4.53 36.37
C ARG B 203 3.31 -5.68 36.18
N GLN B 204 4.50 -5.39 35.65
CA GLN B 204 5.50 -6.43 35.48
C GLN B 204 5.95 -6.98 36.82
N ALA B 205 6.09 -6.11 37.83
CA ALA B 205 6.46 -6.57 39.16
C ALA B 205 5.42 -7.53 39.73
N ILE B 206 4.14 -7.18 39.58
CA ILE B 206 3.07 -8.07 40.06
C ILE B 206 3.10 -9.39 39.30
N ASN B 207 3.29 -9.33 37.98
CA ASN B 207 3.34 -10.56 37.20
C ASN B 207 4.48 -11.46 37.65
N ASN B 208 5.67 -10.87 37.87
CA ASN B 208 6.81 -11.66 38.33
C ASN B 208 6.56 -12.23 39.72
N LEU B 209 5.98 -11.43 40.62
CA LEU B 209 5.71 -11.89 41.97
C LEU B 209 4.70 -13.02 41.99
N GLN B 210 3.72 -13.00 41.09
CA GLN B 210 2.78 -14.12 41.00
C GLN B 210 3.43 -15.35 40.38
N SER B 211 4.15 -15.18 39.27
CA SER B 211 4.80 -16.31 38.63
C SER B 211 5.72 -17.03 39.59
N THR B 212 6.55 -16.27 40.31
CA THR B 212 7.19 -16.81 41.50
C THR B 212 6.13 -17.05 42.57
N VAL B 213 6.34 -18.08 43.37
CA VAL B 213 5.34 -18.57 44.33
C VAL B 213 4.32 -19.43 43.58
N ALA B 214 3.83 -18.96 42.43
CA ALA B 214 2.98 -19.80 41.61
C ALA B 214 3.74 -20.95 40.97
N GLY B 215 5.07 -20.87 40.94
CA GLY B 215 5.87 -21.90 40.30
C GLY B 215 6.93 -22.51 41.20
N HIS B 216 7.35 -21.79 42.25
CA HIS B 216 8.41 -22.25 43.12
C HIS B 216 8.09 -22.13 44.61
N GLY B 217 7.04 -21.41 44.99
CA GLY B 217 6.64 -21.34 46.39
C GLY B 217 7.26 -20.18 47.15
N LEU B 218 8.59 -20.17 47.28
CA LEU B 218 9.29 -19.18 48.08
C LEU B 218 10.04 -18.22 47.17
N VAL B 219 10.11 -16.96 47.57
CA VAL B 219 10.70 -15.90 46.76
C VAL B 219 12.13 -15.68 47.22
N ASN B 220 13.08 -15.83 46.29
CA ASN B 220 14.48 -15.52 46.54
C ASN B 220 15.09 -15.01 45.24
N ALA B 221 16.37 -14.64 45.30
CA ALA B 221 17.05 -14.14 44.11
C ALA B 221 17.12 -15.21 43.03
N ASP B 222 17.47 -16.44 43.40
CA ASP B 222 17.59 -17.50 42.40
C ASP B 222 16.26 -17.84 41.78
N ASN B 223 15.20 -17.93 42.59
CA ASN B 223 13.88 -18.28 42.06
C ASN B 223 13.39 -17.22 41.09
N VAL B 224 13.59 -15.94 41.42
CA VAL B 224 13.15 -14.87 40.53
C VAL B 224 13.99 -14.86 39.25
N PHE B 225 15.30 -15.05 39.38
CA PHE B 225 16.18 -14.92 38.23
C PHE B 225 16.11 -16.11 37.28
N LYS B 226 15.73 -17.30 37.77
CA LYS B 226 15.64 -18.46 36.89
C LYS B 226 14.45 -18.37 35.95
N ILE B 227 13.46 -17.53 36.26
CA ILE B 227 12.32 -17.32 35.39
C ILE B 227 12.32 -15.91 34.78
N VAL B 228 12.78 -14.90 35.50
CA VAL B 228 12.87 -13.53 35.01
C VAL B 228 14.31 -13.23 34.69
N ASP B 229 14.59 -12.87 33.43
CA ASP B 229 15.93 -12.53 33.00
C ASP B 229 16.21 -11.05 33.25
N SER B 230 17.47 -10.74 33.49
CA SER B 230 17.86 -9.35 33.68
C SER B 230 17.62 -8.58 32.39
N PRO B 231 17.20 -7.31 32.46
CA PRO B 231 16.95 -6.56 31.22
C PRO B 231 18.19 -6.52 30.35
N HIS B 232 18.00 -6.87 29.07
CA HIS B 232 19.12 -6.91 28.13
C HIS B 232 19.72 -5.54 27.85
N PRO B 233 18.99 -4.41 28.01
CA PRO B 233 19.66 -3.11 27.83
C PRO B 233 20.84 -2.92 28.75
N LEU B 234 20.74 -3.40 30.00
CA LEU B 234 21.87 -3.27 30.92
C LEU B 234 23.07 -4.10 30.44
N ILE B 235 22.81 -5.31 29.94
CA ILE B 235 23.90 -6.14 29.43
C ILE B 235 24.53 -5.49 28.21
N VAL B 236 23.71 -4.88 27.35
CA VAL B 236 24.24 -4.21 26.17
C VAL B 236 25.10 -3.02 26.58
N LYS B 237 24.65 -2.24 27.57
CA LYS B 237 25.44 -1.12 28.05
C LYS B 237 26.76 -1.61 28.63
N LYS B 238 26.72 -2.70 29.39
CA LYS B 238 27.95 -3.27 29.96
C LYS B 238 28.91 -3.71 28.86
N MET B 239 28.38 -4.35 27.81
CA MET B 239 29.21 -4.78 26.70
C MET B 239 29.83 -3.58 25.98
N LEU B 240 29.06 -2.52 25.77
CA LEU B 240 29.56 -1.35 25.05
C LEU B 240 30.56 -0.57 25.87
N LEU B 241 30.53 -0.68 27.19
CA LEU B 241 31.45 0.04 28.07
C LEU B 241 32.63 -0.80 28.52
N ALA B 242 32.80 -1.99 27.95
CA ALA B 242 33.90 -2.85 28.33
C ALA B 242 35.24 -2.19 28.01
N SER B 243 36.19 -2.29 28.95
CA SER B 243 37.49 -1.67 28.75
C SER B 243 38.24 -2.32 27.58
N ASN B 244 38.18 -3.64 27.47
CA ASN B 244 38.89 -4.38 26.44
C ASN B 244 37.90 -5.06 25.50
N LEU B 245 38.38 -5.30 24.27
CA LEU B 245 37.54 -5.98 23.28
C LEU B 245 37.19 -7.40 23.70
N GLU B 246 38.11 -8.09 24.36
CA GLU B 246 37.86 -9.46 24.77
C GLU B 246 36.68 -9.54 25.72
N ASP B 247 36.59 -8.62 26.68
CA ASP B 247 35.47 -8.63 27.61
C ASP B 247 34.15 -8.40 26.90
N SER B 248 34.11 -7.46 25.95
CA SER B 248 32.88 -7.20 25.21
C SER B 248 32.48 -8.41 24.38
N ILE B 249 33.45 -9.06 23.73
CA ILE B 249 33.14 -10.24 22.93
C ILE B 249 32.62 -11.36 23.83
N GLN B 250 33.24 -11.55 24.99
CA GLN B 250 32.77 -12.60 25.90
C GLN B 250 31.35 -12.31 26.38
N ILE B 251 31.07 -11.05 26.72
CA ILE B 251 29.72 -10.69 27.17
C ILE B 251 28.71 -10.96 26.06
N LEU B 252 29.03 -10.54 24.84
CA LEU B 252 28.11 -10.75 23.73
C LEU B 252 27.87 -12.23 23.50
N ARG B 253 28.92 -13.05 23.56
CA ARG B 253 28.77 -14.47 23.28
C ARG B 253 27.98 -15.17 24.37
N THR B 254 28.24 -14.83 25.64
CA THR B 254 27.67 -15.59 26.74
C THR B 254 26.27 -15.11 27.09
N ASP B 255 26.09 -13.79 27.26
CA ASP B 255 24.85 -13.25 27.77
C ASP B 255 23.83 -12.89 26.69
N LEU B 256 24.27 -12.72 25.43
CA LEU B 256 23.38 -12.30 24.36
C LEU B 256 23.21 -13.36 23.29
N TRP B 257 24.29 -13.83 22.67
CA TRP B 257 24.14 -14.74 21.54
C TRP B 257 23.71 -16.13 21.99
N LYS B 258 24.33 -16.65 23.05
CA LYS B 258 24.02 -18.01 23.50
C LYS B 258 22.74 -18.09 24.31
N LYS B 259 22.13 -16.96 24.67
CA LYS B 259 20.89 -16.95 25.41
C LYS B 259 19.65 -16.88 24.50
N GLY B 260 19.84 -16.83 23.19
CA GLY B 260 18.75 -16.84 22.24
C GLY B 260 18.35 -15.49 21.69
N TYR B 261 18.97 -14.40 22.17
CA TYR B 261 18.62 -13.08 21.67
C TYR B 261 19.03 -12.93 20.20
N SER B 262 18.16 -12.31 19.42
CA SER B 262 18.40 -12.14 18.00
C SER B 262 19.36 -10.98 17.76
N SER B 263 20.03 -11.03 16.60
CA SER B 263 20.98 -9.98 16.25
C SER B 263 20.29 -8.64 16.06
N ILE B 264 19.11 -8.63 15.45
CA ILE B 264 18.40 -7.37 15.22
C ILE B 264 18.05 -6.72 16.55
N ASP B 265 17.57 -7.50 17.52
CA ASP B 265 17.27 -6.95 18.83
C ASP B 265 18.53 -6.40 19.49
N ILE B 266 19.65 -7.13 19.36
CA ILE B 266 20.90 -6.69 19.97
C ILE B 266 21.34 -5.35 19.39
N VAL B 267 21.28 -5.22 18.06
CA VAL B 267 21.75 -3.99 17.43
C VAL B 267 20.81 -2.83 17.76
N THR B 268 19.50 -3.09 17.81
CA THR B 268 18.57 -2.03 18.19
C THR B 268 18.80 -1.57 19.62
N THR B 269 19.01 -2.50 20.54
CA THR B 269 19.29 -2.14 21.92
C THR B 269 20.59 -1.37 22.04
N SER B 270 21.61 -1.77 21.27
CA SER B 270 22.86 -1.03 21.26
C SER B 270 22.65 0.39 20.75
N PHE B 271 21.83 0.55 19.70
CA PHE B 271 21.52 1.88 19.19
C PHE B 271 20.88 2.74 20.28
N ARG B 272 19.88 2.19 20.98
CA ARG B 272 19.22 2.97 22.03
C ARG B 272 20.20 3.33 23.15
N VAL B 273 20.99 2.36 23.60
CA VAL B 273 21.91 2.59 24.70
C VAL B 273 22.93 3.67 24.34
N THR B 274 23.50 3.59 23.13
CA THR B 274 24.41 4.62 22.69
C THR B 274 23.70 5.96 22.56
N LYS B 275 22.41 5.95 22.21
CA LYS B 275 21.64 7.18 22.15
C LYS B 275 21.52 7.82 23.52
N ASN B 276 21.44 7.01 24.58
CA ASN B 276 21.24 7.50 25.93
C ASN B 276 22.42 7.16 26.83
N LEU B 277 23.63 7.39 26.35
CA LEU B 277 24.85 7.23 27.15
C LEU B 277 25.38 8.62 27.48
N ALA B 278 25.18 9.06 28.72
CA ALA B 278 25.60 10.39 29.13
C ALA B 278 27.12 10.45 29.36
N GLN B 279 27.71 9.39 29.92
CA GLN B 279 29.12 9.42 30.27
C GLN B 279 30.00 9.62 29.04
N VAL B 280 29.59 9.11 27.89
CA VAL B 280 30.39 9.20 26.68
C VAL B 280 30.19 10.57 26.03
N LYS B 281 31.24 11.04 25.35
CA LYS B 281 31.16 12.33 24.66
C LYS B 281 30.22 12.23 23.47
N GLU B 282 29.63 13.38 23.11
CA GLU B 282 28.62 13.40 22.06
C GLU B 282 29.20 12.98 20.72
N SER B 283 30.41 13.43 20.39
CA SER B 283 31.01 13.06 19.11
C SER B 283 31.29 11.56 19.04
N VAL B 284 31.84 10.99 20.12
CA VAL B 284 32.09 9.56 20.15
C VAL B 284 30.78 8.79 20.05
N ARG B 285 29.74 9.28 20.72
CA ARG B 285 28.43 8.65 20.63
C ARG B 285 27.92 8.69 19.20
N LEU B 286 28.14 9.79 18.49
CA LEU B 286 27.68 9.90 17.11
C LEU B 286 28.43 8.91 16.21
N GLU B 287 29.74 8.78 16.41
CA GLU B 287 30.50 7.79 15.63
C GLU B 287 30.01 6.37 15.92
N MET B 288 29.78 6.04 17.19
CA MET B 288 29.28 4.71 17.52
C MET B 288 27.89 4.50 16.92
N ILE B 289 27.06 5.54 16.89
CA ILE B 289 25.74 5.44 16.29
C ILE B 289 25.88 5.18 14.79
N LYS B 290 26.82 5.85 14.13
CA LYS B 290 27.04 5.60 12.71
C LYS B 290 27.45 4.15 12.46
N GLU B 291 28.37 3.63 13.27
CA GLU B 291 28.81 2.24 13.10
C GLU B 291 27.65 1.28 13.36
N ILE B 292 26.86 1.54 14.40
CA ILE B 292 25.74 0.67 14.72
C ILE B 292 24.69 0.72 13.61
N GLY B 293 24.50 1.89 13.00
CA GLY B 293 23.58 1.99 11.88
C GLY B 293 24.08 1.22 10.67
N LEU B 294 25.39 1.27 10.41
CA LEU B 294 25.93 0.45 9.34
C LEU B 294 25.69 -1.03 9.59
N THR B 295 25.93 -1.48 10.83
CA THR B 295 25.69 -2.87 11.18
C THR B 295 24.22 -3.23 11.05
N HIS B 296 23.33 -2.32 11.47
CA HIS B 296 21.90 -2.57 11.35
C HIS B 296 21.47 -2.69 9.90
N MET B 297 22.00 -1.81 9.03
CA MET B 297 21.67 -1.90 7.62
C MET B 297 22.17 -3.22 7.03
N ARG B 298 23.38 -3.65 7.43
CA ARG B 298 23.88 -4.94 6.97
C ARG B 298 22.98 -6.08 7.42
N ILE B 299 22.53 -6.05 8.68
CA ILE B 299 21.70 -7.11 9.21
C ILE B 299 20.36 -7.14 8.49
N LEU B 300 19.74 -5.98 8.26
CA LEU B 300 18.45 -5.93 7.61
C LEU B 300 18.50 -6.52 6.19
N GLU B 301 19.67 -6.53 5.56
CA GLU B 301 19.80 -7.09 4.22
C GLU B 301 19.84 -8.61 4.22
N GLY B 302 20.05 -9.24 5.37
CA GLY B 302 20.01 -10.70 5.46
C GLY B 302 21.15 -11.30 6.25
N VAL B 303 22.25 -10.57 6.40
CA VAL B 303 23.44 -11.11 7.08
C VAL B 303 23.27 -10.79 8.56
N GLY B 304 22.49 -11.65 9.24
CA GLY B 304 22.35 -11.57 10.68
C GLY B 304 23.27 -12.52 11.40
N THR B 305 24.58 -12.34 11.26
CA THR B 305 25.56 -13.26 11.81
C THR B 305 26.30 -12.63 12.98
N TYR B 306 26.78 -13.51 13.87
CA TYR B 306 27.56 -13.06 15.01
C TYR B 306 28.86 -12.39 14.56
N LEU B 307 29.35 -12.73 13.37
CA LEU B 307 30.55 -12.10 12.84
C LEU B 307 30.34 -10.59 12.67
N GLN B 308 29.18 -10.20 12.17
CA GLN B 308 28.90 -8.78 11.99
C GLN B 308 28.87 -8.04 13.33
N LEU B 309 28.26 -8.65 14.34
CA LEU B 309 28.22 -8.02 15.66
C LEU B 309 29.62 -7.90 16.25
N ALA B 310 30.44 -8.94 16.10
CA ALA B 310 31.80 -8.89 16.59
C ALA B 310 32.60 -7.79 15.87
N SER B 311 32.42 -7.67 14.56
CA SER B 311 33.10 -6.62 13.81
C SER B 311 32.64 -5.25 14.27
N MET B 312 31.34 -5.09 14.53
CA MET B 312 30.84 -3.81 15.03
C MET B 312 31.45 -3.47 16.39
N LEU B 313 31.54 -4.46 17.28
CA LEU B 313 32.17 -4.22 18.57
C LEU B 313 33.64 -3.84 18.42
N ALA B 314 34.35 -4.53 17.52
CA ALA B 314 35.76 -4.20 17.30
C ALA B 314 35.92 -2.79 16.75
N LYS B 315 35.06 -2.40 15.81
CA LYS B 315 35.13 -1.05 15.27
C LYS B 315 34.81 0.00 16.34
N ILE B 316 33.83 -0.29 17.19
CA ILE B 316 33.50 0.65 18.26
C ILE B 316 34.69 0.80 19.21
N HIS B 317 35.33 -0.33 19.55
CA HIS B 317 36.51 -0.26 20.43
C HIS B 317 37.63 0.53 19.77
N LYS B 318 37.85 0.34 18.47
CA LYS B 318 38.87 1.10 17.77
C LYS B 318 38.55 2.60 17.80
N LEU B 319 37.27 2.95 17.61
CA LEU B 319 36.89 4.35 17.64
C LEU B 319 37.15 4.97 19.01
N ASN B 320 36.84 4.23 20.07
CA ASN B 320 37.05 4.71 21.44
C ASN B 320 38.44 4.31 21.95
N ASN B 321 39.47 4.69 21.20
CA ASN B 321 40.85 4.39 21.57
C ASN B 321 41.80 5.43 21.02
N GLU C 6 -3.78 -34.36 6.38
CA GLU C 6 -2.71 -35.09 5.72
C GLU C 6 -3.28 -36.17 4.80
N LYS C 7 -2.40 -36.82 4.05
CA LYS C 7 -2.78 -37.87 3.11
C LYS C 7 -2.11 -39.19 3.49
N ARG C 8 -2.80 -40.29 3.19
CA ARG C 8 -2.29 -41.62 3.47
C ARG C 8 -2.03 -41.77 4.97
N SER C 9 -0.75 -41.81 5.36
CA SER C 9 -0.36 -42.01 6.75
C SER C 9 0.67 -40.95 7.15
N LYS C 10 1.09 -41.00 8.40
CA LYS C 10 2.07 -40.03 8.89
C LYS C 10 3.48 -40.34 8.42
N GLU C 11 3.71 -41.55 7.90
CA GLU C 11 5.04 -41.90 7.40
C GLU C 11 5.42 -41.09 6.17
N ASN C 12 4.45 -40.54 5.45
CA ASN C 12 4.73 -39.70 4.30
C ASN C 12 5.08 -38.27 4.68
N LEU C 13 4.91 -37.89 5.95
CA LEU C 13 5.20 -36.53 6.37
C LEU C 13 6.70 -36.32 6.51
N PRO C 14 7.18 -35.09 6.36
CA PRO C 14 8.59 -34.80 6.62
C PRO C 14 8.92 -35.02 8.09
N TRP C 15 10.19 -35.36 8.35
CA TRP C 15 10.62 -35.62 9.72
C TRP C 15 10.41 -34.42 10.61
N VAL C 16 10.52 -33.20 10.06
CA VAL C 16 10.28 -32.00 10.86
C VAL C 16 8.85 -31.98 11.38
N GLU C 17 7.89 -32.43 10.57
CA GLU C 17 6.49 -32.47 10.97
C GLU C 17 6.07 -33.81 11.55
N LYS C 18 6.71 -34.90 11.13
CA LYS C 18 6.35 -36.23 11.64
C LYS C 18 6.62 -36.32 13.14
N TYR C 19 7.73 -35.75 13.61
CA TYR C 19 8.15 -35.86 15.01
C TYR C 19 7.74 -34.64 15.82
N ARG C 20 6.67 -33.96 15.42
CA ARG C 20 6.20 -32.81 16.19
C ARG C 20 5.64 -33.29 17.52
N PRO C 21 6.08 -32.76 18.66
CA PRO C 21 5.55 -33.22 19.94
C PRO C 21 4.04 -33.01 20.02
N GLU C 22 3.36 -33.98 20.63
CA GLU C 22 1.92 -33.89 20.85
C GLU C 22 1.57 -33.56 22.29
N THR C 23 2.41 -33.94 23.24
CA THR C 23 2.23 -33.65 24.66
C THR C 23 3.41 -32.85 25.18
N LEU C 24 3.28 -32.37 26.42
CA LEU C 24 4.30 -31.49 26.98
C LEU C 24 5.56 -32.24 27.40
N ASP C 25 5.45 -33.52 27.73
CA ASP C 25 6.63 -34.28 28.16
C ASP C 25 7.55 -34.65 27.00
N GLU C 26 7.13 -34.42 25.76
CA GLU C 26 7.96 -34.67 24.59
C GLU C 26 8.78 -33.44 24.18
N VAL C 27 8.67 -32.34 24.92
CA VAL C 27 9.44 -31.14 24.63
C VAL C 27 10.71 -31.18 25.45
N TYR C 28 11.86 -31.06 24.79
CA TYR C 28 13.16 -31.21 25.42
C TYR C 28 13.91 -29.88 25.40
N GLY C 29 14.78 -29.69 26.39
CA GLY C 29 15.62 -28.51 26.47
C GLY C 29 14.99 -27.29 27.11
N GLN C 30 13.74 -27.38 27.55
CA GLN C 30 13.02 -26.27 28.16
C GLN C 30 12.40 -26.73 29.47
N ASN C 31 13.21 -27.39 30.31
CA ASN C 31 12.67 -27.99 31.53
C ASN C 31 12.03 -26.95 32.44
N GLU C 32 12.69 -25.80 32.62
CA GLU C 32 12.15 -24.78 33.51
C GLU C 32 10.80 -24.28 33.01
N VAL C 33 10.72 -23.91 31.73
CA VAL C 33 9.48 -23.38 31.18
C VAL C 33 8.39 -24.45 31.22
N ILE C 34 8.73 -25.68 30.86
CA ILE C 34 7.74 -26.76 30.85
C ILE C 34 7.19 -26.99 32.24
N THR C 35 8.06 -27.06 33.24
CA THR C 35 7.60 -27.27 34.61
C THR C 35 6.73 -26.10 35.07
N THR C 36 7.13 -24.87 34.73
CA THR C 36 6.34 -23.71 35.15
C THR C 36 4.95 -23.75 34.53
N VAL C 37 4.85 -24.05 33.24
CA VAL C 37 3.54 -24.07 32.60
C VAL C 37 2.71 -25.23 33.13
N ARG C 38 3.33 -26.38 33.38
CA ARG C 38 2.60 -27.50 33.95
C ARG C 38 2.02 -27.13 35.31
N LYS C 39 2.82 -26.49 36.17
CA LYS C 39 2.32 -26.07 37.47
C LYS C 39 1.20 -25.04 37.31
N PHE C 40 1.34 -24.12 36.35
CA PHE C 40 0.31 -23.12 36.13
C PHE C 40 -1.02 -23.76 35.74
N VAL C 41 -0.97 -24.76 34.85
CA VAL C 41 -2.20 -25.35 34.32
C VAL C 41 -2.73 -26.42 35.27
N ASP C 42 -1.92 -26.84 36.25
CA ASP C 42 -2.37 -27.83 37.22
C ASP C 42 -3.14 -27.23 38.38
N GLU C 43 -3.07 -25.92 38.60
CA GLU C 43 -3.74 -25.30 39.75
C GLU C 43 -4.52 -24.04 39.37
N GLY C 44 -4.74 -23.79 38.08
CA GLY C 44 -5.70 -22.79 37.64
C GLY C 44 -5.17 -21.38 37.48
N LYS C 45 -3.93 -21.11 37.89
CA LYS C 45 -3.34 -19.77 37.77
C LYS C 45 -2.50 -19.74 36.50
N LEU C 46 -3.17 -19.50 35.38
CA LEU C 46 -2.51 -19.40 34.08
C LEU C 46 -2.54 -17.95 33.62
N PRO C 47 -1.42 -17.21 33.68
CA PRO C 47 -1.43 -15.82 33.21
C PRO C 47 -1.22 -15.70 31.71
N HIS C 48 -1.23 -14.47 31.21
CA HIS C 48 -0.92 -14.25 29.80
C HIS C 48 0.54 -14.55 29.55
N LEU C 49 0.83 -15.25 28.45
CA LEU C 49 2.16 -15.77 28.18
C LEU C 49 2.77 -15.07 26.97
N LEU C 50 4.08 -14.84 27.03
CA LEU C 50 4.85 -14.31 25.91
C LEU C 50 6.07 -15.21 25.74
N PHE C 51 6.00 -16.12 24.77
CA PHE C 51 7.10 -17.04 24.48
C PHE C 51 8.03 -16.38 23.47
N TYR C 52 9.17 -15.92 23.93
CA TYR C 52 10.16 -15.28 23.08
C TYR C 52 11.34 -16.22 22.86
N GLY C 53 11.69 -16.46 21.60
CA GLY C 53 12.79 -17.34 21.30
C GLY C 53 13.15 -17.41 19.83
N PRO C 54 14.33 -17.97 19.54
CA PRO C 54 14.77 -18.10 18.16
C PRO C 54 14.07 -19.25 17.45
N PRO C 55 14.17 -19.33 16.13
CA PRO C 55 13.51 -20.41 15.40
C PRO C 55 14.01 -21.77 15.82
N GLY C 56 13.11 -22.76 15.79
CA GLY C 56 13.47 -24.13 16.06
C GLY C 56 13.63 -24.48 17.52
N THR C 57 13.02 -23.72 18.42
CA THR C 57 13.13 -23.99 19.86
C THR C 57 11.96 -24.80 20.40
N GLY C 58 10.78 -24.70 19.78
CA GLY C 58 9.63 -25.49 20.19
C GLY C 58 8.55 -24.69 20.88
N LYS C 59 8.47 -23.39 20.56
CA LYS C 59 7.44 -22.55 21.17
C LYS C 59 6.05 -22.94 20.68
N THR C 60 5.89 -23.10 19.36
CA THR C 60 4.59 -23.50 18.82
C THR C 60 4.20 -24.88 19.32
N SER C 61 5.14 -25.81 19.34
CA SER C 61 4.85 -27.14 19.86
C SER C 61 4.46 -27.07 21.33
N THR C 62 5.17 -26.26 22.12
CA THR C 62 4.86 -26.14 23.53
C THR C 62 3.46 -25.60 23.75
N ILE C 63 3.09 -24.55 23.03
CA ILE C 63 1.76 -23.96 23.21
C ILE C 63 0.67 -24.92 22.72
N VAL C 64 0.94 -25.65 21.64
CA VAL C 64 -0.03 -26.61 21.15
C VAL C 64 -0.25 -27.71 22.19
N ALA C 65 0.84 -28.21 22.78
CA ALA C 65 0.73 -29.24 23.81
C ALA C 65 -0.01 -28.71 25.04
N LEU C 66 0.27 -27.46 25.43
CA LEU C 66 -0.44 -26.87 26.56
C LEU C 66 -1.93 -26.77 26.28
N ALA C 67 -2.30 -26.35 25.08
CA ALA C 67 -3.72 -26.27 24.72
C ALA C 67 -4.36 -27.65 24.73
N ARG C 68 -3.67 -28.66 24.19
CA ARG C 68 -4.21 -30.00 24.19
C ARG C 68 -4.42 -30.52 25.62
N GLU C 69 -3.45 -30.27 26.50
CA GLU C 69 -3.58 -30.71 27.88
C GLU C 69 -4.73 -29.99 28.58
N ILE C 70 -4.85 -28.69 28.36
CA ILE C 70 -5.88 -27.91 29.04
C ILE C 70 -7.27 -28.33 28.58
N TYR C 71 -7.46 -28.45 27.27
CA TYR C 71 -8.78 -28.71 26.69
C TYR C 71 -9.00 -30.17 26.32
N GLY C 72 -8.00 -30.81 25.72
CA GLY C 72 -8.11 -32.21 25.34
C GLY C 72 -7.97 -32.43 23.85
N LYS C 73 -8.53 -33.53 23.36
CA LYS C 73 -8.42 -33.84 21.92
C LYS C 73 -9.11 -32.78 21.09
N ASN C 74 -10.28 -32.31 21.52
CA ASN C 74 -11.04 -31.31 20.76
C ASN C 74 -10.63 -29.90 21.19
N TYR C 75 -9.33 -29.62 21.04
CA TYR C 75 -8.78 -28.31 21.38
C TYR C 75 -8.82 -27.33 20.23
N SER C 76 -8.87 -27.83 18.98
CA SER C 76 -8.86 -26.92 17.84
C SER C 76 -10.13 -26.08 17.77
N ASN C 77 -11.25 -26.60 18.26
CA ASN C 77 -12.52 -25.91 18.20
C ASN C 77 -12.78 -25.03 19.43
N MET C 78 -11.90 -25.04 20.42
CA MET C 78 -12.06 -24.25 21.63
C MET C 78 -10.99 -23.19 21.80
N VAL C 79 -10.13 -22.97 20.80
CA VAL C 79 -9.09 -21.95 20.85
C VAL C 79 -9.15 -21.16 19.55
N LEU C 80 -8.64 -19.93 19.62
CA LEU C 80 -8.56 -19.03 18.46
C LEU C 80 -7.09 -18.83 18.13
N GLU C 81 -6.62 -19.51 17.08
CA GLU C 81 -5.23 -19.45 16.65
C GLU C 81 -5.12 -18.54 15.44
N LEU C 82 -4.37 -17.44 15.59
CA LEU C 82 -4.13 -16.49 14.51
C LEU C 82 -2.64 -16.34 14.31
N ASN C 83 -2.20 -16.40 13.05
CA ASN C 83 -0.78 -16.31 12.74
C ASN C 83 -0.55 -15.34 11.58
N ALA C 84 0.71 -15.18 11.17
CA ALA C 84 1.04 -14.26 10.08
C ALA C 84 0.37 -14.67 8.77
N SER C 85 0.08 -15.97 8.59
CA SER C 85 -0.58 -16.42 7.37
C SER C 85 -1.99 -15.86 7.24
N ASP C 86 -2.60 -15.44 8.35
CA ASP C 86 -3.94 -14.88 8.35
C ASP C 86 -3.88 -13.36 8.43
N ASP C 87 -4.98 -12.73 8.04
CA ASP C 87 -5.08 -11.27 8.09
C ASP C 87 -5.44 -10.85 9.51
N ARG C 88 -4.55 -10.08 10.14
CA ARG C 88 -4.75 -9.59 11.51
C ARG C 88 -4.55 -8.08 11.49
N GLY C 89 -5.63 -7.36 11.21
CA GLY C 89 -5.63 -5.92 11.19
C GLY C 89 -6.40 -5.32 12.36
N ILE C 90 -6.58 -4.00 12.29
CA ILE C 90 -7.33 -3.30 13.33
C ILE C 90 -8.77 -3.79 13.37
N ASP C 91 -9.39 -3.98 12.21
CA ASP C 91 -10.77 -4.45 12.18
C ASP C 91 -10.89 -5.86 12.73
N VAL C 92 -9.93 -6.74 12.41
CA VAL C 92 -9.98 -8.11 12.89
C VAL C 92 -9.90 -8.11 14.42
N VAL C 93 -8.95 -7.37 14.98
CA VAL C 93 -8.83 -7.29 16.43
C VAL C 93 -10.10 -6.72 17.04
N ARG C 94 -10.65 -5.68 16.41
CA ARG C 94 -11.82 -5.00 16.97
C ARG C 94 -13.02 -5.94 17.03
N ASN C 95 -13.23 -6.75 15.99
CA ASN C 95 -14.45 -7.54 15.88
C ASN C 95 -14.25 -8.99 16.32
N GLN C 96 -13.38 -9.74 15.62
CA GLN C 96 -13.34 -11.18 15.82
C GLN C 96 -12.73 -11.54 17.18
N ILE C 97 -11.60 -10.92 17.51
CA ILE C 97 -10.95 -11.23 18.78
C ILE C 97 -11.82 -10.79 19.95
N LYS C 98 -12.44 -9.61 19.84
CA LYS C 98 -13.31 -9.13 20.91
C LYS C 98 -14.51 -10.05 21.09
N ASP C 99 -15.12 -10.50 19.99
CA ASP C 99 -16.25 -11.41 20.10
C ASP C 99 -15.82 -12.73 20.73
N PHE C 100 -14.66 -13.26 20.31
CA PHE C 100 -14.19 -14.52 20.88
C PHE C 100 -13.93 -14.39 22.37
N ALA C 101 -13.34 -13.27 22.79
CA ALA C 101 -13.02 -13.09 24.20
C ALA C 101 -14.26 -12.81 25.05
N SER C 102 -15.27 -12.17 24.47
CA SER C 102 -16.46 -11.77 25.21
C SER C 102 -17.59 -12.78 25.15
N THR C 103 -17.39 -13.93 24.51
CA THR C 103 -18.43 -14.93 24.32
C THR C 103 -18.05 -16.22 25.02
N ARG C 104 -19.08 -16.94 25.48
CA ARG C 104 -18.87 -18.22 26.16
C ARG C 104 -18.42 -19.29 25.17
N GLN C 105 -18.04 -20.44 25.72
CA GLN C 105 -17.69 -21.59 24.90
C GLN C 105 -18.93 -22.17 24.22
N ILE C 106 -18.69 -23.00 23.21
CA ILE C 106 -19.76 -23.66 22.45
C ILE C 106 -19.83 -25.14 22.80
N PHE C 107 -18.76 -25.88 22.55
CA PHE C 107 -18.81 -27.34 22.69
C PHE C 107 -18.87 -27.75 24.16
N SER C 108 -18.04 -27.16 25.00
CA SER C 108 -17.99 -27.54 26.41
C SER C 108 -17.57 -26.34 27.24
N LYS C 109 -17.88 -26.41 28.54
CA LYS C 109 -17.55 -25.33 29.45
C LYS C 109 -16.04 -25.17 29.58
N GLY C 110 -15.59 -23.93 29.65
CA GLY C 110 -14.18 -23.65 29.78
C GLY C 110 -13.90 -22.20 29.48
N PHE C 111 -12.63 -21.83 29.64
CA PHE C 111 -12.19 -20.48 29.37
C PHE C 111 -11.68 -20.36 27.94
N LYS C 112 -11.67 -19.13 27.43
CA LYS C 112 -11.28 -18.84 26.06
C LYS C 112 -9.77 -18.67 25.98
N LEU C 113 -9.16 -19.29 24.97
CA LEU C 113 -7.72 -19.20 24.73
C LEU C 113 -7.47 -18.64 23.34
N ILE C 114 -6.60 -17.64 23.26
CA ILE C 114 -6.23 -17.01 21.99
C ILE C 114 -4.71 -17.12 21.84
N ILE C 115 -4.27 -17.69 20.72
CA ILE C 115 -2.86 -17.90 20.43
C ILE C 115 -2.50 -17.05 19.22
N LEU C 116 -1.78 -15.96 19.46
CA LEU C 116 -1.33 -15.06 18.39
C LEU C 116 0.11 -15.43 18.04
N ASP C 117 0.26 -16.51 17.27
CA ASP C 117 1.59 -16.95 16.85
C ASP C 117 2.19 -15.95 15.88
N GLU C 118 3.50 -15.74 16.00
CA GLU C 118 4.24 -14.81 15.14
C GLU C 118 3.61 -13.41 15.19
N ALA C 119 3.32 -12.95 16.40
CA ALA C 119 2.70 -11.65 16.58
C ALA C 119 3.64 -10.50 16.27
N ASP C 120 4.94 -10.77 16.11
CA ASP C 120 5.89 -9.71 15.78
C ASP C 120 5.64 -9.10 14.40
N ALA C 121 4.83 -9.75 13.57
CA ALA C 121 4.50 -9.23 12.24
C ALA C 121 3.16 -8.49 12.23
N MET C 122 2.68 -8.05 13.39
CA MET C 122 1.41 -7.35 13.51
C MET C 122 1.64 -5.84 13.58
N THR C 123 0.67 -5.09 13.07
CA THR C 123 0.78 -3.65 13.04
C THR C 123 0.68 -3.08 14.46
N ASN C 124 1.16 -1.83 14.61
CA ASN C 124 1.12 -1.18 15.90
C ASN C 124 -0.30 -0.86 16.34
N ALA C 125 -1.18 -0.53 15.39
CA ALA C 125 -2.56 -0.22 15.73
C ALA C 125 -3.25 -1.43 16.36
N ALA C 126 -3.04 -2.62 15.79
CA ALA C 126 -3.63 -3.82 16.35
C ALA C 126 -3.11 -4.11 17.75
N GLN C 127 -1.80 -3.92 17.94
CA GLN C 127 -1.22 -4.13 19.27
C GLN C 127 -1.78 -3.15 20.29
N ASN C 128 -1.95 -1.89 19.90
CA ASN C 128 -2.55 -0.91 20.79
C ASN C 128 -3.99 -1.29 21.12
N ALA C 129 -4.75 -1.75 20.12
CA ALA C 129 -6.13 -2.13 20.36
C ALA C 129 -6.23 -3.33 21.30
N LEU C 130 -5.31 -4.28 21.17
CA LEU C 130 -5.38 -5.50 21.97
C LEU C 130 -5.19 -5.24 23.47
N ARG C 131 -4.69 -4.07 23.85
CA ARG C 131 -4.40 -3.81 25.26
C ARG C 131 -5.66 -3.89 26.11
N ARG C 132 -6.69 -3.14 25.72
CA ARG C 132 -7.92 -3.14 26.51
C ARG C 132 -8.68 -4.45 26.37
N VAL C 133 -8.58 -5.11 25.21
CA VAL C 133 -9.19 -6.42 25.04
C VAL C 133 -8.59 -7.41 26.04
N ILE C 134 -7.26 -7.36 26.20
CA ILE C 134 -6.59 -8.24 27.15
C ILE C 134 -6.98 -7.87 28.58
N GLU C 135 -6.99 -6.58 28.90
CA GLU C 135 -7.20 -6.15 30.27
C GLU C 135 -8.65 -6.17 30.71
N ARG C 136 -9.60 -6.32 29.78
CA ARG C 136 -11.02 -6.29 30.12
C ARG C 136 -11.62 -7.68 30.29
N TYR C 137 -11.23 -8.63 29.45
CA TYR C 137 -11.74 -10.00 29.49
C TYR C 137 -10.74 -10.97 30.14
N THR C 138 -9.90 -10.47 31.04
CA THR C 138 -8.92 -11.33 31.68
C THR C 138 -9.57 -12.41 32.53
N LYS C 139 -10.79 -12.16 33.04
CA LYS C 139 -11.42 -13.12 33.92
C LYS C 139 -11.69 -14.44 33.21
N ASN C 140 -12.13 -14.39 31.96
CA ASN C 140 -12.54 -15.58 31.22
C ASN C 140 -11.68 -15.85 29.99
N THR C 141 -10.71 -14.99 29.67
CA THR C 141 -9.87 -15.16 28.50
C THR C 141 -8.41 -14.96 28.88
N ARG C 142 -7.54 -15.70 28.19
CA ARG C 142 -6.09 -15.59 28.36
C ARG C 142 -5.44 -15.48 27.00
N PHE C 143 -4.31 -14.76 26.95
CA PHE C 143 -3.62 -14.46 25.71
C PHE C 143 -2.21 -15.04 25.73
N CYS C 144 -1.82 -15.68 24.63
CA CYS C 144 -0.47 -16.21 24.45
C CYS C 144 0.08 -15.65 23.15
N VAL C 145 1.26 -15.05 23.23
CA VAL C 145 1.92 -14.43 22.08
C VAL C 145 3.30 -15.06 21.91
N LEU C 146 3.59 -15.51 20.69
CA LEU C 146 4.86 -16.15 20.36
C LEU C 146 5.65 -15.22 19.46
N ALA C 147 6.92 -15.00 19.80
CA ALA C 147 7.75 -14.02 19.10
C ALA C 147 9.18 -14.52 18.96
N ASN C 148 9.82 -14.04 17.89
CA ASN C 148 11.25 -14.24 17.66
C ASN C 148 12.06 -12.96 17.82
N TYR C 149 11.44 -11.80 17.60
CA TYR C 149 12.10 -10.51 17.75
C TYR C 149 11.26 -9.65 18.68
N ALA C 150 11.82 -9.28 19.82
CA ALA C 150 11.09 -8.51 20.82
C ALA C 150 10.94 -7.04 20.44
N HIS C 151 11.79 -6.52 19.57
CA HIS C 151 11.73 -5.10 19.21
C HIS C 151 10.48 -4.76 18.41
N LYS C 152 9.80 -5.77 17.84
CA LYS C 152 8.59 -5.52 17.08
C LYS C 152 7.34 -5.41 17.95
N LEU C 153 7.45 -5.69 19.25
CA LEU C 153 6.32 -5.64 20.16
C LEU C 153 6.32 -4.33 20.93
N THR C 154 5.15 -3.70 21.02
CA THR C 154 5.04 -2.44 21.73
C THR C 154 5.28 -2.64 23.22
N PRO C 155 5.85 -1.65 23.91
CA PRO C 155 6.07 -1.80 25.36
C PRO C 155 4.79 -2.06 26.13
N ALA C 156 3.67 -1.46 25.71
CA ALA C 156 2.41 -1.69 26.41
C ALA C 156 2.00 -3.15 26.35
N LEU C 157 2.14 -3.78 25.18
CA LEU C 157 1.82 -5.20 25.06
C LEU C 157 2.78 -6.04 25.90
N LEU C 158 4.06 -5.70 25.91
CA LEU C 158 5.03 -6.45 26.71
C LEU C 158 4.71 -6.36 28.19
N SER C 159 4.23 -5.20 28.66
CA SER C 159 3.96 -5.02 30.08
C SER C 159 2.85 -5.95 30.57
N ARG C 160 1.92 -6.32 29.70
CA ARG C 160 0.75 -7.10 30.09
C ARG C 160 0.95 -8.60 29.98
N CYS C 161 2.14 -9.06 29.62
CA CYS C 161 2.40 -10.48 29.40
C CYS C 161 3.58 -10.94 30.24
N THR C 162 3.48 -12.16 30.77
CA THR C 162 4.59 -12.77 31.49
C THR C 162 5.56 -13.39 30.49
N ARG C 163 6.83 -13.03 30.59
CA ARG C 163 7.82 -13.38 29.58
C ARG C 163 8.48 -14.72 29.91
N PHE C 164 8.55 -15.60 28.91
CA PHE C 164 9.30 -16.85 28.99
C PHE C 164 10.22 -16.94 27.79
N ARG C 165 11.50 -17.15 28.04
CA ARG C 165 12.52 -17.18 26.99
C ARG C 165 12.90 -18.62 26.68
N PHE C 166 12.91 -18.97 25.40
CA PHE C 166 13.28 -20.29 24.94
C PHE C 166 14.74 -20.26 24.49
N GLN C 167 15.61 -20.90 25.28
CA GLN C 167 17.02 -20.94 24.97
C GLN C 167 17.30 -21.91 23.82
N PRO C 168 18.46 -21.79 23.17
CA PRO C 168 18.84 -22.80 22.18
C PRO C 168 18.92 -24.18 22.83
N LEU C 169 18.55 -25.19 22.05
CA LEU C 169 18.43 -26.54 22.60
C LEU C 169 19.78 -27.01 23.13
N PRO C 170 19.85 -27.50 24.36
CA PRO C 170 21.13 -28.01 24.88
C PRO C 170 21.56 -29.28 24.17
N GLN C 171 22.82 -29.66 24.41
CA GLN C 171 23.39 -30.83 23.76
C GLN C 171 22.64 -32.11 24.13
N GLU C 172 22.33 -32.28 25.42
CA GLU C 172 21.71 -33.51 25.89
C GLU C 172 20.32 -33.70 25.29
N ALA C 173 19.56 -32.62 25.17
CA ALA C 173 18.22 -32.72 24.57
C ALA C 173 18.30 -33.18 23.13
N ILE C 174 19.24 -32.62 22.37
CA ILE C 174 19.39 -33.02 20.97
C ILE C 174 19.84 -34.49 20.89
N GLU C 175 20.74 -34.91 21.77
CA GLU C 175 21.13 -36.32 21.78
C GLU C 175 19.93 -37.22 22.07
N ARG C 176 19.10 -36.84 23.05
CA ARG C 176 17.93 -37.67 23.37
C ARG C 176 16.97 -37.75 22.19
N ARG C 177 16.71 -36.61 21.55
CA ARG C 177 15.81 -36.63 20.39
C ARG C 177 16.40 -37.46 19.25
N ILE C 178 17.72 -37.36 19.03
CA ILE C 178 18.37 -38.15 18.00
C ILE C 178 18.23 -39.63 18.31
N ALA C 179 18.41 -40.02 19.57
CA ALA C 179 18.26 -41.42 19.95
C ALA C 179 16.84 -41.90 19.70
N ASN C 180 15.85 -41.08 20.06
CA ASN C 180 14.46 -41.45 19.81
C ASN C 180 14.20 -41.62 18.32
N VAL C 181 14.73 -40.70 17.50
CA VAL C 181 14.52 -40.80 16.05
C VAL C 181 15.19 -42.04 15.49
N LEU C 182 16.39 -42.37 15.97
CA LEU C 182 17.07 -43.57 15.52
C LEU C 182 16.28 -44.82 15.90
N VAL C 183 15.74 -44.85 17.12
CA VAL C 183 14.93 -45.99 17.53
C VAL C 183 13.71 -46.13 16.64
N HIS C 184 13.04 -45.02 16.35
CA HIS C 184 11.84 -45.08 15.52
C HIS C 184 12.17 -45.52 14.09
N GLU C 185 13.27 -45.01 13.53
CA GLU C 185 13.64 -45.24 12.14
C GLU C 185 14.58 -46.42 11.96
N LYS C 186 14.96 -47.11 13.04
CA LYS C 186 15.89 -48.23 12.97
C LYS C 186 17.16 -47.83 12.20
N LEU C 187 17.86 -46.85 12.76
CA LEU C 187 19.07 -46.32 12.15
C LEU C 187 20.20 -46.29 13.18
N LYS C 188 21.43 -46.32 12.68
CA LYS C 188 22.62 -46.29 13.51
C LYS C 188 23.47 -45.08 13.13
N LEU C 189 23.99 -44.39 14.14
CA LEU C 189 24.78 -43.17 13.96
C LEU C 189 26.08 -43.30 14.74
N SER C 190 27.20 -43.00 14.08
CA SER C 190 28.49 -43.03 14.74
C SER C 190 28.63 -41.85 15.71
N PRO C 191 29.37 -42.02 16.81
CA PRO C 191 29.52 -40.90 17.75
C PRO C 191 30.08 -39.64 17.13
N ASN C 192 31.07 -39.78 16.24
CA ASN C 192 31.62 -38.61 15.57
C ASN C 192 30.58 -37.95 14.69
N ALA C 193 29.75 -38.74 14.02
CA ALA C 193 28.65 -38.18 13.25
C ALA C 193 27.70 -37.40 14.15
N GLU C 194 27.42 -37.92 15.34
CA GLU C 194 26.56 -37.21 16.28
C GLU C 194 27.17 -35.88 16.68
N LYS C 195 28.48 -35.88 17.00
CA LYS C 195 29.13 -34.63 17.39
C LYS C 195 29.09 -33.62 16.26
N ALA C 196 29.35 -34.07 15.03
CA ALA C 196 29.30 -33.16 13.89
C ALA C 196 27.88 -32.60 13.69
N LEU C 197 26.86 -33.46 13.86
CA LEU C 197 25.49 -33.00 13.72
C LEU C 197 25.16 -31.93 14.76
N ILE C 198 25.57 -32.14 16.01
CA ILE C 198 25.33 -31.13 17.04
C ILE C 198 26.08 -29.85 16.71
N GLU C 199 27.34 -29.97 16.27
CA GLU C 199 28.13 -28.78 15.97
C GLU C 199 27.47 -27.95 14.87
N LEU C 200 27.01 -28.61 13.81
CA LEU C 200 26.37 -27.91 12.70
C LEU C 200 24.93 -27.52 13.01
N SER C 201 24.35 -28.03 14.10
CA SER C 201 22.93 -27.81 14.35
C SER C 201 22.66 -26.39 14.84
N ASN C 202 23.52 -25.86 15.71
CA ASN C 202 23.36 -24.52 16.25
C ASN C 202 22.06 -24.38 17.02
N GLY C 203 21.63 -25.47 17.66
CA GLY C 203 20.48 -25.44 18.54
C GLY C 203 19.13 -25.49 17.87
N ASP C 204 19.05 -25.87 16.60
CA ASP C 204 17.80 -25.97 15.86
C ASP C 204 17.49 -27.44 15.60
N MET C 205 16.34 -27.89 16.08
CA MET C 205 15.96 -29.29 15.89
C MET C 205 15.54 -29.58 14.46
N ARG C 206 14.98 -28.58 13.77
CA ARG C 206 14.59 -28.77 12.39
C ARG C 206 15.80 -29.14 11.53
N ARG C 207 16.94 -28.49 11.78
CA ARG C 207 18.16 -28.85 11.07
C ARG C 207 18.57 -30.28 11.37
N VAL C 208 18.46 -30.70 12.63
CA VAL C 208 18.79 -32.08 12.99
C VAL C 208 17.94 -33.04 12.16
N LEU C 209 16.63 -32.82 12.16
CA LEU C 209 15.74 -33.75 11.47
C LEU C 209 15.99 -33.75 9.96
N ASN C 210 16.19 -32.58 9.37
CA ASN C 210 16.41 -32.50 7.93
C ASN C 210 17.71 -33.20 7.55
N VAL C 211 18.79 -32.94 8.30
CA VAL C 211 20.07 -33.56 7.97
C VAL C 211 20.01 -35.06 8.18
N LEU C 212 19.33 -35.51 9.23
CA LEU C 212 19.20 -36.94 9.46
C LEU C 212 18.42 -37.62 8.35
N GLN C 213 17.33 -36.99 7.90
CA GLN C 213 16.56 -37.55 6.79
C GLN C 213 17.39 -37.61 5.52
N SER C 214 18.16 -36.55 5.24
CA SER C 214 19.03 -36.55 4.06
C SER C 214 20.07 -37.65 4.15
N CYS C 215 20.67 -37.83 5.33
CA CYS C 215 21.67 -38.88 5.51
C CYS C 215 21.05 -40.26 5.32
N LYS C 216 19.85 -40.47 5.86
CA LYS C 216 19.18 -41.76 5.66
C LYS C 216 18.91 -42.00 4.18
N ALA C 217 18.46 -40.97 3.46
CA ALA C 217 18.24 -41.12 2.03
C ALA C 217 19.54 -41.38 1.27
N THR C 218 20.66 -40.87 1.80
CA THR C 218 21.94 -41.03 1.12
C THR C 218 22.47 -42.45 1.23
N LEU C 219 22.15 -43.15 2.32
CA LEU C 219 22.69 -44.48 2.53
C LEU C 219 22.25 -45.43 1.42
N ASP C 220 23.17 -46.31 0.99
CA ASP C 220 22.83 -47.30 0.00
C ASP C 220 21.75 -48.25 0.52
N ASN C 221 21.87 -48.69 1.77
CA ASN C 221 20.88 -49.56 2.39
C ASN C 221 20.84 -49.27 3.89
N PRO C 222 19.82 -48.56 4.38
CA PRO C 222 19.81 -48.19 5.80
C PRO C 222 19.75 -49.38 6.75
N ASP C 223 19.38 -50.57 6.27
CA ASP C 223 19.20 -51.70 7.17
C ASP C 223 20.49 -52.05 7.90
N GLU C 224 21.62 -52.06 7.19
CA GLU C 224 22.90 -52.45 7.78
C GLU C 224 24.00 -51.47 7.41
N ASP C 225 23.69 -50.18 7.38
CA ASP C 225 24.68 -49.13 7.14
C ASP C 225 24.62 -48.11 8.26
N GLU C 226 25.79 -47.69 8.73
CA GLU C 226 25.91 -46.74 9.83
C GLU C 226 26.35 -45.39 9.29
N ILE C 227 25.63 -44.33 9.67
CA ILE C 227 25.97 -42.99 9.21
C ILE C 227 27.22 -42.51 9.94
N SER C 228 28.20 -42.04 9.18
CA SER C 228 29.44 -41.51 9.70
C SER C 228 29.55 -40.02 9.39
N ASP C 229 30.60 -39.39 9.95
CA ASP C 229 30.81 -37.96 9.69
C ASP C 229 30.98 -37.68 8.20
N ASP C 230 31.60 -38.61 7.46
CA ASP C 230 31.76 -38.41 6.03
C ASP C 230 30.41 -38.31 5.33
N VAL C 231 29.45 -39.14 5.73
CA VAL C 231 28.12 -39.08 5.12
C VAL C 231 27.48 -37.72 5.39
N ILE C 232 27.57 -37.24 6.62
CA ILE C 232 26.97 -35.95 6.96
C ILE C 232 27.62 -34.84 6.14
N TYR C 233 28.96 -34.86 6.04
CA TYR C 233 29.65 -33.83 5.29
C TYR C 233 29.27 -33.87 3.81
N GLU C 234 29.17 -35.08 3.25
CA GLU C 234 28.77 -35.20 1.85
C GLU C 234 27.37 -34.68 1.62
N CYS C 235 26.44 -35.00 2.52
CA CYS C 235 25.05 -34.55 2.35
C CYS C 235 24.95 -33.04 2.48
N CYS C 236 25.54 -32.48 3.53
CA CYS C 236 25.48 -31.04 3.74
C CYS C 236 26.51 -30.27 2.93
N GLY C 237 27.53 -30.95 2.39
CA GLY C 237 28.57 -30.27 1.66
C GLY C 237 29.47 -29.40 2.51
N ALA C 238 29.39 -29.51 3.83
CA ALA C 238 30.19 -28.66 4.70
C ALA C 238 31.65 -29.11 4.68
N PRO C 239 32.60 -28.20 4.82
CA PRO C 239 34.00 -28.61 4.88
C PRO C 239 34.30 -29.46 6.11
N ARG C 240 35.23 -30.38 5.96
CA ARG C 240 35.67 -31.19 7.07
C ARG C 240 36.60 -30.37 7.97
N PRO C 241 36.65 -30.67 9.28
CA PRO C 241 37.58 -29.96 10.15
C PRO C 241 39.03 -30.09 9.72
N SER C 242 39.41 -31.24 9.19
CA SER C 242 40.80 -31.42 8.73
C SER C 242 41.12 -30.48 7.59
N ASP C 243 40.19 -30.31 6.65
CA ASP C 243 40.41 -29.39 5.54
C ASP C 243 40.57 -27.96 6.04
N LEU C 244 39.72 -27.55 6.98
CA LEU C 244 39.84 -26.20 7.55
C LEU C 244 41.19 -26.01 8.23
N LYS C 245 41.61 -27.01 9.03
CA LYS C 245 42.90 -26.90 9.71
C LYS C 245 44.04 -26.81 8.71
N ALA C 246 44.00 -27.63 7.66
CA ALA C 246 45.06 -27.58 6.65
C ALA C 246 45.09 -26.23 5.94
N VAL C 247 43.92 -25.70 5.58
CA VAL C 247 43.88 -24.42 4.90
C VAL C 247 44.44 -23.31 5.80
N LEU C 248 44.03 -23.31 7.07
CA LEU C 248 44.53 -22.30 7.99
C LEU C 248 46.04 -22.43 8.18
N LYS C 249 46.54 -23.66 8.31
CA LYS C 249 47.97 -23.87 8.47
C LYS C 249 48.73 -23.34 7.26
N SER C 250 48.26 -23.68 6.06
CA SER C 250 48.94 -23.22 4.85
C SER C 250 48.92 -21.70 4.74
N ILE C 251 47.78 -21.08 5.08
CA ILE C 251 47.71 -19.62 5.03
C ILE C 251 48.68 -19.01 6.03
N LEU C 252 48.74 -19.56 7.25
CA LEU C 252 49.52 -18.93 8.31
C LEU C 252 51.02 -19.07 8.05
N GLU C 253 51.48 -20.27 7.71
CA GLU C 253 52.91 -20.53 7.60
C GLU C 253 53.43 -20.56 6.18
N ASP C 254 52.70 -21.15 5.23
CA ASP C 254 53.21 -21.29 3.88
C ASP C 254 53.12 -19.96 3.12
N ASP C 255 53.75 -19.93 1.96
CA ASP C 255 53.85 -18.71 1.16
C ASP C 255 52.57 -18.53 0.33
N TRP C 256 52.56 -17.50 -0.53
CA TRP C 256 51.35 -17.17 -1.27
C TRP C 256 50.98 -18.27 -2.27
N GLY C 257 51.94 -18.68 -3.09
CA GLY C 257 51.62 -19.62 -4.16
C GLY C 257 51.09 -20.94 -3.65
N THR C 258 51.78 -21.53 -2.66
CA THR C 258 51.35 -22.81 -2.14
C THR C 258 50.05 -22.69 -1.34
N ALA C 259 49.86 -21.58 -0.63
CA ALA C 259 48.59 -21.37 0.07
C ALA C 259 47.43 -21.29 -0.92
N HIS C 260 47.61 -20.54 -2.01
CA HIS C 260 46.58 -20.45 -3.03
C HIS C 260 46.30 -21.80 -3.66
N TYR C 261 47.36 -22.56 -3.95
CA TYR C 261 47.18 -23.89 -4.53
C TYR C 261 46.43 -24.80 -3.56
N THR C 262 46.77 -24.76 -2.28
CA THR C 262 46.10 -25.60 -1.30
C THR C 262 44.63 -25.22 -1.18
N LEU C 263 44.33 -23.92 -1.14
CA LEU C 263 42.93 -23.51 -1.05
C LEU C 263 42.14 -23.98 -2.28
N ASN C 264 42.71 -23.78 -3.48
CA ASN C 264 42.01 -24.22 -4.67
C ASN C 264 41.80 -25.73 -4.69
N LYS C 265 42.82 -26.49 -4.31
CA LYS C 265 42.70 -27.95 -4.30
C LYS C 265 41.64 -28.39 -3.29
N VAL C 266 41.64 -27.81 -2.10
CA VAL C 266 40.66 -28.20 -1.09
C VAL C 266 39.26 -27.87 -1.56
N ARG C 267 39.08 -26.69 -2.15
CA ARG C 267 37.74 -26.31 -2.61
C ARG C 267 37.27 -27.19 -3.75
N SER C 268 38.17 -27.56 -4.68
CA SER C 268 37.77 -28.34 -5.84
C SER C 268 37.66 -29.83 -5.55
N ALA C 269 38.25 -30.31 -4.44
CA ALA C 269 38.16 -31.72 -4.12
C ALA C 269 36.72 -32.15 -3.87
N LYS C 270 35.96 -31.34 -3.14
CA LYS C 270 34.58 -31.68 -2.79
C LYS C 270 33.59 -30.56 -3.14
N GLY C 271 34.01 -29.58 -3.93
CA GLY C 271 33.12 -28.48 -4.27
C GLY C 271 32.69 -27.66 -3.08
N LEU C 272 33.62 -27.36 -2.17
CA LEU C 272 33.29 -26.60 -0.97
C LEU C 272 33.03 -25.13 -1.32
N ALA C 273 32.22 -24.49 -0.49
CA ALA C 273 31.88 -23.09 -0.66
C ALA C 273 32.76 -22.22 0.24
N LEU C 274 33.06 -21.01 -0.25
CA LEU C 274 34.00 -20.14 0.46
C LEU C 274 33.41 -19.64 1.78
N ILE C 275 32.11 -19.39 1.83
CA ILE C 275 31.51 -18.83 3.04
C ILE C 275 31.64 -19.80 4.20
N ASP C 276 31.42 -21.09 3.95
CA ASP C 276 31.57 -22.09 5.01
C ASP C 276 33.01 -22.17 5.48
N LEU C 277 33.97 -22.08 4.55
CA LEU C 277 35.37 -22.07 4.94
C LEU C 277 35.69 -20.87 5.82
N ILE C 278 35.17 -19.69 5.45
CA ILE C 278 35.39 -18.50 6.26
C ILE C 278 34.79 -18.66 7.64
N GLU C 279 33.58 -19.22 7.72
CA GLU C 279 32.94 -19.42 9.01
C GLU C 279 33.74 -20.39 9.88
N GLY C 280 34.22 -21.48 9.30
CA GLY C 280 35.03 -22.42 10.05
C GLY C 280 36.34 -21.80 10.52
N ILE C 281 36.98 -21.01 9.67
CA ILE C 281 38.21 -20.34 10.06
C ILE C 281 37.95 -19.36 11.19
N VAL C 282 36.82 -18.65 11.13
CA VAL C 282 36.47 -17.72 12.20
C VAL C 282 36.29 -18.48 13.50
N LYS C 283 35.57 -19.60 13.46
CA LYS C 283 35.38 -20.39 14.68
C LYS C 283 36.70 -20.88 15.23
N ILE C 284 37.60 -21.35 14.36
CA ILE C 284 38.89 -21.85 14.83
C ILE C 284 39.71 -20.72 15.45
N LEU C 285 39.74 -19.56 14.79
CA LEU C 285 40.58 -18.45 15.27
C LEU C 285 39.99 -17.76 16.48
N GLU C 286 38.70 -17.92 16.75
CA GLU C 286 38.12 -17.30 17.94
C GLU C 286 38.74 -17.85 19.22
N ASP C 287 39.31 -19.05 19.18
CA ASP C 287 39.95 -19.65 20.34
C ASP C 287 41.46 -19.40 20.38
N TYR C 288 42.00 -18.65 19.42
CA TYR C 288 43.43 -18.38 19.38
C TYR C 288 43.79 -17.33 20.43
N GLU C 289 44.85 -17.59 21.19
CA GLU C 289 45.31 -16.68 22.24
C GLU C 289 46.23 -15.64 21.61
N LEU C 290 45.60 -14.63 20.99
CA LEU C 290 46.35 -13.56 20.35
C LEU C 290 47.00 -12.66 21.40
N GLN C 291 48.17 -12.12 21.05
CA GLN C 291 48.90 -11.23 21.93
C GLN C 291 48.57 -9.75 21.70
N ASN C 292 47.85 -9.42 20.64
CA ASN C 292 47.53 -8.05 20.31
C ASN C 292 46.04 -7.92 19.98
N GLU C 293 45.51 -6.71 20.13
CA GLU C 293 44.09 -6.49 19.90
C GLU C 293 43.81 -6.06 18.46
N GLU C 294 44.59 -5.13 17.91
CA GLU C 294 44.36 -4.66 16.56
C GLU C 294 44.39 -5.80 15.54
N THR C 295 45.14 -6.87 15.80
CA THR C 295 45.12 -8.01 14.90
C THR C 295 43.72 -8.64 14.85
N ARG C 296 43.11 -8.83 16.01
CA ARG C 296 41.75 -9.36 16.05
C ARG C 296 40.77 -8.38 15.42
N VAL C 297 40.96 -7.09 15.66
CA VAL C 297 40.07 -6.08 15.08
C VAL C 297 40.12 -6.16 13.56
N HIS C 298 41.33 -6.20 13.00
CA HIS C 298 41.48 -6.29 11.55
C HIS C 298 40.88 -7.58 11.01
N LEU C 299 41.16 -8.71 11.68
CA LEU C 299 40.58 -9.97 11.24
C LEU C 299 39.06 -9.88 11.17
N LEU C 300 38.44 -9.42 12.26
CA LEU C 300 36.98 -9.37 12.32
C LEU C 300 36.42 -8.43 11.25
N THR C 301 36.99 -7.23 11.14
CA THR C 301 36.46 -6.25 10.20
C THR C 301 36.59 -6.74 8.77
N LYS C 302 37.77 -7.24 8.39
CA LYS C 302 37.98 -7.68 7.02
C LYS C 302 37.14 -8.90 6.69
N LEU C 303 37.01 -9.84 7.63
CA LEU C 303 36.20 -11.02 7.37
C LEU C 303 34.72 -10.66 7.25
N ALA C 304 34.25 -9.71 8.07
CA ALA C 304 32.87 -9.25 7.94
C ALA C 304 32.65 -8.57 6.60
N ASP C 305 33.61 -7.76 6.16
CA ASP C 305 33.50 -7.12 4.86
C ASP C 305 33.43 -8.17 3.75
N ILE C 306 34.28 -9.19 3.84
CA ILE C 306 34.30 -10.25 2.82
C ILE C 306 32.99 -11.00 2.81
N GLU C 307 32.45 -11.30 3.99
CA GLU C 307 31.16 -12.01 4.06
C GLU C 307 30.05 -11.16 3.46
N TYR C 308 30.04 -9.86 3.75
CA TYR C 308 29.03 -8.98 3.18
C TYR C 308 29.15 -8.94 1.65
N SER C 309 30.37 -8.85 1.14
CA SER C 309 30.57 -8.85 -0.30
C SER C 309 30.10 -10.18 -0.92
N ILE C 310 30.40 -11.29 -0.26
CA ILE C 310 29.98 -12.60 -0.77
C ILE C 310 28.46 -12.69 -0.81
N SER C 311 27.79 -12.14 0.20
CA SER C 311 26.33 -12.20 0.25
C SER C 311 25.69 -11.58 -0.97
N LYS C 312 26.36 -10.63 -1.62
CA LYS C 312 25.86 -9.99 -2.83
C LYS C 312 26.46 -10.58 -4.10
N GLY C 313 27.25 -11.65 -3.98
CA GLY C 313 27.89 -12.25 -5.14
C GLY C 313 29.15 -11.51 -5.55
N GLY C 314 29.74 -11.99 -6.63
CA GLY C 314 30.96 -11.43 -7.18
C GLY C 314 31.92 -12.54 -7.56
N ASN C 315 33.17 -12.14 -7.80
CA ASN C 315 34.20 -13.10 -8.19
C ASN C 315 34.67 -13.88 -6.98
N ASP C 316 34.61 -15.22 -7.08
CA ASP C 316 34.96 -16.07 -5.94
C ASP C 316 36.47 -16.14 -5.73
N GLN C 317 37.24 -16.21 -6.82
CA GLN C 317 38.69 -16.28 -6.69
C GLN C 317 39.24 -15.03 -6.03
N ILE C 318 38.74 -13.86 -6.41
CA ILE C 318 39.19 -12.62 -5.79
C ILE C 318 38.81 -12.61 -4.31
N GLN C 319 37.63 -13.13 -3.97
CA GLN C 319 37.22 -13.18 -2.58
C GLN C 319 38.14 -14.09 -1.76
N GLY C 320 38.50 -15.25 -2.32
CA GLY C 320 39.43 -16.13 -1.61
C GLY C 320 40.80 -15.51 -1.43
N SER C 321 41.32 -14.87 -2.48
CA SER C 321 42.59 -14.18 -2.35
C SER C 321 42.51 -13.08 -1.31
N ALA C 322 41.38 -12.37 -1.26
CA ALA C 322 41.20 -11.34 -0.25
C ALA C 322 41.19 -11.93 1.15
N VAL C 323 40.55 -13.09 1.32
CA VAL C 323 40.54 -13.75 2.63
C VAL C 323 41.97 -14.09 3.05
N ILE C 324 42.74 -14.68 2.13
CA ILE C 324 44.12 -15.05 2.44
C ILE C 324 44.93 -13.81 2.81
N GLY C 325 44.81 -12.75 2.01
CA GLY C 325 45.56 -11.54 2.27
C GLY C 325 45.18 -10.88 3.58
N ALA C 326 43.89 -10.85 3.89
CA ALA C 326 43.43 -10.29 5.14
C ALA C 326 43.98 -11.06 6.33
N ILE C 327 43.93 -12.39 6.26
CA ILE C 327 44.46 -13.19 7.36
C ILE C 327 45.95 -12.93 7.54
N LYS C 328 46.70 -12.92 6.42
CA LYS C 328 48.14 -12.72 6.50
C LYS C 328 48.47 -11.35 7.07
N ALA C 329 47.79 -10.30 6.59
CA ALA C 329 48.05 -8.95 7.08
C ALA C 329 47.70 -8.81 8.56
N SER C 330 46.58 -9.40 8.98
CA SER C 330 46.19 -9.31 10.38
C SER C 330 47.19 -10.03 11.27
N PHE C 331 47.65 -11.21 10.86
CA PHE C 331 48.62 -11.93 11.67
C PHE C 331 50.02 -11.33 11.59
N GLU C 332 50.30 -10.48 10.59
CA GLU C 332 51.57 -9.80 10.54
C GLU C 332 51.79 -8.91 11.76
N ASN C 333 50.70 -8.35 12.31
CA ASN C 333 50.82 -7.48 13.47
C ASN C 333 51.31 -8.19 14.71
N GLU C 334 51.23 -9.53 14.74
CA GLU C 334 51.69 -10.27 15.91
C GLU C 334 53.18 -10.07 16.14
N THR C 335 53.97 -10.09 15.08
CA THR C 335 55.42 -9.91 15.19
C THR C 335 56.02 -10.96 16.13
N LEU D 22 14.37 -29.46 -30.34
CA LEU D 22 14.24 -29.40 -31.78
C LEU D 22 15.31 -28.51 -32.39
N ALA D 23 15.27 -28.34 -33.71
CA ALA D 23 16.24 -27.50 -34.41
C ALA D 23 15.93 -26.02 -34.29
N GLN D 24 14.74 -25.65 -33.80
CA GLN D 24 14.34 -24.26 -33.65
C GLN D 24 14.46 -23.77 -32.21
N GLN D 25 15.36 -24.37 -31.43
CA GLN D 25 15.55 -23.99 -30.04
C GLN D 25 17.03 -23.78 -29.78
N PRO D 26 17.38 -22.88 -28.85
CA PRO D 26 18.78 -22.74 -28.46
C PRO D 26 19.31 -24.01 -27.80
N TRP D 27 20.62 -24.21 -27.93
CA TRP D 27 21.24 -25.41 -27.36
C TRP D 27 21.04 -25.47 -25.85
N VAL D 28 20.99 -24.32 -25.18
CA VAL D 28 20.78 -24.32 -23.73
C VAL D 28 19.42 -24.89 -23.39
N GLU D 29 18.40 -24.55 -24.18
CA GLU D 29 17.06 -25.10 -23.97
C GLU D 29 16.89 -26.47 -24.63
N LYS D 30 17.52 -26.70 -25.78
CA LYS D 30 17.39 -27.98 -26.44
C LYS D 30 17.92 -29.12 -25.60
N TYR D 31 19.07 -28.90 -24.93
CA TYR D 31 19.72 -29.91 -24.11
C TYR D 31 19.42 -29.73 -22.63
N ARG D 32 18.30 -29.11 -22.29
CA ARG D 32 17.91 -29.02 -20.89
C ARG D 32 17.59 -30.41 -20.36
N PRO D 33 18.04 -30.75 -19.14
CA PRO D 33 17.76 -32.09 -18.61
C PRO D 33 16.26 -32.37 -18.56
N LYS D 34 15.91 -33.60 -18.89
CA LYS D 34 14.51 -34.05 -18.83
C LYS D 34 14.24 -34.95 -17.65
N ASN D 35 15.23 -35.72 -17.20
CA ASN D 35 15.11 -36.63 -16.07
C ASN D 35 16.24 -36.34 -15.08
N LEU D 36 16.21 -37.05 -13.95
CA LEU D 36 17.19 -36.84 -12.89
C LEU D 36 18.53 -37.51 -13.17
N ASP D 37 18.62 -38.35 -14.20
CA ASP D 37 19.87 -39.03 -14.51
C ASP D 37 20.80 -38.18 -15.38
N GLU D 38 20.32 -37.06 -15.92
CA GLU D 38 21.15 -36.18 -16.74
C GLU D 38 21.84 -35.10 -15.94
N VAL D 39 21.58 -34.99 -14.64
CA VAL D 39 22.29 -34.06 -13.78
C VAL D 39 23.68 -34.60 -13.52
N THR D 40 24.69 -33.75 -13.69
CA THR D 40 26.07 -34.21 -13.72
C THR D 40 26.75 -34.15 -12.34
N ALA D 41 26.84 -32.95 -11.76
CA ALA D 41 27.67 -32.73 -10.58
C ALA D 41 26.86 -32.37 -9.35
N GLN D 42 25.58 -32.74 -9.31
CA GLN D 42 24.72 -32.50 -8.15
C GLN D 42 24.19 -33.81 -7.59
N ASP D 43 25.07 -34.82 -7.52
CA ASP D 43 24.65 -36.13 -7.04
C ASP D 43 24.25 -36.10 -5.58
N HIS D 44 24.89 -35.27 -4.77
CA HIS D 44 24.61 -35.26 -3.33
C HIS D 44 23.14 -34.97 -3.04
N ALA D 45 22.48 -34.21 -3.90
CA ALA D 45 21.04 -33.95 -3.77
C ALA D 45 20.19 -34.80 -4.71
N VAL D 46 20.72 -35.14 -5.89
CA VAL D 46 19.96 -35.95 -6.83
C VAL D 46 19.69 -37.33 -6.26
N THR D 47 20.66 -37.89 -5.53
CA THR D 47 20.46 -39.20 -4.91
C THR D 47 19.32 -39.14 -3.89
N VAL D 48 19.29 -38.09 -3.06
CA VAL D 48 18.21 -37.95 -2.08
C VAL D 48 16.88 -37.79 -2.79
N LEU D 49 16.84 -36.99 -3.86
CA LEU D 49 15.59 -36.80 -4.59
C LEU D 49 15.11 -38.11 -5.19
N LYS D 50 16.02 -38.90 -5.75
CA LYS D 50 15.64 -40.20 -6.30
C LYS D 50 15.14 -41.14 -5.22
N LYS D 51 15.79 -41.13 -4.05
CA LYS D 51 15.34 -41.99 -2.96
C LYS D 51 13.96 -41.58 -2.47
N THR D 52 13.64 -40.28 -2.52
CA THR D 52 12.32 -39.82 -2.11
C THR D 52 11.22 -40.40 -3.01
N LEU D 53 11.55 -40.82 -4.22
CA LEU D 53 10.55 -41.42 -5.09
C LEU D 53 9.98 -42.69 -4.47
N LYS D 54 10.85 -43.53 -3.91
CA LYS D 54 10.41 -44.76 -3.26
C LYS D 54 10.10 -44.58 -1.78
N SER D 55 10.61 -43.51 -1.15
CA SER D 55 10.31 -43.23 0.23
C SER D 55 9.03 -42.42 0.40
N ALA D 56 8.70 -41.59 -0.57
CA ALA D 56 7.45 -40.82 -0.57
C ALA D 56 7.32 -39.96 0.69
N ASN D 57 8.42 -39.36 1.11
CA ASN D 57 8.44 -38.44 2.24
C ASN D 57 9.26 -37.20 1.90
N LEU D 58 9.02 -36.65 0.72
CA LEU D 58 9.78 -35.50 0.25
C LEU D 58 9.54 -34.30 1.17
N PRO D 59 10.59 -33.71 1.76
CA PRO D 59 10.38 -32.53 2.62
C PRO D 59 10.40 -31.23 1.83
N HIS D 60 10.19 -30.12 2.52
CA HIS D 60 10.33 -28.81 1.90
C HIS D 60 11.79 -28.58 1.52
N MET D 61 12.03 -28.08 0.32
CA MET D 61 13.37 -27.95 -0.23
C MET D 61 13.71 -26.49 -0.49
N LEU D 62 14.98 -26.15 -0.28
CA LEU D 62 15.51 -24.82 -0.54
C LEU D 62 16.78 -24.99 -1.37
N PHE D 63 16.66 -24.80 -2.68
CA PHE D 63 17.76 -24.95 -3.61
C PHE D 63 18.49 -23.63 -3.76
N TYR D 64 19.76 -23.58 -3.35
CA TYR D 64 20.57 -22.38 -3.49
C TYR D 64 21.91 -22.73 -4.11
N GLY D 65 22.45 -21.76 -4.85
CA GLY D 65 23.72 -21.93 -5.51
C GLY D 65 23.99 -20.84 -6.53
N PRO D 66 25.14 -20.89 -7.18
CA PRO D 66 25.47 -19.87 -8.19
C PRO D 66 24.63 -20.04 -9.44
N PRO D 67 24.56 -19.02 -10.29
CA PRO D 67 23.72 -19.12 -11.49
C PRO D 67 24.21 -20.22 -12.42
N GLY D 68 23.27 -20.79 -13.16
CA GLY D 68 23.59 -21.80 -14.16
C GLY D 68 24.13 -23.10 -13.61
N THR D 69 23.53 -23.61 -12.53
CA THR D 69 23.95 -24.88 -11.94
C THR D 69 22.93 -25.99 -12.13
N GLY D 70 21.71 -25.68 -12.54
CA GLY D 70 20.71 -26.70 -12.81
C GLY D 70 19.74 -26.93 -11.67
N LYS D 71 19.22 -25.86 -11.08
CA LYS D 71 18.24 -25.96 -10.00
C LYS D 71 16.82 -26.07 -10.54
N THR D 72 16.42 -25.13 -11.38
CA THR D 72 15.09 -25.20 -11.99
C THR D 72 14.95 -26.45 -12.84
N SER D 73 16.00 -26.79 -13.59
CA SER D 73 15.97 -28.03 -14.36
C SER D 73 15.81 -29.23 -13.44
N THR D 74 16.53 -29.25 -12.32
CA THR D 74 16.45 -30.37 -11.40
C THR D 74 15.04 -30.52 -10.84
N ILE D 75 14.42 -29.41 -10.42
CA ILE D 75 13.10 -29.50 -9.83
C ILE D 75 12.07 -29.88 -10.88
N LEU D 76 12.21 -29.37 -12.11
CA LEU D 76 11.30 -29.77 -13.18
C LEU D 76 11.42 -31.26 -13.47
N ALA D 77 12.65 -31.78 -13.53
CA ALA D 77 12.84 -33.20 -13.77
C ALA D 77 12.25 -34.03 -12.64
N LEU D 78 12.44 -33.58 -11.39
CA LEU D 78 11.87 -34.31 -10.26
C LEU D 78 10.35 -34.34 -10.34
N THR D 79 9.73 -33.19 -10.64
CA THR D 79 8.27 -33.15 -10.74
C THR D 79 7.78 -34.05 -11.87
N LYS D 80 8.48 -34.04 -13.01
CA LYS D 80 8.09 -34.93 -14.11
C LYS D 80 8.17 -36.38 -13.66
N GLU D 81 9.32 -36.81 -13.16
CA GLU D 81 9.49 -38.21 -12.77
C GLU D 81 8.52 -38.61 -11.66
N LEU D 82 8.06 -37.65 -10.86
CA LEU D 82 7.17 -37.98 -9.76
C LEU D 82 5.72 -38.10 -10.22
N TYR D 83 5.25 -37.18 -11.06
CA TYR D 83 3.84 -37.10 -11.40
C TYR D 83 3.49 -37.60 -12.79
N GLY D 84 4.29 -37.28 -13.81
CA GLY D 84 3.95 -37.60 -15.17
C GLY D 84 3.47 -36.38 -15.92
N PRO D 85 3.56 -36.41 -17.25
CA PRO D 85 3.10 -35.26 -18.04
C PRO D 85 1.62 -34.97 -17.87
N ASP D 86 0.83 -35.96 -17.44
CA ASP D 86 -0.60 -35.74 -17.26
C ASP D 86 -0.90 -35.01 -15.96
N LEU D 87 -0.27 -35.44 -14.86
CA LEU D 87 -0.51 -34.86 -13.55
C LEU D 87 0.36 -33.65 -13.26
N MET D 88 1.35 -33.35 -14.12
CA MET D 88 2.21 -32.20 -13.86
C MET D 88 1.41 -30.91 -13.71
N LYS D 89 0.51 -30.64 -14.67
CA LYS D 89 -0.22 -29.38 -14.64
C LYS D 89 -1.10 -29.26 -13.41
N SER D 90 -1.76 -30.37 -13.02
CA SER D 90 -2.71 -30.34 -11.92
C SER D 90 -2.07 -30.50 -10.55
N ARG D 91 -0.79 -30.85 -10.48
CA ARG D 91 -0.12 -31.06 -9.20
C ARG D 91 0.99 -30.07 -8.90
N ILE D 92 1.33 -29.17 -9.82
CA ILE D 92 2.44 -28.22 -9.66
C ILE D 92 1.88 -26.81 -9.75
N LEU D 93 2.28 -25.96 -8.82
CA LEU D 93 2.01 -24.52 -8.89
C LEU D 93 3.35 -23.79 -8.84
N GLU D 94 3.71 -23.13 -9.93
CA GLU D 94 5.00 -22.47 -10.06
C GLU D 94 4.80 -20.96 -10.08
N LEU D 95 5.51 -20.26 -9.19
CA LEU D 95 5.50 -18.81 -9.15
C LEU D 95 6.94 -18.31 -9.18
N ASN D 96 7.21 -17.33 -10.04
CA ASN D 96 8.56 -16.79 -10.17
C ASN D 96 8.53 -15.26 -10.07
N ALA D 97 9.67 -14.62 -10.34
CA ALA D 97 9.78 -13.17 -10.22
C ALA D 97 8.94 -12.43 -11.26
N SER D 98 8.44 -13.11 -12.29
CA SER D 98 7.64 -12.47 -13.32
C SER D 98 6.16 -12.38 -12.94
N ASP D 99 5.78 -12.85 -11.76
CA ASP D 99 4.42 -12.75 -11.27
C ASP D 99 4.41 -12.00 -9.94
N GLU D 100 3.31 -11.28 -9.69
CA GLU D 100 3.17 -10.54 -8.45
C GLU D 100 3.10 -11.52 -7.28
N ARG D 101 3.97 -11.34 -6.30
CA ARG D 101 4.08 -12.22 -5.14
C ARG D 101 4.10 -11.42 -3.85
N GLY D 102 3.16 -10.48 -3.74
CA GLY D 102 3.05 -9.67 -2.54
C GLY D 102 2.45 -10.44 -1.39
N ILE D 103 2.33 -9.75 -0.26
CA ILE D 103 1.80 -10.40 0.95
C ILE D 103 0.37 -10.86 0.72
N SER D 104 -0.45 -10.05 0.04
CA SER D 104 -1.82 -10.46 -0.23
C SER D 104 -1.87 -11.68 -1.12
N ILE D 105 -1.03 -11.72 -2.17
CA ILE D 105 -1.01 -12.87 -3.06
C ILE D 105 -0.60 -14.12 -2.28
N VAL D 106 0.44 -14.01 -1.46
CA VAL D 106 0.89 -15.15 -0.67
C VAL D 106 -0.20 -15.62 0.26
N ARG D 107 -0.92 -14.69 0.88
CA ARG D 107 -1.93 -15.06 1.87
C ARG D 107 -3.18 -15.66 1.22
N GLU D 108 -3.48 -15.28 -0.02
CA GLU D 108 -4.70 -15.76 -0.68
C GLU D 108 -4.44 -16.92 -1.62
N LYS D 109 -3.67 -16.70 -2.68
CA LYS D 109 -3.55 -17.70 -3.74
C LYS D 109 -2.75 -18.91 -3.26
N VAL D 110 -1.59 -18.67 -2.64
CA VAL D 110 -0.77 -19.78 -2.17
C VAL D 110 -1.50 -20.57 -1.08
N LYS D 111 -2.15 -19.87 -0.16
CA LYS D 111 -2.90 -20.55 0.89
C LYS D 111 -4.01 -21.40 0.30
N ASN D 112 -4.78 -20.85 -0.65
CA ASN D 112 -5.87 -21.60 -1.25
C ASN D 112 -5.34 -22.84 -1.97
N PHE D 113 -4.28 -22.70 -2.76
CA PHE D 113 -3.75 -23.84 -3.48
C PHE D 113 -3.21 -24.90 -2.52
N ALA D 114 -2.50 -24.48 -1.47
CA ALA D 114 -1.94 -25.43 -0.53
C ALA D 114 -3.04 -26.19 0.22
N ARG D 115 -4.09 -25.50 0.62
CA ARG D 115 -5.16 -26.13 1.38
C ARG D 115 -6.08 -27.00 0.51
N LEU D 116 -5.95 -26.95 -0.81
CA LEU D 116 -6.76 -27.77 -1.68
C LEU D 116 -6.37 -29.24 -1.59
N THR D 117 -7.31 -30.11 -1.93
CA THR D 117 -7.05 -31.54 -1.98
C THR D 117 -6.27 -31.90 -3.24
N VAL D 118 -5.57 -33.04 -3.19
CA VAL D 118 -4.76 -33.47 -4.32
C VAL D 118 -5.67 -34.01 -5.42
N SER D 119 -5.27 -33.77 -6.66
CA SER D 119 -6.02 -34.27 -7.80
C SER D 119 -5.99 -35.80 -7.84
N LYS D 120 -7.09 -36.38 -8.28
CA LYS D 120 -7.21 -37.83 -8.33
C LYS D 120 -6.41 -38.38 -9.51
N PRO D 121 -5.39 -39.21 -9.28
CA PRO D 121 -4.66 -39.80 -10.41
C PRO D 121 -5.49 -40.81 -11.16
N SER D 122 -5.16 -40.99 -12.43
CA SER D 122 -5.78 -42.01 -13.27
C SER D 122 -5.03 -43.33 -13.14
N LYS D 123 -5.72 -44.42 -13.47
CA LYS D 123 -5.11 -45.74 -13.35
C LYS D 123 -3.82 -45.83 -14.15
N HIS D 124 -3.76 -45.16 -15.30
CA HIS D 124 -2.53 -45.14 -16.08
C HIS D 124 -1.38 -44.54 -15.28
N ASP D 125 -1.63 -43.39 -14.64
CA ASP D 125 -0.60 -42.74 -13.86
C ASP D 125 -0.22 -43.55 -12.63
N LEU D 126 -1.21 -44.08 -11.91
CA LEU D 126 -0.91 -44.93 -10.77
C LEU D 126 -0.18 -46.20 -11.17
N GLU D 127 -0.28 -46.60 -12.43
CA GLU D 127 0.41 -47.80 -12.89
C GLU D 127 1.85 -47.51 -13.28
N ASN D 128 2.09 -46.41 -13.99
CA ASN D 128 3.42 -46.10 -14.50
C ASN D 128 4.15 -45.02 -13.71
N TYR D 129 3.53 -44.43 -12.69
CA TYR D 129 4.20 -43.40 -11.90
C TYR D 129 3.91 -43.60 -10.42
N PRO D 130 4.85 -43.20 -9.55
CA PRO D 130 4.60 -43.34 -8.11
C PRO D 130 3.40 -42.53 -7.63
N CYS D 131 3.15 -41.36 -8.21
CA CYS D 131 2.03 -40.52 -7.82
C CYS D 131 2.03 -40.26 -6.32
N PRO D 132 2.95 -39.46 -5.80
CA PRO D 132 2.95 -39.17 -4.37
C PRO D 132 1.69 -38.43 -3.98
N PRO D 133 1.20 -38.62 -2.73
CA PRO D 133 -0.05 -38.01 -2.29
C PRO D 133 0.08 -36.56 -1.81
N TYR D 134 0.76 -35.74 -2.60
CA TYR D 134 0.88 -34.32 -2.27
C TYR D 134 1.20 -33.54 -3.54
N LYS D 135 0.97 -32.23 -3.46
CA LYS D 135 1.27 -31.31 -4.55
C LYS D 135 2.49 -30.47 -4.19
N ILE D 136 3.05 -29.80 -5.19
CA ILE D 136 4.30 -29.07 -5.04
C ILE D 136 4.08 -27.62 -5.48
N ILE D 137 4.55 -26.69 -4.65
CA ILE D 137 4.57 -25.27 -4.98
C ILE D 137 6.04 -24.86 -5.12
N ILE D 138 6.41 -24.40 -6.31
CA ILE D 138 7.78 -24.02 -6.63
C ILE D 138 7.84 -22.50 -6.67
N LEU D 139 8.50 -21.90 -5.68
CA LEU D 139 8.67 -20.45 -5.60
C LEU D 139 10.07 -20.12 -6.12
N ASP D 140 10.20 -20.05 -7.44
CA ASP D 140 11.48 -19.71 -8.04
C ASP D 140 11.81 -18.24 -7.80
N GLU D 141 13.12 -17.95 -7.76
CA GLU D 141 13.60 -16.59 -7.49
C GLU D 141 13.03 -16.07 -6.18
N ALA D 142 13.02 -16.94 -5.17
CA ALA D 142 12.47 -16.58 -3.87
C ALA D 142 13.25 -15.45 -3.20
N ASP D 143 14.49 -15.21 -3.61
CA ASP D 143 15.29 -14.15 -3.01
C ASP D 143 14.73 -12.76 -3.30
N SER D 144 13.82 -12.63 -4.26
CA SER D 144 13.23 -11.34 -4.61
C SER D 144 11.97 -11.04 -3.81
N MET D 145 11.51 -11.95 -2.96
CA MET D 145 10.31 -11.72 -2.17
C MET D 145 10.63 -10.90 -0.93
N THR D 146 9.67 -10.07 -0.53
CA THR D 146 9.84 -9.23 0.65
C THR D 146 9.77 -10.07 1.92
N ALA D 147 10.36 -9.54 3.00
CA ALA D 147 10.35 -10.24 4.27
C ALA D 147 8.94 -10.44 4.79
N ASP D 148 8.09 -9.41 4.65
CA ASP D 148 6.72 -9.52 5.12
C ASP D 148 5.97 -10.62 4.39
N ALA D 149 6.13 -10.70 3.06
CA ALA D 149 5.49 -11.76 2.29
C ALA D 149 6.04 -13.12 2.68
N GLN D 150 7.36 -13.22 2.91
CA GLN D 150 7.95 -14.48 3.31
C GLN D 150 7.42 -14.97 4.65
N SER D 151 7.23 -14.05 5.60
CA SER D 151 6.77 -14.43 6.93
C SER D 151 5.38 -15.06 6.91
N ALA D 152 4.59 -14.82 5.87
CA ALA D 152 3.24 -15.36 5.79
C ALA D 152 3.20 -16.85 5.46
N LEU D 153 4.28 -17.41 4.94
CA LEU D 153 4.32 -18.81 4.56
C LEU D 153 4.76 -19.72 5.71
N ARG D 154 5.23 -19.16 6.82
CA ARG D 154 5.81 -19.98 7.88
C ARG D 154 4.80 -21.01 8.38
N ARG D 155 3.60 -20.56 8.74
CA ARG D 155 2.56 -21.48 9.17
C ARG D 155 1.87 -22.18 8.02
N THR D 156 1.86 -21.57 6.83
CA THR D 156 1.23 -22.21 5.69
C THR D 156 1.92 -23.51 5.32
N MET D 157 3.25 -23.52 5.30
CA MET D 157 3.97 -24.76 5.00
C MET D 157 3.74 -25.81 6.07
N GLU D 158 3.75 -25.40 7.35
CA GLU D 158 3.64 -26.38 8.43
C GLU D 158 2.24 -26.99 8.50
N THR D 159 1.21 -26.16 8.41
CA THR D 159 -0.16 -26.65 8.59
C THR D 159 -0.54 -27.64 7.51
N TYR D 160 -0.23 -27.33 6.25
CA TYR D 160 -0.61 -28.16 5.11
C TYR D 160 0.56 -28.97 4.57
N SER D 161 1.48 -29.39 5.44
CA SER D 161 2.62 -30.18 4.99
C SER D 161 2.19 -31.54 4.45
N GLY D 162 1.05 -32.06 4.93
CA GLY D 162 0.61 -33.38 4.53
C GLY D 162 -0.05 -33.46 3.17
N VAL D 163 -0.33 -32.32 2.54
CA VAL D 163 -0.98 -32.30 1.23
C VAL D 163 -0.15 -31.48 0.25
N THR D 164 0.75 -30.64 0.76
CA THR D 164 1.52 -29.72 -0.07
C THR D 164 2.96 -29.71 0.38
N ARG D 165 3.88 -29.52 -0.57
CA ARG D 165 5.29 -29.36 -0.31
C ARG D 165 5.80 -28.13 -1.05
N PHE D 166 6.80 -27.49 -0.46
CA PHE D 166 7.29 -26.19 -0.93
C PHE D 166 8.73 -26.33 -1.43
N CYS D 167 8.99 -25.73 -2.59
CA CYS D 167 10.32 -25.67 -3.17
C CYS D 167 10.68 -24.21 -3.40
N LEU D 168 11.69 -23.73 -2.69
CA LEU D 168 12.16 -22.35 -2.81
C LEU D 168 13.52 -22.37 -3.49
N ILE D 169 13.62 -21.70 -4.64
CA ILE D 169 14.85 -21.64 -5.41
C ILE D 169 15.39 -20.22 -5.34
N CYS D 170 16.66 -20.08 -4.96
CA CYS D 170 17.26 -18.77 -4.82
C CYS D 170 18.74 -18.85 -5.18
N ASN D 171 19.32 -17.68 -5.46
CA ASN D 171 20.75 -17.56 -5.72
C ASN D 171 21.53 -17.08 -4.51
N TYR D 172 20.91 -16.25 -3.66
CA TYR D 172 21.54 -15.76 -2.44
C TYR D 172 20.74 -16.30 -1.25
N VAL D 173 21.36 -17.24 -0.52
CA VAL D 173 20.67 -17.85 0.61
C VAL D 173 20.40 -16.86 1.73
N THR D 174 21.18 -15.78 1.82
CA THR D 174 20.98 -14.80 2.88
C THR D 174 19.69 -14.01 2.71
N ARG D 175 19.12 -13.98 1.51
CA ARG D 175 17.88 -13.25 1.26
C ARG D 175 16.66 -13.97 1.82
N ILE D 176 16.80 -15.20 2.26
CA ILE D 176 15.68 -15.96 2.84
C ILE D 176 15.71 -15.81 4.35
N ILE D 177 14.56 -15.47 4.93
CA ILE D 177 14.50 -15.24 6.37
C ILE D 177 14.85 -16.54 7.10
N ASP D 178 15.35 -16.39 8.32
CA ASP D 178 15.80 -17.55 9.09
C ASP D 178 14.71 -18.58 9.32
N PRO D 179 13.47 -18.22 9.69
CA PRO D 179 12.45 -19.25 9.91
C PRO D 179 12.21 -20.14 8.69
N LEU D 180 12.17 -19.55 7.50
CA LEU D 180 11.93 -20.36 6.30
C LEU D 180 13.10 -21.27 6.00
N ALA D 181 14.32 -20.78 6.19
CA ALA D 181 15.49 -21.63 5.99
C ALA D 181 15.49 -22.79 6.97
N SER D 182 15.13 -22.53 8.23
CA SER D 182 15.03 -23.59 9.22
C SER D 182 13.97 -24.61 8.83
N ARG D 183 12.81 -24.14 8.36
CA ARG D 183 11.74 -25.06 7.97
C ARG D 183 12.13 -25.88 6.75
N CYS D 184 12.81 -25.28 5.78
CA CYS D 184 13.18 -25.96 4.55
C CYS D 184 14.49 -26.74 4.73
N SER D 185 14.62 -27.81 3.95
CA SER D 185 15.86 -28.57 3.88
C SER D 185 16.75 -27.94 2.81
N LYS D 186 17.95 -27.55 3.20
CA LYS D 186 18.84 -26.80 2.31
C LYS D 186 19.58 -27.73 1.37
N PHE D 187 19.71 -27.30 0.11
CA PHE D 187 20.45 -28.04 -0.90
C PHE D 187 21.31 -27.05 -1.67
N ARG D 188 22.63 -27.22 -1.57
CA ARG D 188 23.58 -26.34 -2.23
C ARG D 188 24.02 -26.98 -3.55
N PHE D 189 23.94 -26.20 -4.63
CA PHE D 189 24.38 -26.65 -5.94
C PHE D 189 25.80 -26.15 -6.18
N LYS D 190 26.71 -27.08 -6.45
CA LYS D 190 28.12 -26.74 -6.61
C LYS D 190 28.38 -26.15 -8.00
N ALA D 191 29.48 -25.42 -8.10
CA ALA D 191 29.89 -24.84 -9.37
C ALA D 191 30.30 -25.93 -10.35
N LEU D 192 30.02 -25.72 -11.62
CA LEU D 192 30.29 -26.68 -12.68
C LEU D 192 31.59 -26.27 -13.38
N ASP D 193 32.67 -26.97 -13.04
CA ASP D 193 33.99 -26.70 -13.61
C ASP D 193 34.38 -27.86 -14.54
N ALA D 194 35.61 -27.79 -15.07
CA ALA D 194 36.08 -28.79 -16.01
C ALA D 194 36.25 -30.16 -15.39
N SER D 195 36.33 -30.26 -14.06
CA SER D 195 36.55 -31.53 -13.39
C SER D 195 35.27 -32.32 -13.17
N ASN D 196 34.10 -31.71 -13.35
CA ASN D 196 32.84 -32.40 -13.11
C ASN D 196 31.79 -32.19 -14.19
N ALA D 197 31.93 -31.21 -15.07
CA ALA D 197 30.94 -30.93 -16.11
C ALA D 197 31.49 -31.13 -17.51
N ILE D 198 32.69 -31.67 -17.66
CA ILE D 198 33.27 -31.88 -18.98
C ILE D 198 32.47 -32.93 -19.76
N ASP D 199 31.95 -33.95 -19.07
CA ASP D 199 31.25 -35.02 -19.77
C ASP D 199 30.03 -34.51 -20.51
N ARG D 200 29.23 -33.65 -19.87
CA ARG D 200 28.03 -33.14 -20.51
C ARG D 200 28.37 -32.29 -21.73
N LEU D 201 29.38 -31.42 -21.60
CA LEU D 201 29.77 -30.58 -22.73
C LEU D 201 30.29 -31.44 -23.87
N ARG D 202 31.08 -32.47 -23.57
CA ARG D 202 31.57 -33.35 -24.61
C ARG D 202 30.43 -34.08 -25.30
N PHE D 203 29.46 -34.56 -24.52
CA PHE D 203 28.31 -35.24 -25.10
C PHE D 203 27.53 -34.31 -26.03
N ILE D 204 27.33 -33.07 -25.59
CA ILE D 204 26.64 -32.09 -26.44
C ILE D 204 27.43 -31.86 -27.72
N SER D 205 28.75 -31.76 -27.62
CA SER D 205 29.58 -31.54 -28.79
C SER D 205 29.45 -32.69 -29.77
N GLU D 206 29.50 -33.93 -29.28
CA GLU D 206 29.35 -35.08 -30.16
C GLU D 206 27.96 -35.11 -30.80
N GLN D 207 26.93 -34.77 -30.03
CA GLN D 207 25.58 -34.77 -30.58
C GLN D 207 25.45 -33.75 -31.70
N GLU D 208 26.08 -32.59 -31.55
CA GLU D 208 26.05 -31.55 -32.57
C GLU D 208 27.17 -31.69 -33.61
N ASN D 209 27.99 -32.74 -33.50
CA ASN D 209 29.06 -32.98 -34.46
C ASN D 209 30.00 -31.78 -34.58
N VAL D 210 30.37 -31.22 -33.43
CA VAL D 210 31.28 -30.08 -33.39
C VAL D 210 32.70 -30.60 -33.21
N LYS D 211 33.61 -30.17 -34.08
CA LYS D 211 35.00 -30.60 -34.05
C LYS D 211 35.82 -29.52 -33.35
N CYS D 212 36.50 -29.90 -32.26
CA CYS D 212 37.29 -28.98 -31.47
C CYS D 212 38.65 -29.59 -31.18
N ASP D 213 39.65 -28.71 -31.03
CA ASP D 213 40.99 -29.16 -30.68
C ASP D 213 41.05 -29.56 -29.21
N ASP D 214 42.10 -30.30 -28.86
CA ASP D 214 42.28 -30.76 -27.50
C ASP D 214 42.39 -29.56 -26.56
N GLY D 215 41.66 -29.62 -25.44
CA GLY D 215 41.68 -28.57 -24.45
C GLY D 215 40.72 -27.42 -24.72
N VAL D 216 40.01 -27.44 -25.85
CA VAL D 216 39.09 -26.35 -26.16
C VAL D 216 37.91 -26.36 -25.20
N LEU D 217 37.34 -27.55 -24.96
CA LEU D 217 36.21 -27.65 -24.03
C LEU D 217 36.65 -27.28 -22.61
N GLU D 218 37.85 -27.71 -22.22
CA GLU D 218 38.36 -27.36 -20.90
C GLU D 218 38.55 -25.84 -20.77
N ARG D 219 39.06 -25.21 -21.83
CA ARG D 219 39.19 -23.75 -21.81
C ARG D 219 37.83 -23.08 -21.71
N ILE D 220 36.84 -23.60 -22.44
CA ILE D 220 35.49 -23.03 -22.38
C ILE D 220 34.95 -23.12 -20.96
N LEU D 221 35.10 -24.29 -20.34
CA LEU D 221 34.57 -24.47 -18.99
C LEU D 221 35.32 -23.59 -17.99
N ASP D 222 36.63 -23.44 -18.15
CA ASP D 222 37.40 -22.56 -17.28
C ASP D 222 36.95 -21.11 -17.42
N ILE D 223 36.70 -20.66 -18.64
CA ILE D 223 36.23 -19.31 -18.86
C ILE D 223 34.83 -19.12 -18.27
N SER D 224 33.99 -20.16 -18.35
CA SER D 224 32.64 -20.06 -17.83
C SER D 224 32.65 -19.83 -16.32
N ALA D 225 33.53 -20.51 -15.60
CA ALA D 225 33.66 -20.35 -14.16
C ALA D 225 32.36 -20.73 -13.45
N GLY D 226 31.98 -21.99 -13.59
CA GLY D 226 30.84 -22.52 -12.88
C GLY D 226 29.48 -22.27 -13.51
N ASP D 227 29.45 -21.82 -14.77
CA ASP D 227 28.19 -21.54 -15.48
C ASP D 227 28.15 -22.39 -16.74
N LEU D 228 27.42 -23.51 -16.68
CA LEU D 228 27.33 -24.38 -17.85
C LEU D 228 26.51 -23.75 -18.97
N ARG D 229 25.55 -22.88 -18.63
CA ARG D 229 24.78 -22.20 -19.66
C ARG D 229 25.68 -21.32 -20.53
N ARG D 230 26.59 -20.57 -19.89
CA ARG D 230 27.51 -19.73 -20.65
C ARG D 230 28.43 -20.59 -21.52
N GLY D 231 28.90 -21.72 -20.99
CA GLY D 231 29.73 -22.59 -21.78
C GLY D 231 29.00 -23.16 -23.00
N ILE D 232 27.74 -23.55 -22.81
CA ILE D 232 26.95 -24.06 -23.92
C ILE D 232 26.72 -22.96 -24.97
N THR D 233 26.44 -21.74 -24.51
CA THR D 233 26.26 -20.64 -25.45
C THR D 233 27.55 -20.37 -26.24
N LEU D 234 28.69 -20.39 -25.55
CA LEU D 234 29.97 -20.18 -26.24
C LEU D 234 30.23 -21.29 -27.25
N LEU D 235 29.94 -22.53 -26.89
CA LEU D 235 30.11 -23.64 -27.82
C LEU D 235 29.22 -23.48 -29.04
N GLN D 236 27.97 -23.06 -28.83
CA GLN D 236 27.06 -22.84 -29.95
C GLN D 236 27.57 -21.74 -30.86
N SER D 237 28.06 -20.64 -30.28
CA SER D 237 28.59 -19.56 -31.09
C SER D 237 29.81 -20.01 -31.89
N ALA D 238 30.71 -20.77 -31.25
CA ALA D 238 31.88 -21.27 -31.96
C ALA D 238 31.48 -22.20 -33.09
N SER D 239 30.50 -23.07 -32.85
CA SER D 239 30.03 -23.98 -33.89
C SER D 239 29.42 -23.20 -35.05
N LYS D 240 28.64 -22.15 -34.75
CA LYS D 240 28.07 -21.33 -35.80
C LYS D 240 29.16 -20.65 -36.62
N GLY D 241 30.17 -20.12 -35.95
CA GLY D 241 31.28 -19.49 -36.66
C GLY D 241 32.02 -20.48 -37.56
N ALA D 242 32.30 -21.68 -37.03
CA ALA D 242 32.97 -22.69 -37.83
C ALA D 242 32.14 -23.09 -39.04
N GLN D 243 30.83 -23.27 -38.85
CA GLN D 243 29.97 -23.63 -39.96
C GLN D 243 29.94 -22.54 -41.01
N TYR D 244 29.88 -21.28 -40.59
CA TYR D 244 29.89 -20.18 -41.55
C TYR D 244 31.22 -20.10 -42.28
N LEU D 245 32.33 -20.40 -41.60
CA LEU D 245 33.62 -20.36 -42.26
C LEU D 245 33.68 -21.36 -43.40
N GLY D 246 33.14 -22.56 -43.19
CA GLY D 246 33.12 -23.57 -44.24
C GLY D 246 34.49 -24.05 -44.67
N ASP D 247 35.40 -24.25 -43.70
CA ASP D 247 36.74 -24.73 -43.98
C ASP D 247 37.00 -26.14 -43.47
N GLY D 248 36.24 -26.59 -42.47
CA GLY D 248 36.43 -27.90 -41.90
C GLY D 248 37.53 -27.99 -40.86
N LYS D 249 38.22 -26.90 -40.56
CA LYS D 249 39.27 -26.92 -39.57
C LYS D 249 38.68 -27.02 -38.17
N ASN D 250 39.47 -27.60 -37.26
CA ASN D 250 39.04 -27.75 -35.88
C ASN D 250 39.00 -26.40 -35.18
N ILE D 251 38.07 -26.26 -34.24
CA ILE D 251 37.95 -25.03 -33.48
C ILE D 251 39.13 -24.90 -32.53
N THR D 252 39.75 -23.73 -32.51
CA THR D 252 40.91 -23.46 -31.67
C THR D 252 40.48 -22.72 -30.41
N SER D 253 41.45 -22.49 -29.51
CA SER D 253 41.19 -21.78 -28.27
C SER D 253 41.24 -20.27 -28.43
N THR D 254 42.03 -19.76 -29.38
CA THR D 254 42.09 -18.32 -29.59
C THR D 254 40.74 -17.77 -30.02
N GLN D 255 40.05 -18.47 -30.94
CA GLN D 255 38.73 -18.03 -31.37
C GLN D 255 37.74 -18.07 -30.22
N VAL D 256 37.83 -19.11 -29.37
CA VAL D 256 36.95 -19.19 -28.22
C VAL D 256 37.18 -18.01 -27.27
N GLU D 257 38.45 -17.69 -27.01
CA GLU D 257 38.76 -16.57 -26.15
C GLU D 257 38.26 -15.26 -26.74
N GLU D 258 38.40 -15.09 -28.07
CA GLU D 258 37.89 -13.90 -28.72
C GLU D 258 36.38 -13.80 -28.57
N LEU D 259 35.68 -14.92 -28.72
CA LEU D 259 34.23 -14.92 -28.59
C LEU D 259 33.77 -14.69 -27.15
N ALA D 260 34.63 -14.97 -26.17
CA ALA D 260 34.29 -14.82 -24.77
C ALA D 260 34.69 -13.46 -24.21
N GLY D 261 35.24 -12.56 -25.03
CA GLY D 261 35.63 -11.25 -24.53
C GLY D 261 36.85 -11.25 -23.65
N VAL D 262 37.70 -12.27 -23.77
CA VAL D 262 38.92 -12.35 -22.95
C VAL D 262 39.97 -11.42 -23.55
N VAL D 263 40.55 -10.57 -22.71
CA VAL D 263 41.56 -9.63 -23.18
C VAL D 263 42.79 -10.42 -23.66
N PRO D 264 43.40 -10.07 -24.79
CA PRO D 264 44.61 -10.77 -25.22
C PRO D 264 45.74 -10.62 -24.22
N HIS D 265 46.60 -11.63 -24.15
CA HIS D 265 47.72 -11.59 -23.21
C HIS D 265 48.64 -10.41 -23.49
N ASP D 266 48.78 -10.03 -24.76
CA ASP D 266 49.65 -8.89 -25.09
C ASP D 266 49.14 -7.61 -24.46
N ILE D 267 47.83 -7.37 -24.52
CA ILE D 267 47.26 -6.17 -23.92
C ILE D 267 47.49 -6.18 -22.42
N LEU D 268 47.34 -7.35 -21.78
CA LEU D 268 47.62 -7.45 -20.35
C LEU D 268 49.07 -7.15 -20.05
N ILE D 269 49.99 -7.63 -20.90
CA ILE D 269 51.41 -7.37 -20.70
C ILE D 269 51.67 -5.86 -20.77
N GLU D 270 51.09 -5.19 -21.77
CA GLU D 270 51.25 -3.74 -21.87
C GLU D 270 50.67 -3.05 -20.64
N ILE D 271 49.53 -3.53 -20.13
CA ILE D 271 48.90 -2.91 -18.98
C ILE D 271 49.82 -3.01 -17.76
N VAL D 272 50.37 -4.21 -17.51
CA VAL D 272 51.24 -4.38 -16.35
C VAL D 272 52.54 -3.59 -16.54
N GLU D 273 53.06 -3.50 -17.75
CA GLU D 273 54.25 -2.68 -17.97
C GLU D 273 53.97 -1.22 -17.68
N LYS D 274 52.83 -0.71 -18.13
CA LYS D 274 52.47 0.67 -17.85
C LYS D 274 52.30 0.89 -16.36
N VAL D 275 51.70 -0.08 -15.66
CA VAL D 275 51.56 0.02 -14.21
C VAL D 275 52.93 0.07 -13.55
N LYS D 276 53.86 -0.77 -14.00
CA LYS D 276 55.21 -0.77 -13.44
C LYS D 276 55.92 0.55 -13.73
N SER D 277 55.60 1.20 -14.84
CA SER D 277 56.22 2.49 -15.14
C SER D 277 55.90 3.50 -14.05
N GLY D 278 54.65 3.55 -13.60
CA GLY D 278 54.26 4.38 -12.47
C GLY D 278 53.84 5.78 -12.82
N ASP D 279 53.98 6.21 -14.06
CA ASP D 279 53.59 7.55 -14.45
C ASP D 279 52.07 7.65 -14.55
N PHE D 280 51.50 8.67 -13.90
CA PHE D 280 50.04 8.81 -13.90
C PHE D 280 49.52 9.16 -15.29
N ASP D 281 50.17 10.09 -15.99
CA ASP D 281 49.66 10.54 -17.28
C ASP D 281 49.67 9.41 -18.31
N GLU D 282 50.76 8.64 -18.36
CA GLU D 282 50.83 7.53 -19.32
C GLU D 282 49.77 6.48 -19.02
N ILE D 283 49.58 6.16 -17.74
CA ILE D 283 48.56 5.18 -17.37
C ILE D 283 47.18 5.68 -17.75
N LYS D 284 46.90 6.97 -17.50
CA LYS D 284 45.60 7.52 -17.85
C LYS D 284 45.36 7.48 -19.35
N LYS D 285 46.38 7.86 -20.14
CA LYS D 285 46.23 7.83 -21.59
C LYS D 285 46.01 6.41 -22.09
N TYR D 286 46.78 5.45 -21.57
CA TYR D 286 46.60 4.07 -22.00
C TYR D 286 45.23 3.54 -21.62
N VAL D 287 44.73 3.89 -20.43
CA VAL D 287 43.40 3.45 -20.03
C VAL D 287 42.34 4.07 -20.93
N ASN D 288 42.50 5.35 -21.28
CA ASN D 288 41.55 5.99 -22.18
C ASN D 288 41.53 5.28 -23.53
N THR D 289 42.70 4.94 -24.06
CA THR D 289 42.74 4.20 -25.32
C THR D 289 42.13 2.82 -25.17
N PHE D 290 42.38 2.14 -24.05
CA PHE D 290 41.94 0.77 -23.86
C PHE D 290 40.42 0.69 -23.74
N MET D 291 39.81 1.66 -23.04
CA MET D 291 38.36 1.62 -22.83
C MET D 291 37.57 1.81 -24.12
N LYS D 292 38.22 2.21 -25.22
CA LYS D 292 37.53 2.35 -26.50
C LYS D 292 37.34 1.02 -27.20
N SER D 293 37.93 -0.07 -26.70
CA SER D 293 37.78 -1.38 -27.32
C SER D 293 36.56 -2.13 -26.81
N GLY D 294 36.01 -1.74 -25.67
CA GLY D 294 34.80 -2.36 -25.15
C GLY D 294 35.02 -3.52 -24.21
N TRP D 295 36.25 -3.76 -23.75
CA TRP D 295 36.50 -4.85 -22.84
C TRP D 295 35.79 -4.62 -21.51
N SER D 296 35.19 -5.69 -20.99
CA SER D 296 34.51 -5.60 -19.71
C SER D 296 35.51 -5.44 -18.57
N ALA D 297 35.17 -4.61 -17.59
CA ALA D 297 36.07 -4.35 -16.48
C ALA D 297 36.25 -5.59 -15.62
N ALA D 298 35.19 -6.39 -15.45
CA ALA D 298 35.30 -7.57 -14.60
C ALA D 298 36.33 -8.55 -15.14
N SER D 299 36.33 -8.78 -16.46
CA SER D 299 37.31 -9.68 -17.05
C SER D 299 38.73 -9.15 -16.86
N VAL D 300 38.91 -7.84 -17.05
CA VAL D 300 40.24 -7.25 -16.86
C VAL D 300 40.71 -7.43 -15.43
N VAL D 301 39.82 -7.18 -14.47
CA VAL D 301 40.18 -7.32 -13.06
C VAL D 301 40.54 -8.77 -12.74
N ASN D 302 39.74 -9.72 -13.26
CA ASN D 302 40.02 -11.13 -12.99
C ASN D 302 41.37 -11.54 -13.58
N GLN D 303 41.66 -11.11 -14.82
CA GLN D 303 42.93 -11.45 -15.43
C GLN D 303 44.10 -10.82 -14.68
N LEU D 304 43.96 -9.57 -14.25
CA LEU D 304 45.01 -8.93 -13.47
C LEU D 304 45.23 -9.66 -12.16
N HIS D 305 44.15 -10.05 -11.48
CA HIS D 305 44.27 -10.80 -10.24
C HIS D 305 45.01 -12.10 -10.46
N GLU D 306 44.63 -12.86 -11.50
CA GLU D 306 45.32 -14.10 -11.80
C GLU D 306 46.81 -13.86 -12.03
N TYR D 307 47.14 -12.90 -12.91
CA TYR D 307 48.53 -12.68 -13.26
C TYR D 307 49.35 -12.27 -12.04
N TYR D 308 48.82 -11.35 -11.22
CA TYR D 308 49.59 -10.84 -10.10
C TYR D 308 49.72 -11.87 -8.99
N ILE D 309 48.64 -12.58 -8.67
CA ILE D 309 48.69 -13.55 -7.58
C ILE D 309 49.57 -14.72 -7.95
N THR D 310 49.46 -15.22 -9.19
CA THR D 310 50.24 -16.39 -9.59
C THR D 310 51.69 -16.06 -9.88
N ASN D 311 52.04 -14.79 -10.05
CA ASN D 311 53.43 -14.43 -10.33
C ASN D 311 54.28 -14.60 -9.08
N ASP D 312 55.51 -15.08 -9.28
CA ASP D 312 56.46 -15.29 -8.20
C ASP D 312 57.49 -14.17 -8.10
N ASN D 313 57.31 -13.08 -8.83
CA ASN D 313 58.24 -11.96 -8.85
C ASN D 313 57.85 -10.85 -7.89
N PHE D 314 56.87 -11.07 -7.02
CA PHE D 314 56.39 -10.07 -6.08
C PHE D 314 56.46 -10.63 -4.67
N ASP D 315 56.67 -9.73 -3.71
CA ASP D 315 56.85 -10.11 -2.32
C ASP D 315 55.51 -10.29 -1.62
N THR D 316 55.58 -10.64 -0.33
CA THR D 316 54.37 -10.90 0.44
C THR D 316 53.52 -9.65 0.59
N ASN D 317 54.14 -8.51 0.88
CA ASN D 317 53.38 -7.28 1.13
C ASN D 317 52.64 -6.83 -0.13
N PHE D 318 53.29 -6.93 -1.29
CA PHE D 318 52.64 -6.50 -2.52
C PHE D 318 51.37 -7.30 -2.78
N LYS D 319 51.45 -8.62 -2.64
CA LYS D 319 50.27 -9.46 -2.82
C LYS D 319 49.22 -9.17 -1.76
N ASN D 320 49.64 -8.95 -0.52
CA ASN D 320 48.70 -8.66 0.56
C ASN D 320 47.89 -7.40 0.23
N GLN D 321 48.56 -6.37 -0.28
CA GLN D 321 47.85 -5.13 -0.60
C GLN D 321 47.02 -5.27 -1.87
N ILE D 322 47.55 -5.95 -2.89
CA ILE D 322 46.84 -6.04 -4.16
C ILE D 322 45.59 -6.89 -4.01
N SER D 323 45.60 -7.91 -3.15
CA SER D 323 44.40 -8.71 -2.95
C SER D 323 43.26 -7.84 -2.43
N TRP D 324 43.53 -7.02 -1.42
CA TRP D 324 42.49 -6.14 -0.89
C TRP D 324 42.07 -5.10 -1.92
N LEU D 325 43.03 -4.55 -2.68
CA LEU D 325 42.68 -3.58 -3.71
C LEU D 325 41.75 -4.19 -4.74
N LEU D 326 42.07 -5.40 -5.20
CA LEU D 326 41.22 -6.08 -6.19
C LEU D 326 39.85 -6.40 -5.61
N PHE D 327 39.81 -6.83 -4.34
CA PHE D 327 38.52 -7.11 -3.71
C PHE D 327 37.66 -5.86 -3.65
N THR D 328 38.25 -4.72 -3.25
CA THR D 328 37.50 -3.48 -3.19
C THR D 328 37.01 -3.07 -4.57
N THR D 329 37.87 -3.18 -5.59
CA THR D 329 37.47 -2.81 -6.94
C THR D 329 36.33 -3.69 -7.44
N ASP D 330 36.41 -5.00 -7.18
CA ASP D 330 35.34 -5.90 -7.60
C ASP D 330 34.04 -5.59 -6.88
N SER D 331 34.12 -5.30 -5.58
CA SER D 331 32.91 -4.96 -4.84
C SER D 331 32.27 -3.69 -5.38
N ARG D 332 33.10 -2.67 -5.68
CA ARG D 332 32.56 -1.44 -6.23
C ARG D 332 31.95 -1.66 -7.60
N LEU D 333 32.60 -2.48 -8.44
CA LEU D 333 32.08 -2.73 -9.77
C LEU D 333 30.78 -3.53 -9.73
N ASN D 334 30.63 -4.42 -8.74
CA ASN D 334 29.41 -5.21 -8.62
C ASN D 334 28.18 -4.37 -8.33
N ASN D 335 28.34 -3.11 -7.94
CA ASN D 335 27.23 -2.23 -7.64
C ASN D 335 26.74 -1.45 -8.85
N GLY D 336 27.33 -1.67 -10.03
CA GLY D 336 26.91 -0.98 -11.23
C GLY D 336 27.43 0.43 -11.32
N THR D 337 28.74 0.59 -11.38
CA THR D 337 29.39 1.89 -11.46
C THR D 337 30.12 2.02 -12.80
N ASN D 338 30.67 3.20 -13.05
CA ASN D 338 31.41 3.44 -14.28
C ASN D 338 32.69 2.63 -14.29
N GLU D 339 32.94 1.91 -15.39
CA GLU D 339 34.10 1.03 -15.45
C GLU D 339 35.40 1.81 -15.63
N HIS D 340 35.36 2.92 -16.37
CA HIS D 340 36.58 3.68 -16.65
C HIS D 340 37.21 4.19 -15.36
N ILE D 341 36.41 4.83 -14.51
CA ILE D 341 36.94 5.42 -13.28
C ILE D 341 37.49 4.34 -12.36
N GLN D 342 36.74 3.26 -12.19
CA GLN D 342 37.18 2.18 -11.30
C GLN D 342 38.48 1.55 -11.80
N LEU D 343 38.56 1.29 -13.10
CA LEU D 343 39.77 0.68 -13.66
C LEU D 343 40.96 1.62 -13.50
N LEU D 344 40.77 2.91 -13.77
CA LEU D 344 41.88 3.85 -13.63
C LEU D 344 42.34 3.93 -12.18
N ASN D 345 41.38 3.97 -11.24
CA ASN D 345 41.76 4.03 -9.83
C ASN D 345 42.51 2.77 -9.40
N LEU D 346 42.03 1.60 -9.84
CA LEU D 346 42.71 0.36 -9.47
C LEU D 346 44.12 0.32 -10.03
N LEU D 347 44.29 0.70 -11.29
CA LEU D 347 45.64 0.68 -11.89
C LEU D 347 46.56 1.69 -11.20
N VAL D 348 46.04 2.87 -10.86
CA VAL D 348 46.85 3.86 -10.17
C VAL D 348 47.28 3.34 -8.80
N LYS D 349 46.35 2.72 -8.08
CA LYS D 349 46.68 2.18 -6.76
C LYS D 349 47.73 1.08 -6.87
N ILE D 350 47.58 0.20 -7.86
CA ILE D 350 48.56 -0.88 -8.03
C ILE D 350 49.93 -0.30 -8.37
N SER D 351 49.97 0.73 -9.23
CA SER D 351 51.24 1.32 -9.61
C SER D 351 51.98 1.93 -8.44
N GLN D 352 51.27 2.34 -7.39
CA GLN D 352 51.87 2.95 -6.22
C GLN D 352 52.18 1.94 -5.11
N LEU D 353 51.92 0.66 -5.34
CA LEU D 353 52.20 -0.36 -4.35
C LEU D 353 53.71 -0.62 -4.25
N SER E 2 17.27 16.17 -43.96
CA SER E 2 17.72 15.29 -42.88
C SER E 2 19.20 15.47 -42.61
N LEU E 3 19.61 15.25 -41.37
CA LEU E 3 21.01 15.40 -41.00
C LEU E 3 21.85 14.31 -41.65
N TRP E 4 23.11 14.63 -41.91
CA TRP E 4 24.01 13.67 -42.55
C TRP E 4 24.22 12.45 -41.67
N VAL E 5 24.19 12.62 -40.35
CA VAL E 5 24.38 11.48 -39.45
C VAL E 5 23.26 10.47 -39.62
N ASP E 6 22.08 10.92 -40.04
CA ASP E 6 20.92 10.04 -40.21
C ASP E 6 20.69 9.64 -41.65
N LYS E 7 21.07 10.48 -42.63
CA LYS E 7 20.79 10.18 -44.03
C LYS E 7 21.70 9.09 -44.58
N TYR E 8 22.90 8.93 -44.03
CA TYR E 8 23.89 7.98 -44.54
C TYR E 8 24.05 6.77 -43.64
N ARG E 9 23.08 6.51 -42.76
CA ARG E 9 23.16 5.34 -41.90
C ARG E 9 23.01 4.07 -42.73
N PRO E 10 23.94 3.11 -42.63
CA PRO E 10 23.80 1.88 -43.43
C PRO E 10 22.56 1.09 -43.01
N LYS E 11 21.98 0.39 -43.98
CA LYS E 11 20.76 -0.37 -43.76
C LYS E 11 20.95 -1.86 -44.06
N SER E 12 22.19 -2.34 -44.09
CA SER E 12 22.47 -3.74 -44.36
C SER E 12 23.82 -4.10 -43.78
N LEU E 13 24.04 -5.40 -43.58
CA LEU E 13 25.31 -5.86 -43.05
C LEU E 13 26.44 -5.63 -44.04
N ASN E 14 26.15 -5.63 -45.33
CA ASN E 14 27.17 -5.41 -46.34
C ASN E 14 27.56 -3.95 -46.49
N ALA E 15 26.79 -3.03 -45.92
CA ALA E 15 27.08 -1.60 -46.01
C ALA E 15 27.93 -1.09 -44.85
N LEU E 16 28.27 -1.94 -43.89
CA LEU E 16 29.10 -1.53 -42.77
C LEU E 16 30.52 -1.22 -43.25
N SER E 17 31.14 -0.23 -42.60
CA SER E 17 32.44 0.28 -43.01
C SER E 17 33.51 0.16 -41.94
N HIS E 18 33.22 -0.45 -40.80
CA HIS E 18 34.22 -0.61 -39.75
C HIS E 18 33.92 -1.86 -38.95
N ASN E 19 34.96 -2.39 -38.30
CA ASN E 19 34.87 -3.62 -37.52
C ASN E 19 34.37 -4.77 -38.40
N GLU E 20 35.18 -5.11 -39.41
CA GLU E 20 34.80 -6.16 -40.34
C GLU E 20 34.67 -7.51 -39.64
N GLU E 21 35.45 -7.75 -38.58
CA GLU E 21 35.31 -9.00 -37.84
C GLU E 21 33.94 -9.10 -37.20
N LEU E 22 33.44 -8.01 -36.63
CA LEU E 22 32.10 -8.00 -36.05
C LEU E 22 31.05 -8.25 -37.14
N THR E 23 31.25 -7.67 -38.33
CA THR E 23 30.32 -7.91 -39.43
C THR E 23 30.31 -9.38 -39.82
N ASN E 24 31.50 -10.01 -39.89
CA ASN E 24 31.55 -11.43 -40.21
C ASN E 24 30.86 -12.26 -39.14
N PHE E 25 31.07 -11.92 -37.87
CA PHE E 25 30.40 -12.64 -36.79
C PHE E 25 28.89 -12.50 -36.90
N LEU E 26 28.40 -11.29 -37.19
CA LEU E 26 26.97 -11.08 -37.35
C LEU E 26 26.42 -11.88 -38.53
N LYS E 27 27.16 -11.93 -39.64
CA LYS E 27 26.73 -12.72 -40.78
C LYS E 27 26.67 -14.20 -40.42
N SER E 28 27.66 -14.68 -39.69
CA SER E 28 27.64 -16.08 -39.25
C SER E 28 26.42 -16.35 -38.37
N LEU E 29 26.12 -15.43 -37.45
CA LEU E 29 24.95 -15.61 -36.60
C LEU E 29 23.67 -15.62 -37.42
N SER E 30 23.57 -14.75 -38.42
CA SER E 30 22.37 -14.64 -39.25
C SER E 30 22.29 -15.72 -40.31
N ASP E 31 23.34 -16.52 -40.50
CA ASP E 31 23.28 -17.58 -41.50
C ASP E 31 22.18 -18.58 -41.18
N GLN E 32 22.04 -18.96 -39.91
CA GLN E 32 21.00 -19.90 -39.46
C GLN E 32 20.28 -19.26 -38.28
N PRO E 33 19.36 -18.32 -38.56
CA PRO E 33 18.71 -17.57 -37.47
C PRO E 33 17.68 -18.36 -36.69
N ARG E 34 17.35 -19.58 -37.10
CA ARG E 34 16.32 -20.34 -36.39
C ARG E 34 16.73 -20.63 -34.95
N ASP E 35 17.99 -20.97 -34.73
CA ASP E 35 18.49 -21.29 -33.40
C ASP E 35 19.31 -20.15 -32.78
N LEU E 36 18.99 -18.92 -33.15
CA LEU E 36 19.72 -17.76 -32.62
C LEU E 36 19.38 -17.56 -31.14
N PRO E 37 20.35 -17.57 -30.24
CA PRO E 37 20.06 -17.32 -28.83
C PRO E 37 19.83 -15.83 -28.58
N HIS E 38 19.45 -15.52 -27.34
CA HIS E 38 19.29 -14.13 -26.94
C HIS E 38 20.64 -13.41 -27.00
N LEU E 39 20.62 -12.16 -27.45
CA LEU E 39 21.83 -11.40 -27.72
C LEU E 39 21.92 -10.19 -26.82
N LEU E 40 23.15 -9.87 -26.37
CA LEU E 40 23.42 -8.71 -25.57
C LEU E 40 24.63 -8.00 -26.16
N LEU E 41 24.41 -6.82 -26.74
CA LEU E 41 25.46 -6.02 -27.34
C LEU E 41 25.96 -5.01 -26.33
N TYR E 42 27.28 -4.95 -26.15
CA TYR E 42 27.90 -3.98 -25.27
C TYR E 42 29.11 -3.35 -25.93
N GLY E 43 29.33 -2.07 -25.65
CA GLY E 43 30.43 -1.32 -26.20
C GLY E 43 30.28 0.17 -25.96
N PRO E 44 31.24 0.95 -26.45
CA PRO E 44 31.16 2.41 -26.27
C PRO E 44 29.96 3.00 -27.00
N ASN E 45 29.47 4.12 -26.47
CA ASN E 45 28.32 4.80 -27.06
C ASN E 45 28.69 5.40 -28.41
N GLY E 46 27.71 5.41 -29.31
CA GLY E 46 27.89 6.03 -30.61
C GLY E 46 28.80 5.28 -31.56
N THR E 47 28.96 3.97 -31.38
CA THR E 47 29.81 3.18 -32.26
C THR E 47 29.03 2.46 -33.35
N GLY E 48 27.74 2.24 -33.17
CA GLY E 48 26.91 1.61 -34.20
C GLY E 48 26.28 0.31 -33.74
N LYS E 49 26.09 0.15 -32.43
CA LYS E 49 25.46 -1.06 -31.92
C LYS E 49 24.02 -1.19 -32.42
N LYS E 50 23.25 -0.10 -32.36
CA LYS E 50 21.87 -0.15 -32.84
C LYS E 50 21.82 -0.36 -34.34
N THR E 51 22.73 0.29 -35.08
CA THR E 51 22.77 0.09 -36.53
C THR E 51 23.10 -1.36 -36.87
N ARG E 52 24.04 -1.95 -36.14
CA ARG E 52 24.38 -3.35 -36.39
C ARG E 52 23.23 -4.27 -36.03
N CYS E 53 22.50 -3.97 -34.95
CA CYS E 53 21.33 -4.77 -34.61
C CYS E 53 20.27 -4.69 -35.70
N MET E 54 20.03 -3.49 -36.23
CA MET E 54 19.06 -3.34 -37.31
C MET E 54 19.52 -4.08 -38.56
N ALA E 55 20.82 -4.03 -38.85
CA ALA E 55 21.34 -4.77 -40.00
C ALA E 55 21.16 -6.27 -39.82
N LEU E 56 21.40 -6.78 -38.60
CA LEU E 56 21.19 -8.20 -38.33
C LEU E 56 19.73 -8.57 -38.50
N LEU E 57 18.81 -7.72 -38.01
CA LEU E 57 17.39 -7.99 -38.19
C LEU E 57 17.02 -8.01 -39.66
N GLU E 58 17.54 -7.06 -40.44
CA GLU E 58 17.29 -7.05 -41.87
C GLU E 58 17.84 -8.30 -42.54
N SER E 59 18.98 -8.79 -42.09
CA SER E 59 19.52 -10.05 -42.61
C SER E 59 18.61 -11.22 -42.28
N ILE E 60 18.06 -11.24 -41.07
CA ILE E 60 17.20 -12.35 -40.67
C ILE E 60 15.87 -12.28 -41.41
N PHE E 61 15.13 -11.20 -41.22
CA PHE E 61 13.85 -11.00 -41.88
C PHE E 61 14.09 -10.29 -43.22
N GLY E 62 13.05 -9.79 -43.85
CA GLY E 62 13.17 -9.05 -45.09
C GLY E 62 13.48 -7.58 -44.86
N PRO E 63 13.72 -6.85 -45.94
CA PRO E 63 13.94 -5.40 -45.82
C PRO E 63 12.82 -4.66 -45.09
N GLY E 64 11.70 -5.32 -44.85
CA GLY E 64 10.55 -4.68 -44.21
C GLY E 64 10.71 -4.40 -42.74
N VAL E 65 11.86 -4.72 -42.15
CA VAL E 65 12.10 -4.40 -40.74
C VAL E 65 12.27 -2.91 -40.50
N TYR E 66 12.48 -2.13 -41.56
CA TYR E 66 12.74 -0.69 -41.42
C TYR E 66 11.47 0.15 -41.52
N ARG E 67 10.31 -0.48 -41.66
CA ARG E 67 9.03 0.24 -41.69
C ARG E 67 8.50 0.25 -40.26
N LEU E 68 8.75 1.33 -39.54
CA LEU E 68 8.47 1.42 -38.12
C LEU E 68 7.23 2.27 -37.86
N LYS E 69 6.57 1.98 -36.74
CA LYS E 69 5.45 2.76 -36.26
C LYS E 69 5.59 2.98 -34.76
N ILE E 70 4.90 3.98 -34.25
CA ILE E 70 4.91 4.31 -32.83
C ILE E 70 3.48 4.28 -32.32
N ASP E 71 3.25 3.52 -31.26
CA ASP E 71 1.95 3.42 -30.61
C ASP E 71 2.08 3.74 -29.13
N VAL E 72 0.94 3.82 -28.46
CA VAL E 72 0.87 4.18 -27.04
C VAL E 72 0.22 3.04 -26.29
N ARG E 73 0.85 2.61 -25.20
CA ARG E 73 0.34 1.56 -24.34
C ARG E 73 0.03 2.13 -22.96
N GLN E 74 -1.08 1.67 -22.38
CA GLN E 74 -1.53 2.12 -21.07
C GLN E 74 -1.24 1.05 -20.03
N PHE E 75 -0.74 1.48 -18.88
CA PHE E 75 -0.43 0.58 -17.78
C PHE E 75 -1.01 1.14 -16.48
N VAL E 76 -1.33 0.25 -15.55
CA VAL E 76 -1.91 0.60 -14.26
C VAL E 76 -1.04 0.00 -13.17
N THR E 77 -0.66 0.82 -12.19
CA THR E 77 0.17 0.38 -11.09
C THR E 77 -0.73 -0.09 -9.94
N ALA E 78 -0.12 -0.36 -8.78
CA ALA E 78 -0.89 -0.81 -7.62
C ALA E 78 -1.75 0.29 -7.02
N SER E 79 -1.52 1.55 -7.39
CA SER E 79 -2.29 2.67 -6.88
C SER E 79 -3.26 3.22 -7.93
N ASN E 80 -3.61 2.41 -8.93
CA ASN E 80 -4.52 2.85 -10.00
C ASN E 80 -3.99 4.09 -10.69
N ARG E 81 -2.69 4.12 -10.95
CA ARG E 81 -2.05 5.23 -11.64
C ARG E 81 -1.87 4.87 -13.11
N LYS E 82 -2.42 5.70 -13.99
CA LYS E 82 -2.37 5.44 -15.43
C LYS E 82 -1.06 5.99 -15.98
N LEU E 83 -0.25 5.10 -16.56
CA LEU E 83 1.03 5.46 -17.16
C LEU E 83 1.02 5.13 -18.64
N GLU E 84 1.70 5.97 -19.42
CA GLU E 84 1.77 5.84 -20.87
C GLU E 84 3.17 5.43 -21.29
N LEU E 85 3.25 4.48 -22.21
CA LEU E 85 4.52 4.01 -22.75
C LEU E 85 4.48 4.13 -24.27
N ASN E 86 5.50 4.74 -24.84
CA ASN E 86 5.64 4.85 -26.29
C ASN E 86 6.37 3.62 -26.81
N VAL E 87 5.68 2.81 -27.61
CA VAL E 87 6.21 1.54 -28.10
C VAL E 87 6.48 1.70 -29.59
N VAL E 88 7.72 1.45 -29.99
CA VAL E 88 8.13 1.46 -31.39
C VAL E 88 8.06 0.02 -31.89
N SER E 89 7.25 -0.21 -32.91
CA SER E 89 6.94 -1.55 -33.39
C SER E 89 7.19 -1.65 -34.89
N SER E 90 7.44 -2.87 -35.33
CA SER E 90 7.63 -3.21 -36.73
C SER E 90 6.88 -4.51 -37.01
N PRO E 91 6.53 -4.77 -38.27
CA PRO E 91 5.85 -6.04 -38.58
C PRO E 91 6.68 -7.26 -38.24
N TYR E 92 8.01 -7.13 -38.15
CA TYR E 92 8.89 -8.25 -37.86
C TYR E 92 9.58 -8.17 -36.51
N HIS E 93 9.59 -6.99 -35.87
CA HIS E 93 10.29 -6.83 -34.60
C HIS E 93 9.61 -5.75 -33.78
N LEU E 94 9.97 -5.72 -32.49
CA LEU E 94 9.42 -4.76 -31.53
C LEU E 94 10.57 -4.09 -30.80
N GLU E 95 10.36 -2.85 -30.37
CA GLU E 95 11.36 -2.10 -29.62
C GLU E 95 10.69 -1.45 -28.42
N ILE E 96 11.36 -1.53 -27.26
CA ILE E 96 10.83 -0.96 -26.03
C ILE E 96 11.96 -0.38 -25.19
N THR E 97 11.64 0.68 -24.45
CA THR E 97 12.57 1.34 -23.53
C THR E 97 11.88 1.45 -22.18
N PRO E 98 11.82 0.36 -21.42
CA PRO E 98 11.08 0.39 -20.14
C PRO E 98 11.61 1.41 -19.16
N SER E 99 12.89 1.79 -19.26
CA SER E 99 13.47 2.73 -18.30
C SER E 99 12.73 4.05 -18.28
N ASP E 100 12.00 4.39 -19.34
CA ASP E 100 11.24 5.63 -19.36
C ASP E 100 10.18 5.69 -18.26
N MET E 101 9.79 4.54 -17.71
CA MET E 101 8.84 4.50 -16.60
C MET E 101 9.54 4.34 -15.25
N GLY E 102 10.85 4.56 -15.20
CA GLY E 102 11.55 4.53 -13.93
C GLY E 102 11.37 3.20 -13.22
N ASN E 103 11.05 3.28 -11.93
CA ASN E 103 10.93 2.08 -11.10
C ASN E 103 9.76 1.21 -11.54
N ASN E 104 8.90 1.75 -12.40
CA ASN E 104 7.77 0.98 -12.93
C ASN E 104 8.15 0.16 -14.16
N ASP E 105 9.42 0.18 -14.58
CA ASP E 105 9.81 -0.62 -15.74
C ASP E 105 9.42 -2.08 -15.57
N ARG E 106 9.48 -2.60 -14.35
CA ARG E 106 9.12 -3.99 -14.11
C ARG E 106 7.74 -4.31 -14.68
N ILE E 107 6.81 -3.37 -14.59
CA ILE E 107 5.46 -3.61 -15.07
C ILE E 107 5.50 -3.98 -16.55
N VAL E 108 6.31 -3.24 -17.34
CA VAL E 108 6.42 -3.54 -18.76
C VAL E 108 6.86 -4.99 -18.96
N ILE E 109 7.80 -5.45 -18.14
CA ILE E 109 8.25 -6.84 -18.23
C ILE E 109 7.12 -7.79 -17.88
N GLN E 110 6.33 -7.44 -16.87
CA GLN E 110 5.32 -8.35 -16.33
C GLN E 110 3.98 -8.25 -17.05
N GLU E 111 3.78 -7.25 -17.90
CA GLU E 111 2.51 -7.06 -18.60
C GLU E 111 2.66 -7.11 -20.12
N LEU E 112 3.64 -6.40 -20.68
CA LEU E 112 3.75 -6.30 -22.13
C LEU E 112 4.44 -7.52 -22.72
N LEU E 113 5.68 -7.78 -22.29
CA LEU E 113 6.46 -8.85 -22.90
C LEU E 113 5.74 -10.19 -22.81
N LYS E 114 5.25 -10.53 -21.61
CA LYS E 114 4.55 -11.81 -21.46
C LYS E 114 3.31 -11.88 -22.33
N GLU E 115 2.70 -10.73 -22.63
CA GLU E 115 1.56 -10.73 -23.54
C GLU E 115 1.99 -11.16 -24.94
N VAL E 116 3.17 -10.72 -25.38
CA VAL E 116 3.62 -11.07 -26.73
C VAL E 116 4.17 -12.49 -26.79
N ALA E 117 4.83 -12.95 -25.72
CA ALA E 117 5.49 -14.24 -25.72
C ALA E 117 4.58 -15.41 -25.35
N GLN E 118 3.44 -15.14 -24.73
CA GLN E 118 2.55 -16.21 -24.30
C GLN E 118 1.67 -16.74 -25.43
N MET E 119 1.66 -16.11 -26.59
CA MET E 119 0.75 -16.52 -27.65
C MET E 119 1.22 -15.99 -29.00
N GLU E 120 0.54 -16.47 -30.04
CA GLU E 120 1.00 -16.30 -31.41
C GLU E 120 0.57 -14.94 -31.96
N GLN E 121 0.75 -14.75 -33.27
CA GLN E 121 0.43 -13.50 -33.93
C GLN E 121 -0.21 -13.81 -35.29
N VAL E 122 -0.88 -12.80 -35.84
CA VAL E 122 -1.50 -12.91 -37.15
C VAL E 122 -0.53 -12.33 -38.18
N ASP E 123 -0.14 -13.14 -39.16
CA ASP E 123 0.77 -12.74 -40.22
C ASP E 123 0.07 -13.02 -41.55
N PHE E 124 -0.68 -12.03 -42.03
CA PHE E 124 -1.41 -12.16 -43.30
C PHE E 124 -0.55 -11.87 -44.50
N GLN E 125 0.71 -11.47 -44.31
CA GLN E 125 1.64 -11.20 -45.39
C GLN E 125 2.76 -12.22 -45.37
N ASP E 126 3.18 -12.66 -46.55
CA ASP E 126 4.24 -13.67 -46.69
C ASP E 126 3.87 -14.95 -45.95
N SER E 127 2.58 -15.30 -46.00
CA SER E 127 2.10 -16.52 -45.36
C SER E 127 0.86 -17.01 -46.11
N LYS E 128 0.58 -18.30 -45.95
CA LYS E 128 -0.57 -18.93 -46.60
C LYS E 128 -1.76 -19.12 -45.66
N ASP E 129 -1.51 -19.33 -44.37
CA ASP E 129 -2.59 -19.55 -43.41
C ASP E 129 -2.97 -18.29 -42.65
N GLY E 130 -2.12 -17.26 -42.64
CA GLY E 130 -2.38 -16.04 -41.91
C GLY E 130 -1.76 -15.98 -40.54
N LEU E 131 -1.21 -17.09 -40.04
CA LEU E 131 -0.57 -17.14 -38.75
C LEU E 131 0.95 -17.18 -38.91
N ALA E 132 1.65 -16.49 -38.01
CA ALA E 132 3.10 -16.43 -38.07
C ALA E 132 3.71 -17.81 -37.80
N HIS E 133 4.75 -18.13 -38.56
CA HIS E 133 5.50 -19.38 -38.40
C HIS E 133 6.95 -19.08 -38.06
N ARG E 134 7.17 -18.10 -37.18
CA ARG E 134 8.51 -17.68 -36.81
C ARG E 134 8.45 -17.03 -35.43
N TYR E 135 9.59 -16.54 -34.97
CA TYR E 135 9.70 -15.86 -33.69
C TYR E 135 9.76 -14.35 -33.90
N LYS E 136 9.54 -13.61 -32.82
CA LYS E 136 9.57 -12.16 -32.83
C LYS E 136 10.76 -11.67 -32.01
N CYS E 137 11.48 -10.69 -32.55
CA CYS E 137 12.66 -10.11 -31.90
C CYS E 137 12.26 -8.83 -31.18
N VAL E 138 12.51 -8.78 -29.88
CA VAL E 138 12.20 -7.62 -29.06
C VAL E 138 13.51 -6.99 -28.61
N ILE E 139 13.65 -5.69 -28.85
CA ILE E 139 14.86 -4.95 -28.52
C ILE E 139 14.57 -4.08 -27.30
N ILE E 140 15.22 -4.40 -26.18
CA ILE E 140 15.08 -3.63 -24.95
C ILE E 140 16.24 -2.64 -24.89
N ASN E 141 15.97 -1.39 -25.30
CA ASN E 141 17.03 -0.39 -25.35
C ASN E 141 17.47 -0.01 -23.94
N GLU E 142 18.78 0.15 -23.77
CA GLU E 142 19.38 0.55 -22.49
C GLU E 142 18.99 -0.43 -21.38
N ALA E 143 19.41 -1.69 -21.55
CA ALA E 143 19.16 -2.70 -20.54
C ALA E 143 19.85 -2.39 -19.22
N ASN E 144 20.96 -1.63 -19.25
CA ASN E 144 21.66 -1.28 -18.03
C ASN E 144 20.85 -0.35 -17.13
N SER E 145 19.86 0.35 -17.70
CA SER E 145 19.04 1.27 -16.92
C SER E 145 17.87 0.58 -16.22
N LEU E 146 17.61 -0.69 -16.53
CA LEU E 146 16.51 -1.40 -15.90
C LEU E 146 16.82 -1.67 -14.43
N THR E 147 15.77 -1.67 -13.61
CA THR E 147 15.92 -2.02 -12.21
C THR E 147 16.15 -3.52 -12.06
N LYS E 148 16.64 -3.91 -10.88
CA LYS E 148 16.93 -5.32 -10.62
C LYS E 148 15.66 -6.16 -10.69
N ASP E 149 14.53 -5.61 -10.25
CA ASP E 149 13.28 -6.38 -10.26
C ASP E 149 12.87 -6.74 -11.69
N ALA E 150 13.03 -5.81 -12.63
CA ALA E 150 12.68 -6.10 -14.02
C ALA E 150 13.55 -7.21 -14.59
N GLN E 151 14.85 -7.18 -14.28
CA GLN E 151 15.74 -8.23 -14.76
C GLN E 151 15.38 -9.58 -14.13
N ALA E 152 15.07 -9.59 -12.84
CA ALA E 152 14.65 -10.83 -12.19
C ALA E 152 13.39 -11.39 -12.84
N ALA E 153 12.44 -10.51 -13.16
CA ALA E 153 11.25 -10.96 -13.86
C ALA E 153 11.60 -11.51 -15.24
N LEU E 154 12.50 -10.85 -15.96
CA LEU E 154 12.93 -11.32 -17.27
C LEU E 154 13.59 -12.69 -17.21
N ARG E 155 14.20 -13.04 -16.07
CA ARG E 155 14.98 -14.26 -16.01
C ARG E 155 14.19 -15.46 -16.54
N ARG E 156 12.96 -15.64 -16.07
CA ARG E 156 12.15 -16.77 -16.52
C ARG E 156 11.45 -16.49 -17.84
N THR E 157 11.18 -15.23 -18.15
CA THR E 157 10.50 -14.89 -19.39
C THR E 157 11.35 -15.26 -20.60
N MET E 158 12.66 -14.96 -20.55
CA MET E 158 13.53 -15.34 -21.66
C MET E 158 13.73 -16.84 -21.78
N GLU E 159 13.34 -17.62 -20.79
CA GLU E 159 13.55 -19.07 -20.81
C GLU E 159 12.31 -19.85 -21.20
N LYS E 160 11.16 -19.54 -20.60
CA LYS E 160 9.98 -20.37 -20.85
C LYS E 160 9.28 -20.03 -22.16
N TYR E 161 9.70 -18.96 -22.84
CA TYR E 161 9.23 -18.66 -24.19
C TYR E 161 10.42 -18.49 -25.13
N SER E 162 11.39 -19.41 -25.05
CA SER E 162 12.64 -19.22 -25.78
C SER E 162 12.41 -19.18 -27.28
N LYS E 163 11.60 -20.09 -27.82
CA LYS E 163 11.42 -20.23 -29.25
C LYS E 163 10.26 -19.40 -29.80
N ASN E 164 9.55 -18.65 -28.96
CA ASN E 164 8.53 -17.72 -29.41
C ASN E 164 9.01 -16.28 -29.46
N ILE E 165 9.89 -15.89 -28.55
CA ILE E 165 10.40 -14.53 -28.49
C ILE E 165 11.91 -14.57 -28.29
N ARG E 166 12.61 -13.64 -28.94
CA ARG E 166 14.06 -13.51 -28.80
C ARG E 166 14.38 -12.08 -28.44
N LEU E 167 15.30 -11.90 -27.49
CA LEU E 167 15.63 -10.58 -26.95
C LEU E 167 17.02 -10.15 -27.41
N ILE E 168 17.10 -8.93 -27.93
CA ILE E 168 18.37 -8.30 -28.29
C ILE E 168 18.49 -7.04 -27.45
N MET E 169 19.38 -7.04 -26.47
CA MET E 169 19.52 -5.94 -25.53
C MET E 169 20.83 -5.21 -25.79
N VAL E 170 20.75 -3.90 -25.99
CA VAL E 170 21.90 -3.05 -26.29
C VAL E 170 22.18 -2.19 -25.07
N CYS E 171 23.45 -2.15 -24.65
CA CYS E 171 23.83 -1.35 -23.50
C CYS E 171 25.26 -0.86 -23.67
N ASP E 172 25.59 0.22 -22.96
CA ASP E 172 26.94 0.78 -22.99
C ASP E 172 27.83 0.25 -21.88
N SER E 173 27.28 -0.50 -20.93
CA SER E 173 28.06 -1.06 -19.83
C SER E 173 27.29 -2.20 -19.21
N MET E 174 28.00 -3.27 -18.85
CA MET E 174 27.39 -4.46 -18.27
C MET E 174 27.41 -4.47 -16.75
N SER E 175 27.98 -3.44 -16.12
CA SER E 175 28.07 -3.44 -14.66
C SER E 175 26.70 -3.49 -13.99
N PRO E 176 25.72 -2.67 -14.38
CA PRO E 176 24.39 -2.78 -13.74
C PRO E 176 23.68 -4.09 -14.03
N ILE E 177 24.07 -4.81 -15.08
CA ILE E 177 23.39 -6.04 -15.44
C ILE E 177 23.72 -7.13 -14.42
N ILE E 178 22.70 -7.88 -14.02
CA ILE E 178 22.89 -8.93 -13.02
C ILE E 178 23.45 -10.19 -13.67
N ALA E 179 24.04 -11.05 -12.85
CA ALA E 179 24.67 -12.27 -13.35
C ALA E 179 23.70 -13.18 -14.08
N PRO E 180 22.49 -13.45 -13.56
CA PRO E 180 21.57 -14.34 -14.31
C PRO E 180 21.27 -13.86 -15.71
N ILE E 181 21.10 -12.55 -15.90
CA ILE E 181 20.81 -12.03 -17.23
C ILE E 181 22.01 -12.21 -18.15
N LYS E 182 23.21 -11.97 -17.64
CA LYS E 182 24.41 -12.19 -18.44
C LYS E 182 24.53 -13.65 -18.85
N SER E 183 24.19 -14.57 -17.93
CA SER E 183 24.29 -15.99 -18.23
C SER E 183 23.30 -16.39 -19.32
N ARG E 184 22.13 -15.77 -19.34
CA ARG E 184 21.07 -16.13 -20.29
C ARG E 184 21.24 -15.46 -21.66
N CYS E 185 22.26 -14.64 -21.84
CA CYS E 185 22.44 -13.88 -23.07
C CYS E 185 23.77 -14.24 -23.72
N LEU E 186 23.83 -14.06 -25.04
CA LEU E 186 25.06 -14.22 -25.80
C LEU E 186 25.75 -12.87 -25.88
N LEU E 187 26.96 -12.79 -25.32
CA LEU E 187 27.69 -11.53 -25.23
C LEU E 187 28.28 -11.18 -26.60
N ILE E 188 28.09 -9.94 -27.02
CA ILE E 188 28.67 -9.42 -28.26
C ILE E 188 29.32 -8.08 -27.95
N ARG E 189 30.63 -7.99 -28.17
CA ARG E 189 31.39 -6.78 -27.92
C ARG E 189 31.51 -6.00 -29.23
N CYS E 190 31.25 -4.69 -29.14
CA CYS E 190 31.30 -3.81 -30.33
C CYS E 190 32.37 -2.75 -30.12
N PRO E 191 33.60 -2.98 -30.57
CA PRO E 191 34.65 -1.96 -30.40
C PRO E 191 34.36 -0.71 -31.19
N ALA E 192 34.86 0.41 -30.66
CA ALA E 192 34.67 1.69 -31.34
C ALA E 192 35.51 1.72 -32.63
N PRO E 193 35.03 2.44 -33.65
CA PRO E 193 35.81 2.51 -34.89
C PRO E 193 37.12 3.24 -34.69
N SER E 194 38.11 2.85 -35.50
CA SER E 194 39.42 3.47 -35.43
C SER E 194 39.38 4.87 -36.06
N ASP E 195 40.47 5.61 -35.86
CA ASP E 195 40.55 6.96 -36.41
C ASP E 195 40.49 6.94 -37.93
N SER E 196 41.18 5.98 -38.56
CA SER E 196 41.18 5.92 -40.02
C SER E 196 39.79 5.64 -40.57
N GLU E 197 39.04 4.73 -39.93
CA GLU E 197 37.70 4.43 -40.41
C GLU E 197 36.78 5.64 -40.27
N ILE E 198 36.88 6.35 -39.14
CA ILE E 198 36.07 7.55 -38.96
C ILE E 198 36.42 8.60 -40.01
N SER E 199 37.71 8.76 -40.29
CA SER E 199 38.12 9.72 -41.30
C SER E 199 37.60 9.32 -42.68
N THR E 200 37.62 8.03 -43.00
CA THR E 200 37.10 7.56 -44.28
C THR E 200 35.60 7.83 -44.39
N ILE E 201 34.86 7.56 -43.32
CA ILE E 201 33.41 7.80 -43.35
C ILE E 201 33.13 9.29 -43.53
N LEU E 202 33.87 10.15 -42.81
CA LEU E 202 33.69 11.58 -42.94
C LEU E 202 34.03 12.05 -44.34
N SER E 203 35.09 11.50 -44.93
CA SER E 203 35.46 11.86 -46.30
C SER E 203 34.38 11.45 -47.29
N ASP E 204 33.80 10.26 -47.10
CA ASP E 204 32.71 9.83 -47.96
C ASP E 204 31.53 10.78 -47.85
N VAL E 205 31.18 11.16 -46.62
CA VAL E 205 30.07 12.10 -46.42
C VAL E 205 30.38 13.43 -47.12
N VAL E 206 31.60 13.92 -46.97
CA VAL E 206 31.98 15.20 -47.56
C VAL E 206 31.88 15.13 -49.08
N THR E 207 32.43 14.06 -49.67
CA THR E 207 32.44 13.94 -51.13
C THR E 207 31.05 13.69 -51.69
N ASN E 208 30.15 13.10 -50.90
CA ASN E 208 28.76 12.93 -51.33
C ASN E 208 27.89 14.15 -51.04
N GLU E 209 28.38 15.10 -50.24
CA GLU E 209 27.64 16.32 -49.93
C GLU E 209 28.23 17.56 -50.60
N ARG E 210 29.30 17.41 -51.37
CA ARG E 210 29.93 18.53 -52.07
C ARG E 210 30.36 19.61 -51.06
N ILE E 211 31.28 19.22 -50.17
CA ILE E 211 31.85 20.12 -49.17
C ILE E 211 33.32 20.31 -49.51
N GLN E 212 33.74 21.57 -49.62
CA GLN E 212 35.11 21.89 -50.00
C GLN E 212 36.04 21.59 -48.83
N LEU E 213 37.13 20.86 -49.11
CA LEU E 213 38.09 20.48 -48.08
C LEU E 213 39.48 20.51 -48.70
N GLU E 214 40.33 21.42 -48.21
CA GLU E 214 41.67 21.55 -48.78
C GLU E 214 42.56 20.37 -48.39
N THR E 215 42.53 19.99 -47.11
CA THR E 215 43.36 18.91 -46.60
C THR E 215 42.51 17.90 -45.85
N LYS E 216 42.79 16.61 -46.06
CA LYS E 216 42.03 15.57 -45.37
C LYS E 216 42.34 15.56 -43.87
N ASP E 217 43.50 16.08 -43.47
CA ASP E 217 43.83 16.12 -42.05
C ASP E 217 42.74 16.81 -41.25
N ILE E 218 42.00 17.73 -41.88
CA ILE E 218 40.86 18.35 -41.23
C ILE E 218 40.02 17.28 -40.54
N LEU E 219 39.50 16.33 -41.32
CA LEU E 219 38.65 15.29 -40.76
C LEU E 219 39.36 14.55 -39.65
N LYS E 220 40.66 14.32 -39.81
CA LYS E 220 41.41 13.60 -38.78
C LYS E 220 41.24 14.27 -37.43
N ARG E 221 41.34 15.61 -37.38
CA ARG E 221 41.21 16.29 -36.09
C ARG E 221 39.85 15.98 -35.47
N ILE E 222 38.79 16.00 -36.29
CA ILE E 222 37.47 15.70 -35.78
C ILE E 222 37.49 14.35 -35.07
N ALA E 223 38.19 13.37 -35.65
CA ALA E 223 38.28 12.06 -35.02
C ALA E 223 38.96 12.15 -33.66
N GLN E 224 40.10 12.87 -33.59
CA GLN E 224 40.71 13.05 -32.27
C GLN E 224 39.83 13.86 -31.33
N ALA E 225 38.85 14.59 -31.84
CA ALA E 225 37.92 15.29 -30.96
C ALA E 225 36.71 14.44 -30.60
N SER E 226 36.55 13.26 -31.21
CA SER E 226 35.40 12.40 -30.93
C SER E 226 35.70 11.29 -29.93
N ASN E 227 36.97 10.93 -29.74
CA ASN E 227 37.34 9.89 -28.79
C ASN E 227 36.66 8.57 -29.12
N GLY E 228 36.55 8.25 -30.41
CA GLY E 228 35.99 7.01 -30.88
C GLY E 228 34.53 7.08 -31.27
N ASN E 229 33.81 8.10 -30.82
CA ASN E 229 32.40 8.24 -31.16
C ASN E 229 32.25 8.65 -32.61
N LEU E 230 31.31 8.01 -33.31
CA LEU E 230 31.04 8.30 -34.71
C LEU E 230 29.88 9.28 -34.90
N ARG E 231 28.81 9.13 -34.10
CA ARG E 231 27.72 10.10 -34.16
C ARG E 231 28.20 11.49 -33.82
N VAL E 232 29.04 11.62 -32.78
CA VAL E 232 29.60 12.91 -32.43
C VAL E 232 30.44 13.45 -33.57
N SER E 233 31.22 12.58 -34.22
CA SER E 233 32.06 13.02 -35.33
C SER E 233 31.20 13.58 -36.46
N LEU E 234 30.14 12.86 -36.83
CA LEU E 234 29.27 13.31 -37.92
C LEU E 234 28.58 14.62 -37.56
N LEU E 235 28.06 14.72 -36.33
CA LEU E 235 27.39 15.95 -35.92
C LEU E 235 28.35 17.13 -35.89
N MET E 236 29.58 16.91 -35.42
CA MET E 236 30.57 17.98 -35.40
C MET E 236 30.93 18.40 -36.81
N LEU E 237 31.08 17.44 -37.73
CA LEU E 237 31.36 17.79 -39.12
C LEU E 237 30.23 18.63 -39.69
N GLU E 238 28.98 18.23 -39.44
CA GLU E 238 27.85 18.99 -39.96
C GLU E 238 27.82 20.41 -39.39
N SER E 239 28.05 20.53 -38.07
CA SER E 239 28.04 21.85 -37.45
C SER E 239 29.16 22.73 -38.00
N MET E 240 30.36 22.16 -38.17
CA MET E 240 31.47 22.92 -38.72
C MET E 240 31.18 23.37 -40.15
N ALA E 241 30.60 22.48 -40.95
CA ALA E 241 30.25 22.85 -42.32
C ALA E 241 29.21 23.97 -42.34
N LEU E 242 28.22 23.90 -41.45
CA LEU E 242 27.19 24.93 -41.40
C LEU E 242 27.72 26.25 -40.86
N ASN E 243 28.75 26.21 -40.00
CA ASN E 243 29.30 27.42 -39.42
C ASN E 243 30.39 28.07 -40.26
N ASN E 244 30.86 27.39 -41.31
CA ASN E 244 31.94 27.90 -42.15
C ASN E 244 31.50 27.99 -43.61
N GLU E 245 30.21 28.22 -43.85
CA GLU E 245 29.68 28.40 -45.20
C GLU E 245 30.03 27.20 -46.08
N LEU E 246 29.84 26.01 -45.53
CA LEU E 246 30.07 24.76 -46.27
C LEU E 246 31.49 24.69 -46.82
N ALA E 247 32.46 25.16 -46.03
CA ALA E 247 33.85 25.13 -46.44
C ALA E 247 34.72 25.10 -45.18
N LEU E 248 35.33 23.96 -44.89
CA LEU E 248 36.18 23.83 -43.72
C LEU E 248 37.58 24.36 -44.01
N LYS E 249 38.11 25.14 -43.07
CA LYS E 249 39.43 25.73 -43.19
C LYS E 249 40.36 25.15 -42.14
N SER E 250 41.67 25.30 -42.38
CA SER E 250 42.67 24.81 -41.45
C SER E 250 42.59 25.52 -40.10
N SER E 251 42.03 26.73 -40.06
CA SER E 251 41.92 27.50 -38.83
C SER E 251 40.57 27.31 -38.14
N SER E 252 39.69 26.47 -38.68
CA SER E 252 38.38 26.28 -38.07
C SER E 252 38.54 25.63 -36.70
N PRO E 253 37.93 26.17 -35.65
CA PRO E 253 38.04 25.54 -34.33
C PRO E 253 37.06 24.40 -34.15
N ILE E 254 37.36 23.55 -33.18
CA ILE E 254 36.49 22.44 -32.83
C ILE E 254 35.33 22.96 -32.00
N ILE E 255 34.11 22.64 -32.42
CA ILE E 255 32.91 23.13 -31.75
C ILE E 255 32.54 22.17 -30.63
N LYS E 256 32.55 22.66 -29.39
CA LYS E 256 32.24 21.86 -28.22
C LYS E 256 30.82 22.15 -27.74
N PRO E 257 30.13 21.17 -27.18
CA PRO E 257 28.77 21.41 -26.69
C PRO E 257 28.78 22.26 -25.42
N ASP E 258 27.62 22.86 -25.15
CA ASP E 258 27.52 23.84 -24.06
C ASP E 258 27.88 23.20 -22.72
N TRP E 259 27.38 22.01 -22.45
CA TRP E 259 27.60 21.39 -21.14
C TRP E 259 29.09 21.13 -20.91
N ILE E 260 29.83 20.77 -21.95
CA ILE E 260 31.27 20.58 -21.78
C ILE E 260 31.94 21.88 -21.37
N ILE E 261 31.55 22.99 -22.00
CA ILE E 261 32.13 24.29 -21.64
C ILE E 261 31.78 24.66 -20.21
N VAL E 262 30.53 24.36 -19.80
CA VAL E 262 30.13 24.65 -18.42
C VAL E 262 30.97 23.83 -17.44
N ILE E 263 31.20 22.55 -17.75
CA ILE E 263 31.99 21.71 -16.88
C ILE E 263 33.44 22.21 -16.82
N HIS E 264 33.97 22.68 -17.96
CA HIS E 264 35.32 23.23 -17.95
C HIS E 264 35.40 24.50 -17.10
N LYS E 265 34.39 25.37 -17.21
CA LYS E 265 34.32 26.54 -16.34
C LYS E 265 34.31 26.12 -14.87
N LEU E 266 33.50 25.11 -14.54
CA LEU E 266 33.44 24.65 -13.16
C LEU E 266 34.79 24.13 -12.70
N THR E 267 35.47 23.35 -13.55
CA THR E 267 36.76 22.77 -13.18
C THR E 267 37.80 23.85 -12.93
N ARG E 268 37.92 24.81 -13.85
CA ARG E 268 38.92 25.85 -13.69
C ARG E 268 38.50 26.95 -12.73
N LYS E 269 37.26 26.94 -12.24
CA LYS E 269 36.91 27.76 -11.09
C LYS E 269 37.26 27.05 -9.79
N ILE E 270 37.03 25.73 -9.73
CA ILE E 270 37.39 24.97 -8.55
C ILE E 270 38.90 24.99 -8.34
N VAL E 271 39.66 24.82 -9.41
CA VAL E 271 41.12 24.80 -9.29
C VAL E 271 41.62 26.15 -8.80
N LYS E 272 41.11 27.24 -9.38
CA LYS E 272 41.62 28.57 -9.04
C LYS E 272 41.20 28.97 -7.62
N GLU E 273 39.93 28.77 -7.28
CA GLU E 273 39.37 29.21 -6.01
C GLU E 273 38.92 28.01 -5.21
N ARG E 274 39.28 27.97 -3.93
CA ARG E 274 38.91 26.89 -3.01
C ARG E 274 38.37 27.52 -1.74
N SER E 275 37.06 27.72 -1.67
CA SER E 275 36.42 28.37 -0.53
C SER E 275 34.97 27.91 -0.46
N VAL E 276 34.34 28.20 0.68
CA VAL E 276 32.94 27.82 0.88
C VAL E 276 32.05 28.57 -0.10
N ASN E 277 32.33 29.86 -0.32
CA ASN E 277 31.55 30.62 -1.30
C ASN E 277 31.73 30.04 -2.68
N SER E 278 32.95 29.60 -3.02
CA SER E 278 33.15 28.90 -4.28
C SER E 278 32.31 27.64 -4.34
N LEU E 279 32.18 26.92 -3.21
CA LEU E 279 31.34 25.73 -3.20
C LEU E 279 29.87 26.07 -3.41
N ILE E 280 29.42 27.21 -2.87
CA ILE E 280 28.04 27.63 -3.08
C ILE E 280 27.80 27.95 -4.56
N GLU E 281 28.76 28.66 -5.17
CA GLU E 281 28.64 28.96 -6.59
C GLU E 281 28.65 27.67 -7.42
N CYS E 282 29.48 26.70 -7.03
CA CYS E 282 29.48 25.41 -7.70
C CYS E 282 28.15 24.68 -7.50
N ARG E 283 27.52 24.84 -6.33
CA ARG E 283 26.19 24.28 -6.14
C ARG E 283 25.19 24.89 -7.11
N ALA E 284 25.24 26.21 -7.29
CA ALA E 284 24.36 26.84 -8.26
C ALA E 284 24.63 26.32 -9.67
N VAL E 285 25.90 26.17 -10.04
CA VAL E 285 26.24 25.67 -11.36
C VAL E 285 25.75 24.24 -11.54
N LEU E 286 25.88 23.41 -10.49
CA LEU E 286 25.41 22.03 -10.56
C LEU E 286 23.90 21.97 -10.70
N TYR E 287 23.18 22.84 -9.97
CA TYR E 287 21.74 22.91 -10.15
C TYR E 287 21.38 23.26 -11.58
N ASP E 288 22.06 24.25 -12.16
CA ASP E 288 21.80 24.64 -13.53
C ASP E 288 22.05 23.48 -14.49
N LEU E 289 23.16 22.77 -14.29
CA LEU E 289 23.50 21.65 -15.17
C LEU E 289 22.47 20.53 -15.05
N LEU E 290 22.09 20.19 -13.82
CA LEU E 290 21.19 19.06 -13.62
C LEU E 290 19.78 19.36 -14.08
N ALA E 291 19.33 20.61 -13.96
CA ALA E 291 17.96 20.94 -14.30
C ALA E 291 17.67 20.81 -15.80
N HIS E 292 18.69 20.68 -16.64
CA HIS E 292 18.52 20.67 -18.09
C HIS E 292 18.87 19.30 -18.69
N CYS E 293 18.48 18.22 -18.01
CA CYS E 293 18.61 16.86 -18.54
C CYS E 293 20.07 16.54 -18.88
N ILE E 294 20.94 16.69 -17.90
CA ILE E 294 22.34 16.29 -17.99
C ILE E 294 22.57 15.22 -16.92
N PRO E 295 22.79 13.95 -17.29
CA PRO E 295 22.90 12.90 -16.28
C PRO E 295 24.05 13.18 -15.30
N ALA E 296 23.80 12.81 -14.04
CA ALA E 296 24.79 13.06 -12.99
C ALA E 296 26.07 12.27 -13.22
N ASN E 297 25.95 11.03 -13.69
CA ASN E 297 27.14 10.21 -13.91
C ASN E 297 28.04 10.83 -14.97
N ILE E 298 27.46 11.33 -16.06
CA ILE E 298 28.25 11.97 -17.10
C ILE E 298 28.93 13.21 -16.55
N ILE E 299 28.21 14.01 -15.75
CA ILE E 299 28.81 15.21 -15.16
C ILE E 299 30.00 14.83 -14.29
N LEU E 300 29.84 13.81 -13.45
CA LEU E 300 30.93 13.39 -12.57
C LEU E 300 32.12 12.90 -13.38
N LYS E 301 31.87 12.08 -14.40
CA LYS E 301 32.96 11.56 -15.21
C LYS E 301 33.72 12.68 -15.91
N GLU E 302 33.00 13.61 -16.53
CA GLU E 302 33.66 14.70 -17.24
C GLU E 302 34.41 15.61 -16.28
N LEU E 303 33.82 15.90 -15.11
CA LEU E 303 34.51 16.75 -14.14
C LEU E 303 35.79 16.07 -13.66
N THR E 304 35.73 14.77 -13.37
CA THR E 304 36.91 14.06 -12.91
C THR E 304 38.00 14.05 -13.97
N PHE E 305 37.63 13.77 -15.23
CA PHE E 305 38.63 13.67 -16.28
C PHE E 305 39.14 15.03 -16.74
N SER E 306 38.39 16.11 -16.48
CA SER E 306 38.91 17.45 -16.71
C SER E 306 39.83 17.90 -15.59
N LEU E 307 39.52 17.53 -14.35
CA LEU E 307 40.42 17.83 -13.24
C LEU E 307 41.75 17.12 -13.41
N LEU E 308 41.73 15.86 -13.85
CA LEU E 308 42.95 15.10 -14.06
C LEU E 308 43.79 15.64 -15.22
N ASP E 309 43.20 16.47 -16.08
CA ASP E 309 43.93 17.05 -17.21
C ASP E 309 44.57 18.38 -16.87
N VAL E 310 44.46 18.85 -15.63
CA VAL E 310 45.06 20.11 -15.24
C VAL E 310 46.58 19.93 -15.18
N GLU E 311 47.31 20.89 -15.76
CA GLU E 311 48.75 20.80 -15.83
C GLU E 311 49.45 21.30 -14.56
N THR E 312 48.72 21.95 -13.67
CA THR E 312 49.30 22.46 -12.43
C THR E 312 49.26 21.45 -11.30
N LEU E 313 48.30 20.53 -11.31
CA LEU E 313 48.18 19.54 -10.25
C LEU E 313 49.30 18.51 -10.34
N ASN E 314 49.61 17.90 -9.20
CA ASN E 314 50.66 16.90 -9.10
C ASN E 314 50.06 15.51 -9.03
N THR E 315 50.93 14.50 -8.89
CA THR E 315 50.46 13.12 -8.87
C THR E 315 49.58 12.83 -7.67
N THR E 316 49.96 13.33 -6.49
CA THR E 316 49.17 13.06 -5.28
C THR E 316 47.76 13.64 -5.40
N ASN E 317 47.65 14.87 -5.91
CA ASN E 317 46.35 15.49 -6.07
C ASN E 317 45.49 14.69 -7.04
N LYS E 318 46.07 14.24 -8.15
CA LYS E 318 45.31 13.45 -9.12
C LYS E 318 44.86 12.12 -8.52
N SER E 319 45.73 11.48 -7.75
CA SER E 319 45.37 10.22 -7.11
C SER E 319 44.22 10.43 -6.13
N SER E 320 44.29 11.49 -5.33
CA SER E 320 43.20 11.77 -4.40
C SER E 320 41.91 12.05 -5.15
N ILE E 321 41.99 12.81 -6.25
CA ILE E 321 40.80 13.15 -7.01
C ILE E 321 40.17 11.89 -7.59
N ILE E 322 40.98 10.99 -8.15
CA ILE E 322 40.42 9.78 -8.76
C ILE E 322 39.85 8.86 -7.69
N GLU E 323 40.50 8.78 -6.53
CA GLU E 323 39.93 7.97 -5.45
C GLU E 323 38.58 8.52 -5.00
N TYR E 324 38.49 9.84 -4.82
CA TYR E 324 37.22 10.44 -4.42
C TYR E 324 36.16 10.23 -5.50
N SER E 325 36.54 10.35 -6.76
CA SER E 325 35.59 10.10 -7.84
C SER E 325 35.09 8.67 -7.83
N SER E 326 36.00 7.71 -7.59
CA SER E 326 35.60 6.31 -7.52
C SER E 326 34.62 6.08 -6.38
N VAL E 327 34.88 6.67 -5.21
CA VAL E 327 33.97 6.50 -4.08
C VAL E 327 32.62 7.12 -4.38
N PHE E 328 32.62 8.34 -4.91
CA PHE E 328 31.37 9.06 -5.12
C PHE E 328 30.57 8.53 -6.31
N ASP E 329 31.21 7.82 -7.24
CA ASP E 329 30.44 7.14 -8.29
C ASP E 329 29.57 6.05 -7.68
N GLU E 330 30.14 5.25 -6.77
CA GLU E 330 29.34 4.25 -6.06
C GLU E 330 28.29 4.93 -5.20
N ARG E 331 28.65 6.05 -4.56
CA ARG E 331 27.66 6.79 -3.78
C ARG E 331 26.48 7.21 -4.64
N LEU E 332 26.75 7.73 -5.84
CA LEU E 332 25.69 8.11 -6.76
C LEU E 332 24.86 6.90 -7.17
N SER E 333 25.53 5.77 -7.46
CA SER E 333 24.81 4.58 -7.89
C SER E 333 23.85 4.08 -6.82
N LEU E 334 24.14 4.35 -5.55
CA LEU E 334 23.34 3.88 -4.44
C LEU E 334 22.52 5.00 -3.79
N GLY E 335 22.36 6.13 -4.48
CA GLY E 335 21.67 7.26 -3.91
C GLY E 335 20.66 7.83 -4.90
N ASN E 336 19.84 8.75 -4.38
CA ASN E 336 18.78 9.40 -5.14
C ASN E 336 19.12 10.83 -5.53
N LYS E 337 19.53 11.65 -4.57
CA LYS E 337 19.84 13.05 -4.82
C LYS E 337 21.25 13.15 -5.41
N ALA E 338 21.34 13.50 -6.69
CA ALA E 338 22.64 13.57 -7.34
C ALA E 338 23.52 14.65 -6.73
N ILE E 339 22.94 15.83 -6.47
CA ILE E 339 23.75 16.93 -5.95
C ILE E 339 24.29 16.59 -4.56
N PHE E 340 23.55 15.81 -3.78
CA PHE E 340 24.03 15.45 -2.45
C PHE E 340 25.40 14.78 -2.50
N HIS E 341 25.70 14.08 -3.60
CA HIS E 341 26.99 13.44 -3.79
C HIS E 341 27.95 14.28 -4.61
N LEU E 342 27.44 15.03 -5.59
CA LEU E 342 28.32 15.90 -6.38
C LEU E 342 28.95 16.97 -5.51
N GLU E 343 28.18 17.57 -4.60
CA GLU E 343 28.73 18.56 -3.69
C GLU E 343 29.78 17.95 -2.78
N GLY E 344 29.54 16.73 -2.28
CA GLY E 344 30.54 16.08 -1.46
C GLY E 344 31.83 15.82 -2.23
N PHE E 345 31.71 15.36 -3.48
CA PHE E 345 32.89 15.14 -4.29
C PHE E 345 33.66 16.42 -4.53
N ILE E 346 32.95 17.51 -4.84
CA ILE E 346 33.62 18.79 -5.08
C ILE E 346 34.31 19.28 -3.82
N ALA E 347 33.63 19.15 -2.67
CA ALA E 347 34.23 19.58 -1.41
C ALA E 347 35.49 18.77 -1.09
N LYS E 348 35.43 17.46 -1.29
CA LYS E 348 36.62 16.64 -1.05
C LYS E 348 37.75 17.02 -1.99
N VAL E 349 37.43 17.27 -3.26
CA VAL E 349 38.47 17.67 -4.21
C VAL E 349 39.11 18.98 -3.79
N MET E 350 38.28 19.96 -3.41
CA MET E 350 38.82 21.25 -2.99
C MET E 350 39.65 21.12 -1.73
N CYS E 351 39.25 20.26 -0.80
CA CYS E 351 40.04 20.04 0.41
C CYS E 351 41.39 19.40 0.06
N CYS E 352 41.40 18.43 -0.86
CA CYS E 352 42.64 17.73 -1.16
C CYS E 352 43.63 18.58 -1.95
N LEU E 353 43.17 19.67 -2.55
CA LEU E 353 44.04 20.56 -3.30
C LEU E 353 44.68 21.60 -2.38
N SER F 19 -21.45 -43.13 -11.83
CA SER F 19 -21.05 -42.28 -10.67
C SER F 19 -21.33 -43.00 -9.36
N MET F 20 -20.64 -42.58 -8.30
CA MET F 20 -20.80 -43.17 -6.98
C MET F 20 -21.87 -42.45 -6.16
N LEU F 21 -21.76 -41.14 -6.00
CA LEU F 21 -22.78 -40.33 -5.34
C LEU F 21 -23.48 -39.50 -6.39
N GLU F 22 -24.79 -39.68 -6.50
CA GLU F 22 -25.61 -38.93 -7.46
C GLU F 22 -26.88 -38.49 -6.74
N ALA F 23 -27.04 -37.19 -6.55
CA ALA F 23 -28.21 -36.62 -5.88
C ALA F 23 -28.90 -35.67 -6.83
N LYS F 24 -30.18 -35.93 -7.12
CA LYS F 24 -30.94 -35.13 -8.05
C LYS F 24 -31.97 -34.28 -7.29
N PHE F 25 -31.96 -32.98 -7.56
CA PHE F 25 -32.88 -32.05 -6.93
C PHE F 25 -34.08 -31.81 -7.82
N GLU F 26 -35.26 -31.66 -7.20
CA GLU F 26 -36.46 -31.32 -7.96
C GLU F 26 -36.31 -29.97 -8.63
N GLU F 27 -35.76 -28.99 -7.91
CA GLU F 27 -35.53 -27.66 -8.46
C GLU F 27 -34.24 -27.11 -7.87
N ALA F 28 -33.43 -26.45 -8.72
CA ALA F 28 -32.18 -25.87 -8.24
C ALA F 28 -32.44 -24.81 -7.17
N SER F 29 -33.58 -24.12 -7.26
CA SER F 29 -33.92 -23.14 -6.23
C SER F 29 -34.00 -23.79 -4.86
N LEU F 30 -34.40 -25.06 -4.79
CA LEU F 30 -34.53 -25.73 -3.50
C LEU F 30 -33.20 -25.74 -2.75
N PHE F 31 -32.11 -26.07 -3.45
CA PHE F 31 -30.79 -26.05 -2.84
C PHE F 31 -30.25 -24.62 -2.72
N LYS F 32 -30.57 -23.77 -3.70
CA LYS F 32 -30.04 -22.41 -3.70
C LYS F 32 -30.51 -21.63 -2.49
N ARG F 33 -31.80 -21.77 -2.14
CA ARG F 33 -32.33 -21.02 -1.00
C ARG F 33 -31.68 -21.43 0.31
N ILE F 34 -31.43 -22.73 0.50
CA ILE F 34 -30.78 -23.17 1.73
C ILE F 34 -29.32 -22.71 1.75
N ILE F 35 -28.65 -22.75 0.60
CA ILE F 35 -27.27 -22.27 0.55
C ILE F 35 -27.21 -20.79 0.89
N ASP F 36 -28.16 -20.00 0.36
CA ASP F 36 -28.20 -18.58 0.64
C ASP F 36 -28.61 -18.29 2.09
N GLY F 37 -29.22 -19.25 2.77
CA GLY F 37 -29.71 -19.01 4.12
C GLY F 37 -28.63 -18.84 5.16
N PHE F 38 -27.44 -19.36 4.92
CA PHE F 38 -26.36 -19.26 5.90
C PHE F 38 -25.01 -18.96 5.25
N LYS F 39 -24.99 -18.38 4.05
CA LYS F 39 -23.73 -18.05 3.41
C LYS F 39 -23.07 -16.82 4.01
N ASP F 40 -23.84 -15.92 4.61
CA ASP F 40 -23.33 -14.65 5.10
C ASP F 40 -22.75 -14.74 6.51
N CYS F 41 -22.81 -15.91 7.15
CA CYS F 41 -22.28 -16.07 8.50
C CYS F 41 -21.09 -17.02 8.59
N VAL F 42 -20.90 -17.90 7.60
CA VAL F 42 -19.77 -18.83 7.59
C VAL F 42 -19.16 -18.84 6.20
N GLN F 43 -17.91 -19.31 6.13
CA GLN F 43 -17.15 -19.31 4.89
C GLN F 43 -16.86 -20.71 4.37
N LEU F 44 -16.29 -21.58 5.19
CA LEU F 44 -15.94 -22.93 4.80
C LEU F 44 -16.97 -23.91 5.32
N VAL F 45 -17.41 -24.84 4.46
CA VAL F 45 -18.45 -25.80 4.81
C VAL F 45 -17.94 -27.20 4.54
N ASN F 46 -18.42 -28.15 5.34
CA ASN F 46 -18.09 -29.57 5.18
C ASN F 46 -19.39 -30.36 5.09
N PHE F 47 -19.54 -31.11 4.01
CA PHE F 47 -20.73 -31.93 3.77
C PHE F 47 -20.38 -33.40 3.92
N GLN F 48 -21.17 -34.12 4.71
CA GLN F 48 -21.08 -35.57 4.82
C GLN F 48 -22.34 -36.16 4.20
N CYS F 49 -22.16 -36.92 3.12
CA CYS F 49 -23.25 -37.52 2.38
C CYS F 49 -23.27 -39.02 2.67
N LYS F 50 -24.43 -39.52 3.09
CA LYS F 50 -24.60 -40.92 3.46
C LYS F 50 -25.90 -41.42 2.84
N GLU F 51 -26.37 -42.59 3.29
CA GLU F 51 -27.61 -43.13 2.76
C GLU F 51 -28.82 -42.39 3.35
N ASP F 52 -28.73 -42.01 4.63
CA ASP F 52 -29.86 -41.33 5.27
C ASP F 52 -30.08 -39.96 4.66
N GLY F 53 -29.02 -39.23 4.35
CA GLY F 53 -29.15 -37.90 3.81
C GLY F 53 -27.81 -37.18 3.78
N ILE F 54 -27.87 -35.86 3.69
CA ILE F 54 -26.69 -35.02 3.63
C ILE F 54 -26.68 -34.12 4.86
N ILE F 55 -25.60 -34.18 5.64
CA ILE F 55 -25.44 -33.35 6.81
C ILE F 55 -24.27 -32.40 6.58
N ALA F 56 -24.25 -31.31 7.34
CA ALA F 56 -23.16 -30.35 7.22
C ALA F 56 -23.12 -29.49 8.47
N GLN F 57 -21.90 -29.14 8.89
CA GLN F 57 -21.69 -28.22 10.00
C GLN F 57 -20.58 -27.24 9.64
N ALA F 58 -20.82 -25.97 9.93
CA ALA F 58 -19.88 -24.90 9.64
C ALA F 58 -19.70 -24.04 10.89
N VAL F 59 -18.46 -23.67 11.16
CA VAL F 59 -18.10 -22.82 12.29
C VAL F 59 -17.53 -21.52 11.75
N ASP F 60 -18.05 -20.41 12.24
CA ASP F 60 -17.60 -19.10 11.78
C ASP F 60 -16.21 -18.80 12.32
N ASP F 61 -15.58 -17.76 11.75
CA ASP F 61 -14.21 -17.42 12.11
C ASP F 61 -14.11 -17.04 13.58
N SER F 62 -15.07 -16.28 14.09
CA SER F 62 -15.04 -15.88 15.49
C SER F 62 -15.33 -17.02 16.45
N ARG F 63 -15.71 -18.19 15.95
CA ARG F 63 -15.99 -19.36 16.78
C ARG F 63 -17.10 -19.06 17.79
N VAL F 64 -18.14 -18.35 17.33
CA VAL F 64 -19.28 -17.98 18.15
C VAL F 64 -20.56 -18.65 17.67
N LEU F 65 -20.76 -18.72 16.36
CA LEU F 65 -21.97 -19.29 15.78
C LEU F 65 -21.63 -20.57 15.03
N LEU F 66 -22.47 -21.59 15.20
CA LEU F 66 -22.34 -22.85 14.50
C LEU F 66 -23.61 -23.11 13.70
N VAL F 67 -23.45 -23.50 12.44
CA VAL F 67 -24.58 -23.76 11.53
C VAL F 67 -24.59 -25.25 11.23
N SER F 68 -25.71 -25.91 11.51
CA SER F 68 -25.88 -27.34 11.28
C SER F 68 -27.08 -27.55 10.37
N LEU F 69 -26.83 -28.07 9.17
CA LEU F 69 -27.88 -28.31 8.19
C LEU F 69 -28.00 -29.81 7.93
N GLU F 70 -29.24 -30.28 7.80
CA GLU F 70 -29.51 -31.66 7.41
C GLU F 70 -30.60 -31.67 6.35
N ILE F 71 -30.37 -32.41 5.27
CA ILE F 71 -31.32 -32.57 4.18
C ILE F 71 -31.55 -34.06 3.98
N GLY F 72 -32.82 -34.48 4.05
CA GLY F 72 -33.14 -35.88 3.90
C GLY F 72 -33.29 -36.30 2.45
N VAL F 73 -33.46 -37.61 2.26
CA VAL F 73 -33.64 -38.16 0.92
C VAL F 73 -34.95 -37.71 0.30
N GLU F 74 -35.94 -37.32 1.10
CA GLU F 74 -37.24 -36.92 0.57
C GLU F 74 -37.16 -35.60 -0.20
N ALA F 75 -36.11 -34.81 0.02
CA ALA F 75 -35.94 -33.56 -0.71
C ALA F 75 -35.31 -33.75 -2.08
N PHE F 76 -34.91 -34.97 -2.42
CA PHE F 76 -34.28 -35.28 -3.70
C PHE F 76 -35.21 -36.14 -4.55
N GLN F 77 -35.23 -35.88 -5.85
CA GLN F 77 -35.95 -36.75 -6.78
C GLN F 77 -35.33 -38.14 -6.79
N GLU F 78 -34.07 -38.23 -7.20
CA GLU F 78 -33.31 -39.47 -7.18
C GLU F 78 -32.04 -39.25 -6.37
N TYR F 79 -31.82 -40.10 -5.37
CA TYR F 79 -30.66 -40.00 -4.49
C TYR F 79 -30.01 -41.36 -4.37
N ARG F 80 -28.70 -41.41 -4.60
CA ARG F 80 -27.95 -42.66 -4.44
C ARG F 80 -26.57 -42.32 -3.90
N CYS F 81 -26.16 -43.02 -2.85
CA CYS F 81 -24.89 -42.81 -2.18
C CYS F 81 -24.42 -44.15 -1.62
N ASP F 82 -23.45 -44.78 -2.30
CA ASP F 82 -23.01 -46.10 -1.89
C ASP F 82 -22.20 -46.06 -0.60
N HIS F 83 -21.27 -45.11 -0.49
CA HIS F 83 -20.42 -45.00 0.67
C HIS F 83 -20.38 -43.55 1.15
N PRO F 84 -20.11 -43.33 2.44
CA PRO F 84 -20.08 -41.95 2.94
C PRO F 84 -19.04 -41.12 2.19
N VAL F 85 -19.39 -39.86 1.94
CA VAL F 85 -18.52 -38.94 1.20
C VAL F 85 -18.37 -37.67 2.01
N THR F 86 -17.12 -37.24 2.18
CA THR F 86 -16.78 -35.99 2.87
C THR F 86 -16.29 -34.99 1.85
N LEU F 87 -16.93 -33.82 1.81
CA LEU F 87 -16.63 -32.80 0.81
C LEU F 87 -16.41 -31.47 1.52
N GLY F 88 -15.24 -30.87 1.32
CA GLY F 88 -14.94 -29.55 1.85
C GLY F 88 -15.03 -28.51 0.77
N MET F 89 -15.80 -27.46 1.02
CA MET F 89 -16.07 -26.43 0.02
C MET F 89 -15.99 -25.04 0.64
N ASP F 90 -15.78 -24.06 -0.22
CA ASP F 90 -15.87 -22.65 0.15
C ASP F 90 -17.25 -22.14 -0.25
N LEU F 91 -17.99 -21.61 0.73
CA LEU F 91 -19.37 -21.23 0.47
C LEU F 91 -19.46 -20.12 -0.58
N THR F 92 -18.49 -19.22 -0.61
CA THR F 92 -18.51 -18.16 -1.63
C THR F 92 -18.43 -18.75 -3.03
N SER F 93 -17.50 -19.70 -3.24
CA SER F 93 -17.35 -20.31 -4.55
C SER F 93 -18.61 -21.10 -4.94
N LEU F 94 -19.17 -21.84 -3.99
CA LEU F 94 -20.38 -22.60 -4.28
C LEU F 94 -21.55 -21.68 -4.63
N SER F 95 -21.68 -20.56 -3.90
CA SER F 95 -22.74 -19.60 -4.22
C SER F 95 -22.51 -18.99 -5.59
N LYS F 96 -21.26 -18.68 -5.94
CA LYS F 96 -20.98 -18.14 -7.26
C LYS F 96 -21.36 -19.12 -8.35
N ILE F 97 -21.01 -20.40 -8.17
CA ILE F 97 -21.32 -21.40 -9.19
C ILE F 97 -22.84 -21.59 -9.29
N LEU F 98 -23.53 -21.59 -8.16
CA LEU F 98 -25.00 -21.71 -8.19
C LEU F 98 -25.61 -20.52 -8.91
N ARG F 99 -25.07 -19.33 -8.69
CA ARG F 99 -25.55 -18.15 -9.42
C ARG F 99 -25.31 -18.31 -10.91
N CYS F 100 -24.17 -18.88 -11.30
CA CYS F 100 -23.90 -19.15 -12.70
C CYS F 100 -25.01 -20.02 -13.30
N GLY F 101 -25.51 -20.97 -12.53
CA GLY F 101 -26.63 -21.78 -12.98
C GLY F 101 -27.93 -21.01 -12.97
N ASN F 102 -28.92 -21.54 -13.68
CA ASN F 102 -30.22 -20.92 -13.80
C ASN F 102 -31.15 -21.40 -12.68
N ASN F 103 -32.29 -20.73 -12.57
CA ASN F 103 -33.29 -21.04 -11.56
C ASN F 103 -34.38 -21.99 -12.07
N THR F 104 -34.26 -22.48 -13.30
CA THR F 104 -35.28 -23.33 -13.89
C THR F 104 -34.75 -24.69 -14.34
N ASP F 105 -33.45 -24.94 -14.22
CA ASP F 105 -32.87 -26.21 -14.63
C ASP F 105 -32.79 -27.17 -13.45
N THR F 106 -32.57 -28.44 -13.79
CA THR F 106 -32.38 -29.49 -12.79
C THR F 106 -30.92 -29.54 -12.36
N LEU F 107 -30.70 -29.57 -11.05
CA LEU F 107 -29.37 -29.58 -10.44
C LEU F 107 -29.08 -31.00 -9.96
N THR F 108 -27.89 -31.49 -10.31
CA THR F 108 -27.44 -32.81 -9.88
C THR F 108 -26.08 -32.67 -9.21
N LEU F 109 -25.96 -33.19 -7.99
CA LEU F 109 -24.69 -33.32 -7.31
C LEU F 109 -24.07 -34.66 -7.69
N ILE F 110 -22.84 -34.62 -8.22
CA ILE F 110 -22.15 -35.81 -8.69
C ILE F 110 -20.78 -35.87 -8.02
N ALA F 111 -20.45 -37.03 -7.46
CA ALA F 111 -19.14 -37.25 -6.85
C ALA F 111 -18.75 -38.70 -7.06
N ASP F 112 -17.44 -38.94 -7.07
CA ASP F 112 -16.86 -40.27 -7.27
C ASP F 112 -16.07 -40.65 -6.02
N ASN F 113 -15.52 -41.86 -6.04
CA ASN F 113 -14.72 -42.33 -4.91
C ASN F 113 -13.51 -41.43 -4.70
N THR F 114 -13.17 -41.21 -3.42
CA THR F 114 -12.09 -40.31 -3.01
C THR F 114 -12.04 -39.10 -3.93
N PRO F 115 -13.12 -38.32 -4.00
CA PRO F 115 -13.20 -37.26 -5.01
C PRO F 115 -12.25 -36.11 -4.73
N ASP F 116 -11.62 -35.61 -5.79
CA ASP F 116 -10.86 -34.37 -5.72
C ASP F 116 -11.69 -33.17 -6.12
N SER F 117 -12.92 -33.37 -6.58
CA SER F 117 -13.79 -32.28 -6.99
C SER F 117 -15.23 -32.75 -6.93
N ILE F 118 -16.14 -31.78 -6.91
CA ILE F 118 -17.58 -32.02 -6.92
C ILE F 118 -18.14 -31.46 -8.21
N ILE F 119 -19.05 -32.20 -8.84
CA ILE F 119 -19.61 -31.81 -10.13
C ILE F 119 -21.06 -31.38 -9.92
N LEU F 120 -21.38 -30.17 -10.35
CA LEU F 120 -22.74 -29.66 -10.37
C LEU F 120 -23.22 -29.69 -11.81
N LEU F 121 -24.30 -30.42 -12.05
CA LEU F 121 -24.86 -30.60 -13.39
C LEU F 121 -26.18 -29.86 -13.49
N PHE F 122 -26.26 -28.90 -14.40
CA PHE F 122 -27.48 -28.15 -14.68
C PHE F 122 -28.02 -28.61 -16.03
N GLU F 123 -29.22 -29.17 -16.03
CA GLU F 123 -29.83 -29.71 -17.24
C GLU F 123 -31.18 -29.05 -17.48
N ASP F 124 -31.42 -28.62 -18.73
CA ASP F 124 -32.68 -28.02 -19.12
C ASP F 124 -33.49 -29.02 -19.94
N THR F 125 -34.74 -29.24 -19.52
CA THR F 125 -35.59 -30.21 -20.23
C THR F 125 -36.10 -29.66 -21.55
N LYS F 126 -36.36 -28.35 -21.62
CA LYS F 126 -36.90 -27.76 -22.84
C LYS F 126 -35.91 -27.88 -23.99
N LYS F 127 -34.62 -27.68 -23.71
CA LYS F 127 -33.57 -27.69 -24.73
C LYS F 127 -32.62 -28.86 -24.44
N ASP F 128 -31.53 -28.91 -25.21
CA ASP F 128 -30.51 -29.92 -25.07
C ASP F 128 -29.20 -29.30 -24.56
N ARG F 129 -29.33 -28.35 -23.65
CA ARG F 129 -28.18 -27.65 -23.09
C ARG F 129 -27.84 -28.23 -21.72
N ILE F 130 -26.58 -28.62 -21.55
CA ILE F 130 -26.11 -29.22 -20.31
C ILE F 130 -24.88 -28.45 -19.85
N ALA F 131 -24.89 -28.00 -18.60
CA ALA F 131 -23.77 -27.30 -18.01
C ALA F 131 -23.17 -28.13 -16.89
N GLU F 132 -21.87 -28.40 -16.98
CA GLU F 132 -21.17 -29.23 -15.99
C GLU F 132 -20.08 -28.38 -15.35
N TYR F 133 -20.32 -27.94 -14.12
CA TYR F 133 -19.34 -27.16 -13.38
C TYR F 133 -18.62 -28.05 -12.38
N SER F 134 -17.33 -27.82 -12.21
CA SER F 134 -16.50 -28.59 -11.30
C SER F 134 -15.88 -27.66 -10.28
N LEU F 135 -16.07 -27.97 -8.99
CA LEU F 135 -15.46 -27.23 -7.90
C LEU F 135 -14.46 -28.12 -7.19
N LYS F 136 -13.22 -27.66 -7.11
CA LYS F 136 -12.18 -28.43 -6.43
C LYS F 136 -12.49 -28.54 -4.94
N LEU F 137 -12.42 -29.75 -4.41
CA LEU F 137 -12.77 -29.97 -3.02
C LEU F 137 -11.64 -29.47 -2.11
N MET F 138 -11.96 -29.39 -0.81
CA MET F 138 -11.08 -28.84 0.19
C MET F 138 -10.83 -29.86 1.28
N ASP F 139 -9.60 -29.88 1.79
CA ASP F 139 -9.21 -30.82 2.86
C ASP F 139 -9.50 -30.16 4.20
N ILE F 140 -10.68 -30.45 4.75
CA ILE F 140 -11.09 -29.93 6.06
C ILE F 140 -11.33 -31.16 6.94
N ASP F 141 -10.38 -31.46 7.81
CA ASP F 141 -10.47 -32.60 8.71
C ASP F 141 -11.07 -32.13 10.03
N ALA F 142 -12.33 -32.46 10.26
CA ALA F 142 -13.02 -32.06 11.48
C ALA F 142 -14.15 -33.05 11.74
N ASP F 143 -14.62 -33.06 12.99
CA ASP F 143 -15.71 -33.90 13.43
C ASP F 143 -16.94 -33.07 13.74
N PHE F 144 -18.06 -33.75 13.96
CA PHE F 144 -19.34 -33.11 14.24
C PHE F 144 -19.63 -32.98 15.73
N LEU F 145 -19.29 -34.00 16.51
CA LEU F 145 -19.43 -33.99 17.96
C LEU F 145 -20.90 -34.02 18.41
N LYS F 146 -21.83 -33.96 17.46
CA LYS F 146 -23.26 -34.04 17.73
C LYS F 146 -23.64 -33.21 18.97
N ILE F 147 -23.39 -31.91 18.86
CA ILE F 147 -23.62 -30.99 19.97
C ILE F 147 -25.12 -30.69 20.04
N GLU F 148 -25.79 -31.25 21.05
CA GLU F 148 -27.21 -30.99 21.27
C GLU F 148 -27.55 -31.38 22.70
N GLU F 149 -28.00 -30.41 23.49
CA GLU F 149 -28.31 -30.67 24.88
C GLU F 149 -29.57 -31.53 24.99
N LEU F 150 -29.51 -32.58 25.83
CA LEU F 150 -30.63 -33.51 25.93
C LEU F 150 -31.89 -32.81 26.42
N GLN F 151 -31.79 -32.08 27.52
CA GLN F 151 -32.94 -31.44 28.15
C GLN F 151 -32.64 -29.96 28.35
N TYR F 152 -33.12 -29.13 27.42
CA TYR F 152 -32.95 -27.69 27.54
C TYR F 152 -33.82 -27.14 28.67
N ASP F 153 -33.38 -26.02 29.25
CA ASP F 153 -34.15 -25.40 30.33
C ASP F 153 -35.52 -24.95 29.82
N SER F 154 -35.57 -24.33 28.65
CA SER F 154 -36.83 -23.84 28.10
C SER F 154 -36.82 -23.95 26.59
N THR F 155 -38.00 -24.18 26.03
CA THR F 155 -38.19 -24.22 24.58
C THR F 155 -39.40 -23.37 24.22
N LEU F 156 -39.36 -22.80 23.02
CA LEU F 156 -40.48 -22.01 22.53
C LEU F 156 -40.49 -22.05 21.01
N SER F 157 -41.67 -21.78 20.45
CA SER F 157 -41.86 -21.76 19.00
C SER F 157 -42.75 -20.60 18.64
N LEU F 158 -42.37 -19.85 17.61
CA LEU F 158 -43.15 -18.69 17.21
C LEU F 158 -42.87 -18.38 15.75
N PRO F 159 -43.74 -17.61 15.09
CA PRO F 159 -43.52 -17.33 13.67
C PRO F 159 -42.18 -16.64 13.41
N SER F 160 -41.57 -17.00 12.29
CA SER F 160 -40.27 -16.42 11.94
C SER F 160 -40.36 -14.93 11.65
N SER F 161 -41.47 -14.49 11.05
CA SER F 161 -41.60 -13.07 10.71
C SER F 161 -41.58 -12.21 11.97
N GLU F 162 -42.28 -12.62 13.02
CA GLU F 162 -42.30 -11.86 14.25
C GLU F 162 -40.90 -11.79 14.87
N PHE F 163 -40.18 -12.91 14.87
CA PHE F 163 -38.82 -12.92 15.41
C PHE F 163 -37.92 -11.98 14.61
N SER F 164 -38.01 -12.02 13.29
CA SER F 164 -37.19 -11.14 12.46
C SER F 164 -37.53 -9.68 12.74
N LYS F 165 -38.82 -9.35 12.85
CA LYS F 165 -39.21 -7.97 13.12
C LYS F 165 -38.67 -7.51 14.48
N ILE F 166 -38.81 -8.36 15.51
CA ILE F 166 -38.34 -7.98 16.83
C ILE F 166 -36.83 -7.79 16.83
N VAL F 167 -36.09 -8.69 16.17
CA VAL F 167 -34.64 -8.58 16.14
C VAL F 167 -34.22 -7.31 15.42
N ARG F 168 -34.84 -7.03 14.27
CA ARG F 168 -34.47 -5.83 13.52
C ARG F 168 -34.83 -4.57 14.29
N ASP F 169 -35.95 -4.56 15.00
CA ASP F 169 -36.32 -3.38 15.78
C ASP F 169 -35.35 -3.15 16.94
N LEU F 170 -35.00 -4.23 17.67
CA LEU F 170 -34.17 -4.06 18.85
C LEU F 170 -32.69 -3.95 18.52
N SER F 171 -32.28 -4.30 17.30
CA SER F 171 -30.88 -4.12 16.91
C SER F 171 -30.57 -2.69 16.49
N GLN F 172 -31.59 -1.88 16.22
CA GLN F 172 -31.38 -0.48 15.87
C GLN F 172 -31.03 0.39 17.07
N LEU F 173 -31.28 -0.10 18.29
CA LEU F 173 -30.98 0.64 19.50
C LEU F 173 -29.65 0.25 20.13
N SER F 174 -29.27 -1.02 20.04
CA SER F 174 -28.04 -1.50 20.67
C SER F 174 -27.53 -2.72 19.90
N ASP F 175 -26.29 -3.08 20.19
CA ASP F 175 -25.66 -4.25 19.56
C ASP F 175 -25.82 -5.51 20.37
N SER F 176 -26.52 -5.47 21.50
CA SER F 176 -26.74 -6.63 22.35
C SER F 176 -28.22 -6.74 22.69
N ILE F 177 -28.71 -7.98 22.72
CA ILE F 177 -30.11 -8.26 23.03
C ILE F 177 -30.16 -9.31 24.13
N ASN F 178 -30.96 -9.06 25.16
CA ASN F 178 -31.12 -9.97 26.27
C ASN F 178 -32.50 -10.62 26.19
N ILE F 179 -32.54 -11.94 26.31
CA ILE F 179 -33.76 -12.73 26.25
C ILE F 179 -34.01 -13.32 27.63
N MET F 180 -35.20 -13.07 28.15
CA MET F 180 -35.63 -13.58 29.45
C MET F 180 -36.86 -14.44 29.26
N ILE F 181 -36.80 -15.67 29.78
CA ILE F 181 -37.93 -16.60 29.76
C ILE F 181 -38.40 -16.75 31.20
N THR F 182 -39.64 -16.35 31.47
CA THR F 182 -40.20 -16.52 32.81
C THR F 182 -41.67 -16.89 32.67
N LYS F 183 -42.37 -16.96 33.80
CA LYS F 183 -43.68 -17.60 33.84
C LYS F 183 -44.62 -17.00 32.81
N GLU F 184 -44.94 -17.80 31.79
CA GLU F 184 -45.88 -17.40 30.73
C GLU F 184 -45.49 -16.07 30.10
N THR F 185 -44.20 -15.84 29.88
CA THR F 185 -43.79 -14.61 29.21
C THR F 185 -42.35 -14.72 28.72
N ILE F 186 -42.12 -14.11 27.55
CA ILE F 186 -40.81 -13.99 26.93
C ILE F 186 -40.53 -12.52 26.71
N LYS F 187 -39.37 -12.06 27.17
CA LYS F 187 -39.00 -10.66 27.11
C LYS F 187 -37.70 -10.48 26.33
N PHE F 188 -37.70 -9.55 25.38
CA PHE F 188 -36.50 -9.18 24.65
C PHE F 188 -36.19 -7.73 24.99
N VAL F 189 -34.98 -7.48 25.48
CA VAL F 189 -34.58 -6.17 25.98
C VAL F 189 -33.31 -5.74 25.26
N ALA F 190 -33.29 -4.50 24.79
CA ALA F 190 -32.11 -3.89 24.21
C ALA F 190 -31.82 -2.58 24.94
N ASP F 191 -30.56 -2.41 25.36
CA ASP F 191 -30.13 -1.22 26.07
C ASP F 191 -29.01 -0.57 25.25
N GLY F 192 -29.24 0.66 24.79
CA GLY F 192 -28.29 1.35 23.95
C GLY F 192 -27.99 2.76 24.41
N ASP F 193 -27.43 3.56 23.50
CA ASP F 193 -27.05 4.93 23.85
C ASP F 193 -28.24 5.88 23.68
N ILE F 194 -28.95 5.79 22.56
CA ILE F 194 -30.08 6.69 22.32
C ILE F 194 -31.27 6.34 23.22
N GLY F 195 -31.32 5.12 23.74
CA GLY F 195 -32.44 4.73 24.58
C GLY F 195 -32.44 3.22 24.78
N SER F 196 -33.59 2.71 25.19
CA SER F 196 -33.77 1.29 25.44
C SER F 196 -35.13 0.85 24.92
N GLY F 197 -35.25 -0.45 24.65
CA GLY F 197 -36.48 -1.02 24.16
C GLY F 197 -36.78 -2.38 24.77
N SER F 198 -38.05 -2.68 24.99
CA SER F 198 -38.49 -3.93 25.58
C SER F 198 -39.71 -4.45 24.84
N VAL F 199 -39.70 -5.75 24.53
CA VAL F 199 -40.82 -6.41 23.87
C VAL F 199 -41.19 -7.64 24.70
N ILE F 200 -42.45 -7.74 25.10
CA ILE F 200 -42.94 -8.83 25.93
C ILE F 200 -44.03 -9.55 25.17
N ILE F 201 -43.93 -10.88 25.09
CA ILE F 201 -44.91 -11.71 24.40
C ILE F 201 -45.32 -12.85 25.31
N LYS F 202 -46.64 -13.09 25.41
CA LYS F 202 -47.18 -14.16 26.23
C LYS F 202 -47.71 -15.28 25.35
N PRO F 203 -47.47 -16.55 25.70
CA PRO F 203 -47.95 -17.64 24.85
C PRO F 203 -49.47 -17.65 24.73
N PHE F 204 -49.94 -18.01 23.54
CA PHE F 204 -51.37 -18.19 23.31
C PHE F 204 -51.55 -19.12 22.13
N VAL F 205 -52.76 -19.70 22.04
CA VAL F 205 -53.10 -20.67 21.01
C VAL F 205 -54.30 -20.17 20.25
N ASP F 206 -54.20 -20.14 18.92
CA ASP F 206 -55.30 -19.77 18.04
C ASP F 206 -55.64 -20.97 17.18
N MET F 207 -56.91 -21.36 17.17
CA MET F 207 -57.36 -22.54 16.45
C MET F 207 -57.77 -22.25 15.02
N GLU F 208 -57.78 -20.98 14.59
CA GLU F 208 -58.15 -20.60 13.24
C GLU F 208 -56.97 -20.17 12.40
N HIS F 209 -55.90 -19.68 13.02
CA HIS F 209 -54.60 -19.48 12.36
C HIS F 209 -53.53 -20.11 13.24
N PRO F 210 -53.40 -21.44 13.22
CA PRO F 210 -52.37 -22.09 14.05
C PRO F 210 -50.97 -21.62 13.73
N GLU F 211 -50.69 -21.20 12.50
CA GLU F 211 -49.35 -20.75 12.14
C GLU F 211 -48.91 -19.52 12.92
N THR F 212 -49.84 -18.71 13.41
CA THR F 212 -49.52 -17.50 14.15
C THR F 212 -49.43 -17.72 15.65
N SER F 213 -49.67 -18.94 16.13
CA SER F 213 -49.62 -19.22 17.56
C SER F 213 -48.18 -19.26 18.06
N ILE F 214 -48.02 -18.98 19.35
CA ILE F 214 -46.73 -19.02 20.03
C ILE F 214 -46.83 -20.00 21.18
N LYS F 215 -45.89 -20.94 21.24
CA LYS F 215 -45.87 -21.96 22.27
C LYS F 215 -44.60 -21.83 23.11
N LEU F 216 -44.72 -22.17 24.40
CA LEU F 216 -43.60 -22.07 25.32
C LEU F 216 -43.73 -23.14 26.39
N GLU F 217 -42.63 -23.87 26.63
CA GLU F 217 -42.55 -24.85 27.70
C GLU F 217 -41.24 -24.62 28.43
N MET F 218 -41.33 -24.26 29.71
CA MET F 218 -40.16 -23.88 30.50
C MET F 218 -40.01 -24.83 31.68
N ASP F 219 -38.76 -25.08 32.06
CA ASP F 219 -38.42 -25.81 33.27
C ASP F 219 -37.83 -24.91 34.35
N GLN F 220 -36.97 -23.97 33.97
CA GLN F 220 -36.44 -22.96 34.87
C GLN F 220 -36.41 -21.62 34.13
N PRO F 221 -36.52 -20.51 34.85
CA PRO F 221 -36.39 -19.20 34.20
C PRO F 221 -35.00 -19.04 33.60
N VAL F 222 -34.94 -18.33 32.47
CA VAL F 222 -33.69 -18.14 31.74
C VAL F 222 -33.46 -16.66 31.49
N ASP F 223 -32.19 -16.26 31.43
CA ASP F 223 -31.82 -14.88 31.12
C ASP F 223 -30.46 -14.93 30.43
N LEU F 224 -30.44 -14.70 29.12
CA LEU F 224 -29.22 -14.86 28.34
C LEU F 224 -29.03 -13.68 27.39
N THR F 225 -27.79 -13.22 27.26
CA THR F 225 -27.45 -12.08 26.41
C THR F 225 -26.74 -12.57 25.15
N PHE F 226 -27.10 -12.00 24.01
CA PHE F 226 -26.53 -12.37 22.73
C PHE F 226 -26.20 -11.12 21.93
N GLY F 227 -25.33 -11.28 20.95
CA GLY F 227 -24.98 -10.17 20.08
C GLY F 227 -26.05 -9.91 19.03
N ALA F 228 -26.13 -8.65 18.61
CA ALA F 228 -27.15 -8.26 17.64
C ALA F 228 -26.78 -8.71 16.22
N LYS F 229 -25.49 -8.67 15.88
CA LYS F 229 -25.08 -9.09 14.53
C LYS F 229 -25.37 -10.55 14.27
N TYR F 230 -25.09 -11.42 15.25
CA TYR F 230 -25.36 -12.84 15.08
C TYR F 230 -26.84 -13.11 14.93
N LEU F 231 -27.68 -12.42 15.72
CA LEU F 231 -29.12 -12.58 15.58
C LEU F 231 -29.60 -12.07 14.23
N LEU F 232 -29.03 -10.96 13.75
CA LEU F 232 -29.40 -10.44 12.44
C LEU F 232 -29.06 -11.43 11.34
N ASP F 233 -27.90 -12.07 11.42
CA ASP F 233 -27.53 -13.10 10.45
C ASP F 233 -28.37 -14.36 10.59
N ILE F 234 -28.79 -14.69 11.82
CA ILE F 234 -29.60 -15.89 12.04
C ILE F 234 -30.99 -15.71 11.43
N ILE F 235 -31.60 -14.54 11.64
CA ILE F 235 -32.95 -14.30 11.14
C ILE F 235 -33.03 -14.29 9.62
N LYS F 236 -31.88 -14.29 8.93
CA LYS F 236 -31.88 -14.31 7.48
C LYS F 236 -32.42 -15.61 6.90
N GLY F 237 -32.57 -16.65 7.72
CA GLY F 237 -33.10 -17.92 7.25
C GLY F 237 -34.61 -18.01 7.38
N SER F 238 -35.26 -16.85 7.56
CA SER F 238 -36.71 -16.82 7.68
C SER F 238 -37.42 -17.18 6.39
N SER F 239 -36.72 -17.21 5.26
CA SER F 239 -37.32 -17.54 3.97
C SER F 239 -37.41 -19.05 3.74
N LEU F 240 -36.87 -19.86 4.64
CA LEU F 240 -36.93 -21.31 4.51
C LEU F 240 -38.03 -21.95 5.35
N SER F 241 -38.61 -21.21 6.29
CA SER F 241 -39.67 -21.74 7.14
C SER F 241 -40.54 -20.59 7.63
N ASP F 242 -41.75 -20.94 8.05
CA ASP F 242 -42.70 -19.96 8.59
C ASP F 242 -42.64 -19.87 10.11
N ARG F 243 -42.11 -20.88 10.79
CA ARG F 243 -42.00 -20.88 12.24
C ARG F 243 -40.56 -21.19 12.63
N VAL F 244 -40.15 -20.63 13.77
CA VAL F 244 -38.80 -20.83 14.31
C VAL F 244 -38.94 -21.31 15.74
N GLY F 245 -38.09 -22.29 16.10
CA GLY F 245 -38.03 -22.78 17.45
C GLY F 245 -36.77 -22.34 18.16
N ILE F 246 -36.92 -21.64 19.29
CA ILE F 246 -35.81 -21.12 20.06
C ILE F 246 -35.74 -21.90 21.36
N ARG F 247 -34.58 -22.50 21.63
CA ARG F 247 -34.36 -23.29 22.84
C ARG F 247 -33.22 -22.68 23.63
N LEU F 248 -33.49 -22.36 24.90
CA LEU F 248 -32.53 -21.72 25.78
C LEU F 248 -32.21 -22.63 26.96
N SER F 249 -30.96 -22.63 27.38
CA SER F 249 -30.53 -23.44 28.50
C SER F 249 -29.29 -22.81 29.12
N SER F 250 -29.25 -22.76 30.45
CA SER F 250 -28.10 -22.21 31.15
C SER F 250 -26.89 -23.10 30.93
N GLU F 251 -25.73 -22.47 30.76
CA GLU F 251 -24.48 -23.19 30.50
C GLU F 251 -24.60 -24.09 29.27
N ALA F 252 -25.30 -23.58 28.25
CA ALA F 252 -25.46 -24.33 27.01
C ALA F 252 -25.77 -23.33 25.90
N PRO F 253 -25.26 -23.54 24.67
CA PRO F 253 -25.56 -22.61 23.59
C PRO F 253 -27.05 -22.56 23.27
N ALA F 254 -27.51 -21.38 22.89
CA ALA F 254 -28.90 -21.21 22.47
C ALA F 254 -29.09 -21.79 21.07
N LEU F 255 -30.22 -22.47 20.87
CA LEU F 255 -30.52 -23.16 19.63
C LEU F 255 -31.65 -22.44 18.90
N PHE F 256 -31.45 -22.17 17.61
CA PHE F 256 -32.47 -21.58 16.75
C PHE F 256 -32.69 -22.53 15.58
N GLN F 257 -33.86 -23.15 15.52
CA GLN F 257 -34.15 -24.19 14.56
C GLN F 257 -35.23 -23.72 13.58
N PHE F 258 -34.95 -23.93 12.28
CA PHE F 258 -35.93 -23.73 11.21
C PHE F 258 -36.15 -25.08 10.55
N ASP F 259 -37.38 -25.58 10.62
CA ASP F 259 -37.70 -26.87 10.03
C ASP F 259 -37.93 -26.74 8.54
N LEU F 260 -37.34 -27.64 7.77
CA LEU F 260 -37.45 -27.65 6.32
C LEU F 260 -38.51 -28.66 5.89
N LYS F 261 -38.63 -28.86 4.57
CA LYS F 261 -39.63 -29.78 4.06
C LYS F 261 -39.35 -31.21 4.54
N SER F 262 -38.09 -31.63 4.50
CA SER F 262 -37.71 -32.95 4.99
C SER F 262 -36.46 -32.95 5.84
N GLY F 263 -35.81 -31.80 6.02
CA GLY F 263 -34.63 -31.66 6.85
C GLY F 263 -34.82 -30.53 7.86
N PHE F 264 -33.70 -29.95 8.27
CA PHE F 264 -33.78 -28.80 9.18
C PHE F 264 -32.47 -28.03 9.16
N LEU F 265 -32.54 -26.80 9.64
CA LEU F 265 -31.38 -25.94 9.80
C LEU F 265 -31.33 -25.46 11.25
N GLN F 266 -30.13 -25.43 11.83
CA GLN F 266 -29.95 -25.08 13.22
C GLN F 266 -28.80 -24.10 13.37
N PHE F 267 -29.00 -23.11 14.24
CA PHE F 267 -27.96 -22.15 14.61
C PHE F 267 -27.72 -22.27 16.11
N PHE F 268 -26.49 -22.63 16.47
CA PHE F 268 -26.06 -22.68 17.86
C PHE F 268 -25.25 -21.42 18.15
N LEU F 269 -25.74 -20.60 19.08
CA LEU F 269 -25.12 -19.32 19.41
C LEU F 269 -24.72 -19.33 20.88
N ALA F 270 -23.45 -19.05 21.13
CA ALA F 270 -22.95 -19.01 22.51
C ALA F 270 -23.32 -17.67 23.15
N PRO F 271 -23.96 -17.67 24.32
CA PRO F 271 -24.29 -16.39 24.97
C PRO F 271 -23.03 -15.68 25.46
N LYS F 272 -23.15 -14.36 25.55
CA LYS F 272 -22.03 -13.54 26.00
C LYS F 272 -21.74 -13.79 27.47
N PHE F 273 -20.48 -13.60 27.85
CA PHE F 273 -20.09 -13.75 29.25
C PHE F 273 -20.75 -12.69 30.11
N ASN F 274 -21.20 -13.09 31.30
CA ASN F 274 -21.86 -12.20 32.24
C ASN F 274 -20.85 -11.75 33.28
N ASP F 275 -20.67 -10.44 33.42
CA ASP F 275 -19.73 -9.89 34.39
C ASP F 275 -20.02 -8.41 34.63
N SER G 19 -45.56 9.33 37.96
CA SER G 19 -45.83 9.66 36.53
C SER G 19 -46.92 10.71 36.40
N MET G 20 -46.53 11.99 36.41
CA MET G 20 -47.52 13.04 36.28
C MET G 20 -48.02 13.18 34.85
N LEU G 21 -47.19 12.86 33.86
CA LEU G 21 -47.58 13.00 32.46
C LEU G 21 -47.96 11.64 31.90
N GLU G 22 -49.21 11.50 31.46
CA GLU G 22 -49.66 10.32 30.74
C GLU G 22 -50.60 10.78 29.63
N ALA G 23 -50.19 10.62 28.37
CA ALA G 23 -50.98 11.01 27.22
C ALA G 23 -51.13 9.82 26.29
N LYS G 24 -52.38 9.44 26.00
CA LYS G 24 -52.66 8.23 25.22
C LYS G 24 -53.31 8.61 23.90
N PHE G 25 -52.71 8.16 22.81
CA PHE G 25 -53.30 8.23 21.48
C PHE G 25 -53.90 6.88 21.14
N GLU G 26 -55.15 6.89 20.64
CA GLU G 26 -55.79 5.64 20.26
C GLU G 26 -54.99 4.91 19.17
N GLU G 27 -54.34 5.67 18.29
CA GLU G 27 -53.51 5.09 17.24
C GLU G 27 -52.20 5.86 17.16
N ALA G 28 -51.09 5.13 17.04
CA ALA G 28 -49.78 5.75 16.90
C ALA G 28 -49.60 6.44 15.55
N SER G 29 -50.49 6.17 14.59
CA SER G 29 -50.37 6.79 13.28
C SER G 29 -50.47 8.31 13.38
N LEU G 30 -51.37 8.82 14.21
CA LEU G 30 -51.51 10.26 14.36
C LEU G 30 -50.22 10.88 14.86
N PHE G 31 -49.61 10.28 15.89
CA PHE G 31 -48.36 10.83 16.43
C PHE G 31 -47.24 10.74 15.41
N LYS G 32 -47.14 9.62 14.69
CA LYS G 32 -46.09 9.48 13.69
C LYS G 32 -46.25 10.52 12.58
N ARG G 33 -47.50 10.71 12.11
CA ARG G 33 -47.75 11.72 11.08
C ARG G 33 -47.45 13.12 11.59
N ILE G 34 -47.71 13.39 12.86
CA ILE G 34 -47.37 14.69 13.43
C ILE G 34 -45.85 14.88 13.44
N ILE G 35 -45.12 13.86 13.89
CA ILE G 35 -43.67 13.99 14.04
C ILE G 35 -42.99 14.14 12.68
N ASP G 36 -43.33 13.27 11.72
CA ASP G 36 -42.59 13.28 10.46
C ASP G 36 -42.95 14.48 9.58
N GLY G 37 -44.00 15.23 9.91
CA GLY G 37 -44.35 16.38 9.11
C GLY G 37 -43.36 17.52 9.21
N PHE G 38 -42.63 17.62 10.32
CA PHE G 38 -41.60 18.63 10.51
C PHE G 38 -40.25 18.02 10.85
N LYS G 39 -40.08 16.72 10.58
CA LYS G 39 -38.83 16.05 10.93
C LYS G 39 -37.69 16.45 10.01
N ASP G 40 -37.99 16.78 8.75
CA ASP G 40 -36.96 17.04 7.76
C ASP G 40 -36.53 18.50 7.71
N CYS G 41 -37.05 19.36 8.59
CA CYS G 41 -36.66 20.76 8.62
C CYS G 41 -35.91 21.15 9.90
N VAL G 42 -36.03 20.37 10.97
CA VAL G 42 -35.37 20.67 12.24
C VAL G 42 -34.75 19.39 12.79
N GLN G 43 -33.84 19.58 13.74
CA GLN G 43 -33.15 18.47 14.39
C GLN G 43 -33.40 18.39 15.89
N LEU G 44 -33.66 19.52 16.55
CA LEU G 44 -33.94 19.54 17.98
C LEU G 44 -35.28 20.24 18.20
N VAL G 45 -36.10 19.67 19.08
CA VAL G 45 -37.43 20.21 19.38
C VAL G 45 -37.58 20.26 20.90
N ASN G 46 -38.38 21.22 21.36
CA ASN G 46 -38.72 21.33 22.78
C ASN G 46 -40.23 21.25 22.91
N PHE G 47 -40.69 20.32 23.75
CA PHE G 47 -42.11 20.13 24.02
C PHE G 47 -42.41 20.58 25.44
N GLN G 48 -43.47 21.39 25.59
CA GLN G 48 -44.01 21.73 26.89
C GLN G 48 -45.35 21.04 27.04
N CYS G 49 -45.49 20.27 28.12
CA CYS G 49 -46.70 19.52 28.43
C CYS G 49 -47.41 20.24 29.57
N LYS G 50 -48.63 20.70 29.31
CA LYS G 50 -49.42 21.42 30.30
C LYS G 50 -50.81 20.78 30.41
N GLU G 51 -51.55 21.21 31.43
CA GLU G 51 -52.89 20.67 31.64
C GLU G 51 -53.82 20.94 30.47
N ASP G 52 -53.50 21.90 29.61
CA ASP G 52 -54.30 22.20 28.44
C ASP G 52 -53.83 21.46 27.18
N GLY G 53 -52.76 20.68 27.27
CA GLY G 53 -52.32 19.90 26.13
C GLY G 53 -50.83 19.88 25.90
N ILE G 54 -50.43 19.82 24.63
CA ILE G 54 -49.04 19.74 24.22
C ILE G 54 -48.72 20.95 23.37
N ILE G 55 -47.55 21.56 23.60
CA ILE G 55 -47.02 22.60 22.74
C ILE G 55 -45.59 22.22 22.40
N ALA G 56 -45.10 22.70 21.25
CA ALA G 56 -43.78 22.33 20.79
C ALA G 56 -43.21 23.43 19.92
N GLN G 57 -41.91 23.68 20.08
CA GLN G 57 -41.19 24.67 19.29
C GLN G 57 -39.90 24.05 18.77
N ALA G 58 -39.57 24.38 17.51
CA ALA G 58 -38.37 23.87 16.88
C ALA G 58 -37.75 24.97 16.01
N VAL G 59 -36.44 25.12 16.11
CA VAL G 59 -35.69 26.09 15.32
C VAL G 59 -34.69 25.33 14.45
N ASP G 60 -34.69 25.64 13.16
CA ASP G 60 -33.79 24.94 12.24
C ASP G 60 -32.36 25.38 12.47
N ASP G 61 -31.42 24.60 11.91
CA ASP G 61 -30.01 24.89 12.08
C ASP G 61 -29.65 26.24 11.48
N SER G 62 -30.24 26.59 10.34
CA SER G 62 -29.94 27.83 9.66
C SER G 62 -30.62 29.05 10.28
N ARG G 63 -31.48 28.84 11.28
CA ARG G 63 -32.14 29.95 11.98
C ARG G 63 -33.02 30.76 11.04
N VAL G 64 -33.67 30.08 10.10
CA VAL G 64 -34.56 30.72 9.14
C VAL G 64 -36.00 30.24 9.29
N LEU G 65 -36.20 28.94 9.46
CA LEU G 65 -37.52 28.33 9.51
C LEU G 65 -37.83 27.95 10.95
N LEU G 66 -38.98 28.41 11.46
CA LEU G 66 -39.43 28.10 12.81
C LEU G 66 -40.69 27.26 12.74
N VAL G 67 -40.75 26.21 13.56
CA VAL G 67 -41.90 25.31 13.62
C VAL G 67 -42.55 25.46 14.98
N SER G 68 -43.85 25.76 14.99
CA SER G 68 -44.66 25.76 16.19
C SER G 68 -45.74 24.69 16.04
N LEU G 69 -46.10 24.07 17.16
CA LEU G 69 -47.08 23.00 17.15
C LEU G 69 -47.86 23.03 18.45
N GLU G 70 -49.16 22.77 18.39
CA GLU G 70 -49.85 22.39 19.62
C GLU G 70 -50.97 21.42 19.31
N ILE G 71 -51.21 20.54 20.28
CA ILE G 71 -52.27 19.53 20.24
C ILE G 71 -53.11 19.71 21.49
N GLY G 72 -54.42 19.87 21.31
CA GLY G 72 -55.31 20.00 22.43
C GLY G 72 -55.64 18.66 23.05
N VAL G 73 -56.37 18.73 24.17
CA VAL G 73 -56.75 17.52 24.90
C VAL G 73 -57.74 16.67 24.13
N GLU G 74 -58.35 17.21 23.08
CA GLU G 74 -59.33 16.44 22.31
C GLU G 74 -58.67 15.29 21.54
N ALA G 75 -57.44 15.50 21.06
CA ALA G 75 -56.74 14.46 20.31
C ALA G 75 -56.34 13.27 21.18
N PHE G 76 -56.32 13.43 22.50
CA PHE G 76 -55.95 12.36 23.42
C PHE G 76 -57.20 11.73 24.00
N GLN G 77 -57.33 10.41 23.86
CA GLN G 77 -58.42 9.71 24.54
C GLN G 77 -58.25 9.79 26.05
N GLU G 78 -57.01 9.90 26.52
CA GLU G 78 -56.72 10.10 27.94
C GLU G 78 -55.52 11.02 28.05
N TYR G 79 -55.62 12.00 28.95
CA TYR G 79 -54.53 12.98 29.12
C TYR G 79 -54.54 13.42 30.57
N ARG G 80 -53.46 13.11 31.30
CA ARG G 80 -53.28 13.54 32.67
C ARG G 80 -51.94 14.23 32.80
N CYS G 81 -51.94 15.43 33.38
CA CYS G 81 -50.72 16.22 33.55
C CYS G 81 -50.89 17.03 34.85
N ASP G 82 -50.37 16.47 35.95
CA ASP G 82 -50.49 17.15 37.24
C ASP G 82 -49.72 18.47 37.25
N HIS G 83 -48.51 18.48 36.70
CA HIS G 83 -47.68 19.66 36.67
C HIS G 83 -47.10 19.84 35.27
N PRO G 84 -46.89 21.09 34.83
CA PRO G 84 -46.24 21.29 33.53
C PRO G 84 -44.84 20.72 33.52
N VAL G 85 -44.42 20.20 32.36
CA VAL G 85 -43.08 19.64 32.21
C VAL G 85 -42.53 20.04 30.84
N THR G 86 -41.21 19.88 30.69
CA THR G 86 -40.52 20.17 29.45
C THR G 86 -39.68 18.98 29.02
N LEU G 87 -39.58 18.77 27.71
CA LEU G 87 -38.89 17.63 27.13
C LEU G 87 -38.12 18.08 25.90
N GLY G 88 -36.82 17.84 25.90
CA GLY G 88 -35.98 18.11 24.73
C GLY G 88 -35.77 16.82 23.95
N MET G 89 -36.06 16.88 22.65
CA MET G 89 -36.07 15.69 21.81
C MET G 89 -35.32 15.95 20.51
N ASP G 90 -34.82 14.87 19.91
CA ASP G 90 -34.18 14.89 18.62
C ASP G 90 -34.99 14.08 17.63
N LEU G 91 -35.10 14.56 16.39
CA LEU G 91 -35.98 13.93 15.42
C LEU G 91 -35.53 12.52 15.07
N THR G 92 -34.22 12.29 14.96
CA THR G 92 -33.73 11.00 14.47
C THR G 92 -34.14 9.87 15.42
N SER G 93 -33.83 10.02 16.70
CA SER G 93 -34.11 8.95 17.66
C SER G 93 -35.61 8.72 17.80
N LEU G 94 -36.39 9.80 17.89
CA LEU G 94 -37.83 9.66 18.01
C LEU G 94 -38.42 8.97 16.78
N SER G 95 -37.96 9.36 15.59
CA SER G 95 -38.45 8.74 14.36
C SER G 95 -38.10 7.26 14.33
N LYS G 96 -36.88 6.90 14.74
CA LYS G 96 -36.51 5.49 14.79
C LYS G 96 -37.40 4.72 15.75
N ILE G 97 -37.59 5.23 16.96
CA ILE G 97 -38.42 4.55 17.94
C ILE G 97 -39.85 4.38 17.42
N LEU G 98 -40.39 5.43 16.78
CA LEU G 98 -41.73 5.33 16.23
C LEU G 98 -41.78 4.29 15.10
N ARG G 99 -40.74 4.24 14.26
CA ARG G 99 -40.71 3.26 13.19
C ARG G 99 -40.69 1.85 13.74
N CYS G 100 -40.07 1.65 14.90
CA CYS G 100 -40.08 0.31 15.50
C CYS G 100 -41.51 -0.16 15.75
N GLY G 101 -42.38 0.71 16.26
CA GLY G 101 -43.76 0.34 16.49
C GLY G 101 -44.61 0.42 15.25
N ASN G 102 -45.78 -0.22 15.31
CA ASN G 102 -46.72 -0.22 14.20
C ASN G 102 -47.61 1.02 14.27
N ASN G 103 -48.51 1.13 13.29
CA ASN G 103 -49.41 2.27 13.18
C ASN G 103 -50.83 1.95 13.62
N THR G 104 -51.06 0.79 14.23
CA THR G 104 -52.40 0.37 14.64
C THR G 104 -52.39 -0.13 16.08
N ASP G 105 -51.68 0.58 16.96
CA ASP G 105 -51.65 0.26 18.38
C ASP G 105 -51.76 1.55 19.18
N THR G 106 -52.30 1.42 20.39
CA THR G 106 -52.42 2.59 21.26
C THR G 106 -51.04 3.02 21.72
N LEU G 107 -50.77 4.33 21.65
CA LEU G 107 -49.45 4.89 21.94
C LEU G 107 -49.55 5.78 23.17
N THR G 108 -48.86 5.38 24.23
CA THR G 108 -48.88 6.09 25.50
C THR G 108 -47.53 6.75 25.75
N LEU G 109 -47.55 8.06 25.97
CA LEU G 109 -46.36 8.81 26.37
C LEU G 109 -46.44 9.05 27.86
N ILE G 110 -45.41 8.62 28.59
CA ILE G 110 -45.36 8.69 30.04
C ILE G 110 -44.10 9.44 30.44
N ALA G 111 -44.25 10.40 31.35
CA ALA G 111 -43.12 11.14 31.90
C ALA G 111 -43.33 11.37 33.38
N ASP G 112 -42.26 11.15 34.14
CA ASP G 112 -42.23 11.26 35.59
C ASP G 112 -41.61 12.59 36.00
N ASN G 113 -41.57 12.83 37.31
CA ASN G 113 -40.92 14.03 37.82
C ASN G 113 -39.42 14.00 37.56
N THR G 114 -38.84 15.17 37.35
CA THR G 114 -37.44 15.32 37.00
C THR G 114 -37.10 14.37 35.85
N PRO G 115 -37.73 14.55 34.68
CA PRO G 115 -37.62 13.55 33.60
C PRO G 115 -36.27 13.65 32.89
N ASP G 116 -35.50 12.56 32.96
CA ASP G 116 -34.32 12.39 32.12
C ASP G 116 -34.62 11.56 30.89
N SER G 117 -35.81 10.93 30.82
CA SER G 117 -36.21 10.16 29.67
C SER G 117 -37.73 10.03 29.69
N ILE G 118 -38.29 9.70 28.53
CA ILE G 118 -39.73 9.49 28.37
C ILE G 118 -39.97 8.05 27.98
N ILE G 119 -41.16 7.54 28.33
CA ILE G 119 -41.53 6.15 28.06
C ILE G 119 -42.62 6.14 27.00
N LEU G 120 -42.38 5.36 25.94
CA LEU G 120 -43.35 5.14 24.87
C LEU G 120 -43.88 3.71 25.00
N LEU G 121 -45.20 3.60 25.14
CA LEU G 121 -45.89 2.32 25.29
C LEU G 121 -46.68 2.06 24.02
N PHE G 122 -46.37 0.98 23.32
CA PHE G 122 -47.17 0.50 22.20
C PHE G 122 -47.99 -0.68 22.69
N GLU G 123 -49.31 -0.50 22.74
CA GLU G 123 -50.25 -1.47 23.28
C GLU G 123 -51.12 -2.01 22.15
N ASP G 124 -51.09 -3.33 21.98
CA ASP G 124 -51.96 -4.05 21.06
C ASP G 124 -52.88 -4.95 21.88
N THR G 125 -54.17 -4.60 21.90
CA THR G 125 -55.14 -5.25 22.76
C THR G 125 -55.79 -6.48 22.14
N LYS G 126 -55.43 -6.83 20.90
CA LYS G 126 -55.97 -8.01 20.24
C LYS G 126 -55.00 -9.19 20.33
N LYS G 127 -53.72 -8.94 20.08
CA LYS G 127 -52.68 -9.96 20.24
C LYS G 127 -52.06 -9.94 21.62
N ASP G 128 -52.46 -8.98 22.48
CA ASP G 128 -51.89 -8.83 23.82
C ASP G 128 -50.37 -8.64 23.70
N ARG G 129 -50.00 -7.51 23.11
CA ARG G 129 -48.61 -7.18 22.86
C ARG G 129 -48.27 -5.84 23.48
N ILE G 130 -47.18 -5.81 24.25
CA ILE G 130 -46.70 -4.61 24.91
C ILE G 130 -45.27 -4.35 24.45
N ALA G 131 -45.00 -3.13 23.98
CA ALA G 131 -43.66 -2.71 23.63
C ALA G 131 -43.33 -1.45 24.40
N GLU G 132 -42.26 -1.51 25.20
CA GLU G 132 -41.80 -0.39 26.01
C GLU G 132 -40.51 0.15 25.40
N TYR G 133 -40.47 1.45 25.14
CA TYR G 133 -39.27 2.12 24.67
C TYR G 133 -38.96 3.30 25.58
N SER G 134 -37.69 3.54 25.83
CA SER G 134 -37.23 4.69 26.61
C SER G 134 -36.43 5.60 25.72
N LEU G 135 -36.83 6.87 25.63
CA LEU G 135 -36.15 7.87 24.83
C LEU G 135 -35.49 8.87 25.76
N LYS G 136 -34.17 8.98 25.66
CA LYS G 136 -33.42 9.90 26.52
C LYS G 136 -33.65 11.34 26.07
N LEU G 137 -33.89 12.21 27.04
CA LEU G 137 -34.17 13.61 26.78
C LEU G 137 -32.88 14.41 26.63
N MET G 138 -32.96 15.50 25.87
CA MET G 138 -31.83 16.37 25.61
C MET G 138 -32.00 17.69 26.34
N ASP G 139 -30.88 18.29 26.73
CA ASP G 139 -30.86 19.58 27.39
C ASP G 139 -30.69 20.67 26.34
N ILE G 140 -31.73 21.49 26.17
CA ILE G 140 -31.73 22.57 25.19
C ILE G 140 -31.87 23.89 25.94
N ASP G 141 -30.89 24.78 25.75
CA ASP G 141 -30.91 26.07 26.43
C ASP G 141 -31.90 27.02 25.78
N ALA G 142 -32.02 26.97 24.46
CA ALA G 142 -32.81 27.95 23.71
C ALA G 142 -34.19 28.13 24.32
N ASP G 143 -34.47 29.36 24.75
CA ASP G 143 -35.80 29.71 25.27
C ASP G 143 -36.77 29.90 24.12
N PHE G 144 -38.05 29.71 24.40
CA PHE G 144 -39.08 29.86 23.39
C PHE G 144 -39.22 31.31 22.96
N LEU G 145 -39.31 31.53 21.66
CA LEU G 145 -39.57 32.86 21.12
C LEU G 145 -41.05 33.21 21.30
N LYS G 146 -41.30 34.42 21.80
CA LYS G 146 -42.66 34.89 22.05
C LYS G 146 -43.27 35.21 20.69
N ILE G 147 -44.14 34.31 20.22
CA ILE G 147 -44.80 34.51 18.93
C ILE G 147 -46.05 35.34 19.23
N GLU G 148 -46.10 36.55 18.65
CA GLU G 148 -47.21 37.46 18.86
C GLU G 148 -48.02 37.60 17.59
N GLU G 149 -49.34 37.72 17.76
CA GLU G 149 -50.24 37.82 16.61
C GLU G 149 -49.86 39.03 15.77
N LEU G 150 -49.44 38.78 14.54
CA LEU G 150 -49.04 39.84 13.62
C LEU G 150 -50.25 40.30 12.81
N GLN G 151 -50.25 41.60 12.49
CA GLN G 151 -51.30 42.19 11.67
C GLN G 151 -50.94 41.96 10.19
N TYR G 152 -51.04 40.70 9.78
CA TYR G 152 -50.67 40.32 8.43
C TYR G 152 -51.50 41.11 7.41
N ASP G 153 -50.81 41.73 6.46
CA ASP G 153 -51.51 42.52 5.44
C ASP G 153 -52.36 41.64 4.55
N SER G 154 -51.83 40.48 4.14
CA SER G 154 -52.52 39.59 3.20
C SER G 154 -52.80 38.26 3.87
N THR G 155 -54.04 37.78 3.71
CA THR G 155 -54.45 36.48 4.20
C THR G 155 -55.00 35.66 3.03
N LEU G 156 -54.57 34.41 2.92
CA LEU G 156 -54.94 33.54 1.82
C LEU G 156 -55.19 32.16 2.39
N SER G 157 -56.19 31.46 1.85
CA SER G 157 -56.47 30.09 2.25
C SER G 157 -56.71 29.26 1.00
N LEU G 158 -55.83 28.31 0.74
CA LEU G 158 -55.92 27.49 -0.46
C LEU G 158 -55.70 26.02 -0.10
N PRO G 159 -56.25 25.10 -0.89
CA PRO G 159 -56.07 23.68 -0.60
C PRO G 159 -54.60 23.30 -0.63
N SER G 160 -54.27 22.25 0.12
CA SER G 160 -52.88 21.83 0.25
C SER G 160 -52.34 21.21 -1.03
N SER G 161 -53.20 20.50 -1.77
CA SER G 161 -52.71 19.70 -2.90
C SER G 161 -52.09 20.58 -3.98
N GLU G 162 -52.83 21.59 -4.45
CA GLU G 162 -52.30 22.41 -5.55
C GLU G 162 -51.17 23.32 -5.07
N PHE G 163 -51.18 23.71 -3.79
CA PHE G 163 -50.04 24.46 -3.26
C PHE G 163 -48.78 23.61 -3.30
N SER G 164 -48.87 22.36 -2.86
CA SER G 164 -47.72 21.46 -2.96
C SER G 164 -47.30 21.27 -4.42
N LYS G 165 -48.27 21.11 -5.31
CA LYS G 165 -47.97 20.93 -6.72
C LYS G 165 -47.20 22.12 -7.28
N ILE G 166 -47.70 23.33 -7.04
CA ILE G 166 -47.05 24.52 -7.56
C ILE G 166 -45.66 24.70 -6.97
N VAL G 167 -45.53 24.47 -5.65
CA VAL G 167 -44.21 24.63 -5.03
C VAL G 167 -43.22 23.65 -5.62
N ARG G 168 -43.62 22.38 -5.75
CA ARG G 168 -42.72 21.37 -6.29
C ARG G 168 -42.35 21.67 -7.74
N ASP G 169 -43.32 22.11 -8.55
CA ASP G 169 -43.04 22.40 -9.95
C ASP G 169 -42.12 23.61 -10.09
N LEU G 170 -42.35 24.66 -9.30
CA LEU G 170 -41.56 25.87 -9.44
C LEU G 170 -40.17 25.71 -8.84
N SER G 171 -40.00 24.83 -7.85
CA SER G 171 -38.68 24.61 -7.30
C SER G 171 -37.71 24.05 -8.32
N GLN G 172 -38.20 23.42 -9.38
CA GLN G 172 -37.34 22.88 -10.43
C GLN G 172 -36.83 23.95 -11.40
N LEU G 173 -37.40 25.16 -11.37
CA LEU G 173 -37.01 26.23 -12.27
C LEU G 173 -36.14 27.28 -11.60
N SER G 174 -36.27 27.48 -10.30
CA SER G 174 -35.49 28.49 -9.59
C SER G 174 -35.28 28.04 -8.15
N ASP G 175 -34.25 28.62 -7.52
CA ASP G 175 -33.92 28.32 -6.14
C ASP G 175 -34.57 29.29 -5.15
N SER G 176 -35.28 30.30 -5.64
CA SER G 176 -35.96 31.26 -4.78
C SER G 176 -37.10 31.88 -5.57
N ILE G 177 -38.31 31.83 -5.04
CA ILE G 177 -39.50 32.28 -5.75
C ILE G 177 -40.14 33.43 -5.00
N ASN G 178 -40.79 34.32 -5.74
CA ASN G 178 -41.37 35.54 -5.20
C ASN G 178 -42.89 35.41 -5.20
N ILE G 179 -43.50 35.59 -4.04
CA ILE G 179 -44.95 35.61 -3.90
C ILE G 179 -45.40 37.06 -3.91
N MET G 180 -46.30 37.40 -4.82
CA MET G 180 -46.86 38.74 -4.93
C MET G 180 -48.36 38.66 -4.73
N ILE G 181 -48.88 39.43 -3.78
CA ILE G 181 -50.30 39.53 -3.49
C ILE G 181 -50.75 40.93 -3.84
N THR G 182 -51.66 41.03 -4.81
CA THR G 182 -52.28 42.28 -5.23
C THR G 182 -53.78 42.05 -5.38
N LYS G 183 -54.50 43.11 -5.77
CA LYS G 183 -55.95 43.05 -5.81
C LYS G 183 -56.44 41.89 -6.66
N GLU G 184 -57.05 40.90 -6.01
CA GLU G 184 -57.57 39.72 -6.71
C GLU G 184 -56.51 39.08 -7.60
N THR G 185 -55.29 38.98 -7.07
CA THR G 185 -54.20 38.38 -7.83
C THR G 185 -53.15 37.84 -6.87
N ILE G 186 -52.79 36.56 -7.04
CA ILE G 186 -51.70 35.95 -6.31
C ILE G 186 -50.77 35.33 -7.34
N LYS G 187 -49.54 35.83 -7.41
CA LYS G 187 -48.59 35.40 -8.43
C LYS G 187 -47.36 34.80 -7.78
N PHE G 188 -46.88 33.69 -8.35
CA PHE G 188 -45.70 32.97 -7.89
C PHE G 188 -44.65 33.06 -8.98
N VAL G 189 -43.83 34.12 -8.93
CA VAL G 189 -42.78 34.30 -9.91
C VAL G 189 -41.61 33.37 -9.58
N ALA G 190 -41.18 32.59 -10.57
CA ALA G 190 -40.10 31.64 -10.42
C ALA G 190 -39.04 31.87 -11.49
N ASP G 191 -38.70 33.13 -11.71
CA ASP G 191 -37.69 33.47 -12.70
C ASP G 191 -36.32 32.98 -12.23
N GLY G 192 -35.60 32.29 -13.12
CA GLY G 192 -34.30 31.75 -12.78
C GLY G 192 -33.57 31.15 -13.97
N ASP G 193 -32.90 30.01 -13.73
CA ASP G 193 -32.10 29.41 -14.80
C ASP G 193 -32.98 28.94 -15.95
N ILE G 194 -34.12 28.33 -15.65
CA ILE G 194 -34.99 27.74 -16.67
C ILE G 194 -36.15 28.69 -16.88
N GLY G 195 -36.00 29.59 -17.85
CA GLY G 195 -37.07 30.47 -18.26
C GLY G 195 -37.55 31.36 -17.13
N SER G 196 -38.82 31.76 -17.22
CA SER G 196 -39.44 32.61 -16.22
C SER G 196 -40.87 32.18 -15.92
N GLY G 197 -41.14 30.87 -15.98
CA GLY G 197 -42.47 30.35 -15.76
C GLY G 197 -43.05 30.77 -14.41
N SER G 198 -44.30 31.24 -14.43
CA SER G 198 -44.97 31.69 -13.22
C SER G 198 -46.43 31.26 -13.27
N VAL G 199 -47.04 31.18 -12.08
CA VAL G 199 -48.44 30.79 -11.93
C VAL G 199 -49.19 31.93 -11.25
N ILE G 200 -50.30 32.34 -11.84
CA ILE G 200 -51.14 33.40 -11.30
C ILE G 200 -52.52 32.82 -11.01
N ILE G 201 -53.04 33.09 -9.82
CA ILE G 201 -54.35 32.59 -9.40
C ILE G 201 -55.17 33.76 -8.88
N LYS G 202 -56.49 33.56 -8.89
CA LYS G 202 -57.47 34.54 -8.47
C LYS G 202 -58.46 33.88 -7.53
N PRO G 203 -59.14 34.66 -6.68
CA PRO G 203 -60.13 34.06 -5.78
C PRO G 203 -61.22 33.33 -6.56
N PHE G 204 -61.66 32.19 -6.03
CA PHE G 204 -62.68 31.39 -6.67
C PHE G 204 -63.42 30.59 -5.59
N VAL G 205 -64.75 30.53 -5.73
CA VAL G 205 -65.61 29.85 -4.76
C VAL G 205 -66.45 28.82 -5.50
N ASP G 206 -66.46 27.59 -5.00
CA ASP G 206 -67.27 26.51 -5.57
C ASP G 206 -68.24 26.01 -4.50
N MET G 207 -69.53 26.09 -4.80
CA MET G 207 -70.54 25.63 -3.85
C MET G 207 -70.49 24.11 -3.73
N GLU G 208 -70.43 23.40 -4.85
CA GLU G 208 -70.41 21.93 -4.81
C GLU G 208 -69.16 21.40 -4.12
N HIS G 209 -68.05 22.14 -4.20
CA HIS G 209 -66.77 21.73 -3.61
C HIS G 209 -66.23 22.88 -2.76
N PRO G 210 -66.74 23.03 -1.53
CA PRO G 210 -66.21 24.09 -0.66
C PRO G 210 -64.73 23.93 -0.34
N GLU G 211 -64.18 22.72 -0.47
CA GLU G 211 -62.76 22.52 -0.17
C GLU G 211 -61.88 23.38 -1.06
N THR G 212 -62.20 23.43 -2.36
CA THR G 212 -61.43 24.23 -3.32
C THR G 212 -62.06 25.62 -3.39
N SER G 213 -61.68 26.46 -2.44
CA SER G 213 -62.19 27.83 -2.32
C SER G 213 -61.03 28.75 -1.99
N ILE G 214 -60.46 29.37 -3.01
CA ILE G 214 -59.40 30.36 -2.82
C ILE G 214 -60.03 31.65 -2.36
N LYS G 215 -59.62 32.13 -1.18
CA LYS G 215 -60.22 33.29 -0.54
C LYS G 215 -59.15 34.32 -0.25
N LEU G 216 -59.48 35.59 -0.50
CA LEU G 216 -58.50 36.67 -0.49
C LEU G 216 -59.01 37.82 0.39
N GLU G 217 -58.17 38.24 1.34
CA GLU G 217 -58.50 39.31 2.29
C GLU G 217 -57.59 40.50 2.05
N MET G 218 -57.51 40.95 0.81
CA MET G 218 -56.59 42.01 0.41
C MET G 218 -56.67 43.22 1.34
N ASP G 219 -55.53 43.60 1.93
CA ASP G 219 -55.40 44.89 2.61
C ASP G 219 -54.37 45.79 1.94
N GLN G 220 -53.12 45.36 1.83
CA GLN G 220 -52.05 46.16 1.25
C GLN G 220 -51.20 45.29 0.34
N PRO G 221 -50.59 45.87 -0.69
CA PRO G 221 -49.80 45.06 -1.62
C PRO G 221 -48.65 44.37 -0.92
N VAL G 222 -48.37 43.13 -1.33
CA VAL G 222 -47.31 42.33 -0.73
C VAL G 222 -46.43 41.76 -1.83
N ASP G 223 -45.12 41.77 -1.60
CA ASP G 223 -44.16 41.21 -2.55
C ASP G 223 -42.97 40.68 -1.74
N LEU G 224 -42.94 39.37 -1.52
CA LEU G 224 -41.94 38.77 -0.64
C LEU G 224 -41.28 37.58 -1.33
N THR G 225 -39.96 37.52 -1.27
CA THR G 225 -39.19 36.44 -1.88
C THR G 225 -38.81 35.41 -0.81
N PHE G 226 -39.00 34.13 -1.15
CA PHE G 226 -38.75 33.04 -0.23
C PHE G 226 -37.95 31.95 -0.93
N GLY G 227 -37.05 31.31 -0.18
CA GLY G 227 -36.23 30.26 -0.76
C GLY G 227 -37.04 29.03 -1.10
N ALA G 228 -36.53 28.28 -2.08
CA ALA G 228 -37.24 27.10 -2.56
C ALA G 228 -37.15 25.94 -1.57
N LYS G 229 -35.98 25.75 -0.94
CA LYS G 229 -35.79 24.60 -0.07
C LYS G 229 -36.72 24.66 1.14
N TYR G 230 -36.86 25.83 1.76
CA TYR G 230 -37.72 25.96 2.93
C TYR G 230 -39.18 25.69 2.55
N LEU G 231 -39.63 26.22 1.42
CA LEU G 231 -41.00 25.97 0.98
C LEU G 231 -41.20 24.48 0.69
N LEU G 232 -40.22 23.85 0.06
CA LEU G 232 -40.33 22.41 -0.21
C LEU G 232 -40.44 21.62 1.08
N ASP G 233 -39.64 21.97 2.09
CA ASP G 233 -39.73 21.29 3.37
C ASP G 233 -41.07 21.53 4.05
N ILE G 234 -41.58 22.76 3.95
CA ILE G 234 -42.84 23.09 4.62
C ILE G 234 -44.01 22.34 3.98
N ILE G 235 -44.06 22.30 2.66
CA ILE G 235 -45.19 21.71 1.96
C ILE G 235 -45.23 20.20 2.17
N LYS G 236 -44.17 19.65 2.79
CA LYS G 236 -44.14 18.22 3.06
C LYS G 236 -45.31 17.78 3.93
N GLY G 237 -45.87 18.70 4.72
CA GLY G 237 -47.01 18.42 5.56
C GLY G 237 -48.35 18.57 4.87
N SER G 238 -48.36 18.71 3.54
CA SER G 238 -49.63 18.89 2.83
C SER G 238 -50.57 17.72 3.05
N SER G 239 -50.04 16.49 3.05
CA SER G 239 -50.88 15.33 3.32
C SER G 239 -51.40 15.33 4.75
N LEU G 240 -50.72 16.01 5.67
CA LEU G 240 -51.18 16.04 7.06
C LEU G 240 -52.51 16.76 7.20
N SER G 241 -52.70 17.87 6.49
CA SER G 241 -53.91 18.68 6.58
C SER G 241 -54.59 18.73 5.21
N ASP G 242 -55.64 19.55 5.13
CA ASP G 242 -56.41 19.71 3.90
C ASP G 242 -56.31 21.10 3.30
N ARG G 243 -56.42 22.15 4.10
CA ARG G 243 -56.34 23.52 3.62
C ARG G 243 -55.22 24.26 4.34
N VAL G 244 -54.37 24.94 3.57
CA VAL G 244 -53.25 25.68 4.11
C VAL G 244 -53.54 27.17 4.07
N GLY G 245 -53.25 27.86 5.18
CA GLY G 245 -53.44 29.28 5.28
C GLY G 245 -52.13 30.02 5.26
N ILE G 246 -51.96 30.89 4.26
CA ILE G 246 -50.75 31.66 4.06
C ILE G 246 -51.03 33.10 4.47
N ARG G 247 -50.33 33.58 5.49
CA ARG G 247 -50.45 34.96 5.95
C ARG G 247 -49.14 35.69 5.69
N LEU G 248 -49.22 36.79 4.94
CA LEU G 248 -48.07 37.58 4.54
C LEU G 248 -48.23 39.00 5.06
N SER G 249 -47.09 39.67 5.27
CA SER G 249 -47.07 41.05 5.73
C SER G 249 -46.04 41.83 4.92
N SER G 250 -46.02 43.14 5.13
CA SER G 250 -45.07 43.99 4.40
C SER G 250 -43.63 43.59 4.69
N GLU G 251 -43.32 43.37 5.98
CA GLU G 251 -41.98 42.91 6.37
C GLU G 251 -42.15 42.06 7.63
N ALA G 252 -42.25 40.75 7.42
CA ALA G 252 -42.38 39.78 8.50
C ALA G 252 -42.33 38.38 7.91
N PRO G 253 -42.06 37.35 8.71
CA PRO G 253 -42.01 36.00 8.16
C PRO G 253 -43.40 35.48 7.80
N ALA G 254 -43.50 34.88 6.63
CA ALA G 254 -44.75 34.26 6.21
C ALA G 254 -45.18 33.22 7.23
N LEU G 255 -46.46 33.26 7.59
CA LEU G 255 -47.06 32.30 8.50
C LEU G 255 -47.86 31.28 7.69
N PHE G 256 -47.40 30.04 7.67
CA PHE G 256 -48.07 28.95 6.99
C PHE G 256 -48.75 28.11 8.07
N GLN G 257 -50.06 28.24 8.15
CA GLN G 257 -50.87 27.56 9.16
C GLN G 257 -51.45 26.29 8.54
N PHE G 258 -51.24 25.17 9.22
CA PHE G 258 -51.80 23.87 8.85
C PHE G 258 -52.80 23.55 9.95
N ASP G 259 -54.08 23.65 9.62
CA ASP G 259 -55.12 23.38 10.62
C ASP G 259 -55.18 21.91 10.95
N LEU G 260 -55.34 21.60 12.23
CA LEU G 260 -55.44 20.24 12.72
C LEU G 260 -56.84 19.99 13.26
N LYS G 261 -57.13 18.71 13.54
CA LYS G 261 -58.41 18.36 14.13
C LYS G 261 -58.57 19.01 15.50
N SER G 262 -57.49 19.08 16.28
CA SER G 262 -57.50 19.76 17.57
C SER G 262 -56.10 20.31 17.81
N GLY G 263 -55.92 21.60 17.57
CA GLY G 263 -54.61 22.22 17.62
C GLY G 263 -54.19 22.67 16.25
N PHE G 264 -52.89 22.89 16.02
CA PHE G 264 -52.44 23.15 14.66
C PHE G 264 -50.92 23.18 14.59
N LEU G 265 -50.42 23.29 13.34
CA LEU G 265 -49.00 23.32 13.05
C LEU G 265 -48.67 24.57 12.23
N GLN G 266 -47.78 25.41 12.74
CA GLN G 266 -47.46 26.67 12.11
C GLN G 266 -45.99 26.70 11.69
N PHE G 267 -45.74 27.22 10.50
CA PHE G 267 -44.39 27.47 10.01
C PHE G 267 -44.19 28.97 9.86
N PHE G 268 -43.08 29.47 10.39
CA PHE G 268 -42.68 30.86 10.21
C PHE G 268 -41.45 30.88 9.32
N LEU G 269 -41.56 31.54 8.17
CA LEU G 269 -40.48 31.58 7.18
C LEU G 269 -40.04 33.03 6.98
N ALA G 270 -38.80 33.34 7.35
CA ALA G 270 -38.28 34.68 7.19
C ALA G 270 -38.03 34.98 5.71
N PRO G 271 -38.46 36.13 5.20
CA PRO G 271 -38.22 36.43 3.79
C PRO G 271 -36.77 36.85 3.54
N LYS G 272 -36.37 36.77 2.28
CA LYS G 272 -35.05 37.18 1.88
C LYS G 272 -34.95 38.71 1.80
N PHE G 273 -33.74 39.22 1.93
CA PHE G 273 -33.51 40.66 1.87
C PHE G 273 -33.76 41.18 0.46
N ASN G 274 -34.39 42.35 0.37
CA ASN G 274 -34.67 42.99 -0.91
C ASN G 274 -35.48 42.06 -1.81
N MET H 20 -20.20 14.46 -52.81
CA MET H 20 -19.78 13.47 -53.83
C MET H 20 -20.13 12.05 -53.38
N LEU H 21 -20.19 11.85 -52.06
CA LEU H 21 -20.49 10.56 -51.48
C LEU H 21 -21.56 10.72 -50.42
N GLU H 22 -22.55 9.82 -50.43
CA GLU H 22 -23.57 9.79 -49.41
C GLU H 22 -23.92 8.35 -49.08
N ALA H 23 -24.24 8.11 -47.80
CA ALA H 23 -24.55 6.78 -47.30
C ALA H 23 -25.78 6.84 -46.40
N LYS H 24 -26.84 7.49 -46.88
CA LYS H 24 -28.09 7.60 -46.13
C LYS H 24 -28.49 6.25 -45.57
N PHE H 25 -28.51 6.15 -44.25
CA PHE H 25 -28.76 4.89 -43.55
C PHE H 25 -30.25 4.68 -43.34
N GLU H 26 -30.65 3.40 -43.34
CA GLU H 26 -32.01 3.07 -42.92
C GLU H 26 -32.22 3.38 -41.44
N GLU H 27 -31.20 3.10 -40.61
CA GLU H 27 -31.26 3.36 -39.18
C GLU H 27 -29.88 3.76 -38.70
N ALA H 28 -29.80 4.88 -37.97
CA ALA H 28 -28.51 5.31 -37.44
C ALA H 28 -28.06 4.43 -36.29
N SER H 29 -29.00 3.82 -35.56
CA SER H 29 -28.64 2.90 -34.49
C SER H 29 -27.85 1.72 -35.03
N LEU H 30 -28.13 1.31 -36.27
CA LEU H 30 -27.36 0.22 -36.88
C LEU H 30 -25.89 0.58 -36.96
N PHE H 31 -25.58 1.79 -37.45
CA PHE H 31 -24.18 2.22 -37.53
C PHE H 31 -23.60 2.44 -36.15
N LYS H 32 -24.39 2.95 -35.21
CA LYS H 32 -23.89 3.12 -33.85
C LYS H 32 -23.45 1.80 -33.26
N ARG H 33 -24.27 0.76 -33.43
CA ARG H 33 -23.90 -0.57 -32.94
C ARG H 33 -22.73 -1.15 -33.73
N ILE H 34 -22.67 -0.87 -35.03
CA ILE H 34 -21.56 -1.35 -35.84
C ILE H 34 -20.25 -0.83 -35.29
N ILE H 35 -20.19 0.47 -35.01
CA ILE H 35 -18.97 1.07 -34.48
C ILE H 35 -18.71 0.60 -33.06
N ASP H 36 -19.76 0.49 -32.25
CA ASP H 36 -19.59 0.04 -30.87
C ASP H 36 -19.11 -1.41 -30.79
N GLY H 37 -19.23 -2.18 -31.87
CA GLY H 37 -18.85 -3.57 -31.84
C GLY H 37 -17.35 -3.82 -31.81
N PHE H 38 -16.55 -2.84 -32.27
CA PHE H 38 -15.11 -3.02 -32.32
C PHE H 38 -14.34 -1.78 -31.87
N LYS H 39 -14.95 -0.93 -31.04
CA LYS H 39 -14.24 0.25 -30.56
C LYS H 39 -13.12 -0.12 -29.59
N ASP H 40 -13.33 -1.15 -28.77
CA ASP H 40 -12.32 -1.56 -27.81
C ASP H 40 -11.14 -2.25 -28.49
N CYS H 41 -11.41 -3.12 -29.47
CA CYS H 41 -10.33 -3.86 -30.12
C CYS H 41 -9.36 -2.92 -30.82
N VAL H 42 -9.89 -2.01 -31.65
CA VAL H 42 -9.06 -1.07 -32.39
C VAL H 42 -9.71 0.32 -32.30
N GLN H 43 -8.88 1.34 -32.53
CA GLN H 43 -9.32 2.72 -32.50
C GLN H 43 -9.04 3.48 -33.78
N LEU H 44 -8.03 3.08 -34.54
CA LEU H 44 -7.67 3.74 -35.81
C LEU H 44 -7.82 2.69 -36.91
N VAL H 45 -8.86 2.85 -37.73
CA VAL H 45 -9.17 1.91 -38.80
C VAL H 45 -9.48 2.69 -40.07
N ASN H 46 -8.97 2.21 -41.20
CA ASN H 46 -9.20 2.86 -42.48
C ASN H 46 -10.51 2.37 -43.08
N PHE H 47 -11.35 3.31 -43.52
CA PHE H 47 -12.62 3.02 -44.17
C PHE H 47 -12.49 3.38 -45.64
N GLN H 48 -12.57 2.37 -46.51
CA GLN H 48 -12.56 2.59 -47.96
C GLN H 48 -14.01 2.60 -48.44
N CYS H 49 -14.46 3.73 -48.95
CA CYS H 49 -15.86 3.92 -49.36
C CYS H 49 -15.93 3.83 -50.88
N LYS H 50 -16.20 2.62 -51.38
CA LYS H 50 -16.42 2.39 -52.80
C LYS H 50 -17.91 2.33 -53.09
N GLU H 51 -18.26 2.41 -54.38
CA GLU H 51 -19.65 2.31 -54.77
C GLU H 51 -20.29 1.02 -54.28
N ASP H 52 -19.49 -0.05 -54.15
CA ASP H 52 -20.01 -1.30 -53.59
C ASP H 52 -20.45 -1.11 -52.15
N GLY H 53 -19.67 -0.36 -51.37
CA GLY H 53 -20.00 -0.12 -49.97
C GLY H 53 -18.78 0.35 -49.21
N ILE H 54 -18.81 0.11 -47.90
CA ILE H 54 -17.73 0.48 -46.99
C ILE H 54 -16.94 -0.77 -46.66
N ILE H 55 -15.61 -0.66 -46.73
CA ILE H 55 -14.70 -1.75 -46.39
C ILE H 55 -13.64 -1.19 -45.44
N ALA H 56 -13.25 -2.01 -44.46
CA ALA H 56 -12.25 -1.60 -43.48
C ALA H 56 -11.52 -2.83 -42.95
N GLN H 57 -10.22 -2.69 -42.70
CA GLN H 57 -9.43 -3.74 -42.08
C GLN H 57 -8.29 -3.09 -41.31
N ALA H 58 -8.26 -3.31 -40.00
CA ALA H 58 -7.28 -2.71 -39.12
C ALA H 58 -6.57 -3.79 -38.30
N VAL H 59 -5.25 -3.68 -38.21
CA VAL H 59 -4.45 -4.61 -37.44
C VAL H 59 -4.34 -4.11 -36.01
N ASP H 60 -4.48 -5.02 -35.05
CA ASP H 60 -4.38 -4.65 -33.64
C ASP H 60 -2.97 -4.13 -33.36
N ASP H 61 -2.89 -3.18 -32.41
CA ASP H 61 -1.61 -2.54 -32.13
C ASP H 61 -0.56 -3.54 -31.68
N SER H 62 -0.98 -4.70 -31.19
CA SER H 62 -0.05 -5.79 -30.86
C SER H 62 0.18 -6.73 -32.04
N ARG H 63 -0.38 -6.44 -33.21
CA ARG H 63 -0.23 -7.29 -34.39
C ARG H 63 -0.71 -8.71 -34.10
N VAL H 64 -1.84 -8.82 -33.41
CA VAL H 64 -2.39 -10.10 -33.01
C VAL H 64 -3.86 -10.28 -33.38
N LEU H 65 -4.59 -9.20 -33.64
CA LEU H 65 -6.01 -9.29 -33.95
C LEU H 65 -6.31 -8.36 -35.12
N LEU H 66 -6.98 -8.92 -36.12
CA LEU H 66 -7.38 -8.16 -37.31
C LEU H 66 -8.87 -7.92 -37.26
N VAL H 67 -9.26 -6.65 -37.25
CA VAL H 67 -10.66 -6.25 -37.27
C VAL H 67 -11.01 -5.89 -38.71
N SER H 68 -11.75 -6.77 -39.37
CA SER H 68 -12.27 -6.52 -40.71
C SER H 68 -13.74 -6.14 -40.59
N LEU H 69 -14.23 -5.40 -41.57
CA LEU H 69 -15.62 -4.96 -41.56
C LEU H 69 -16.02 -4.56 -42.97
N GLU H 70 -17.27 -4.85 -43.32
CA GLU H 70 -17.78 -4.37 -44.60
C GLU H 70 -19.28 -4.22 -44.51
N ILE H 71 -19.77 -3.12 -45.08
CA ILE H 71 -21.20 -2.83 -45.17
C ILE H 71 -21.52 -2.67 -46.66
N GLY H 72 -22.50 -3.45 -47.13
CA GLY H 72 -22.87 -3.41 -48.53
C GLY H 72 -23.81 -2.26 -48.85
N VAL H 73 -23.97 -2.02 -50.14
CA VAL H 73 -24.85 -0.96 -50.61
C VAL H 73 -26.30 -1.23 -50.24
N GLU H 74 -26.67 -2.50 -50.11
CA GLU H 74 -28.07 -2.83 -49.80
C GLU H 74 -28.47 -2.33 -48.42
N ALA H 75 -27.56 -2.40 -47.44
CA ALA H 75 -27.90 -2.00 -46.08
C ALA H 75 -28.32 -0.54 -46.02
N PHE H 76 -27.58 0.34 -46.70
CA PHE H 76 -27.89 1.76 -46.68
C PHE H 76 -29.23 2.03 -47.36
N GLN H 77 -29.97 3.01 -46.82
CA GLN H 77 -31.20 3.43 -47.48
C GLN H 77 -30.92 4.00 -48.86
N GLU H 78 -29.86 4.78 -48.99
CA GLU H 78 -29.48 5.36 -50.27
C GLU H 78 -27.98 5.64 -50.23
N TYR H 79 -27.20 4.85 -50.97
CA TYR H 79 -25.75 4.98 -50.99
C TYR H 79 -25.29 5.29 -52.41
N ARG H 80 -24.45 6.30 -52.55
CA ARG H 80 -23.85 6.61 -53.84
C ARG H 80 -22.47 7.22 -53.62
N CYS H 81 -21.58 6.96 -54.58
CA CYS H 81 -20.22 7.47 -54.56
C CYS H 81 -19.73 7.58 -56.00
N ASP H 82 -18.90 8.59 -56.26
CA ASP H 82 -18.37 8.82 -57.60
C ASP H 82 -16.91 8.42 -57.74
N HIS H 83 -16.14 8.41 -56.64
CA HIS H 83 -14.74 8.06 -56.68
C HIS H 83 -14.38 7.42 -55.33
N PRO H 84 -13.82 6.22 -55.32
CA PRO H 84 -13.48 5.60 -54.03
C PRO H 84 -12.51 6.48 -53.24
N VAL H 85 -12.76 6.58 -51.93
CA VAL H 85 -11.95 7.40 -51.05
C VAL H 85 -11.71 6.64 -49.75
N THR H 86 -10.49 6.75 -49.22
CA THR H 86 -10.12 6.11 -47.97
C THR H 86 -10.03 7.17 -46.87
N LEU H 87 -10.79 6.99 -45.80
CA LEU H 87 -10.83 7.91 -44.67
C LEU H 87 -10.33 7.19 -43.42
N GLY H 88 -9.34 7.80 -42.75
CA GLY H 88 -8.80 7.24 -41.53
C GLY H 88 -9.42 7.86 -40.30
N MET H 89 -10.69 8.28 -40.42
CA MET H 89 -11.34 8.99 -39.33
C MET H 89 -11.47 8.12 -38.10
N ASP H 90 -11.35 8.76 -36.94
CA ASP H 90 -11.24 8.05 -35.67
C ASP H 90 -12.56 7.38 -35.30
N LEU H 91 -12.47 6.45 -34.34
CA LEU H 91 -13.62 5.73 -33.83
C LEU H 91 -14.16 6.32 -32.53
N THR H 92 -13.28 6.73 -31.62
CA THR H 92 -13.74 7.35 -30.38
C THR H 92 -14.51 8.64 -30.67
N SER H 93 -14.00 9.46 -31.59
CA SER H 93 -14.74 10.64 -32.01
C SER H 93 -16.05 10.25 -32.68
N LEU H 94 -16.06 9.11 -33.40
CA LEU H 94 -17.30 8.62 -33.98
C LEU H 94 -18.33 8.36 -32.89
N SER H 95 -17.93 7.69 -31.82
CA SER H 95 -18.84 7.42 -30.71
C SER H 95 -19.28 8.71 -30.04
N LYS H 96 -18.35 9.66 -29.88
CA LYS H 96 -18.71 10.94 -29.28
C LYS H 96 -19.77 11.66 -30.11
N ILE H 97 -19.64 11.60 -31.44
CA ILE H 97 -20.61 12.25 -32.31
C ILE H 97 -21.95 11.54 -32.25
N LEU H 98 -21.93 10.21 -32.31
CA LEU H 98 -23.17 9.45 -32.44
C LEU H 98 -23.92 9.28 -31.11
N ARG H 99 -23.25 9.47 -29.98
CA ARG H 99 -23.91 9.28 -28.69
C ARG H 99 -24.94 10.36 -28.41
N CYS H 100 -24.71 11.58 -28.91
CA CYS H 100 -25.63 12.69 -28.67
C CYS H 100 -26.86 12.63 -29.55
N GLY H 101 -26.92 11.72 -30.52
CA GLY H 101 -28.04 11.66 -31.43
C GLY H 101 -29.25 10.95 -30.84
N ASN H 102 -30.36 11.07 -31.56
CA ASN H 102 -31.61 10.43 -31.16
C ASN H 102 -31.55 8.95 -31.55
N ASN H 103 -32.71 8.27 -31.46
CA ASN H 103 -32.76 6.83 -31.72
C ASN H 103 -33.05 6.53 -33.18
N THR H 104 -34.17 7.04 -33.71
CA THR H 104 -34.61 6.74 -35.07
C THR H 104 -34.27 7.93 -35.96
N ASP H 105 -33.31 7.74 -36.86
CA ASP H 105 -32.91 8.78 -37.79
C ASP H 105 -32.29 8.11 -39.02
N THR H 106 -31.78 8.93 -39.94
CA THR H 106 -31.30 8.49 -41.24
C THR H 106 -29.92 9.10 -41.54
N LEU H 107 -28.99 8.89 -40.61
CA LEU H 107 -27.64 9.43 -40.71
C LEU H 107 -27.07 9.30 -42.12
N THR H 108 -26.43 10.37 -42.60
CA THR H 108 -25.77 10.41 -43.89
C THR H 108 -24.35 10.92 -43.69
N LEU H 109 -23.46 10.56 -44.62
CA LEU H 109 -22.02 10.73 -44.43
C LEU H 109 -21.40 11.65 -45.49
N ILE H 110 -22.00 12.82 -45.71
CA ILE H 110 -21.61 13.63 -46.87
C ILE H 110 -20.19 14.15 -46.69
N ALA H 111 -19.49 14.31 -47.81
CA ALA H 111 -18.12 14.80 -47.84
C ALA H 111 -17.90 15.58 -49.12
N ASP H 112 -16.65 15.99 -49.36
CA ASP H 112 -16.31 16.76 -50.55
C ASP H 112 -15.03 16.26 -51.21
N ASN H 113 -14.55 16.99 -52.22
CA ASN H 113 -13.42 16.51 -53.00
C ASN H 113 -12.14 16.41 -52.16
N THR H 114 -11.90 17.39 -51.29
CA THR H 114 -10.71 17.43 -50.45
C THR H 114 -11.19 17.56 -49.01
N PRO H 115 -11.69 16.46 -48.42
CA PRO H 115 -12.31 16.55 -47.10
C PRO H 115 -11.30 16.49 -45.97
N ASP H 116 -11.19 17.60 -45.23
CA ASP H 116 -10.56 17.56 -43.92
C ASP H 116 -11.56 17.23 -42.82
N SER H 117 -12.85 17.23 -43.14
CA SER H 117 -13.91 16.84 -42.22
C SER H 117 -15.05 16.27 -43.03
N ILE H 118 -15.87 15.45 -42.37
CA ILE H 118 -17.02 14.79 -42.98
C ILE H 118 -18.26 15.26 -42.25
N ILE H 119 -19.27 15.71 -43.00
CA ILE H 119 -20.49 16.23 -42.41
C ILE H 119 -21.48 15.09 -42.28
N LEU H 120 -21.84 14.76 -41.03
CA LEU H 120 -22.79 13.71 -40.73
C LEU H 120 -24.16 14.35 -40.61
N LEU H 121 -24.98 14.17 -41.65
CA LEU H 121 -26.32 14.76 -41.68
C LEU H 121 -27.29 13.82 -40.97
N PHE H 122 -27.71 14.20 -39.78
CA PHE H 122 -28.61 13.38 -38.97
C PHE H 122 -30.06 13.74 -39.33
N GLU H 123 -30.44 13.39 -40.54
CA GLU H 123 -31.76 13.71 -41.06
C GLU H 123 -32.82 12.84 -40.41
N ASP H 124 -34.05 13.37 -40.40
CA ASP H 124 -35.20 12.68 -39.82
C ASP H 124 -36.42 12.92 -40.69
N THR H 125 -37.42 12.05 -40.54
CA THR H 125 -38.68 12.25 -41.24
C THR H 125 -39.32 13.58 -40.84
N LYS H 126 -39.30 13.88 -39.54
CA LYS H 126 -39.72 15.19 -39.07
C LYS H 126 -38.64 16.22 -39.35
N LYS H 127 -39.05 17.47 -39.49
CA LYS H 127 -38.13 18.55 -39.84
C LYS H 127 -37.53 19.25 -38.63
N ASP H 128 -37.82 18.78 -37.43
CA ASP H 128 -37.33 19.39 -36.20
C ASP H 128 -36.26 18.57 -35.49
N ARG H 129 -36.37 17.25 -35.50
CA ARG H 129 -35.40 16.38 -34.82
C ARG H 129 -34.20 16.12 -35.72
N ILE H 130 -33.37 17.15 -35.85
CA ILE H 130 -32.16 17.10 -36.66
C ILE H 130 -30.98 17.43 -35.75
N ALA H 131 -29.96 16.57 -35.78
CA ALA H 131 -28.76 16.72 -34.96
C ALA H 131 -27.51 16.47 -35.79
N GLU H 132 -27.46 17.07 -36.98
CA GLU H 132 -26.30 16.91 -37.85
C GLU H 132 -25.06 17.48 -37.18
N TYR H 133 -23.91 16.84 -37.44
CA TYR H 133 -22.65 17.26 -36.84
C TYR H 133 -21.56 17.19 -37.91
N SER H 134 -20.33 17.48 -37.49
CA SER H 134 -19.16 17.36 -38.35
C SER H 134 -18.07 16.61 -37.60
N LEU H 135 -17.43 15.67 -38.29
CA LEU H 135 -16.40 14.82 -37.68
C LEU H 135 -15.08 15.04 -38.42
N LYS H 136 -14.02 15.32 -37.66
CA LYS H 136 -12.72 15.57 -38.26
C LYS H 136 -12.18 14.29 -38.89
N LEU H 137 -11.38 14.46 -39.93
CA LEU H 137 -10.71 13.36 -40.60
C LEU H 137 -9.22 13.39 -40.29
N MET H 138 -8.63 12.20 -40.24
CA MET H 138 -7.26 12.04 -39.79
C MET H 138 -6.56 11.02 -40.68
N ASP H 139 -5.31 11.30 -41.03
CA ASP H 139 -4.56 10.50 -42.01
C ASP H 139 -4.03 9.25 -41.32
N ILE H 140 -4.60 8.10 -41.67
CA ILE H 140 -4.14 6.80 -41.21
C ILE H 140 -3.65 6.01 -42.41
N ASP H 141 -2.43 5.49 -42.32
CA ASP H 141 -1.87 4.71 -43.41
C ASP H 141 -2.55 3.35 -43.52
N ALA H 142 -2.71 2.88 -44.76
CA ALA H 142 -3.34 1.60 -45.03
C ALA H 142 -2.42 0.76 -45.90
N ASP H 143 -2.41 -0.54 -45.65
CA ASP H 143 -1.59 -1.49 -46.39
C ASP H 143 -2.46 -2.45 -47.19
N PHE H 144 -1.83 -3.17 -48.10
CA PHE H 144 -2.52 -4.12 -48.97
C PHE H 144 -2.68 -5.46 -48.24
N LEU H 145 -3.47 -5.43 -47.18
CA LEU H 145 -3.78 -6.63 -46.43
C LEU H 145 -4.68 -7.55 -47.24
N LYS H 146 -4.54 -8.86 -47.01
CA LYS H 146 -5.27 -9.89 -47.73
C LYS H 146 -5.97 -10.82 -46.76
N ILE H 147 -7.20 -11.22 -47.10
CA ILE H 147 -7.99 -12.12 -46.28
C ILE H 147 -8.37 -13.34 -47.10
N GLU H 148 -7.48 -13.76 -47.99
CA GLU H 148 -7.74 -14.90 -48.87
C GLU H 148 -8.35 -16.06 -48.10
N GLU H 149 -9.43 -16.60 -48.63
CA GLU H 149 -10.15 -17.67 -47.95
C GLU H 149 -9.32 -18.94 -47.87
N LEU H 150 -9.56 -19.71 -46.81
CA LEU H 150 -8.89 -20.99 -46.60
C LEU H 150 -9.94 -22.05 -46.29
N GLN H 151 -9.54 -23.31 -46.42
CA GLN H 151 -10.44 -24.44 -46.17
C GLN H 151 -10.65 -24.57 -44.66
N TYR H 152 -11.49 -23.69 -44.12
CA TYR H 152 -11.77 -23.72 -42.69
C TYR H 152 -12.55 -24.97 -42.33
N ASP H 153 -12.16 -25.62 -41.24
CA ASP H 153 -12.75 -26.91 -40.89
C ASP H 153 -14.20 -26.77 -40.44
N SER H 154 -14.50 -25.78 -39.60
CA SER H 154 -15.84 -25.61 -39.06
C SER H 154 -16.30 -24.17 -39.19
N THR H 155 -17.60 -23.99 -39.42
CA THR H 155 -18.20 -22.67 -39.45
C THR H 155 -19.67 -22.79 -39.07
N LEU H 156 -20.14 -21.90 -38.21
CA LEU H 156 -21.52 -21.97 -37.74
C LEU H 156 -21.97 -20.58 -37.30
N SER H 157 -23.25 -20.49 -36.94
CA SER H 157 -23.85 -19.27 -36.45
C SER H 157 -24.91 -19.60 -35.40
N LEU H 158 -24.93 -18.81 -34.32
CA LEU H 158 -25.85 -19.01 -33.21
C LEU H 158 -26.12 -17.66 -32.56
N PRO H 159 -27.17 -17.56 -31.74
CA PRO H 159 -27.52 -16.26 -31.14
C PRO H 159 -26.42 -15.75 -30.23
N SER H 160 -26.61 -14.51 -29.76
CA SER H 160 -25.62 -13.83 -28.92
C SER H 160 -25.95 -13.88 -27.44
N SER H 161 -27.22 -14.03 -27.06
CA SER H 161 -27.56 -14.10 -25.65
C SER H 161 -26.89 -15.29 -24.98
N GLU H 162 -26.87 -16.45 -25.66
CA GLU H 162 -26.15 -17.59 -25.14
C GLU H 162 -24.66 -17.28 -25.00
N PHE H 163 -24.10 -16.55 -25.97
CA PHE H 163 -22.70 -16.15 -25.86
C PHE H 163 -22.45 -15.33 -24.61
N SER H 164 -23.33 -14.37 -24.31
CA SER H 164 -23.16 -13.58 -23.10
C SER H 164 -23.27 -14.46 -21.85
N LYS H 165 -24.34 -15.25 -21.77
CA LYS H 165 -24.55 -16.09 -20.59
C LYS H 165 -23.43 -17.10 -20.39
N ILE H 166 -22.72 -17.47 -21.44
CA ILE H 166 -21.63 -18.43 -21.33
C ILE H 166 -20.31 -17.74 -21.00
N VAL H 167 -20.01 -16.64 -21.68
CA VAL H 167 -18.73 -15.96 -21.48
C VAL H 167 -18.69 -15.31 -20.10
N ARG H 168 -19.75 -14.60 -19.71
CA ARG H 168 -19.77 -14.00 -18.39
C ARG H 168 -19.69 -15.06 -17.30
N ASP H 169 -20.26 -16.23 -17.54
CA ASP H 169 -20.22 -17.30 -16.55
C ASP H 169 -18.81 -17.89 -16.43
N LEU H 170 -18.17 -18.17 -17.57
CA LEU H 170 -16.87 -18.83 -17.56
C LEU H 170 -15.73 -17.89 -17.22
N SER H 171 -15.90 -16.58 -17.40
CA SER H 171 -14.81 -15.66 -17.11
C SER H 171 -14.50 -15.60 -15.62
N GLN H 172 -15.51 -15.79 -14.77
CA GLN H 172 -15.29 -15.77 -13.33
C GLN H 172 -14.56 -17.00 -12.82
N LEU H 173 -14.43 -18.03 -13.65
CA LEU H 173 -13.76 -19.27 -13.23
C LEU H 173 -12.38 -19.45 -13.86
N SER H 174 -12.08 -18.77 -14.96
CA SER H 174 -10.80 -18.94 -15.64
C SER H 174 -10.59 -17.81 -16.62
N ASP H 175 -9.40 -17.78 -17.21
CA ASP H 175 -9.05 -16.81 -18.25
C ASP H 175 -9.09 -17.42 -19.64
N SER H 176 -9.55 -18.66 -19.78
CA SER H 176 -9.59 -19.36 -21.05
C SER H 176 -11.03 -19.73 -21.38
N ILE H 177 -11.43 -19.50 -22.63
CA ILE H 177 -12.79 -19.78 -23.08
C ILE H 177 -12.72 -20.83 -24.18
N ASN H 178 -11.81 -21.79 -24.02
CA ASN H 178 -11.49 -22.76 -25.08
C ASN H 178 -12.74 -23.24 -25.79
N ILE H 179 -12.71 -23.20 -27.11
CA ILE H 179 -13.83 -23.59 -27.97
C ILE H 179 -13.45 -24.88 -28.68
N MET H 180 -14.29 -25.90 -28.55
CA MET H 180 -14.16 -27.14 -29.30
C MET H 180 -15.41 -27.35 -30.13
N ILE H 181 -15.24 -27.74 -31.39
CA ILE H 181 -16.36 -27.91 -32.30
C ILE H 181 -16.27 -29.33 -32.86
N THR H 182 -17.12 -30.22 -32.36
CA THR H 182 -17.18 -31.59 -32.84
C THR H 182 -18.54 -31.85 -33.45
N LYS H 183 -18.64 -32.96 -34.19
CA LYS H 183 -19.91 -33.34 -34.79
C LYS H 183 -21.01 -33.38 -33.74
N GLU H 184 -22.03 -32.54 -33.92
CA GLU H 184 -23.23 -32.51 -33.09
C GLU H 184 -22.94 -31.93 -31.71
N THR H 185 -21.76 -31.36 -31.50
CA THR H 185 -21.36 -30.84 -30.19
C THR H 185 -20.59 -29.54 -30.34
N ILE H 186 -20.90 -28.55 -29.49
CA ILE H 186 -20.14 -27.32 -29.38
C ILE H 186 -19.81 -27.12 -27.91
N LYS H 187 -18.53 -27.14 -27.56
CA LYS H 187 -18.09 -27.13 -26.17
C LYS H 187 -17.34 -25.84 -25.85
N PHE H 188 -17.74 -25.20 -24.75
CA PHE H 188 -17.00 -24.11 -24.15
C PHE H 188 -16.39 -24.62 -22.85
N VAL H 189 -15.06 -24.52 -22.74
CA VAL H 189 -14.31 -25.06 -21.62
C VAL H 189 -13.52 -23.94 -20.97
N ALA H 190 -13.52 -23.90 -19.65
CA ALA H 190 -12.77 -22.88 -18.91
C ALA H 190 -12.34 -23.47 -17.56
N ASP H 191 -11.05 -23.72 -17.40
CA ASP H 191 -10.49 -24.26 -16.17
C ASP H 191 -9.55 -23.24 -15.53
N GLY H 192 -9.51 -23.23 -14.21
CA GLY H 192 -8.71 -22.29 -13.49
C GLY H 192 -8.43 -22.73 -12.07
N ASP H 193 -8.07 -21.77 -11.22
CA ASP H 193 -7.73 -22.08 -9.84
C ASP H 193 -8.94 -22.54 -9.05
N ILE H 194 -10.07 -21.85 -9.20
CA ILE H 194 -11.28 -22.22 -8.46
C ILE H 194 -11.76 -23.60 -8.89
N GLY H 195 -11.70 -23.90 -10.18
CA GLY H 195 -12.21 -25.18 -10.67
C GLY H 195 -12.30 -25.17 -12.18
N SER H 196 -13.22 -25.97 -12.69
CA SER H 196 -13.44 -26.11 -14.12
C SER H 196 -14.92 -25.97 -14.44
N GLY H 197 -15.22 -25.45 -15.62
CA GLY H 197 -16.57 -25.29 -16.10
C GLY H 197 -16.69 -25.55 -17.58
N SER H 198 -17.63 -26.41 -17.96
CA SER H 198 -17.82 -26.77 -19.36
C SER H 198 -19.31 -26.69 -19.69
N VAL H 199 -19.63 -26.01 -20.80
CA VAL H 199 -21.00 -25.87 -21.26
C VAL H 199 -21.07 -26.36 -22.70
N ILE H 200 -22.04 -27.23 -22.98
CA ILE H 200 -22.21 -27.82 -24.30
C ILE H 200 -23.52 -27.30 -24.89
N ILE H 201 -23.44 -26.77 -26.11
CA ILE H 201 -24.62 -26.39 -26.88
C ILE H 201 -24.67 -27.26 -28.13
N LYS H 202 -25.88 -27.63 -28.52
CA LYS H 202 -26.14 -28.61 -29.56
C LYS H 202 -27.18 -28.08 -30.53
N PRO H 203 -27.24 -28.62 -31.74
CA PRO H 203 -28.27 -28.17 -32.69
C PRO H 203 -29.67 -28.23 -32.10
N PHE H 204 -30.32 -27.06 -31.99
CA PHE H 204 -31.63 -26.93 -31.38
C PHE H 204 -32.43 -25.93 -32.20
N VAL H 205 -33.55 -26.39 -32.77
CA VAL H 205 -34.38 -25.58 -33.65
C VAL H 205 -35.78 -25.50 -33.07
N ASP H 206 -36.30 -24.28 -32.96
CA ASP H 206 -37.67 -24.05 -32.51
C ASP H 206 -38.49 -23.52 -33.66
N MET H 207 -39.61 -24.20 -33.97
CA MET H 207 -40.46 -23.77 -35.08
C MET H 207 -41.13 -22.45 -34.77
N GLU H 208 -41.60 -22.27 -33.53
CA GLU H 208 -42.27 -21.02 -33.18
C GLU H 208 -41.30 -19.86 -33.01
N HIS H 209 -40.05 -20.14 -32.65
CA HIS H 209 -39.02 -19.12 -32.45
C HIS H 209 -37.77 -19.54 -33.21
N PRO H 210 -37.76 -19.34 -34.54
CA PRO H 210 -36.57 -19.73 -35.32
C PRO H 210 -35.30 -18.96 -34.95
N GLU H 211 -35.44 -17.79 -34.31
CA GLU H 211 -34.26 -16.97 -34.04
C GLU H 211 -33.27 -17.68 -33.12
N THR H 212 -33.77 -18.52 -32.22
CA THR H 212 -32.90 -19.26 -31.30
C THR H 212 -32.47 -20.60 -31.89
N SER H 213 -31.83 -20.55 -33.06
CA SER H 213 -31.38 -21.73 -33.78
C SER H 213 -29.92 -21.59 -34.15
N ILE H 214 -29.27 -22.74 -34.36
CA ILE H 214 -27.86 -22.81 -34.71
C ILE H 214 -27.75 -23.42 -36.11
N LYS H 215 -27.08 -22.70 -37.01
CA LYS H 215 -26.81 -23.19 -38.36
C LYS H 215 -25.32 -23.50 -38.43
N LEU H 216 -24.97 -24.78 -38.47
CA LEU H 216 -23.61 -25.23 -38.27
C LEU H 216 -23.20 -26.24 -39.33
N GLU H 217 -21.97 -26.10 -39.84
CA GLU H 217 -21.40 -27.05 -40.79
C GLU H 217 -19.92 -27.21 -40.47
N MET H 218 -19.49 -28.45 -40.25
CA MET H 218 -18.10 -28.74 -39.95
C MET H 218 -17.59 -29.83 -40.87
N ASP H 219 -16.28 -29.79 -41.12
CA ASP H 219 -15.60 -30.79 -41.95
C ASP H 219 -14.64 -31.66 -41.16
N GLN H 220 -13.83 -31.04 -40.29
CA GLN H 220 -12.89 -31.77 -39.46
C GLN H 220 -12.97 -31.25 -38.02
N PRO H 221 -12.66 -32.10 -37.03
CA PRO H 221 -12.68 -31.63 -35.64
C PRO H 221 -11.68 -30.49 -35.41
N VAL H 222 -12.06 -29.57 -34.52
CA VAL H 222 -11.22 -28.42 -34.20
C VAL H 222 -11.36 -28.08 -32.73
N ASP H 223 -10.24 -27.66 -32.14
CA ASP H 223 -10.20 -27.22 -30.74
C ASP H 223 -9.19 -26.09 -30.66
N LEU H 224 -9.59 -24.96 -30.07
CA LEU H 224 -8.71 -23.80 -29.97
C LEU H 224 -8.98 -23.06 -28.68
N THR H 225 -7.93 -22.74 -27.96
CA THR H 225 -8.05 -22.01 -26.71
C THR H 225 -8.04 -20.51 -26.97
N PHE H 226 -9.03 -19.81 -26.42
CA PHE H 226 -9.17 -18.38 -26.59
C PHE H 226 -9.31 -17.73 -25.22
N GLY H 227 -9.12 -16.40 -25.18
CA GLY H 227 -8.93 -15.69 -23.94
C GLY H 227 -10.15 -14.99 -23.40
N ALA H 228 -10.19 -14.86 -22.07
CA ALA H 228 -11.31 -14.25 -21.39
C ALA H 228 -11.48 -12.79 -21.81
N LYS H 229 -10.40 -12.02 -21.82
CA LYS H 229 -10.52 -10.59 -22.08
C LYS H 229 -10.99 -10.34 -23.52
N TYR H 230 -10.43 -11.09 -24.49
CA TYR H 230 -10.82 -10.86 -25.89
C TYR H 230 -12.29 -11.17 -26.12
N LEU H 231 -12.75 -12.37 -25.73
CA LEU H 231 -14.16 -12.71 -25.93
C LEU H 231 -15.08 -11.86 -25.07
N LEU H 232 -14.67 -11.46 -23.88
CA LEU H 232 -15.52 -10.59 -23.08
C LEU H 232 -15.71 -9.25 -23.77
N ASP H 233 -14.63 -8.67 -24.30
CA ASP H 233 -14.75 -7.45 -25.08
C ASP H 233 -15.63 -7.67 -26.30
N ILE H 234 -15.48 -8.83 -26.95
CA ILE H 234 -16.24 -9.11 -28.17
C ILE H 234 -17.72 -9.18 -27.87
N ILE H 235 -18.09 -9.87 -26.78
CA ILE H 235 -19.49 -10.02 -26.41
C ILE H 235 -20.05 -8.73 -25.84
N LYS H 236 -19.20 -7.81 -25.37
CA LYS H 236 -19.70 -6.49 -25.02
C LYS H 236 -20.32 -5.81 -26.23
N GLY H 237 -19.68 -5.93 -27.39
CA GLY H 237 -20.18 -5.38 -28.63
C GLY H 237 -21.14 -6.28 -29.38
N SER H 238 -21.56 -7.40 -28.78
CA SER H 238 -22.43 -8.34 -29.45
C SER H 238 -23.86 -7.84 -29.59
N SER H 239 -24.20 -6.70 -28.99
CA SER H 239 -25.52 -6.11 -29.21
C SER H 239 -25.73 -5.73 -30.68
N LEU H 240 -24.66 -5.64 -31.47
CA LEU H 240 -24.79 -5.25 -32.86
C LEU H 240 -25.61 -6.27 -33.64
N SER H 241 -25.23 -7.55 -33.56
CA SER H 241 -25.91 -8.62 -34.29
C SER H 241 -26.45 -9.64 -33.31
N ASP H 242 -27.73 -9.98 -33.47
CA ASP H 242 -28.35 -10.99 -32.64
C ASP H 242 -27.80 -12.39 -32.90
N ARG H 243 -27.06 -12.58 -33.99
CA ARG H 243 -26.45 -13.86 -34.31
C ARG H 243 -24.95 -13.66 -34.53
N VAL H 244 -24.19 -14.69 -34.18
CA VAL H 244 -22.74 -14.65 -34.31
C VAL H 244 -22.32 -15.62 -35.39
N GLY H 245 -21.04 -15.55 -35.77
CA GLY H 245 -20.46 -16.49 -36.70
C GLY H 245 -19.11 -16.99 -36.22
N ILE H 246 -18.98 -18.29 -36.03
CA ILE H 246 -17.74 -18.93 -35.64
C ILE H 246 -17.12 -19.55 -36.88
N ARG H 247 -15.82 -19.33 -37.08
CA ARG H 247 -15.07 -20.05 -38.11
C ARG H 247 -13.75 -20.51 -37.51
N LEU H 248 -13.53 -21.82 -37.50
CA LEU H 248 -12.35 -22.42 -36.90
C LEU H 248 -11.65 -23.30 -37.93
N SER H 249 -10.32 -23.21 -37.96
CA SER H 249 -9.46 -24.03 -38.79
C SER H 249 -8.42 -24.70 -37.92
N SER H 250 -7.44 -25.35 -38.55
CA SER H 250 -6.38 -26.06 -37.84
C SER H 250 -5.08 -25.28 -37.77
N GLU H 251 -4.77 -24.46 -38.78
CA GLU H 251 -3.54 -23.70 -38.81
C GLU H 251 -3.75 -22.23 -39.14
N ALA H 252 -5.00 -21.79 -39.36
CA ALA H 252 -5.28 -20.40 -39.68
C ALA H 252 -5.95 -19.71 -38.49
N PRO H 253 -5.80 -18.39 -38.36
CA PRO H 253 -6.47 -17.69 -37.26
C PRO H 253 -7.98 -17.82 -37.34
N ALA H 254 -8.56 -18.48 -36.34
CA ALA H 254 -10.01 -18.60 -36.27
C ALA H 254 -10.63 -17.21 -36.13
N LEU H 255 -11.81 -17.03 -36.71
CA LEU H 255 -12.44 -15.72 -36.78
C LEU H 255 -13.86 -15.74 -36.23
N PHE H 256 -14.17 -14.68 -35.48
CA PHE H 256 -15.49 -14.42 -34.92
C PHE H 256 -16.12 -13.27 -35.71
N GLN H 257 -17.33 -13.49 -36.22
CA GLN H 257 -17.97 -12.55 -37.10
C GLN H 257 -19.32 -12.13 -36.52
N PHE H 258 -19.74 -10.91 -36.85
CA PHE H 258 -21.05 -10.40 -36.46
C PHE H 258 -21.75 -9.94 -37.73
N ASP H 259 -22.85 -10.61 -38.08
CA ASP H 259 -23.52 -10.34 -39.34
C ASP H 259 -24.24 -9.00 -39.30
N LEU H 260 -24.06 -8.21 -40.34
CA LEU H 260 -24.73 -6.93 -40.50
C LEU H 260 -25.97 -7.10 -41.36
N LYS H 261 -26.61 -5.99 -41.71
CA LYS H 261 -27.79 -6.05 -42.57
C LYS H 261 -27.44 -6.63 -43.94
N SER H 262 -26.31 -6.22 -44.51
CA SER H 262 -25.88 -6.71 -45.81
C SER H 262 -24.41 -7.13 -45.84
N GLY H 263 -23.63 -6.80 -44.82
CA GLY H 263 -22.24 -7.17 -44.72
C GLY H 263 -21.98 -7.94 -43.44
N PHE H 264 -20.83 -7.65 -42.83
CA PHE H 264 -20.51 -8.26 -41.54
C PHE H 264 -19.22 -7.66 -41.01
N LEU H 265 -18.96 -7.95 -39.73
CA LEU H 265 -17.81 -7.43 -38.99
C LEU H 265 -17.02 -8.62 -38.46
N GLN H 266 -15.86 -8.88 -39.07
CA GLN H 266 -15.04 -10.04 -38.73
C GLN H 266 -13.89 -9.68 -37.81
N PHE H 267 -13.46 -10.68 -37.04
CA PHE H 267 -12.43 -10.55 -36.00
C PHE H 267 -11.54 -11.79 -36.11
N PHE H 268 -10.39 -11.63 -36.76
CA PHE H 268 -9.40 -12.70 -36.83
C PHE H 268 -8.51 -12.60 -35.60
N LEU H 269 -8.66 -13.55 -34.68
CA LEU H 269 -7.95 -13.57 -33.41
C LEU H 269 -7.02 -14.77 -33.36
N ALA H 270 -5.74 -14.50 -33.09
CA ALA H 270 -4.74 -15.56 -33.14
C ALA H 270 -4.90 -16.49 -31.94
N PRO H 271 -4.89 -17.81 -32.14
CA PRO H 271 -5.00 -18.73 -31.00
C PRO H 271 -3.76 -18.67 -30.13
N LYS H 272 -3.94 -19.01 -28.86
CA LYS H 272 -2.83 -19.01 -27.93
C LYS H 272 -1.85 -20.14 -28.21
N PHE H 273 -0.59 -19.86 -27.89
CA PHE H 273 0.47 -20.84 -28.04
C PHE H 273 0.36 -21.91 -26.97
N ASN H 274 0.65 -23.15 -27.36
CA ASN H 274 0.62 -24.29 -26.45
C ASN H 274 2.05 -24.74 -26.20
N ASP H 275 2.46 -24.73 -24.93
CA ASP H 275 3.83 -25.10 -24.57
C ASP H 275 3.99 -26.59 -24.36
N GLU H 276 2.99 -27.25 -23.77
CA GLU H 276 3.10 -28.68 -23.56
C GLU H 276 3.03 -29.45 -24.87
N GLU H 277 2.29 -28.94 -25.86
CA GLU H 277 2.17 -29.59 -27.14
C GLU H 277 2.53 -28.63 -28.28
PG AGS L . -8.67 28.30 20.08
S1G AGS L . -7.79 26.75 20.81
O2G AGS L . -10.32 28.15 20.26
O3G AGS L . -8.29 28.46 18.46
PB AGS L . -9.10 30.96 21.20
O1B AGS L . -10.40 30.85 20.43
O2B AGS L . -8.35 32.21 20.76
O3B AGS L . -8.15 29.64 20.89
PA AGS L . -10.88 31.23 23.42
O1A AGS L . -11.65 29.96 23.24
O2A AGS L . -11.60 32.34 22.68
O3A AGS L . -9.40 31.07 22.81
O5' AGS L . -10.79 31.61 25.05
C5' AGS L . -11.29 30.70 25.97
C4' AGS L . -11.10 31.23 27.35
O4' AGS L . -9.85 31.60 27.52
C3' AGS L . -12.05 32.58 27.58
O3' AGS L . -13.38 32.18 28.11
C2' AGS L . -11.44 33.28 28.42
O2' AGS L . -11.80 32.85 29.79
C1' AGS L . -9.88 32.99 28.13
N9 AGS L . -9.39 33.87 27.28
C8 AGS L . -8.99 33.80 26.01
N7 AGS L . -8.55 35.00 25.65
C5 AGS L . -8.69 35.83 26.70
C6 AGS L . -8.40 37.16 26.87
N6 AGS L . -7.85 38.07 25.85
N1 AGS L . -8.64 37.74 28.02
C2 AGS L . -9.16 37.03 29.04
N3 AGS L . -9.44 35.72 28.88
C4 AGS L . -9.20 35.13 27.70
HOG2 AGS L . -10.71 28.72 19.76
H21 AGS L . -8.16 27.68 18.13
H5'1 AGS L . -12.24 30.57 25.81
H5'2 AGS L . -10.83 29.86 25.88
H4' AGS L . -11.33 30.55 28.00
H3' AGS L . -12.14 33.06 26.74
HO3' AGS L . -13.99 32.46 27.58
H2' AGS L . -11.65 34.22 28.28
HO2' AGS L . -12.08 33.52 30.24
H1' AGS L . -9.39 33.00 28.97
H8 AGS L . -9.00 33.04 25.48
HN61 AGS L . -7.19 38.58 26.06
HN62 AGS L . -8.18 38.08 25.06
H2 AGS L . -9.32 37.44 29.86
MG MG M . -12.05 28.71 21.15
MG MG N . -4.35 1.71 30.90
PG AGS O . -1.20 1.85 30.14
S1G AGS O . -0.39 0.60 28.93
O2G AGS O . -2.80 2.06 29.73
O3G AGS O . -0.40 3.32 30.07
PB AGS O . -1.47 2.13 33.04
O1B AGS O . -0.45 3.26 33.19
O2B AGS O . -2.86 2.71 32.92
O3B AGS O . -1.13 1.25 31.68
PA AGS O . -2.68 0.32 34.87
O1A AGS O . -3.74 1.29 35.32
O2A AGS O . -3.22 -0.54 33.75
O3A AGS O . -1.40 1.14 34.33
O5' AGS O . -2.23 -0.65 36.15
C5' AGS O . -2.27 -2.03 35.97
C4' AGS O . -2.09 -2.72 37.27
O4' AGS O . -0.90 -2.48 37.76
C3' AGS O . -3.20 -2.13 38.38
O3' AGS O . -4.43 -2.96 38.34
C2' AGS O . -2.65 -2.23 39.48
O2' AGS O . -2.87 -3.59 40.04
C1' AGS O . -1.09 -2.01 39.19
N9 AGS O . -0.75 -0.73 39.28
C8 AGS O . -0.40 0.20 38.39
N7 AGS O . -0.16 1.33 39.05
C5 AGS O . -0.36 1.10 40.35
C6 AGS O . -0.26 1.90 41.46
N6 AGS O . 0.13 3.32 41.48
N1 AGS O . -0.52 1.41 42.66
C2 AGS O . -0.89 0.14 42.80
N3 AGS O . -0.99 -0.66 41.71
C4 AGS O . -0.73 -0.16 40.49
HOG2 AGS O . -2.85 2.52 29.02
H21 AGS O . -0.32 3.56 29.26
H5'1 AGS O . -1.56 -2.29 35.37
H5'2 AGS O . -3.12 -2.28 35.58
H4' AGS O . -2.21 -3.68 37.17
H3' AGS O . -3.40 -1.20 38.18
HO3' AGS O . -5.00 -2.60 37.82
H2' AGS O . -2.99 -1.56 40.09
HO2' AGS O . -3.03 -3.53 40.88
H1' AGS O . -0.55 -2.54 39.78
H8 AGS O . -0.33 0.08 37.48
HN61 AGS O . -0.28 3.89 40.98
HN62 AGS O . 0.77 3.59 41.98
H2 AGS O . -1.08 -0.21 43.64
MG MG P . 6.31 -21.92 15.10
PG AGS Q . 9.39 -20.35 15.16
S1G AGS Q . 10.32 -19.80 13.57
O2G AGS Q . 7.76 -20.13 14.95
O3G AGS Q . 9.93 -19.44 16.46
PB AGS Q . 9.22 -22.75 16.80
O1B AGS Q . 9.90 -22.13 18.01
O2B AGS Q . 7.72 -22.64 16.96
O3B AGS Q . 9.68 -21.96 15.43
PA AGS Q . 8.59 -25.48 16.27
O1A AGS Q . 7.54 -25.61 17.33
O2A AGS Q . 7.94 -25.12 14.96
O3A AGS Q . 9.63 -24.32 16.68
O5' AGS Q . 9.40 -26.94 16.10
C5' AGS Q . 9.54 -27.46 14.82
C4' AGS Q . 10.04 -28.86 14.91
O4' AGS Q . 11.24 -28.88 15.42
C3' AGS Q . 9.06 -29.72 15.93
O3' AGS Q . 7.99 -30.40 15.15
C2' AGS Q . 9.79 -30.57 16.47
O2' AGS Q . 9.86 -31.80 15.63
C1' AGS Q . 11.23 -29.87 16.55
N9 AGS Q . 11.41 -29.23 17.70
C8 AGS Q . 11.54 -27.95 18.03
N7 AGS Q . 11.72 -27.88 19.35
C5 AGS Q . 11.68 -29.12 19.84
C6 AGS Q . 11.80 -29.61 21.12
N6 AGS Q . 12.01 -28.82 22.34
N1 AGS Q . 11.73 -30.90 21.34
C2 AGS Q . 11.55 -31.75 20.31
N3 AGS Q . 11.43 -31.28 19.06
C4 AGS Q . 11.50 -29.95 18.83
HOG2 AGS Q . 7.56 -19.31 15.10
H21 AGS Q . 9.61 -18.65 16.41
H5'1 AGS Q . 8.68 -27.45 14.37
H5'2 AGS Q . 10.18 -26.91 14.33
H4' AGS Q . 10.04 -29.27 14.03
H3' AGS Q . 8.66 -29.15 16.61
HO3' AGS Q . 7.27 -29.96 15.19
H2' AGS Q . 9.45 -30.79 17.36
HO2' AGS Q . 9.70 -32.48 16.10
H1' AGS Q . 11.92 -30.53 16.42
H8 AGS Q . 11.53 -27.24 17.43
HN61 AGS Q . 12.59 -29.07 22.92
HN62 AGS Q . 11.54 -28.11 22.48
H2 AGS Q . 11.50 -32.66 20.47
MG MG R . 16.67 -21.11 -13.49
PG AGS S . 19.73 -19.62 -12.12
S1G AGS S . 20.19 -17.93 -12.90
O2G AGS S . 18.06 -19.79 -12.06
O3G AGS S . 20.34 -19.69 -10.55
PB AGS S . 19.93 -22.42 -12.89
O1B AGS S . 20.53 -23.00 -11.62
O2B AGS S . 18.42 -22.52 -12.83
O3B AGS S . 20.37 -20.82 -13.04
PA AGS S . 19.53 -23.71 -15.41
O1A AGS S . 18.54 -24.71 -14.90
O2A AGS S . 18.80 -22.51 -15.97
O3A AGS S . 20.49 -23.23 -14.19
O5' AGS S . 20.45 -24.40 -16.62
C5' AGS S . 20.50 -23.78 -17.85
C4' AGS S . 21.10 -24.71 -18.86
O4' AGS S . 22.35 -24.96 -18.56
C3' AGS S . 20.28 -26.15 -18.83
O3' AGS S . 19.20 -26.15 -19.84
C2' AGS S . 21.12 -27.02 -19.10
O2' AGS S . 21.22 -27.17 -20.59
C1' AGS S . 22.50 -26.46 -18.52
N9 AGS S . 22.69 -26.85 -17.26
C8 AGS S . 22.75 -26.21 -16.10
N7 AGS S . 22.98 -27.10 -15.14
C5 AGS S . 23.08 -28.30 -15.71
C6 AGS S . 23.31 -29.56 -15.20
N6 AGS S . 23.52 -29.90 -13.78
N1 AGS S . 23.36 -30.60 -16.00
C2 AGS S . 23.19 -30.44 -17.33
N3 AGS S . 22.96 -29.21 -17.83
C4 AGS S . 22.90 -28.15 -17.02
HOG2 AGS S . 17.71 -19.24 -12.61
H21 AGS S . 19.92 -19.14 -10.06
H5'1 AGS S . 21.04 -22.98 -17.79
H5'2 AGS S . 19.60 -23.54 -18.13
H4' AGS S . 21.05 -24.32 -19.74
H3' AGS S . 19.92 -26.31 -17.94
HO3' AGS S . 18.44 -26.18 -19.45
H2' AGS S . 20.88 -27.86 -18.70
HO2' AGS S . 21.15 -28.00 -20.79
H1' AGS S . 23.24 -26.73 -19.08
H8 AGS S . 22.63 -25.30 -15.98
HN61 AGS S . 22.86 -30.12 -13.29
HN62 AGS S . 24.31 -29.86 -13.45
H2 AGS S . 23.23 -31.17 -17.89
PB GDP T . 25.06 3.30 -30.64
O1B GDP T . 26.24 3.09 -29.72
O2B GDP T . 24.24 4.47 -30.13
O3B GDP T . 24.22 2.05 -30.68
O3A GDP T . 25.61 3.65 -32.15
PA GDP T . 24.66 4.27 -33.35
O1A GDP T . 23.82 3.17 -33.96
O2A GDP T . 23.76 5.33 -32.78
O5' GDP T . 25.63 4.93 -34.52
C5' GDP T . 25.63 6.32 -34.69
C4' GDP T . 25.81 6.69 -36.16
O4' GDP T . 27.24 6.17 -36.69
C3' GDP T . 24.91 6.11 -36.91
O3' GDP T . 23.69 6.97 -37.01
C2' GDP T . 25.60 6.01 -38.28
O2' GDP T . 25.41 7.14 -38.99
C1' GDP T . 27.10 5.84 -37.96
N9 GDP T . 27.50 4.43 -38.12
C8 GDP T . 27.42 3.41 -37.25
N7 GDP T . 27.93 2.32 -37.88
C5 GDP T . 28.29 2.67 -39.10
C6 GDP T . 28.92 1.87 -40.25
O6 GDP T . 29.15 0.72 -40.11
N1 GDP T . 29.23 2.52 -41.49
C2 GDP T . 28.95 3.92 -41.65
N2 GDP T . 29.26 4.58 -42.90
N3 GDP T . 28.35 4.69 -40.55
C4 GDP T . 28.03 4.00 -39.26
H5' GDP T . 26.36 6.69 -34.18
H5'' GDP T . 24.79 6.68 -34.38
H4' GDP T . 25.75 7.65 -36.27
H3' GDP T . 24.69 5.23 -36.58
HO3' GDP T . 23.21 6.85 -36.31
H2' GDP T . 25.27 5.23 -38.77
HO2' GDP T . 25.04 6.96 -39.74
H1' GDP T . 27.63 6.41 -38.52
H8 GDP T . 27.09 3.44 -36.39
HN1 GDP T . 29.58 2.08 -42.14
HN21 GDP T . 29.09 5.43 -43.01
HN22 GDP T . 29.60 4.14 -43.55
#